data_9LYJ
#
_entry.id   9LYJ
#
_cell.length_a   1.00
_cell.length_b   1.00
_cell.length_c   1.00
_cell.angle_alpha   90.00
_cell.angle_beta   90.00
_cell.angle_gamma   90.00
#
_symmetry.space_group_name_H-M   'P 1'
#
loop_
_entity.id
_entity.type
_entity.pdbx_description
1 polymer 'Multidrug resistance protein MdtF'
2 non-polymer DODECYL-BETA-D-MALTOSIDE
#
_entity_poly.entity_id   1
_entity_poly.type   'polypeptide(L)'
_entity_poly.pdbx_seq_one_letter_code
;MANYFIDRPVFAWVLAIIMMLAGGLAIMNLPVAQYPQIAPPTITVSATYPGADAQTVEDSVTQVIEQNMNGLDGLMYMSS
TSDAAGNASITLTFETGTSPDIAQVQVQNKLQLAMPSLPEAVQQQGISVDKSSSNILMVAAFISDNGSLNQYDIADYVAS
NIKDPLSRTAGVGSVQLFGSEYAMRIWLDPQKLNKYNLVPSDVISQIKVQNNQISGGQLGGMPQAADQQLNASIIVQTRL
QTPEEFGKILLKVQQDGSQVLLRDVARVELGAEDYSTVARYNGKPAAGIAIKLAAGANALDTSRAVKEELNRLSAYFPAS
LKTVYPYDTTPFIEISIQEVFKTLVEAIILVFLVMYLFLQNFRATIIPTIAVPVVILGTFAILSAVGFTINTLTMFGMVL
AIGLLVDDAIVVVENVERVIAEDKLPPKEATHKSMGQIQRALVGIAVVLSAVFMPMAFMSGATGEIYRQFSITLISSMLL
SVFVAMSLTPALCATILKAAPEGGHKPNALFARFNTLFEKSTQHYTDSTRSLLRCTGRYMVVYLLICAGMAVLFLRTPTS
FLPEEDQGVFMTTAQLPSGATMVNTTKVLQQVTDYYLTKEKDNVQSVFTVGGFGFSGQGQNNGLAFISLKPWSERVGEEN
SVTAIIQRAMIALSSINKAVVFPFNLPAVAELGTASGFDMELLDNGNLGHEKLTQARNELLSLAAQSPNQVTGVRPNGLE
DTPMFKVNVNAAKAEAMGVALSDINQTISTAFGSSYVNDFLNQGRVKKVYVQAGTPFRMLPDNINQWYVRNASGTMAPLS
AYSSTEWTYGSPRLERYNGIPSMEILGEAAAGKSTGDAMKFMADLVAKLPAGVGYSWTGLSYQEALSSNQAPALYAISLV
VVFLALAALYESWSIPFSVMLVVPLGVVGALLATDLRGLSNDVYFQVGLLTTIGLSAKNAILIVEFAVEMMQKEGKTPIE
AIIEAARMRLRPILMTSLAFILGVLPLVISHGAGSGAQNAVGTGVMGGMFAATVLAIYFVPVFFVVVEHLFARFKKA
;
_entity_poly.pdbx_strand_id   C,D,E
#
# COMPACT_ATOMS: atom_id res chain seq x y z
N MET A 1 -27.60 -21.50 32.53
CA MET A 1 -27.83 -20.71 31.32
C MET A 1 -28.92 -21.34 30.46
N ALA A 2 -29.11 -22.66 30.62
CA ALA A 2 -30.15 -23.35 29.87
C ALA A 2 -31.54 -22.84 30.23
N ASN A 3 -31.80 -22.61 31.52
CA ASN A 3 -33.09 -22.09 31.95
C ASN A 3 -33.41 -20.75 31.33
N TYR A 4 -32.40 -19.95 31.01
CA TYR A 4 -32.61 -18.70 30.28
C TYR A 4 -33.26 -18.94 28.93
N PHE A 5 -32.97 -20.08 28.29
CA PHE A 5 -33.51 -20.39 26.98
C PHE A 5 -34.67 -21.36 27.03
N ILE A 6 -34.74 -22.24 28.03
CA ILE A 6 -35.85 -23.18 28.12
C ILE A 6 -37.17 -22.44 28.29
N ASP A 7 -37.19 -21.43 29.15
CA ASP A 7 -38.40 -20.65 29.36
C ASP A 7 -38.67 -19.67 28.23
N ARG A 8 -37.72 -19.51 27.31
CA ARG A 8 -37.85 -18.62 26.15
C ARG A 8 -37.53 -19.44 24.91
N PRO A 9 -38.43 -20.33 24.51
CA PRO A 9 -38.08 -21.35 23.50
C PRO A 9 -37.85 -20.83 22.09
N VAL A 10 -38.79 -20.04 21.56
CA VAL A 10 -38.83 -19.76 20.13
C VAL A 10 -37.75 -18.75 19.74
N PHE A 11 -37.15 -18.09 20.73
CA PHE A 11 -36.07 -17.16 20.42
C PHE A 11 -34.81 -17.88 19.95
N ALA A 12 -34.51 -19.04 20.53
CA ALA A 12 -33.43 -19.86 20.01
C ALA A 12 -33.74 -20.30 18.59
N TRP A 13 -35.00 -20.60 18.30
CA TRP A 13 -35.39 -20.92 16.94
C TRP A 13 -35.16 -19.74 16.01
N VAL A 14 -35.48 -18.53 16.45
CA VAL A 14 -35.25 -17.33 15.65
C VAL A 14 -33.76 -17.17 15.36
N LEU A 15 -32.92 -17.41 16.36
CA LEU A 15 -31.47 -17.39 16.14
C LEU A 15 -31.06 -18.46 15.13
N ALA A 16 -31.69 -19.63 15.19
CA ALA A 16 -31.40 -20.66 14.20
C ALA A 16 -31.72 -20.17 12.80
N ILE A 17 -32.91 -19.57 12.62
CA ILE A 17 -33.27 -19.07 11.28
C ILE A 17 -32.33 -17.98 10.79
N ILE A 18 -31.90 -17.07 11.66
CA ILE A 18 -30.96 -16.06 11.18
C ILE A 18 -29.60 -16.69 10.86
N MET A 19 -29.23 -17.77 11.55
CA MET A 19 -28.05 -18.53 11.15
C MET A 19 -28.21 -19.14 9.76
N MET A 20 -29.38 -19.71 9.46
CA MET A 20 -29.65 -20.18 8.09
C MET A 20 -29.54 -19.05 7.09
N LEU A 21 -30.10 -17.88 7.42
CA LEU A 21 -30.05 -16.77 6.48
C LEU A 21 -28.59 -16.37 6.21
N ALA A 22 -27.79 -16.23 7.26
CA ALA A 22 -26.40 -15.86 7.09
C ALA A 22 -25.63 -16.91 6.31
N GLY A 23 -25.85 -18.19 6.62
CA GLY A 23 -25.16 -19.25 5.92
C GLY A 23 -25.52 -19.31 4.44
N GLY A 24 -26.81 -19.15 4.12
CA GLY A 24 -27.22 -19.14 2.73
C GLY A 24 -26.65 -17.98 1.97
N LEU A 25 -26.67 -16.78 2.57
CA LEU A 25 -26.07 -15.62 1.91
C LEU A 25 -24.58 -15.82 1.70
N ALA A 26 -23.88 -16.41 2.68
CA ALA A 26 -22.46 -16.66 2.53
C ALA A 26 -22.19 -17.66 1.41
N ILE A 27 -22.85 -18.82 1.45
CA ILE A 27 -22.61 -19.84 0.45
C ILE A 27 -23.00 -19.38 -0.95
N MET A 28 -23.95 -18.46 -1.07
CA MET A 28 -24.33 -17.96 -2.38
C MET A 28 -23.35 -16.90 -2.88
N ASN A 29 -23.05 -15.89 -2.07
CA ASN A 29 -22.29 -14.73 -2.51
C ASN A 29 -20.78 -14.91 -2.41
N LEU A 30 -20.30 -15.98 -1.78
CA LEU A 30 -18.87 -16.17 -1.69
C LEU A 30 -18.28 -16.56 -3.03
N PRO A 31 -17.02 -16.21 -3.28
CA PRO A 31 -16.35 -16.68 -4.49
C PRO A 31 -16.09 -18.18 -4.43
N VAL A 32 -17.14 -18.97 -4.60
CA VAL A 32 -17.01 -20.42 -4.47
C VAL A 32 -16.09 -20.94 -5.55
N ALA A 33 -15.10 -21.74 -5.14
CA ALA A 33 -14.14 -22.34 -6.06
C ALA A 33 -14.02 -23.82 -5.75
N GLN A 34 -13.68 -24.59 -6.78
CA GLN A 34 -13.53 -26.03 -6.62
C GLN A 34 -12.36 -26.39 -5.73
N TYR A 35 -11.29 -25.61 -5.77
CA TYR A 35 -10.06 -25.92 -5.05
C TYR A 35 -9.51 -24.64 -4.43
N PRO A 36 -8.73 -24.77 -3.36
CA PRO A 36 -8.15 -23.56 -2.73
C PRO A 36 -7.22 -22.83 -3.67
N GLN A 37 -7.17 -21.50 -3.50
CA GLN A 37 -6.31 -20.65 -4.31
C GLN A 37 -4.87 -20.75 -3.82
N ILE A 38 -4.31 -21.96 -3.99
CA ILE A 38 -2.90 -22.18 -3.67
C ILE A 38 -1.98 -21.50 -4.67
N ALA A 39 -2.50 -21.11 -5.83
CA ALA A 39 -1.68 -20.45 -6.83
C ALA A 39 -1.15 -19.14 -6.29
N PRO A 40 0.16 -18.94 -6.26
CA PRO A 40 0.72 -17.71 -5.70
C PRO A 40 0.40 -16.52 -6.59
N PRO A 41 0.34 -15.33 -6.02
CA PRO A 41 0.14 -14.13 -6.85
C PRO A 41 1.28 -13.98 -7.84
N THR A 42 0.92 -13.58 -9.06
CA THR A 42 1.90 -13.43 -10.14
C THR A 42 1.80 -12.03 -10.73
N ILE A 43 2.95 -11.46 -11.05
CA ILE A 43 3.05 -10.16 -11.70
C ILE A 43 3.70 -10.38 -13.05
N THR A 44 3.05 -9.92 -14.12
CA THR A 44 3.54 -10.11 -15.47
C THR A 44 3.97 -8.77 -16.05
N VAL A 45 5.16 -8.74 -16.61
CA VAL A 45 5.70 -7.56 -17.26
C VAL A 45 5.80 -7.85 -18.75
N SER A 46 5.15 -7.02 -19.57
CA SER A 46 5.11 -7.23 -21.01
C SER A 46 5.69 -6.01 -21.71
N ALA A 47 6.57 -6.25 -22.67
CA ALA A 47 7.15 -5.20 -23.49
C ALA A 47 7.25 -5.70 -24.93
N THR A 48 7.12 -4.76 -25.87
CA THR A 48 7.13 -5.09 -27.28
C THR A 48 8.24 -4.30 -27.97
N TYR A 49 9.01 -4.98 -28.80
CA TYR A 49 10.08 -4.35 -29.57
C TYR A 49 9.88 -4.75 -31.03
N PRO A 50 9.18 -3.94 -31.82
CA PRO A 50 8.79 -4.36 -33.17
C PRO A 50 10.00 -4.64 -34.04
N GLY A 51 9.88 -5.66 -34.88
CA GLY A 51 10.94 -6.02 -35.78
C GLY A 51 12.23 -6.45 -35.12
N ALA A 52 12.15 -7.21 -34.04
CA ALA A 52 13.32 -7.68 -33.32
C ALA A 52 13.31 -9.20 -33.23
N ASP A 53 14.50 -9.78 -33.31
CA ASP A 53 14.65 -11.22 -33.16
C ASP A 53 14.69 -11.59 -31.68
N ALA A 54 14.77 -12.89 -31.41
CA ALA A 54 14.75 -13.34 -30.03
C ALA A 54 16.00 -12.91 -29.28
N GLN A 55 17.18 -13.07 -29.88
CA GLN A 55 18.42 -12.67 -29.24
C GLN A 55 18.44 -11.16 -29.00
N THR A 56 18.04 -10.38 -29.99
CA THR A 56 18.05 -8.94 -29.85
C THR A 56 17.12 -8.47 -28.75
N VAL A 57 15.87 -8.94 -28.77
CA VAL A 57 14.94 -8.53 -27.74
C VAL A 57 15.42 -8.99 -26.36
N GLU A 58 15.98 -10.19 -26.27
CA GLU A 58 16.49 -10.67 -25.00
C GLU A 58 17.56 -9.73 -24.46
N ASP A 59 18.68 -9.62 -25.17
CA ASP A 59 19.80 -8.85 -24.64
C ASP A 59 19.56 -7.35 -24.63
N SER A 60 18.48 -6.87 -25.23
CA SER A 60 18.22 -5.43 -25.20
C SER A 60 17.15 -5.05 -24.18
N VAL A 61 16.26 -5.97 -23.81
CA VAL A 61 15.15 -5.67 -22.91
C VAL A 61 15.14 -6.58 -21.69
N THR A 62 15.19 -7.88 -21.92
CA THR A 62 14.91 -8.83 -20.84
C THR A 62 15.99 -8.77 -19.77
N GLN A 63 17.26 -8.83 -20.18
CA GLN A 63 18.34 -8.77 -19.22
C GLN A 63 18.39 -7.42 -18.52
N VAL A 64 18.13 -6.35 -19.24
CA VAL A 64 18.14 -5.01 -18.63
C VAL A 64 17.08 -4.93 -17.54
N ILE A 65 15.88 -5.41 -17.82
CA ILE A 65 14.82 -5.38 -16.82
C ILE A 65 15.16 -6.30 -15.66
N GLU A 66 15.68 -7.49 -15.95
CA GLU A 66 15.97 -8.46 -14.90
C GLU A 66 17.04 -7.99 -13.94
N GLN A 67 18.08 -7.32 -14.45
CA GLN A 67 19.17 -6.91 -13.57
C GLN A 67 18.71 -5.91 -12.52
N ASN A 68 17.61 -5.21 -12.77
CA ASN A 68 17.07 -4.26 -11.82
C ASN A 68 15.84 -4.78 -11.08
N MET A 69 15.60 -6.10 -11.15
CA MET A 69 14.43 -6.71 -10.54
C MET A 69 14.76 -7.37 -9.20
N ASN A 70 15.66 -6.78 -8.44
CA ASN A 70 16.05 -7.31 -7.14
C ASN A 70 15.37 -6.51 -6.03
N GLY A 71 15.59 -6.93 -4.80
CA GLY A 71 15.06 -6.22 -3.65
C GLY A 71 13.56 -6.21 -3.54
N LEU A 72 12.89 -7.28 -3.97
CA LEU A 72 11.44 -7.38 -3.89
C LEU A 72 11.05 -8.24 -2.70
N ASP A 73 9.99 -7.83 -2.01
CA ASP A 73 9.56 -8.52 -0.79
C ASP A 73 8.70 -9.72 -1.14
N GLY A 74 9.05 -10.87 -0.59
CA GLY A 74 8.27 -12.07 -0.81
C GLY A 74 8.44 -12.70 -2.17
N LEU A 75 9.47 -12.32 -2.91
CA LEU A 75 9.68 -12.86 -4.25
C LEU A 75 10.00 -14.34 -4.17
N MET A 76 9.28 -15.14 -4.94
CA MET A 76 9.47 -16.59 -4.93
C MET A 76 10.50 -17.00 -5.98
N TYR A 77 10.24 -16.67 -7.23
CA TYR A 77 11.18 -16.87 -8.32
C TYR A 77 10.76 -15.97 -9.47
N MET A 78 11.57 -15.97 -10.54
CA MET A 78 11.25 -15.12 -11.67
C MET A 78 11.69 -15.82 -12.95
N SER A 79 10.79 -15.89 -13.92
CA SER A 79 11.06 -16.49 -15.21
C SER A 79 10.71 -15.51 -16.31
N SER A 80 11.39 -15.63 -17.45
CA SER A 80 11.21 -14.70 -18.55
C SER A 80 11.37 -15.43 -19.87
N THR A 81 10.75 -14.87 -20.91
CA THR A 81 10.83 -15.43 -22.24
C THR A 81 11.03 -14.30 -23.24
N SER A 82 11.62 -14.64 -24.39
CA SER A 82 11.90 -13.66 -25.43
C SER A 82 11.73 -14.32 -26.78
N ASP A 83 10.59 -14.08 -27.43
CA ASP A 83 10.27 -14.72 -28.68
C ASP A 83 10.71 -13.86 -29.87
N ALA A 84 10.71 -14.49 -31.05
CA ALA A 84 11.16 -13.82 -32.26
C ALA A 84 10.16 -12.79 -32.77
N ALA A 85 8.95 -12.75 -32.21
CA ALA A 85 7.96 -11.77 -32.62
C ALA A 85 8.22 -10.38 -32.05
N GLY A 86 9.21 -10.25 -31.17
CA GLY A 86 9.51 -8.98 -30.54
C GLY A 86 8.87 -8.77 -29.19
N ASN A 87 8.34 -9.82 -28.57
CA ASN A 87 7.68 -9.72 -27.27
C ASN A 87 8.61 -10.23 -26.18
N ALA A 88 8.82 -9.43 -25.15
CA ALA A 88 9.60 -9.81 -23.99
C ALA A 88 8.67 -9.88 -22.80
N SER A 89 8.42 -11.09 -22.31
CA SER A 89 7.48 -11.33 -21.22
C SER A 89 8.25 -11.85 -20.01
N ILE A 90 8.09 -11.18 -18.88
CA ILE A 90 8.72 -11.58 -17.63
C ILE A 90 7.61 -11.83 -16.62
N THR A 91 7.62 -13.00 -16.01
CA THR A 91 6.63 -13.40 -15.02
C THR A 91 7.30 -13.50 -13.66
N LEU A 92 6.74 -12.82 -12.67
CA LEU A 92 7.26 -12.84 -11.32
C LEU A 92 6.25 -13.51 -10.40
N THR A 93 6.70 -14.52 -9.67
CA THR A 93 5.87 -15.23 -8.71
C THR A 93 6.24 -14.79 -7.31
N PHE A 94 5.24 -14.38 -6.54
CA PHE A 94 5.45 -13.92 -5.17
C PHE A 94 4.96 -14.98 -4.20
N GLU A 95 5.39 -14.86 -2.95
CA GLU A 95 4.99 -15.79 -1.91
C GLU A 95 3.51 -15.67 -1.64
N THR A 96 2.89 -16.79 -1.28
CA THR A 96 1.47 -16.80 -0.98
C THR A 96 1.17 -15.89 0.20
N GLY A 97 0.12 -15.07 0.06
CA GLY A 97 -0.26 -14.12 1.07
C GLY A 97 0.26 -12.72 0.85
N THR A 98 1.19 -12.54 -0.08
CA THR A 98 1.68 -11.20 -0.39
C THR A 98 0.58 -10.38 -1.05
N SER A 99 0.54 -9.10 -0.71
CA SER A 99 -0.48 -8.22 -1.28
C SER A 99 -0.20 -8.01 -2.76
N PRO A 100 -1.13 -8.38 -3.65
CA PRO A 100 -0.88 -8.17 -5.09
C PRO A 100 -0.65 -6.71 -5.44
N ASP A 101 -1.36 -5.78 -4.80
CA ASP A 101 -1.16 -4.37 -5.10
C ASP A 101 0.24 -3.92 -4.70
N ILE A 102 0.69 -4.34 -3.51
CA ILE A 102 2.02 -3.96 -3.06
C ILE A 102 3.09 -4.53 -3.98
N ALA A 103 2.94 -5.80 -4.37
CA ALA A 103 3.91 -6.41 -5.26
C ALA A 103 3.93 -5.70 -6.62
N GLN A 104 2.75 -5.38 -7.16
CA GLN A 104 2.72 -4.67 -8.43
C GLN A 104 3.35 -3.30 -8.33
N VAL A 105 3.10 -2.58 -7.23
CA VAL A 105 3.70 -1.27 -7.05
C VAL A 105 5.21 -1.38 -6.96
N GLN A 106 5.71 -2.35 -6.21
CA GLN A 106 7.16 -2.53 -6.09
C GLN A 106 7.78 -2.87 -7.44
N VAL A 107 7.14 -3.77 -8.19
CA VAL A 107 7.69 -4.15 -9.49
C VAL A 107 7.69 -2.96 -10.45
N GLN A 108 6.59 -2.20 -10.48
CA GLN A 108 6.53 -1.05 -11.37
C GLN A 108 7.55 0.01 -10.98
N ASN A 109 7.79 0.18 -9.68
CA ASN A 109 8.80 1.14 -9.24
C ASN A 109 10.19 0.71 -9.65
N LYS A 110 10.54 -0.55 -9.38
CA LYS A 110 11.86 -1.05 -9.76
C LYS A 110 12.06 -1.06 -11.26
N LEU A 111 10.99 -1.20 -12.03
CA LEU A 111 11.11 -1.14 -13.49
C LEU A 111 11.49 0.26 -13.94
N GLN A 112 11.06 1.29 -13.20
CA GLN A 112 11.39 2.66 -13.57
C GLN A 112 12.89 2.92 -13.55
N LEU A 113 13.64 2.14 -12.78
CA LEU A 113 15.09 2.27 -12.79
C LEU A 113 15.67 1.94 -14.16
N ALA A 114 15.19 0.86 -14.77
CA ALA A 114 15.70 0.41 -16.06
C ALA A 114 15.04 1.11 -17.24
N MET A 115 14.06 1.98 -16.98
CA MET A 115 13.36 2.63 -18.08
C MET A 115 14.30 3.45 -18.97
N PRO A 116 15.19 4.30 -18.44
CA PRO A 116 16.08 5.05 -19.34
C PRO A 116 17.07 4.19 -20.10
N SER A 117 17.36 2.98 -19.65
CA SER A 117 18.33 2.13 -20.31
C SER A 117 17.75 1.33 -21.46
N LEU A 118 16.44 1.30 -21.62
CA LEU A 118 15.81 0.54 -22.68
C LEU A 118 15.87 1.29 -23.99
N PRO A 119 15.78 0.57 -25.12
CA PRO A 119 15.78 1.24 -26.42
C PRO A 119 14.55 2.12 -26.59
N GLU A 120 14.69 3.11 -27.47
CA GLU A 120 13.64 4.10 -27.66
C GLU A 120 12.34 3.49 -28.15
N ALA A 121 12.43 2.53 -29.08
CA ALA A 121 11.21 1.91 -29.60
C ALA A 121 10.43 1.18 -28.51
N VAL A 122 11.14 0.49 -27.63
CA VAL A 122 10.47 -0.19 -26.52
C VAL A 122 9.78 0.82 -25.62
N GLN A 123 10.45 1.94 -25.33
CA GLN A 123 9.82 2.97 -24.51
C GLN A 123 8.57 3.53 -25.17
N GLN A 124 8.64 3.82 -26.47
CA GLN A 124 7.47 4.35 -27.17
C GLN A 124 6.33 3.35 -27.19
N GLN A 125 6.63 2.06 -27.33
CA GLN A 125 5.58 1.05 -27.33
C GLN A 125 4.86 0.98 -25.99
N GLY A 126 5.54 1.31 -24.90
CA GLY A 126 4.93 1.26 -23.59
C GLY A 126 5.08 -0.11 -22.95
N ILE A 127 5.31 -0.15 -21.64
CA ILE A 127 5.50 -1.39 -20.90
C ILE A 127 4.38 -1.50 -19.88
N SER A 128 3.68 -2.63 -19.89
CA SER A 128 2.53 -2.83 -19.03
C SER A 128 2.86 -3.81 -17.91
N VAL A 129 2.50 -3.44 -16.69
CA VAL A 129 2.64 -4.31 -15.52
C VAL A 129 1.24 -4.54 -14.96
N ASP A 130 0.83 -5.80 -14.86
CA ASP A 130 -0.53 -6.13 -14.47
C ASP A 130 -0.55 -7.35 -13.56
N LYS A 131 -1.50 -7.36 -12.64
CA LYS A 131 -1.71 -8.47 -11.71
C LYS A 131 -2.61 -9.52 -12.36
N SER A 132 -2.15 -10.05 -13.48
CA SER A 132 -2.94 -10.93 -14.32
C SER A 132 -2.77 -12.38 -13.89
N SER A 133 -3.88 -13.07 -13.67
CA SER A 133 -3.86 -14.50 -13.46
C SER A 133 -4.04 -15.23 -14.80
N SER A 134 -3.57 -16.47 -14.85
CA SER A 134 -3.58 -17.23 -16.09
C SER A 134 -4.98 -17.65 -16.50
N ASN A 135 -5.91 -17.77 -15.56
CA ASN A 135 -7.25 -18.22 -15.88
C ASN A 135 -8.00 -17.18 -16.71
N ILE A 136 -8.91 -17.66 -17.54
CA ILE A 136 -9.75 -16.81 -18.38
C ILE A 136 -11.19 -16.92 -17.90
N LEU A 137 -11.79 -15.79 -17.53
CA LEU A 137 -13.16 -15.81 -17.05
C LEU A 137 -14.14 -16.13 -18.18
N MET A 138 -14.14 -15.30 -19.21
CA MET A 138 -15.06 -15.48 -20.33
C MET A 138 -14.49 -14.80 -21.56
N VAL A 139 -14.95 -15.23 -22.72
CA VAL A 139 -14.51 -14.71 -24.01
C VAL A 139 -15.72 -14.22 -24.77
N ALA A 140 -15.66 -12.98 -25.26
CA ALA A 140 -16.73 -12.37 -26.01
C ALA A 140 -16.28 -12.17 -27.45
N ALA A 141 -17.07 -12.65 -28.39
CA ALA A 141 -16.77 -12.53 -29.81
C ALA A 141 -17.74 -11.58 -30.49
N PHE A 142 -17.28 -10.95 -31.56
CA PHE A 142 -18.08 -10.01 -32.33
C PHE A 142 -17.98 -10.38 -33.80
N ILE A 143 -19.12 -10.53 -34.46
CA ILE A 143 -19.16 -10.95 -35.85
C ILE A 143 -19.93 -9.95 -36.68
N SER A 144 -20.04 -10.21 -37.98
CA SER A 144 -20.82 -9.40 -38.90
C SER A 144 -21.85 -10.29 -39.58
N ASP A 145 -23.09 -9.81 -39.64
CA ASP A 145 -24.17 -10.61 -40.20
C ASP A 145 -24.02 -10.74 -41.72
N ASN A 146 -24.05 -9.62 -42.43
CA ASN A 146 -23.96 -9.63 -43.88
C ASN A 146 -22.52 -9.66 -44.38
N GLY A 147 -21.54 -9.69 -43.49
CA GLY A 147 -20.16 -9.62 -43.91
C GLY A 147 -19.73 -8.24 -44.39
N SER A 148 -20.47 -7.20 -44.03
CA SER A 148 -20.14 -5.85 -44.48
C SER A 148 -18.82 -5.37 -43.91
N LEU A 149 -18.41 -5.90 -42.77
CA LEU A 149 -17.17 -5.50 -42.12
C LEU A 149 -16.22 -6.68 -42.05
N ASN A 150 -14.98 -6.45 -42.46
CA ASN A 150 -13.94 -7.46 -42.35
C ASN A 150 -13.44 -7.48 -40.91
N GLN A 151 -12.43 -8.30 -40.63
CA GLN A 151 -11.95 -8.42 -39.26
C GLN A 151 -11.27 -7.13 -38.80
N TYR A 152 -10.66 -6.38 -39.71
CA TYR A 152 -9.98 -5.16 -39.30
C TYR A 152 -10.96 -4.11 -38.80
N ASP A 153 -12.07 -3.91 -39.52
CA ASP A 153 -13.06 -2.93 -39.07
C ASP A 153 -13.65 -3.33 -37.73
N ILE A 154 -14.01 -4.61 -37.59
CA ILE A 154 -14.62 -5.07 -36.35
C ILE A 154 -13.65 -4.91 -35.19
N ALA A 155 -12.39 -5.33 -35.37
CA ALA A 155 -11.41 -5.20 -34.32
C ALA A 155 -11.16 -3.75 -33.96
N ASP A 156 -11.07 -2.87 -34.96
CA ASP A 156 -10.84 -1.45 -34.68
C ASP A 156 -12.00 -0.85 -33.91
N TYR A 157 -13.23 -1.13 -34.33
CA TYR A 157 -14.39 -0.62 -33.60
C TYR A 157 -14.41 -1.15 -32.18
N VAL A 158 -14.10 -2.44 -32.00
CA VAL A 158 -14.11 -3.01 -30.66
C VAL A 158 -13.07 -2.33 -29.78
N ALA A 159 -11.83 -2.23 -30.26
CA ALA A 159 -10.78 -1.61 -29.47
C ALA A 159 -11.03 -0.14 -29.22
N SER A 160 -11.79 0.53 -30.09
CA SER A 160 -12.03 1.95 -29.93
C SER A 160 -13.22 2.25 -29.02
N ASN A 161 -14.20 1.35 -28.96
CA ASN A 161 -15.42 1.65 -28.23
C ASN A 161 -15.72 0.70 -27.07
N ILE A 162 -15.54 -0.60 -27.22
CA ILE A 162 -15.98 -1.55 -26.22
C ILE A 162 -14.86 -1.99 -25.28
N LYS A 163 -13.60 -1.76 -25.65
CA LYS A 163 -12.50 -2.27 -24.83
C LYS A 163 -12.39 -1.51 -23.52
N ASP A 164 -12.16 -0.20 -23.58
CA ASP A 164 -11.88 0.53 -22.35
C ASP A 164 -13.06 0.70 -21.37
N PRO A 165 -14.34 0.69 -21.78
CA PRO A 165 -15.37 0.67 -20.74
C PRO A 165 -15.49 -0.68 -20.07
N LEU A 166 -15.34 -1.77 -20.85
CA LEU A 166 -15.32 -3.09 -20.28
C LEU A 166 -14.09 -3.30 -19.40
N SER A 167 -12.94 -2.75 -19.82
CA SER A 167 -11.71 -2.88 -19.05
C SER A 167 -11.79 -2.18 -17.71
N ARG A 168 -12.52 -1.07 -17.62
CA ARG A 168 -12.68 -0.34 -16.37
C ARG A 168 -13.90 -0.77 -15.58
N THR A 169 -14.64 -1.76 -16.06
CA THR A 169 -15.77 -2.29 -15.32
C THR A 169 -15.31 -3.05 -14.10
N ALA A 170 -16.08 -2.95 -13.01
CA ALA A 170 -15.69 -3.55 -11.75
C ALA A 170 -15.56 -5.06 -11.87
N GLY A 171 -14.56 -5.61 -11.20
CA GLY A 171 -14.30 -7.04 -11.20
C GLY A 171 -13.45 -7.54 -12.34
N VAL A 172 -13.08 -6.67 -13.28
CA VAL A 172 -12.29 -7.05 -14.44
C VAL A 172 -10.84 -6.73 -14.16
N GLY A 173 -10.00 -7.76 -14.16
CA GLY A 173 -8.58 -7.57 -13.95
C GLY A 173 -7.90 -7.00 -15.17
N SER A 174 -7.96 -7.74 -16.28
CA SER A 174 -7.33 -7.31 -17.51
C SER A 174 -8.10 -7.92 -18.68
N VAL A 175 -7.97 -7.28 -19.84
CA VAL A 175 -8.58 -7.77 -21.07
C VAL A 175 -7.51 -7.87 -22.15
N GLN A 176 -7.70 -8.83 -23.05
CA GLN A 176 -6.82 -9.03 -24.18
C GLN A 176 -7.65 -9.00 -25.45
N LEU A 177 -7.22 -8.23 -26.43
CA LEU A 177 -7.93 -8.10 -27.69
C LEU A 177 -7.31 -9.03 -28.73
N PHE A 178 -8.16 -9.82 -29.38
CA PHE A 178 -7.71 -10.68 -30.48
C PHE A 178 -7.89 -9.93 -31.80
N GLY A 179 -7.10 -8.88 -31.94
CA GLY A 179 -7.19 -8.01 -33.09
C GLY A 179 -6.27 -6.82 -32.91
N SER A 180 -6.59 -5.74 -33.63
CA SER A 180 -5.79 -4.54 -33.54
C SER A 180 -6.64 -3.34 -33.91
N GLU A 181 -6.24 -2.18 -33.41
CA GLU A 181 -6.90 -0.95 -33.79
C GLU A 181 -6.50 -0.57 -35.22
N TYR A 182 -6.99 0.57 -35.67
CA TYR A 182 -6.50 1.09 -36.93
C TYR A 182 -5.13 1.72 -36.72
N ALA A 183 -4.37 1.78 -37.81
CA ALA A 183 -3.08 2.44 -37.80
C ALA A 183 -2.77 2.89 -39.22
N MET A 184 -2.29 4.12 -39.35
CA MET A 184 -2.15 4.76 -40.65
C MET A 184 -0.92 4.16 -41.34
N ARG A 185 -1.10 2.94 -41.86
CA ARG A 185 -0.01 2.19 -42.46
C ARG A 185 0.45 2.90 -43.74
N ILE A 186 1.76 3.04 -43.90
CA ILE A 186 2.35 3.65 -45.08
C ILE A 186 3.27 2.61 -45.71
N TRP A 187 2.86 2.04 -46.84
CA TRP A 187 3.62 0.98 -47.50
C TRP A 187 4.54 1.62 -48.53
N LEU A 188 5.84 1.57 -48.26
CA LEU A 188 6.84 2.18 -49.14
C LEU A 188 7.03 1.35 -50.40
N ASP A 189 7.52 2.03 -51.45
CA ASP A 189 7.86 1.37 -52.70
C ASP A 189 9.33 1.64 -53.02
N PRO A 190 10.21 0.64 -52.91
CA PRO A 190 11.64 0.91 -53.11
C PRO A 190 11.98 1.45 -54.49
N GLN A 191 11.30 0.99 -55.53
CA GLN A 191 11.61 1.47 -56.87
C GLN A 191 11.24 2.95 -57.02
N LYS A 192 10.05 3.33 -56.54
CA LYS A 192 9.65 4.72 -56.60
C LYS A 192 10.53 5.60 -55.72
N LEU A 193 10.91 5.12 -54.55
CA LEU A 193 11.84 5.87 -53.70
C LEU A 193 13.16 6.09 -54.40
N ASN A 194 13.70 5.06 -55.05
CA ASN A 194 14.94 5.24 -55.81
C ASN A 194 14.73 6.18 -56.99
N LYS A 195 13.51 6.24 -57.53
CA LYS A 195 13.26 7.09 -58.69
C LYS A 195 13.45 8.56 -58.34
N TYR A 196 13.02 8.98 -57.16
CA TYR A 196 13.07 10.38 -56.76
C TYR A 196 14.22 10.70 -55.82
N ASN A 197 15.16 9.77 -55.62
CA ASN A 197 16.28 9.96 -54.72
C ASN A 197 15.80 10.24 -53.30
N LEU A 198 15.10 9.27 -52.72
CA LEU A 198 14.54 9.40 -51.39
C LEU A 198 14.89 8.16 -50.56
N VAL A 199 14.90 8.34 -49.25
CA VAL A 199 15.26 7.30 -48.29
C VAL A 199 14.17 7.25 -47.24
N PRO A 200 13.85 6.09 -46.67
CA PRO A 200 12.80 6.05 -45.63
C PRO A 200 13.03 7.00 -44.48
N SER A 201 14.29 7.33 -44.17
CA SER A 201 14.55 8.25 -43.07
C SER A 201 13.94 9.62 -43.33
N ASP A 202 14.09 10.14 -44.56
CA ASP A 202 13.52 11.44 -44.85
C ASP A 202 12.00 11.40 -44.87
N VAL A 203 11.42 10.28 -45.30
CA VAL A 203 9.97 10.13 -45.24
C VAL A 203 9.50 10.18 -43.80
N ILE A 204 10.19 9.48 -42.90
CA ILE A 204 9.81 9.50 -41.49
C ILE A 204 9.95 10.91 -40.93
N SER A 205 11.05 11.60 -41.27
CA SER A 205 11.25 12.95 -40.77
C SER A 205 10.17 13.90 -41.26
N GLN A 206 9.81 13.80 -42.54
CA GLN A 206 8.77 14.67 -43.08
C GLN A 206 7.41 14.37 -42.45
N ILE A 207 7.11 13.09 -42.19
CA ILE A 207 5.87 12.77 -41.50
C ILE A 207 5.88 13.37 -40.10
N LYS A 208 7.01 13.27 -39.40
CA LYS A 208 7.11 13.85 -38.07
C LYS A 208 6.91 15.35 -38.11
N VAL A 209 7.40 16.02 -39.14
CA VAL A 209 7.28 17.47 -39.21
C VAL A 209 5.85 17.88 -39.56
N GLN A 210 5.30 17.32 -40.64
CA GLN A 210 4.02 17.80 -41.15
C GLN A 210 2.84 17.26 -40.36
N ASN A 211 2.95 16.07 -39.79
CA ASN A 211 1.90 15.53 -38.93
C ASN A 211 2.26 15.83 -37.48
N ASN A 212 2.22 17.12 -37.15
CA ASN A 212 2.60 17.58 -35.82
C ASN A 212 1.66 18.66 -35.36
N GLN A 213 1.44 18.71 -34.04
CA GLN A 213 0.67 19.77 -33.42
C GLN A 213 1.61 20.82 -32.83
N ILE A 214 1.32 22.08 -33.13
CA ILE A 214 2.18 23.19 -32.73
C ILE A 214 1.39 24.11 -31.81
N SER A 215 1.94 24.36 -30.63
CA SER A 215 1.32 25.29 -29.68
C SER A 215 1.43 26.70 -30.23
N GLY A 216 0.31 27.26 -30.69
CA GLY A 216 0.32 28.56 -31.33
C GLY A 216 0.22 29.76 -30.41
N GLY A 217 0.12 29.55 -29.10
CA GLY A 217 -0.02 30.67 -28.20
C GLY A 217 -1.37 31.34 -28.37
N GLN A 218 -1.39 32.64 -28.06
CA GLN A 218 -2.62 33.42 -28.19
C GLN A 218 -2.27 34.90 -28.33
N LEU A 219 -3.10 35.64 -29.04
CA LEU A 219 -2.92 37.07 -29.16
C LEU A 219 -3.27 37.75 -27.85
N GLY A 220 -2.45 38.74 -27.48
CA GLY A 220 -2.71 39.50 -26.27
C GLY A 220 -2.66 38.70 -24.99
N GLY A 221 -1.77 37.71 -24.91
CA GLY A 221 -1.62 36.92 -23.71
C GLY A 221 -0.89 37.67 -22.62
N MET A 222 -0.87 37.06 -21.44
CA MET A 222 -0.20 37.70 -20.30
C MET A 222 1.32 37.61 -20.46
N PRO A 223 2.03 38.72 -20.24
CA PRO A 223 1.54 40.05 -19.91
C PRO A 223 1.10 40.79 -21.16
N GLN A 224 0.11 41.67 -21.06
CA GLN A 224 -0.42 42.36 -22.22
C GLN A 224 -0.27 43.86 -22.00
N ALA A 225 -0.59 44.63 -23.04
CA ALA A 225 -0.61 46.07 -22.92
C ALA A 225 -1.72 46.49 -21.98
N ALA A 226 -1.82 47.79 -21.72
CA ALA A 226 -2.81 48.31 -20.79
C ALA A 226 -4.08 48.79 -21.49
N ASP A 227 -4.15 48.69 -22.81
CA ASP A 227 -5.28 49.26 -23.52
C ASP A 227 -5.76 48.38 -24.67
N GLN A 228 -5.64 47.07 -24.56
CA GLN A 228 -6.12 46.18 -25.60
C GLN A 228 -7.27 45.34 -25.08
N GLN A 229 -8.22 45.05 -25.96
CA GLN A 229 -9.44 44.34 -25.60
C GLN A 229 -9.57 42.97 -26.25
N LEU A 230 -8.62 42.58 -27.09
CA LEU A 230 -8.73 41.35 -27.87
C LEU A 230 -7.83 40.27 -27.28
N ASN A 231 -8.40 39.09 -27.09
CA ASN A 231 -7.66 37.94 -26.60
C ASN A 231 -8.21 36.69 -27.27
N ALA A 232 -7.44 36.09 -28.17
CA ALA A 232 -7.91 34.93 -28.91
C ALA A 232 -6.74 33.99 -29.14
N SER A 233 -7.03 32.69 -29.11
CA SER A 233 -5.99 31.68 -29.35
C SER A 233 -5.59 31.69 -30.81
N ILE A 234 -4.39 31.17 -31.07
CA ILE A 234 -3.84 31.08 -32.41
C ILE A 234 -3.69 29.61 -32.74
N ILE A 235 -4.25 29.20 -33.89
CA ILE A 235 -4.17 27.82 -34.35
C ILE A 235 -3.21 27.77 -35.53
N VAL A 236 -2.19 26.94 -35.43
CA VAL A 236 -1.16 26.83 -36.44
C VAL A 236 -1.28 25.53 -37.23
N GLN A 237 -1.23 24.40 -36.54
CA GLN A 237 -1.25 23.11 -37.21
C GLN A 237 -1.93 22.08 -36.32
N THR A 238 -2.65 21.16 -36.94
CA THR A 238 -3.33 20.09 -36.24
C THR A 238 -2.93 18.75 -36.83
N ARG A 239 -3.06 17.70 -36.03
CA ARG A 239 -2.69 16.37 -36.48
C ARG A 239 -3.59 15.91 -37.63
N LEU A 240 -2.96 15.29 -38.63
CA LEU A 240 -3.70 14.84 -39.80
C LEU A 240 -4.66 13.72 -39.45
N GLN A 241 -5.75 13.64 -40.18
CA GLN A 241 -6.81 12.68 -39.88
C GLN A 241 -7.06 11.68 -41.01
N THR A 242 -7.29 12.16 -42.23
CA THR A 242 -7.72 11.27 -43.29
C THR A 242 -6.52 10.71 -44.05
N PRO A 243 -6.68 9.54 -44.67
CA PRO A 243 -5.59 9.00 -45.51
C PRO A 243 -5.18 9.90 -46.65
N GLU A 244 -6.12 10.58 -47.31
CA GLU A 244 -5.74 11.49 -48.38
C GLU A 244 -4.98 12.69 -47.82
N GLU A 245 -5.22 13.06 -46.56
CA GLU A 245 -4.38 14.07 -45.92
C GLU A 245 -2.93 13.61 -45.84
N PHE A 246 -2.70 12.35 -45.46
CA PHE A 246 -1.34 11.84 -45.46
C PHE A 246 -0.77 11.75 -46.86
N GLY A 247 -1.59 11.36 -47.83
CA GLY A 247 -1.11 11.25 -49.20
C GLY A 247 -0.70 12.56 -49.82
N LYS A 248 -1.06 13.68 -49.20
CA LYS A 248 -0.71 15.00 -49.72
C LYS A 248 0.47 15.61 -48.98
N ILE A 249 1.17 14.82 -48.17
CA ILE A 249 2.33 15.32 -47.44
C ILE A 249 3.46 15.60 -48.42
N LEU A 250 4.01 16.81 -48.34
CA LEU A 250 5.11 17.16 -49.22
C LEU A 250 6.42 16.53 -48.74
N LEU A 251 7.16 15.96 -49.67
CA LEU A 251 8.46 15.36 -49.39
C LEU A 251 9.61 16.10 -50.03
N LYS A 252 9.49 16.43 -51.31
CA LYS A 252 10.59 17.03 -52.05
C LYS A 252 10.03 17.80 -53.23
N VAL A 253 10.67 18.90 -53.57
CA VAL A 253 10.32 19.70 -54.74
C VAL A 253 11.46 19.58 -55.73
N GLN A 254 11.15 19.12 -56.93
CA GLN A 254 12.17 18.91 -57.95
C GLN A 254 12.64 20.25 -58.52
N GLN A 255 13.70 20.18 -59.31
CA GLN A 255 14.29 21.39 -59.88
C GLN A 255 13.36 22.12 -60.83
N ASP A 256 12.41 21.42 -61.45
CA ASP A 256 11.46 22.02 -62.35
C ASP A 256 10.22 22.54 -61.64
N GLY A 257 10.19 22.46 -60.31
CA GLY A 257 9.06 22.93 -59.54
C GLY A 257 7.99 21.88 -59.27
N SER A 258 8.11 20.69 -59.84
CA SER A 258 7.15 19.64 -59.56
C SER A 258 7.28 19.16 -58.12
N GLN A 259 6.16 18.76 -57.55
CA GLN A 259 6.11 18.31 -56.16
C GLN A 259 6.12 16.79 -56.11
N VAL A 260 6.75 16.25 -55.08
CA VAL A 260 6.80 14.82 -54.84
C VAL A 260 6.07 14.54 -53.53
N LEU A 261 4.84 14.08 -53.64
CA LEU A 261 3.99 13.84 -52.49
C LEU A 261 4.25 12.45 -51.94
N LEU A 262 3.69 12.17 -50.75
CA LEU A 262 3.82 10.85 -50.17
C LEU A 262 3.15 9.78 -51.01
N ARG A 263 1.99 10.09 -51.59
CA ARG A 263 1.27 9.12 -52.40
C ARG A 263 2.03 8.72 -53.66
N ASP A 264 2.99 9.54 -54.10
CA ASP A 264 3.76 9.21 -55.29
C ASP A 264 4.82 8.15 -55.02
N VAL A 265 5.20 7.93 -53.77
CA VAL A 265 6.22 6.95 -53.43
C VAL A 265 5.71 5.86 -52.50
N ALA A 266 4.50 5.99 -51.97
CA ALA A 266 3.99 4.99 -51.05
C ALA A 266 2.47 4.92 -51.18
N ARG A 267 1.92 3.77 -50.81
CA ARG A 267 0.47 3.59 -50.78
C ARG A 267 0.00 3.73 -49.34
N VAL A 268 -0.70 4.81 -49.05
CA VAL A 268 -1.19 5.10 -47.71
C VAL A 268 -2.60 4.54 -47.59
N GLU A 269 -2.82 3.73 -46.56
CA GLU A 269 -4.12 3.15 -46.33
C GLU A 269 -4.30 2.92 -44.83
N LEU A 270 -5.56 2.91 -44.40
CA LEU A 270 -5.90 2.67 -43.02
C LEU A 270 -5.90 1.18 -42.76
N GLY A 271 -4.91 0.70 -42.00
CA GLY A 271 -4.73 -0.72 -41.78
C GLY A 271 -4.59 -1.05 -40.31
N ALA A 272 -4.49 -2.34 -40.03
CA ALA A 272 -4.39 -2.81 -38.66
C ALA A 272 -3.07 -2.42 -38.04
N GLU A 273 -3.09 -2.18 -36.74
CA GLU A 273 -1.87 -1.84 -36.02
C GLU A 273 -0.93 -3.03 -35.91
N ASP A 274 -1.49 -4.21 -35.65
CA ASP A 274 -0.71 -5.44 -35.55
C ASP A 274 -1.42 -6.52 -36.36
N TYR A 275 -0.73 -7.05 -37.36
CA TYR A 275 -1.30 -8.04 -38.26
C TYR A 275 -1.02 -9.47 -37.80
N SER A 276 -0.40 -9.65 -36.64
CA SER A 276 0.06 -10.97 -36.24
C SER A 276 -1.06 -11.90 -35.80
N THR A 277 -2.26 -11.39 -35.54
CA THR A 277 -3.35 -12.19 -35.02
C THR A 277 -4.51 -12.21 -36.01
N VAL A 278 -5.02 -13.40 -36.29
CA VAL A 278 -6.17 -13.59 -37.17
C VAL A 278 -7.19 -14.42 -36.42
N ALA A 279 -8.43 -13.94 -36.35
CA ALA A 279 -9.49 -14.60 -35.61
C ALA A 279 -10.67 -14.86 -36.53
N ARG A 280 -11.36 -15.97 -36.30
CA ARG A 280 -12.54 -16.34 -37.06
C ARG A 280 -13.57 -16.96 -36.14
N TYR A 281 -14.82 -16.95 -36.58
CA TYR A 281 -15.94 -17.54 -35.84
C TYR A 281 -16.78 -18.31 -36.84
N ASN A 282 -16.81 -19.64 -36.69
CA ASN A 282 -17.54 -20.52 -37.60
C ASN A 282 -17.15 -20.26 -39.05
N GLY A 283 -15.89 -19.87 -39.25
CA GLY A 283 -15.40 -19.54 -40.56
C GLY A 283 -15.63 -18.11 -40.99
N LYS A 284 -16.37 -17.32 -40.22
CA LYS A 284 -16.59 -15.95 -40.58
C LYS A 284 -15.61 -15.03 -39.87
N PRO A 285 -15.24 -13.91 -40.49
CA PRO A 285 -14.34 -12.97 -39.82
C PRO A 285 -14.95 -12.45 -38.53
N ALA A 286 -14.10 -12.28 -37.51
CA ALA A 286 -14.58 -11.86 -36.21
C ALA A 286 -13.39 -11.37 -35.39
N ALA A 287 -13.72 -10.69 -34.29
CA ALA A 287 -12.74 -10.27 -33.31
C ALA A 287 -13.26 -10.62 -31.92
N GLY A 288 -12.34 -10.88 -31.00
CA GLY A 288 -12.72 -11.36 -29.70
C GLY A 288 -11.97 -10.64 -28.59
N ILE A 289 -12.56 -10.69 -27.40
CA ILE A 289 -11.98 -10.11 -26.20
C ILE A 289 -11.91 -11.21 -25.14
N ALA A 290 -10.74 -11.37 -24.54
CA ALA A 290 -10.55 -12.32 -23.44
C ALA A 290 -10.59 -11.54 -22.13
N ILE A 291 -11.58 -11.85 -21.31
CA ILE A 291 -11.79 -11.15 -20.04
C ILE A 291 -11.18 -11.97 -18.92
N LYS A 292 -10.23 -11.39 -18.20
CA LYS A 292 -9.55 -12.05 -17.09
C LYS A 292 -10.12 -11.54 -15.77
N LEU A 293 -10.57 -12.47 -14.94
CA LEU A 293 -11.17 -12.11 -13.66
C LEU A 293 -10.15 -11.44 -12.75
N ALA A 294 -10.57 -10.32 -12.15
CA ALA A 294 -9.72 -9.65 -11.19
C ALA A 294 -9.56 -10.48 -9.92
N ALA A 295 -8.44 -10.29 -9.25
CA ALA A 295 -8.18 -11.04 -8.02
C ALA A 295 -9.15 -10.61 -6.93
N GLY A 296 -9.77 -11.58 -6.28
CA GLY A 296 -10.68 -11.33 -5.19
C GLY A 296 -12.10 -11.00 -5.59
N ALA A 297 -12.40 -10.93 -6.88
CA ALA A 297 -13.74 -10.62 -7.35
C ALA A 297 -14.47 -11.90 -7.75
N ASN A 298 -15.71 -12.02 -7.29
CA ASN A 298 -16.51 -13.20 -7.62
C ASN A 298 -16.83 -13.21 -9.10
N ALA A 299 -16.86 -14.41 -9.67
CA ALA A 299 -17.04 -14.55 -11.11
C ALA A 299 -18.46 -14.24 -11.56
N LEU A 300 -19.46 -14.65 -10.79
CA LEU A 300 -20.84 -14.55 -11.25
C LEU A 300 -21.28 -13.10 -11.40
N ASP A 301 -21.04 -12.29 -10.36
CA ASP A 301 -21.44 -10.89 -10.42
C ASP A 301 -20.64 -10.13 -11.47
N THR A 302 -19.35 -10.42 -11.60
CA THR A 302 -18.55 -9.78 -12.64
C THR A 302 -19.07 -10.12 -14.02
N SER A 303 -19.43 -11.38 -14.25
CA SER A 303 -19.97 -11.76 -15.55
C SER A 303 -21.31 -11.09 -15.81
N ARG A 304 -22.16 -10.99 -14.79
CA ARG A 304 -23.42 -10.27 -14.97
C ARG A 304 -23.17 -8.81 -15.33
N ALA A 305 -22.21 -8.18 -14.66
CA ALA A 305 -21.88 -6.79 -14.98
C ALA A 305 -21.36 -6.65 -16.41
N VAL A 306 -20.50 -7.58 -16.84
CA VAL A 306 -19.96 -7.51 -18.19
C VAL A 306 -21.06 -7.70 -19.22
N LYS A 307 -21.95 -8.67 -19.00
CA LYS A 307 -23.04 -8.89 -19.94
C LYS A 307 -23.96 -7.69 -20.00
N GLU A 308 -24.25 -7.08 -18.84
CA GLU A 308 -25.09 -5.89 -18.85
C GLU A 308 -24.41 -4.73 -19.56
N GLU A 309 -23.10 -4.56 -19.38
CA GLU A 309 -22.37 -3.52 -20.09
C GLU A 309 -22.43 -3.74 -21.59
N LEU A 310 -22.25 -5.00 -22.03
CA LEU A 310 -22.33 -5.28 -23.45
C LEU A 310 -23.72 -5.02 -24.00
N ASN A 311 -24.76 -5.39 -23.24
CA ASN A 311 -26.12 -5.10 -23.67
C ASN A 311 -26.36 -3.61 -23.77
N ARG A 312 -25.87 -2.83 -22.81
CA ARG A 312 -26.03 -1.38 -22.86
C ARG A 312 -25.32 -0.78 -24.05
N LEU A 313 -24.09 -1.22 -24.31
CA LEU A 313 -23.33 -0.72 -25.44
C LEU A 313 -23.88 -1.19 -26.78
N SER A 314 -24.67 -2.26 -26.80
CA SER A 314 -25.21 -2.78 -28.05
C SER A 314 -26.10 -1.78 -28.78
N ALA A 315 -26.61 -0.77 -28.09
CA ALA A 315 -27.47 0.22 -28.74
C ALA A 315 -26.72 1.08 -29.74
N TYR A 316 -25.40 1.23 -29.58
CA TYR A 316 -24.61 2.13 -30.42
C TYR A 316 -23.79 1.36 -31.46
N PHE A 317 -24.04 0.07 -31.61
CA PHE A 317 -23.28 -0.74 -32.55
C PHE A 317 -23.60 -0.35 -33.99
N PRO A 318 -22.67 -0.60 -34.91
CA PRO A 318 -22.99 -0.47 -36.33
C PRO A 318 -24.10 -1.43 -36.72
N ALA A 319 -24.69 -1.17 -37.87
CA ALA A 319 -25.91 -1.87 -38.28
C ALA A 319 -25.74 -3.37 -38.40
N SER A 320 -24.51 -3.86 -38.60
CA SER A 320 -24.29 -5.26 -38.89
C SER A 320 -23.49 -5.99 -37.82
N LEU A 321 -23.29 -5.40 -36.65
CA LEU A 321 -22.46 -5.99 -35.62
C LEU A 321 -23.32 -6.66 -34.56
N LYS A 322 -22.96 -7.88 -34.20
CA LYS A 322 -23.61 -8.62 -33.13
C LYS A 322 -22.57 -9.19 -32.19
N THR A 323 -23.04 -9.62 -31.02
CA THR A 323 -22.17 -10.16 -29.98
C THR A 323 -22.56 -11.59 -29.68
N VAL A 324 -21.57 -12.47 -29.62
CA VAL A 324 -21.77 -13.87 -29.27
C VAL A 324 -20.73 -14.27 -28.24
N TYR A 325 -21.03 -15.33 -27.50
CA TYR A 325 -20.16 -15.82 -26.43
C TYR A 325 -19.69 -17.22 -26.78
N PRO A 326 -18.48 -17.36 -27.32
CA PRO A 326 -17.98 -18.68 -27.69
C PRO A 326 -17.37 -19.46 -26.53
N TYR A 327 -17.08 -18.81 -25.42
CA TYR A 327 -16.44 -19.48 -24.30
C TYR A 327 -16.96 -18.83 -23.02
N ASP A 328 -18.01 -19.43 -22.45
CA ASP A 328 -18.62 -18.93 -21.22
C ASP A 328 -18.53 -20.02 -20.16
N THR A 329 -18.04 -19.66 -18.99
CA THR A 329 -17.85 -20.61 -17.90
C THR A 329 -18.86 -20.44 -16.76
N THR A 330 -19.54 -19.29 -16.70
CA THR A 330 -20.43 -18.97 -15.59
C THR A 330 -21.65 -19.89 -15.47
N PRO A 331 -22.25 -20.40 -16.55
CA PRO A 331 -23.32 -21.39 -16.36
C PRO A 331 -22.84 -22.61 -15.61
N PHE A 332 -21.58 -23.00 -15.79
CA PHE A 332 -21.03 -24.09 -15.00
C PHE A 332 -21.00 -23.74 -13.51
N ILE A 333 -20.60 -22.51 -13.18
CA ILE A 333 -20.57 -22.10 -11.79
C ILE A 333 -21.97 -22.10 -11.19
N GLU A 334 -22.94 -21.56 -11.95
CA GLU A 334 -24.31 -21.52 -11.45
C GLU A 334 -24.87 -22.91 -11.24
N ILE A 335 -24.63 -23.82 -12.18
CA ILE A 335 -25.11 -25.18 -12.01
C ILE A 335 -24.38 -25.89 -10.89
N SER A 336 -23.11 -25.56 -10.65
CA SER A 336 -22.39 -26.15 -9.54
C SER A 336 -22.99 -25.74 -8.20
N ILE A 337 -23.32 -24.46 -8.03
CA ILE A 337 -23.93 -24.05 -6.78
C ILE A 337 -25.35 -24.61 -6.66
N GLN A 338 -26.08 -24.68 -7.77
CA GLN A 338 -27.41 -25.27 -7.73
C GLN A 338 -27.35 -26.75 -7.36
N GLU A 339 -26.26 -27.43 -7.74
CA GLU A 339 -26.07 -28.81 -7.36
C GLU A 339 -25.61 -28.94 -5.91
N VAL A 340 -24.81 -28.00 -5.41
CA VAL A 340 -24.35 -28.11 -4.03
C VAL A 340 -25.51 -27.87 -3.06
N PHE A 341 -26.45 -26.98 -3.40
CA PHE A 341 -27.64 -26.85 -2.56
C PHE A 341 -28.41 -28.17 -2.51
N LYS A 342 -28.59 -28.81 -3.67
CA LYS A 342 -29.28 -30.08 -3.71
C LYS A 342 -28.54 -31.14 -2.90
N THR A 343 -27.22 -31.17 -2.99
CA THR A 343 -26.46 -32.18 -2.25
C THR A 343 -26.53 -31.94 -0.75
N LEU A 344 -26.53 -30.69 -0.30
CA LEU A 344 -26.70 -30.42 1.12
C LEU A 344 -28.08 -30.84 1.59
N VAL A 345 -29.12 -30.53 0.81
CA VAL A 345 -30.46 -30.88 1.26
C VAL A 345 -30.67 -32.39 1.27
N GLU A 346 -30.10 -33.11 0.30
CA GLU A 346 -30.24 -34.56 0.34
C GLU A 346 -29.40 -35.16 1.46
N ALA A 347 -28.28 -34.53 1.81
CA ALA A 347 -27.51 -34.99 2.97
C ALA A 347 -28.32 -34.86 4.25
N ILE A 348 -28.95 -33.71 4.46
CA ILE A 348 -29.76 -33.57 5.67
C ILE A 348 -30.96 -34.50 5.62
N ILE A 349 -31.52 -34.73 4.43
CA ILE A 349 -32.65 -35.66 4.30
C ILE A 349 -32.23 -37.08 4.69
N LEU A 350 -31.05 -37.51 4.24
CA LEU A 350 -30.61 -38.86 4.55
C LEU A 350 -30.25 -39.00 6.03
N VAL A 351 -29.70 -37.93 6.63
CA VAL A 351 -29.48 -37.97 8.07
C VAL A 351 -30.80 -38.11 8.81
N PHE A 352 -31.81 -37.36 8.41
CA PHE A 352 -33.14 -37.50 9.01
C PHE A 352 -33.67 -38.90 8.83
N LEU A 353 -33.48 -39.48 7.63
CA LEU A 353 -33.98 -40.82 7.37
C LEU A 353 -33.30 -41.85 8.27
N VAL A 354 -31.98 -41.75 8.44
CA VAL A 354 -31.28 -42.68 9.32
C VAL A 354 -31.77 -42.53 10.75
N MET A 355 -31.90 -41.29 11.22
CA MET A 355 -32.32 -41.09 12.60
C MET A 355 -33.75 -41.59 12.81
N TYR A 356 -34.63 -41.39 11.84
CA TYR A 356 -35.98 -41.94 11.89
C TYR A 356 -35.98 -43.46 11.87
N LEU A 357 -35.13 -44.08 11.04
CA LEU A 357 -34.98 -45.52 11.08
C LEU A 357 -34.54 -45.98 12.46
N PHE A 358 -33.82 -45.14 13.19
CA PHE A 358 -33.46 -45.47 14.56
C PHE A 358 -34.65 -45.37 15.52
N LEU A 359 -35.25 -44.18 15.62
CA LEU A 359 -36.17 -43.93 16.73
C LEU A 359 -37.61 -44.30 16.42
N GLN A 360 -38.02 -44.25 15.15
CA GLN A 360 -39.40 -44.51 14.75
C GLN A 360 -40.38 -43.55 15.42
N ASN A 361 -39.97 -42.29 15.56
CA ASN A 361 -40.83 -41.28 16.18
C ASN A 361 -40.46 -39.92 15.60
N PHE A 362 -41.25 -39.45 14.63
CA PHE A 362 -40.86 -38.26 13.88
C PHE A 362 -40.66 -37.05 14.78
N ARG A 363 -41.52 -36.87 15.78
CA ARG A 363 -41.31 -35.81 16.76
C ARG A 363 -40.01 -36.01 17.52
N ALA A 364 -39.70 -37.25 17.88
CA ALA A 364 -38.44 -37.52 18.55
C ALA A 364 -37.25 -37.44 17.60
N THR A 365 -37.46 -37.78 16.33
CA THR A 365 -36.36 -37.82 15.37
C THR A 365 -35.98 -36.47 14.81
N ILE A 366 -36.89 -35.49 14.79
CA ILE A 366 -36.61 -34.25 14.07
C ILE A 366 -35.54 -33.40 14.73
N ILE A 367 -35.34 -33.51 16.04
CA ILE A 367 -34.51 -32.56 16.77
C ILE A 367 -33.10 -32.47 16.19
N PRO A 368 -32.37 -33.58 16.00
CA PRO A 368 -31.08 -33.45 15.30
C PRO A 368 -31.20 -32.96 13.87
N THR A 369 -32.32 -33.24 13.20
CA THR A 369 -32.47 -32.85 11.80
C THR A 369 -32.41 -31.34 11.63
N ILE A 370 -33.05 -30.58 12.53
CA ILE A 370 -32.88 -29.13 12.47
C ILE A 370 -31.65 -28.70 13.25
N ALA A 371 -31.13 -29.56 14.13
CA ALA A 371 -29.95 -29.18 14.90
C ALA A 371 -28.73 -29.01 14.01
N VAL A 372 -28.42 -30.02 13.19
CA VAL A 372 -27.18 -30.03 12.43
C VAL A 372 -27.04 -28.91 11.40
N PRO A 373 -28.04 -28.62 10.56
CA PRO A 373 -27.80 -27.63 9.49
C PRO A 373 -27.55 -26.23 10.03
N VAL A 374 -28.12 -25.88 11.18
CA VAL A 374 -27.81 -24.60 11.80
C VAL A 374 -26.32 -24.52 12.11
N VAL A 375 -25.76 -25.58 12.68
CA VAL A 375 -24.33 -25.61 12.96
C VAL A 375 -23.53 -25.48 11.67
N ILE A 376 -23.93 -26.22 10.64
CA ILE A 376 -23.13 -26.21 9.41
C ILE A 376 -23.19 -24.84 8.72
N LEU A 377 -24.35 -24.20 8.69
CA LEU A 377 -24.45 -22.88 8.07
C LEU A 377 -23.81 -21.80 8.94
N GLY A 378 -23.84 -21.94 10.26
CA GLY A 378 -23.10 -21.03 11.10
C GLY A 378 -21.61 -21.13 10.85
N THR A 379 -21.09 -22.35 10.70
CA THR A 379 -19.69 -22.53 10.36
C THR A 379 -19.37 -21.88 9.02
N PHE A 380 -20.28 -22.04 8.04
CA PHE A 380 -20.11 -21.35 6.78
C PHE A 380 -20.04 -19.84 6.98
N ALA A 381 -20.91 -19.30 7.84
CA ALA A 381 -20.91 -17.87 8.11
C ALA A 381 -19.59 -17.40 8.72
N ILE A 382 -19.05 -18.14 9.69
CA ILE A 382 -17.78 -17.75 10.28
C ILE A 382 -16.65 -17.81 9.26
N LEU A 383 -16.60 -18.89 8.47
CA LEU A 383 -15.51 -18.97 7.49
C LEU A 383 -15.64 -17.89 6.42
N SER A 384 -16.87 -17.45 6.14
CA SER A 384 -17.05 -16.32 5.23
C SER A 384 -16.58 -15.02 5.87
N ALA A 385 -16.95 -14.79 7.13
CA ALA A 385 -16.61 -13.54 7.80
C ALA A 385 -15.10 -13.40 7.97
N VAL A 386 -14.42 -14.46 8.36
CA VAL A 386 -12.97 -14.40 8.52
C VAL A 386 -12.30 -14.17 7.17
N GLY A 387 -12.85 -14.76 6.12
CA GLY A 387 -12.26 -14.63 4.80
C GLY A 387 -11.75 -15.96 4.28
N PHE A 388 -12.21 -17.05 4.89
CA PHE A 388 -11.82 -18.39 4.50
C PHE A 388 -12.67 -18.82 3.31
N THR A 389 -12.01 -19.20 2.22
CA THR A 389 -12.72 -19.56 1.00
C THR A 389 -13.39 -20.92 1.15
N ILE A 390 -14.37 -21.17 0.29
CA ILE A 390 -15.03 -22.46 0.23
C ILE A 390 -14.16 -23.37 -0.63
N ASN A 391 -13.18 -24.01 0.01
CA ASN A 391 -12.17 -24.79 -0.68
C ASN A 391 -12.26 -26.24 -0.24
N THR A 392 -11.68 -27.14 -1.03
CA THR A 392 -11.77 -28.57 -0.78
C THR A 392 -11.34 -28.91 0.65
N LEU A 393 -10.30 -28.24 1.16
CA LEU A 393 -9.90 -28.43 2.55
C LEU A 393 -11.05 -28.12 3.51
N THR A 394 -11.76 -27.02 3.29
CA THR A 394 -12.94 -26.75 4.11
C THR A 394 -13.98 -27.87 3.94
N MET A 395 -14.26 -28.27 2.70
CA MET A 395 -15.28 -29.28 2.47
C MET A 395 -14.88 -30.64 3.03
N PHE A 396 -13.63 -30.82 3.44
CA PHE A 396 -13.34 -31.83 4.46
C PHE A 396 -13.59 -31.33 5.87
N GLY A 397 -13.29 -30.07 6.15
CA GLY A 397 -13.30 -29.58 7.52
C GLY A 397 -14.67 -29.64 8.17
N MET A 398 -15.64 -28.92 7.61
CA MET A 398 -16.95 -28.96 8.27
C MET A 398 -17.61 -30.32 8.12
N VAL A 399 -17.24 -31.08 7.08
CA VAL A 399 -17.77 -32.43 6.96
C VAL A 399 -17.32 -33.30 8.14
N LEU A 400 -16.04 -33.26 8.49
CA LEU A 400 -15.60 -33.96 9.68
C LEU A 400 -16.20 -33.34 10.94
N ALA A 401 -16.51 -32.05 10.89
CA ALA A 401 -17.19 -31.40 12.01
C ALA A 401 -18.65 -31.83 12.15
N ILE A 402 -19.24 -32.41 11.11
CA ILE A 402 -20.66 -32.75 11.15
C ILE A 402 -20.93 -33.82 12.21
N GLY A 403 -20.12 -34.87 12.22
CA GLY A 403 -20.43 -36.05 13.01
C GLY A 403 -20.38 -35.84 14.51
N LEU A 404 -19.70 -34.79 14.98
CA LEU A 404 -19.53 -34.59 16.41
C LEU A 404 -20.66 -33.79 17.05
N LEU A 405 -21.74 -33.55 16.32
CA LEU A 405 -22.86 -32.77 16.84
C LEU A 405 -24.03 -33.63 17.30
N VAL A 406 -24.34 -34.71 16.57
CA VAL A 406 -25.54 -35.50 16.82
C VAL A 406 -25.51 -36.20 18.16
N ASP A 407 -24.33 -36.59 18.63
CA ASP A 407 -24.22 -37.37 19.87
C ASP A 407 -24.85 -36.65 21.05
N ASP A 408 -24.49 -35.38 21.23
CA ASP A 408 -25.03 -34.63 22.36
C ASP A 408 -26.54 -34.46 22.23
N ALA A 409 -27.02 -34.17 21.02
CA ALA A 409 -28.46 -33.98 20.82
C ALA A 409 -29.24 -35.24 21.14
N ILE A 410 -28.74 -36.40 20.68
CA ILE A 410 -29.46 -37.64 20.93
C ILE A 410 -29.39 -38.02 22.39
N VAL A 411 -28.26 -37.77 23.06
CA VAL A 411 -28.21 -38.03 24.50
C VAL A 411 -29.23 -37.15 25.23
N VAL A 412 -29.32 -35.88 24.85
CA VAL A 412 -30.26 -34.98 25.49
C VAL A 412 -31.69 -35.45 25.27
N VAL A 413 -32.03 -35.84 24.04
CA VAL A 413 -33.42 -36.19 23.77
C VAL A 413 -33.78 -37.51 24.45
N GLU A 414 -32.85 -38.46 24.51
CA GLU A 414 -33.16 -39.70 25.21
C GLU A 414 -33.32 -39.46 26.70
N ASN A 415 -32.51 -38.58 27.29
CA ASN A 415 -32.73 -38.24 28.69
C ASN A 415 -34.07 -37.56 28.90
N VAL A 416 -34.44 -36.64 28.00
CA VAL A 416 -35.71 -35.95 28.14
C VAL A 416 -36.87 -36.93 28.03
N GLU A 417 -36.80 -37.84 27.05
CA GLU A 417 -37.88 -38.79 26.85
C GLU A 417 -38.00 -39.78 28.01
N ARG A 418 -36.88 -40.25 28.56
CA ARG A 418 -36.99 -41.12 29.73
C ARG A 418 -37.57 -40.35 30.91
N VAL A 419 -37.18 -39.08 31.07
CA VAL A 419 -37.72 -38.29 32.18
C VAL A 419 -39.23 -38.13 32.05
N ILE A 420 -39.72 -37.79 30.85
CA ILE A 420 -41.16 -37.58 30.72
C ILE A 420 -41.90 -38.90 30.83
N ALA A 421 -41.34 -39.98 30.26
CA ALA A 421 -42.00 -41.27 30.33
C ALA A 421 -42.07 -41.80 31.76
N GLU A 422 -41.08 -41.47 32.60
CA GLU A 422 -41.10 -41.94 33.97
C GLU A 422 -41.96 -41.05 34.87
N ASP A 423 -41.85 -39.74 34.72
CA ASP A 423 -42.51 -38.82 35.63
C ASP A 423 -43.89 -38.37 35.15
N LYS A 424 -44.26 -38.69 33.91
CA LYS A 424 -45.51 -38.20 33.32
C LYS A 424 -45.59 -36.68 33.43
N LEU A 425 -44.47 -36.01 33.18
CA LEU A 425 -44.32 -34.60 33.44
C LEU A 425 -44.31 -33.80 32.15
N PRO A 426 -44.87 -32.59 32.17
CA PRO A 426 -44.82 -31.72 30.99
C PRO A 426 -43.39 -31.42 30.59
N PRO A 427 -43.13 -31.24 29.29
CA PRO A 427 -41.74 -31.15 28.82
C PRO A 427 -40.94 -30.01 29.41
N LYS A 428 -41.57 -28.89 29.77
CA LYS A 428 -40.81 -27.73 30.23
C LYS A 428 -40.10 -28.03 31.55
N GLU A 429 -40.86 -28.37 32.58
CA GLU A 429 -40.25 -28.65 33.87
C GLU A 429 -39.45 -29.94 33.84
N ALA A 430 -39.83 -30.90 33.00
CA ALA A 430 -39.00 -32.09 32.84
C ALA A 430 -37.61 -31.73 32.31
N THR A 431 -37.56 -30.87 31.29
CA THR A 431 -36.28 -30.40 30.80
C THR A 431 -35.54 -29.62 31.88
N HIS A 432 -36.25 -28.75 32.60
CA HIS A 432 -35.63 -28.00 33.69
C HIS A 432 -35.02 -28.91 34.74
N LYS A 433 -35.59 -30.09 34.94
CA LYS A 433 -34.99 -31.09 35.81
C LYS A 433 -33.84 -31.82 35.10
N SER A 434 -33.84 -31.80 33.76
CA SER A 434 -33.03 -32.72 32.97
C SER A 434 -31.55 -32.33 32.84
N MET A 435 -31.16 -31.09 33.12
CA MET A 435 -29.77 -30.75 32.89
C MET A 435 -28.86 -31.25 34.00
N GLY A 436 -29.42 -31.59 35.16
CA GLY A 436 -28.61 -31.96 36.30
C GLY A 436 -28.07 -33.37 36.29
N GLN A 437 -27.94 -33.96 35.11
CA GLN A 437 -27.39 -35.31 34.99
C GLN A 437 -26.23 -35.39 34.01
N ILE A 438 -26.25 -34.62 32.93
CA ILE A 438 -25.29 -34.80 31.85
C ILE A 438 -24.46 -33.54 31.65
N GLN A 439 -24.17 -32.82 32.75
CA GLN A 439 -23.31 -31.65 32.68
C GLN A 439 -21.86 -32.02 32.37
N ARG A 440 -21.58 -33.28 32.04
CA ARG A 440 -20.22 -33.78 31.86
C ARG A 440 -19.63 -33.45 30.49
N ALA A 441 -18.58 -34.19 30.13
CA ALA A 441 -17.58 -33.87 29.11
C ALA A 441 -18.12 -33.25 27.81
N LEU A 442 -19.37 -33.53 27.44
CA LEU A 442 -19.90 -33.01 26.18
C LEU A 442 -19.59 -31.53 25.99
N VAL A 443 -19.52 -30.77 27.08
CA VAL A 443 -18.96 -29.42 27.00
C VAL A 443 -17.45 -29.46 27.17
N GLY A 444 -16.95 -30.30 28.09
CA GLY A 444 -15.52 -30.39 28.32
C GLY A 444 -14.75 -30.87 27.12
N ILE A 445 -15.34 -31.76 26.32
CA ILE A 445 -14.65 -32.22 25.11
C ILE A 445 -14.46 -31.06 24.15
N ALA A 446 -15.48 -30.23 23.97
CA ALA A 446 -15.35 -29.06 23.11
C ALA A 446 -14.31 -28.10 23.67
N VAL A 447 -14.32 -27.90 24.99
CA VAL A 447 -13.35 -27.02 25.62
C VAL A 447 -11.92 -27.52 25.37
N VAL A 448 -11.70 -28.82 25.55
CA VAL A 448 -10.38 -29.39 25.38
C VAL A 448 -9.93 -29.30 23.93
N LEU A 449 -10.83 -29.58 22.99
CA LEU A 449 -10.47 -29.48 21.58
C LEU A 449 -10.14 -28.03 21.20
N SER A 450 -10.92 -27.07 21.69
CA SER A 450 -10.60 -25.67 21.44
C SER A 450 -9.25 -25.29 22.03
N ALA A 451 -8.95 -25.78 23.24
CA ALA A 451 -7.65 -25.48 23.85
C ALA A 451 -6.50 -26.08 23.06
N VAL A 452 -6.63 -27.33 22.60
CA VAL A 452 -5.52 -27.97 21.91
C VAL A 452 -5.33 -27.36 20.52
N PHE A 453 -6.41 -26.90 19.90
CA PHE A 453 -6.28 -26.22 18.62
C PHE A 453 -6.03 -24.72 18.76
N MET A 454 -5.97 -24.21 19.99
CA MET A 454 -5.79 -22.77 20.19
C MET A 454 -4.46 -22.27 19.65
N PRO A 455 -3.30 -22.88 19.96
CA PRO A 455 -2.03 -22.26 19.57
C PRO A 455 -1.54 -22.64 18.18
N MET A 456 -2.36 -23.27 17.35
CA MET A 456 -1.95 -23.59 15.99
C MET A 456 -2.01 -22.38 15.05
N ALA A 457 -2.84 -21.39 15.35
CA ALA A 457 -3.08 -20.28 14.45
C ALA A 457 -2.10 -19.13 14.63
N PHE A 458 -1.05 -19.29 15.46
CA PHE A 458 -0.10 -18.22 15.69
C PHE A 458 1.25 -18.47 15.01
N MET A 459 1.32 -19.46 14.12
CA MET A 459 2.52 -19.66 13.31
C MET A 459 2.17 -19.54 11.84
N SER A 460 3.14 -19.07 11.06
CA SER A 460 2.92 -18.70 9.67
C SER A 460 3.43 -19.78 8.73
N GLY A 461 3.36 -19.48 7.44
CA GLY A 461 3.77 -20.41 6.40
C GLY A 461 2.59 -20.81 5.53
N ALA A 462 2.89 -21.14 4.27
CA ALA A 462 1.85 -21.59 3.36
C ALA A 462 1.20 -22.87 3.84
N THR A 463 2.01 -23.83 4.32
CA THR A 463 1.45 -25.02 4.95
C THR A 463 0.66 -24.66 6.21
N GLY A 464 1.14 -23.67 6.98
CA GLY A 464 0.37 -23.19 8.11
C GLY A 464 -0.97 -22.60 7.69
N GLU A 465 -0.97 -21.82 6.60
CA GLU A 465 -2.22 -21.27 6.10
C GLU A 465 -3.16 -22.38 5.63
N ILE A 466 -2.61 -23.44 5.04
CA ILE A 466 -3.44 -24.59 4.67
C ILE A 466 -4.05 -25.24 5.91
N TYR A 467 -3.24 -25.42 6.95
CA TYR A 467 -3.73 -26.01 8.19
C TYR A 467 -4.73 -25.11 8.91
N ARG A 468 -4.71 -23.81 8.65
CA ARG A 468 -5.74 -22.95 9.20
C ARG A 468 -7.12 -23.33 8.67
N GLN A 469 -7.21 -23.73 7.40
CA GLN A 469 -8.49 -24.12 6.83
C GLN A 469 -9.08 -25.33 7.54
N PHE A 470 -8.27 -26.05 8.31
CA PHE A 470 -8.81 -27.09 9.19
C PHE A 470 -9.03 -26.54 10.60
N SER A 471 -8.01 -25.87 11.15
CA SER A 471 -8.01 -25.51 12.56
C SER A 471 -9.11 -24.50 12.90
N ILE A 472 -9.22 -23.43 12.11
CA ILE A 472 -10.22 -22.40 12.40
C ILE A 472 -11.62 -22.97 12.27
N THR A 473 -11.88 -23.73 11.21
CA THR A 473 -13.19 -24.37 11.07
C THR A 473 -13.47 -25.32 12.21
N LEU A 474 -12.45 -26.02 12.71
CA LEU A 474 -12.69 -26.90 13.84
C LEU A 474 -13.05 -26.14 15.11
N ILE A 475 -12.27 -25.10 15.46
CA ILE A 475 -12.58 -24.39 16.70
C ILE A 475 -13.97 -23.76 16.61
N SER A 476 -14.29 -23.18 15.46
CA SER A 476 -15.66 -22.72 15.24
C SER A 476 -16.67 -23.86 15.35
N SER A 477 -16.28 -25.06 14.93
CA SER A 477 -17.20 -26.19 14.96
C SER A 477 -17.59 -26.57 16.37
N MET A 478 -16.60 -26.79 17.25
CA MET A 478 -17.00 -27.12 18.63
C MET A 478 -17.58 -25.92 19.36
N LEU A 479 -17.21 -24.68 18.98
CA LEU A 479 -17.85 -23.56 19.65
C LEU A 479 -19.33 -23.49 19.31
N LEU A 480 -19.67 -23.64 18.02
CA LEU A 480 -21.07 -23.76 17.62
C LEU A 480 -21.75 -24.96 18.25
N SER A 481 -21.05 -26.09 18.35
CA SER A 481 -21.67 -27.29 18.94
C SER A 481 -22.02 -27.07 20.40
N VAL A 482 -21.09 -26.50 21.18
CA VAL A 482 -21.38 -26.27 22.59
C VAL A 482 -22.44 -25.20 22.74
N PHE A 483 -22.53 -24.24 21.82
CA PHE A 483 -23.63 -23.30 21.86
C PHE A 483 -24.96 -24.01 21.61
N VAL A 484 -25.05 -24.77 20.52
CA VAL A 484 -26.32 -25.33 20.10
C VAL A 484 -26.82 -26.40 21.06
N ALA A 485 -25.94 -27.27 21.57
CA ALA A 485 -26.40 -28.34 22.44
C ALA A 485 -27.05 -27.82 23.71
N MET A 486 -26.54 -26.73 24.29
CA MET A 486 -27.13 -26.15 25.47
C MET A 486 -28.19 -25.09 25.17
N SER A 487 -28.33 -24.64 23.92
CA SER A 487 -29.28 -23.58 23.62
C SER A 487 -30.49 -24.07 22.84
N LEU A 488 -30.28 -24.72 21.70
CA LEU A 488 -31.34 -24.95 20.73
C LEU A 488 -32.14 -26.21 21.05
N THR A 489 -31.45 -27.34 21.18
CA THR A 489 -32.10 -28.63 21.41
C THR A 489 -33.01 -28.65 22.64
N PRO A 490 -32.63 -28.06 23.79
CA PRO A 490 -33.58 -28.04 24.91
C PRO A 490 -34.88 -27.35 24.56
N ALA A 491 -34.82 -26.25 23.81
CA ALA A 491 -36.04 -25.54 23.43
C ALA A 491 -36.93 -26.42 22.58
N LEU A 492 -36.36 -27.12 21.59
CA LEU A 492 -37.13 -28.05 20.79
C LEU A 492 -37.76 -29.12 21.65
N CYS A 493 -36.94 -29.90 22.36
CA CYS A 493 -37.49 -31.01 23.12
C CYS A 493 -38.51 -30.55 24.16
N ALA A 494 -38.47 -29.28 24.56
CA ALA A 494 -39.52 -28.75 25.41
C ALA A 494 -40.79 -28.42 24.61
N THR A 495 -40.63 -27.91 23.39
CA THR A 495 -41.76 -27.32 22.68
C THR A 495 -42.46 -28.27 21.71
N ILE A 496 -41.82 -29.35 21.28
CA ILE A 496 -42.39 -30.25 20.29
C ILE A 496 -42.73 -31.61 20.89
N LEU A 497 -41.96 -32.07 21.87
CA LEU A 497 -42.13 -33.42 22.39
C LEU A 497 -43.51 -33.57 23.03
N LYS A 498 -44.35 -34.39 22.40
CA LYS A 498 -45.66 -34.69 22.94
C LYS A 498 -45.54 -35.68 24.10
N ALA A 499 -46.60 -35.74 24.91
CA ALA A 499 -46.60 -36.61 26.08
C ALA A 499 -46.81 -38.06 25.66
N TYR A 539 -5.28 -59.68 22.42
CA TYR A 539 -5.87 -58.62 21.64
C TYR A 539 -4.91 -57.46 21.39
N MET A 540 -3.77 -57.41 22.09
CA MET A 540 -2.69 -56.56 21.60
C MET A 540 -2.20 -57.03 20.24
N VAL A 541 -2.04 -58.34 20.07
CA VAL A 541 -1.67 -58.90 18.78
C VAL A 541 -2.80 -58.70 17.77
N VAL A 542 -4.04 -58.79 18.22
CA VAL A 542 -5.16 -58.53 17.32
C VAL A 542 -5.15 -57.07 16.85
N TYR A 543 -4.86 -56.14 17.76
CA TYR A 543 -4.73 -54.74 17.38
C TYR A 543 -3.54 -54.53 16.44
N LEU A 544 -2.48 -55.31 16.61
CA LEU A 544 -1.37 -55.26 15.65
C LEU A 544 -1.80 -55.76 14.27
N LEU A 545 -2.64 -56.80 14.23
CA LEU A 545 -3.19 -57.24 12.95
C LEU A 545 -4.06 -56.16 12.31
N ILE A 546 -4.88 -55.47 13.11
CA ILE A 546 -5.65 -54.35 12.59
C ILE A 546 -4.74 -53.22 12.13
N CYS A 547 -3.61 -53.04 12.83
CA CYS A 547 -2.62 -52.07 12.41
C CYS A 547 -2.05 -52.41 11.04
N ALA A 548 -1.73 -53.69 10.82
CA ALA A 548 -1.30 -54.12 9.49
C ALA A 548 -2.39 -53.88 8.46
N GLY A 549 -3.64 -54.14 8.82
CA GLY A 549 -4.73 -53.94 7.87
C GLY A 549 -4.88 -52.50 7.42
N MET A 550 -4.99 -51.56 8.36
CA MET A 550 -5.17 -50.20 7.88
C MET A 550 -3.85 -49.57 7.48
N ALA A 551 -2.71 -50.21 7.74
CA ALA A 551 -1.47 -49.79 7.09
C ALA A 551 -1.44 -50.22 5.63
N VAL A 552 -2.00 -51.39 5.32
CA VAL A 552 -2.21 -51.78 3.93
C VAL A 552 -3.13 -50.78 3.25
N LEU A 553 -4.20 -50.37 3.94
CA LEU A 553 -5.04 -49.29 3.44
C LEU A 553 -4.26 -47.98 3.29
N PHE A 554 -3.36 -47.71 4.23
CA PHE A 554 -2.52 -46.51 4.19
C PHE A 554 -1.65 -46.47 2.95
N LEU A 555 -1.09 -47.62 2.55
CA LEU A 555 -0.21 -47.70 1.40
C LEU A 555 -0.96 -47.77 0.08
N ARG A 556 -2.30 -47.80 0.12
CA ARG A 556 -3.11 -47.97 -1.09
C ARG A 556 -3.37 -46.67 -1.84
N THR A 557 -2.95 -45.52 -1.30
CA THR A 557 -3.27 -44.24 -1.92
C THR A 557 -2.02 -43.60 -2.49
N PRO A 558 -1.77 -43.68 -3.80
CA PRO A 558 -0.57 -43.08 -4.38
C PRO A 558 -0.66 -41.56 -4.37
N THR A 559 0.48 -40.92 -4.55
CA THR A 559 0.58 -39.46 -4.53
C THR A 559 0.25 -38.91 -5.90
N SER A 560 -1.05 -38.86 -6.20
CA SER A 560 -1.56 -38.17 -7.37
C SER A 560 -1.77 -36.69 -7.01
N PHE A 561 -2.31 -35.91 -7.94
CA PHE A 561 -2.59 -34.51 -7.69
C PHE A 561 -4.07 -34.20 -7.67
N LEU A 562 -4.80 -34.48 -8.75
CA LEU A 562 -6.20 -34.12 -8.84
C LEU A 562 -6.83 -34.89 -9.99
N PRO A 563 -8.10 -35.29 -9.86
CA PRO A 563 -8.79 -35.92 -10.99
C PRO A 563 -9.38 -34.89 -11.95
N GLU A 564 -10.11 -35.36 -12.96
CA GLU A 564 -10.74 -34.49 -13.95
C GLU A 564 -12.26 -34.53 -13.79
N GLU A 565 -12.93 -33.63 -14.48
CA GLU A 565 -14.38 -33.48 -14.40
C GLU A 565 -14.92 -33.00 -15.74
N ASP A 566 -16.22 -32.72 -15.77
CA ASP A 566 -16.87 -32.14 -16.93
C ASP A 566 -17.05 -30.64 -16.71
N GLN A 567 -16.84 -29.87 -17.77
CA GLN A 567 -16.95 -28.42 -17.65
C GLN A 567 -18.04 -27.90 -18.57
N GLY A 568 -18.02 -28.30 -19.85
CA GLY A 568 -18.99 -27.81 -20.81
C GLY A 568 -18.36 -27.33 -22.11
N VAL A 569 -17.18 -26.71 -22.02
CA VAL A 569 -16.46 -26.25 -23.20
C VAL A 569 -15.01 -26.67 -23.07
N PHE A 570 -14.38 -26.96 -24.20
CA PHE A 570 -13.00 -27.41 -24.22
C PHE A 570 -12.24 -26.64 -25.29
N MET A 571 -10.95 -26.93 -25.42
CA MET A 571 -10.06 -26.18 -26.29
C MET A 571 -9.24 -27.13 -27.14
N THR A 572 -9.02 -26.75 -28.39
CA THR A 572 -8.20 -27.51 -29.32
C THR A 572 -7.06 -26.62 -29.80
N THR A 573 -5.84 -27.13 -29.71
CA THR A 573 -4.66 -26.41 -30.16
C THR A 573 -4.05 -27.07 -31.38
N ALA A 574 -3.49 -26.24 -32.25
CA ALA A 574 -2.84 -26.72 -33.47
C ALA A 574 -1.44 -26.14 -33.54
N GLN A 575 -0.45 -27.00 -33.69
CA GLN A 575 0.94 -26.60 -33.78
C GLN A 575 1.51 -27.04 -35.12
N LEU A 576 2.16 -26.12 -35.79
CA LEU A 576 2.73 -26.36 -37.10
C LEU A 576 4.25 -26.38 -37.03
N PRO A 577 4.92 -26.97 -38.03
CA PRO A 577 6.38 -27.02 -37.99
C PRO A 577 7.00 -25.63 -37.89
N SER A 578 8.24 -25.59 -37.42
CA SER A 578 8.93 -24.33 -37.27
C SER A 578 9.13 -23.66 -38.62
N GLY A 579 8.94 -22.36 -38.65
CA GLY A 579 9.03 -21.62 -39.89
C GLY A 579 7.85 -21.79 -40.82
N ALA A 580 6.69 -22.18 -40.30
CA ALA A 580 5.50 -22.35 -41.13
C ALA A 580 4.81 -21.01 -41.35
N THR A 581 4.42 -20.77 -42.59
CA THR A 581 3.75 -19.55 -42.99
C THR A 581 2.34 -19.54 -42.40
N MET A 582 1.85 -18.35 -42.05
CA MET A 582 0.53 -18.21 -41.46
C MET A 582 -0.58 -18.73 -42.37
N VAL A 583 -0.34 -18.79 -43.68
CA VAL A 583 -1.35 -19.36 -44.58
C VAL A 583 -1.62 -20.82 -44.23
N ASN A 584 -0.57 -21.58 -43.94
CA ASN A 584 -0.76 -22.98 -43.56
C ASN A 584 -1.51 -23.10 -42.24
N THR A 585 -1.21 -22.23 -41.28
CA THR A 585 -1.94 -22.25 -40.02
C THR A 585 -3.42 -21.94 -40.25
N THR A 586 -3.71 -20.99 -41.12
CA THR A 586 -5.10 -20.67 -41.43
C THR A 586 -5.80 -21.86 -42.08
N LYS A 587 -5.13 -22.54 -43.00
CA LYS A 587 -5.72 -23.72 -43.62
C LYS A 587 -6.01 -24.80 -42.58
N VAL A 588 -5.07 -25.04 -41.68
CA VAL A 588 -5.26 -26.08 -40.66
C VAL A 588 -6.42 -25.73 -39.74
N LEU A 589 -6.49 -24.47 -39.30
CA LEU A 589 -7.58 -24.06 -38.43
C LEU A 589 -8.92 -24.13 -39.14
N GLN A 590 -8.97 -23.79 -40.43
CA GLN A 590 -10.21 -23.94 -41.18
C GLN A 590 -10.60 -25.40 -41.29
N GLN A 591 -9.63 -26.31 -41.47
CA GLN A 591 -9.94 -27.73 -41.49
C GLN A 591 -10.52 -28.18 -40.16
N VAL A 592 -9.95 -27.69 -39.05
CA VAL A 592 -10.48 -28.04 -37.73
C VAL A 592 -11.91 -27.54 -37.58
N THR A 593 -12.17 -26.31 -38.00
CA THR A 593 -13.52 -25.75 -37.92
C THR A 593 -14.50 -26.57 -38.73
N ASP A 594 -14.12 -26.93 -39.96
CA ASP A 594 -15.01 -27.72 -40.80
C ASP A 594 -15.28 -29.09 -40.18
N TYR A 595 -14.24 -29.74 -39.65
CA TYR A 595 -14.46 -31.03 -39.01
C TYR A 595 -15.43 -30.92 -37.85
N TYR A 596 -15.24 -29.92 -36.99
CA TYR A 596 -16.11 -29.80 -35.83
C TYR A 596 -17.54 -29.48 -36.23
N LEU A 597 -17.74 -28.60 -37.22
CA LEU A 597 -19.08 -28.16 -37.56
C LEU A 597 -19.75 -28.99 -38.64
N THR A 598 -19.09 -30.02 -39.17
CA THR A 598 -19.68 -30.87 -40.21
C THR A 598 -19.89 -32.29 -39.73
N LYS A 599 -18.93 -32.86 -39.01
CA LYS A 599 -19.05 -34.26 -38.61
C LYS A 599 -19.79 -34.42 -37.29
N GLU A 600 -19.72 -33.44 -36.40
CA GLU A 600 -20.36 -33.53 -35.09
C GLU A 600 -21.19 -32.28 -34.80
N LYS A 601 -22.03 -31.88 -35.76
CA LYS A 601 -22.84 -30.67 -35.55
C LYS A 601 -23.82 -30.82 -34.39
N ASP A 602 -24.13 -32.05 -33.98
CA ASP A 602 -25.19 -32.26 -33.01
C ASP A 602 -24.79 -31.96 -31.58
N ASN A 603 -23.52 -31.65 -31.32
CA ASN A 603 -23.07 -31.36 -29.97
C ASN A 603 -22.26 -30.08 -29.85
N VAL A 604 -21.70 -29.57 -30.93
CA VAL A 604 -20.91 -28.34 -30.86
C VAL A 604 -21.80 -27.16 -31.18
N GLN A 605 -21.51 -26.02 -30.54
CA GLN A 605 -22.27 -24.81 -30.74
C GLN A 605 -21.52 -23.76 -31.55
N SER A 606 -20.30 -23.43 -31.15
CA SER A 606 -19.52 -22.41 -31.82
C SER A 606 -18.06 -22.81 -31.82
N VAL A 607 -17.37 -22.46 -32.90
CA VAL A 607 -15.94 -22.73 -33.04
C VAL A 607 -15.25 -21.39 -33.26
N PHE A 608 -14.45 -20.97 -32.27
CA PHE A 608 -13.76 -19.70 -32.32
C PHE A 608 -12.26 -19.98 -32.44
N THR A 609 -11.72 -19.87 -33.64
CA THR A 609 -10.33 -20.18 -33.91
C THR A 609 -9.53 -18.90 -34.08
N VAL A 610 -8.45 -18.78 -33.32
CA VAL A 610 -7.54 -17.65 -33.44
C VAL A 610 -6.19 -18.16 -33.92
N GLY A 611 -5.71 -17.60 -35.01
CA GLY A 611 -4.41 -17.96 -35.57
C GLY A 611 -3.36 -16.95 -35.16
N GLY A 612 -2.12 -17.40 -35.10
CA GLY A 612 -1.04 -16.54 -34.67
C GLY A 612 -0.90 -16.40 -33.17
N PHE A 613 -1.62 -17.20 -32.39
CA PHE A 613 -1.56 -17.14 -30.94
C PHE A 613 -1.45 -18.55 -30.39
N GLY A 614 -0.81 -18.68 -29.24
CA GLY A 614 -0.71 -19.96 -28.56
C GLY A 614 -0.11 -19.78 -27.18
N PHE A 615 -0.27 -20.82 -26.37
CA PHE A 615 0.29 -20.78 -25.02
C PHE A 615 1.81 -20.77 -25.02
N SER A 616 2.45 -21.28 -26.07
CA SER A 616 3.89 -21.19 -26.19
C SER A 616 4.35 -19.79 -26.59
N GLY A 617 3.42 -18.89 -26.90
CA GLY A 617 3.74 -17.54 -27.30
C GLY A 617 2.99 -17.16 -28.57
N GLN A 618 3.41 -16.04 -29.14
CA GLN A 618 2.83 -15.52 -30.36
C GLN A 618 3.74 -15.81 -31.54
N GLY A 619 3.20 -16.46 -32.56
CA GLY A 619 4.00 -16.82 -33.72
C GLY A 619 3.12 -17.24 -34.87
N GLN A 620 3.69 -17.20 -36.07
CA GLN A 620 2.91 -17.50 -37.27
C GLN A 620 2.50 -18.96 -37.35
N ASN A 621 3.21 -19.86 -36.67
CA ASN A 621 2.94 -21.29 -36.78
C ASN A 621 2.15 -21.83 -35.60
N ASN A 622 1.57 -20.96 -34.79
CA ASN A 622 0.77 -21.38 -33.65
C ASN A 622 -0.71 -21.22 -33.94
N GLY A 623 -1.50 -22.15 -33.46
CA GLY A 623 -2.94 -22.11 -33.66
C GLY A 623 -3.66 -22.48 -32.38
N LEU A 624 -4.85 -21.91 -32.22
CA LEU A 624 -5.65 -22.13 -31.04
C LEU A 624 -7.13 -22.04 -31.41
N ALA A 625 -7.94 -22.89 -30.78
CA ALA A 625 -9.37 -22.90 -31.07
C ALA A 625 -10.17 -23.16 -29.81
N PHE A 626 -11.17 -22.33 -29.57
CA PHE A 626 -12.15 -22.54 -28.51
C PHE A 626 -13.36 -23.22 -29.11
N ILE A 627 -13.89 -24.21 -28.40
CA ILE A 627 -15.08 -24.93 -28.84
C ILE A 627 -16.16 -24.76 -27.79
N SER A 628 -17.38 -24.48 -28.25
CA SER A 628 -18.53 -24.34 -27.38
C SER A 628 -19.52 -25.46 -27.66
N LEU A 629 -20.05 -26.04 -26.58
CA LEU A 629 -20.95 -27.19 -26.69
C LEU A 629 -22.37 -26.78 -26.32
N LYS A 630 -23.33 -27.54 -26.86
CA LYS A 630 -24.73 -27.32 -26.56
C LYS A 630 -25.01 -27.68 -25.10
N PRO A 631 -26.07 -27.12 -24.52
CA PRO A 631 -26.36 -27.38 -23.11
C PRO A 631 -26.66 -28.86 -22.86
N TRP A 632 -26.53 -29.24 -21.58
CA TRP A 632 -26.72 -30.62 -21.17
C TRP A 632 -28.09 -31.18 -21.55
N SER A 633 -29.10 -30.33 -21.70
CA SER A 633 -30.41 -30.81 -22.11
C SER A 633 -30.36 -31.47 -23.48
N GLU A 634 -29.56 -30.92 -24.39
CA GLU A 634 -29.40 -31.50 -25.72
C GLU A 634 -28.27 -32.51 -25.80
N ARG A 635 -27.35 -32.51 -24.83
CA ARG A 635 -26.25 -33.46 -24.78
C ARG A 635 -26.65 -34.57 -23.82
N VAL A 636 -27.23 -35.63 -24.36
CA VAL A 636 -27.71 -36.75 -23.57
C VAL A 636 -26.75 -37.92 -23.73
N GLY A 637 -26.66 -38.75 -22.69
CA GLY A 637 -25.80 -39.91 -22.71
C GLY A 637 -24.33 -39.55 -22.53
N GLU A 638 -23.53 -40.58 -22.32
CA GLU A 638 -22.09 -40.40 -22.17
C GLU A 638 -21.38 -40.29 -23.52
N GLU A 639 -21.97 -40.81 -24.60
CA GLU A 639 -21.36 -40.72 -25.92
C GLU A 639 -21.28 -39.30 -26.44
N ASN A 640 -22.11 -38.40 -25.92
CA ASN A 640 -22.09 -36.99 -26.31
C ASN A 640 -21.44 -36.12 -25.26
N SER A 641 -20.79 -36.73 -24.27
CA SER A 641 -20.13 -35.98 -23.20
C SER A 641 -18.82 -35.39 -23.73
N VAL A 642 -18.14 -34.64 -22.85
CA VAL A 642 -16.89 -34.00 -23.24
C VAL A 642 -15.83 -35.05 -23.55
N THR A 643 -15.74 -36.10 -22.72
CA THR A 643 -14.69 -37.09 -22.90
C THR A 643 -14.83 -37.84 -24.21
N ALA A 644 -16.04 -38.29 -24.54
CA ALA A 644 -16.23 -39.05 -25.77
C ALA A 644 -15.97 -38.19 -27.00
N ILE A 645 -16.46 -36.96 -27.00
CA ILE A 645 -16.23 -36.09 -28.15
C ILE A 645 -14.75 -35.74 -28.27
N ILE A 646 -14.07 -35.57 -27.14
CA ILE A 646 -12.63 -35.30 -27.20
C ILE A 646 -11.88 -36.50 -27.77
N GLN A 647 -12.26 -37.70 -27.37
CA GLN A 647 -11.61 -38.89 -27.92
C GLN A 647 -11.84 -39.01 -29.42
N ARG A 648 -13.07 -38.77 -29.86
CA ARG A 648 -13.35 -38.80 -31.29
C ARG A 648 -12.57 -37.71 -32.02
N ALA A 649 -12.43 -36.54 -31.42
CA ALA A 649 -11.63 -35.48 -32.02
C ALA A 649 -10.17 -35.89 -32.15
N MET A 650 -9.62 -36.51 -31.11
CA MET A 650 -8.26 -37.04 -31.19
C MET A 650 -8.12 -38.00 -32.36
N ILE A 651 -9.03 -38.97 -32.45
CA ILE A 651 -8.92 -40.00 -33.48
C ILE A 651 -9.03 -39.37 -34.87
N ALA A 652 -9.96 -38.44 -35.05
CA ALA A 652 -10.17 -37.86 -36.37
C ALA A 652 -9.07 -36.88 -36.77
N LEU A 653 -8.55 -36.10 -35.81
CA LEU A 653 -7.59 -35.05 -36.10
C LEU A 653 -6.15 -35.54 -36.02
N SER A 654 -5.92 -36.78 -35.64
CA SER A 654 -4.58 -37.33 -35.79
C SER A 654 -4.18 -37.49 -37.26
N SER A 655 -5.12 -37.35 -38.18
CA SER A 655 -4.86 -37.49 -39.60
C SER A 655 -4.36 -36.21 -40.25
N ILE A 656 -4.24 -35.12 -39.49
CA ILE A 656 -3.69 -33.88 -40.05
C ILE A 656 -2.22 -34.07 -40.30
N ASN A 657 -1.84 -34.10 -41.58
CA ASN A 657 -0.48 -34.50 -41.95
C ASN A 657 0.56 -33.43 -41.60
N LYS A 658 0.27 -32.15 -41.86
CA LYS A 658 1.28 -31.10 -41.76
C LYS A 658 1.14 -30.29 -40.47
N ALA A 659 0.53 -30.85 -39.44
CA ALA A 659 0.38 -30.15 -38.17
C ALA A 659 0.11 -31.15 -37.06
N VAL A 660 0.25 -30.68 -35.83
CA VAL A 660 0.00 -31.48 -34.64
C VAL A 660 -1.19 -30.87 -33.92
N VAL A 661 -2.36 -31.49 -34.06
CA VAL A 661 -3.59 -31.00 -33.47
C VAL A 661 -3.88 -31.83 -32.23
N PHE A 662 -4.03 -31.17 -31.09
CA PHE A 662 -4.14 -31.84 -29.79
C PHE A 662 -5.36 -31.33 -29.05
N PRO A 663 -6.55 -31.83 -29.37
CA PRO A 663 -7.73 -31.50 -28.56
C PRO A 663 -7.56 -31.97 -27.13
N PHE A 664 -8.00 -31.12 -26.19
CA PHE A 664 -7.88 -31.45 -24.78
C PHE A 664 -8.91 -30.67 -23.99
N ASN A 665 -9.21 -31.17 -22.79
CA ASN A 665 -10.14 -30.52 -21.89
C ASN A 665 -9.40 -29.57 -20.97
N LEU A 666 -10.12 -28.57 -20.48
CA LEU A 666 -9.57 -27.66 -19.48
C LEU A 666 -9.26 -28.45 -18.22
N PRO A 667 -8.07 -28.29 -17.64
CA PRO A 667 -7.75 -29.05 -16.42
C PRO A 667 -8.57 -28.60 -15.23
N ALA A 668 -8.48 -29.36 -14.12
CA ALA A 668 -9.22 -28.98 -12.92
C ALA A 668 -8.77 -27.64 -12.37
N VAL A 669 -7.45 -27.40 -12.37
CA VAL A 669 -6.89 -26.12 -11.94
C VAL A 669 -6.17 -25.53 -13.13
N ALA A 670 -6.81 -24.58 -13.81
CA ALA A 670 -6.19 -23.89 -14.94
C ALA A 670 -5.15 -22.87 -14.50
N GLU A 671 -5.07 -22.57 -13.20
CA GLU A 671 -4.10 -21.62 -12.69
C GLU A 671 -2.72 -22.22 -12.51
N LEU A 672 -2.58 -23.54 -12.58
CA LEU A 672 -1.32 -24.21 -12.34
C LEU A 672 -0.74 -24.88 -13.59
N GLY A 673 -1.41 -24.77 -14.73
CA GLY A 673 -0.95 -25.35 -15.96
C GLY A 673 -2.08 -26.06 -16.67
N THR A 674 -1.72 -26.84 -17.68
CA THR A 674 -2.68 -27.61 -18.46
C THR A 674 -2.55 -29.11 -18.27
N ALA A 675 -1.58 -29.58 -17.50
CA ALA A 675 -1.38 -31.01 -17.28
C ALA A 675 -0.71 -31.21 -15.93
N SER A 676 -0.38 -32.46 -15.62
CA SER A 676 0.29 -32.83 -14.38
C SER A 676 1.69 -33.34 -14.67
N GLY A 677 2.38 -33.75 -13.62
CA GLY A 677 3.75 -34.20 -13.74
C GLY A 677 4.71 -33.32 -12.97
N PHE A 678 5.93 -33.17 -13.47
CA PHE A 678 6.91 -32.30 -12.84
C PHE A 678 7.34 -31.21 -13.81
N ASP A 679 7.63 -30.04 -13.26
CA ASP A 679 8.13 -28.91 -14.04
C ASP A 679 9.58 -28.66 -13.67
N MET A 680 10.45 -28.66 -14.67
CA MET A 680 11.88 -28.65 -14.44
C MET A 680 12.54 -27.61 -15.31
N GLU A 681 13.50 -26.90 -14.73
CA GLU A 681 14.30 -25.91 -15.43
C GLU A 681 15.76 -26.36 -15.43
N LEU A 682 16.38 -26.36 -16.59
CA LEU A 682 17.78 -26.75 -16.73
C LEU A 682 18.61 -25.47 -16.77
N LEU A 683 19.20 -25.12 -15.62
CA LEU A 683 19.91 -23.86 -15.48
C LEU A 683 21.35 -23.99 -15.97
N ASP A 684 21.77 -23.02 -16.78
CA ASP A 684 23.17 -22.92 -17.19
C ASP A 684 23.86 -21.84 -16.37
N ASN A 685 24.15 -22.19 -15.11
CA ASN A 685 24.80 -21.27 -14.19
C ASN A 685 26.31 -21.22 -14.38
N GLY A 686 26.86 -22.04 -15.25
CA GLY A 686 28.28 -22.04 -15.53
C GLY A 686 28.70 -21.15 -16.67
N ASN A 687 27.77 -20.41 -17.28
CA ASN A 687 28.06 -19.52 -18.40
C ASN A 687 28.70 -20.30 -19.56
N LEU A 688 27.96 -21.30 -20.04
CA LEU A 688 28.46 -22.23 -21.04
C LEU A 688 28.10 -21.81 -22.46
N GLY A 689 26.93 -21.21 -22.66
CA GLY A 689 26.47 -20.83 -23.98
C GLY A 689 25.27 -21.65 -24.42
N HIS A 690 24.59 -21.12 -25.43
CA HIS A 690 23.36 -21.76 -25.89
C HIS A 690 23.62 -23.15 -26.47
N GLU A 691 24.68 -23.31 -27.24
CA GLU A 691 24.93 -24.60 -27.89
C GLU A 691 25.29 -25.67 -26.86
N LYS A 692 26.14 -25.34 -25.90
CA LYS A 692 26.49 -26.31 -24.87
C LYS A 692 25.28 -26.71 -24.06
N LEU A 693 24.42 -25.74 -23.71
CA LEU A 693 23.22 -26.04 -22.96
C LEU A 693 22.26 -26.90 -23.78
N THR A 694 22.15 -26.63 -25.07
CA THR A 694 21.29 -27.46 -25.92
C THR A 694 21.82 -28.89 -25.99
N GLN A 695 23.13 -29.05 -26.12
CA GLN A 695 23.71 -30.39 -26.12
C GLN A 695 23.46 -31.09 -24.80
N ALA A 696 23.59 -30.36 -23.69
CA ALA A 696 23.31 -30.95 -22.38
C ALA A 696 21.85 -31.37 -22.28
N ARG A 697 20.94 -30.55 -22.78
CA ARG A 697 19.52 -30.90 -22.75
C ARG A 697 19.25 -32.16 -23.57
N ASN A 698 19.86 -32.26 -24.75
CA ASN A 698 19.67 -33.46 -25.56
C ASN A 698 20.24 -34.68 -24.87
N GLU A 699 21.40 -34.54 -24.21
CA GLU A 699 21.97 -35.64 -23.45
C GLU A 699 21.05 -36.07 -22.31
N LEU A 700 20.46 -35.09 -21.60
CA LEU A 700 19.54 -35.42 -20.52
C LEU A 700 18.30 -36.14 -21.05
N LEU A 701 17.78 -35.69 -22.19
CA LEU A 701 16.63 -36.37 -22.78
C LEU A 701 16.98 -37.81 -23.16
N SER A 702 18.15 -38.00 -23.76
CA SER A 702 18.58 -39.36 -24.11
C SER A 702 18.73 -40.23 -22.88
N LEU A 703 19.33 -39.69 -21.81
CA LEU A 703 19.50 -40.45 -20.59
C LEU A 703 18.17 -40.82 -19.96
N ALA A 704 17.23 -39.86 -19.92
CA ALA A 704 15.92 -40.13 -19.37
C ALA A 704 15.16 -41.18 -20.18
N ALA A 705 15.25 -41.11 -21.51
CA ALA A 705 14.61 -42.11 -22.35
C ALA A 705 15.20 -43.50 -22.16
N GLN A 706 16.42 -43.59 -21.62
CA GLN A 706 17.06 -44.88 -21.43
C GLN A 706 16.48 -45.65 -20.26
N SER A 707 15.74 -44.99 -19.37
CA SER A 707 15.14 -45.64 -18.20
C SER A 707 13.66 -45.29 -18.15
N PRO A 708 12.85 -45.87 -19.03
CA PRO A 708 11.41 -45.59 -19.03
C PRO A 708 10.69 -46.08 -17.79
N ASN A 709 11.29 -46.98 -17.03
CA ASN A 709 10.68 -47.49 -15.81
C ASN A 709 10.58 -46.44 -14.70
N GLN A 710 11.25 -45.30 -14.86
CA GLN A 710 11.25 -44.26 -13.85
C GLN A 710 10.50 -43.01 -14.27
N VAL A 711 10.77 -42.49 -15.47
CA VAL A 711 10.13 -41.30 -15.98
C VAL A 711 9.55 -41.59 -17.35
N THR A 712 8.33 -41.11 -17.59
CA THR A 712 7.62 -41.36 -18.83
C THR A 712 7.22 -40.04 -19.47
N GLY A 713 7.33 -39.99 -20.79
CA GLY A 713 6.92 -38.81 -21.54
C GLY A 713 7.73 -37.56 -21.27
N VAL A 714 9.02 -37.71 -21.02
CA VAL A 714 9.89 -36.55 -20.87
C VAL A 714 10.08 -35.87 -22.22
N ARG A 715 9.99 -34.55 -22.24
CA ARG A 715 10.03 -33.81 -23.49
C ARG A 715 10.42 -32.37 -23.19
N PRO A 716 11.10 -31.69 -24.10
CA PRO A 716 11.37 -30.27 -23.92
C PRO A 716 10.13 -29.44 -24.17
N ASN A 717 10.15 -28.22 -23.63
CA ASN A 717 9.04 -27.30 -23.80
C ASN A 717 9.31 -26.21 -24.81
N GLY A 718 10.56 -25.82 -25.00
CA GLY A 718 10.89 -24.76 -25.93
C GLY A 718 10.82 -25.21 -27.37
N LEU A 719 11.01 -24.25 -28.27
CA LEU A 719 11.00 -24.51 -29.70
C LEU A 719 12.42 -24.75 -30.21
N GLU A 720 12.51 -25.53 -31.28
CA GLU A 720 13.80 -25.87 -31.86
C GLU A 720 14.32 -24.71 -32.70
N ASP A 721 15.61 -24.77 -33.02
CA ASP A 721 16.25 -23.71 -33.81
C ASP A 721 15.68 -23.70 -35.21
N THR A 722 15.62 -22.51 -35.79
CA THR A 722 15.07 -22.28 -37.11
C THR A 722 16.07 -21.53 -37.98
N PRO A 723 16.02 -21.71 -39.31
CA PRO A 723 16.89 -20.92 -40.19
C PRO A 723 16.55 -19.44 -40.08
N MET A 724 17.58 -18.60 -40.01
CA MET A 724 17.41 -17.16 -39.95
C MET A 724 18.32 -16.48 -40.95
N PHE A 725 17.88 -15.32 -41.42
CA PHE A 725 18.60 -14.58 -42.45
C PHE A 725 19.53 -13.56 -41.80
N LYS A 726 20.78 -13.57 -42.22
CA LYS A 726 21.79 -12.67 -41.70
C LYS A 726 22.32 -11.79 -42.83
N VAL A 727 22.32 -10.49 -42.61
CA VAL A 727 22.83 -9.52 -43.58
C VAL A 727 24.14 -8.96 -43.03
N ASN A 728 25.22 -9.17 -43.75
CA ASN A 728 26.53 -8.65 -43.37
C ASN A 728 26.83 -7.41 -44.19
N VAL A 729 27.08 -6.30 -43.52
CA VAL A 729 27.29 -5.01 -44.16
C VAL A 729 28.78 -4.68 -44.08
N ASN A 730 29.41 -4.52 -45.24
CA ASN A 730 30.82 -4.13 -45.30
C ASN A 730 30.94 -2.67 -44.93
N ALA A 731 31.23 -2.40 -43.66
CA ALA A 731 31.31 -1.02 -43.20
C ALA A 731 32.41 -0.25 -43.92
N ALA A 732 33.57 -0.87 -44.12
CA ALA A 732 34.66 -0.18 -44.80
C ALA A 732 34.29 0.16 -46.25
N LYS A 733 33.65 -0.79 -46.95
CA LYS A 733 33.25 -0.52 -48.33
C LYS A 733 32.23 0.60 -48.40
N ALA A 734 31.24 0.60 -47.50
CA ALA A 734 30.25 1.67 -47.50
C ALA A 734 30.89 3.01 -47.19
N GLU A 735 31.79 3.05 -46.21
CA GLU A 735 32.48 4.28 -45.86
C GLU A 735 33.38 4.79 -46.97
N ALA A 736 33.93 3.88 -47.78
CA ALA A 736 34.80 4.31 -48.87
C ALA A 736 34.05 5.13 -49.91
N MET A 737 32.79 4.79 -50.18
CA MET A 737 31.99 5.52 -51.15
C MET A 737 31.00 6.48 -50.49
N GLY A 738 31.31 6.94 -49.29
CA GLY A 738 30.52 7.99 -48.67
C GLY A 738 29.09 7.63 -48.31
N VAL A 739 28.86 6.44 -47.78
CA VAL A 739 27.55 6.02 -47.32
C VAL A 739 27.64 5.68 -45.85
N ALA A 740 26.81 6.34 -45.04
CA ALA A 740 26.85 6.11 -43.60
C ALA A 740 26.25 4.77 -43.23
N LEU A 741 26.90 4.07 -42.31
CA LEU A 741 26.38 2.80 -41.83
C LEU A 741 25.03 2.98 -41.13
N SER A 742 24.86 4.07 -40.39
CA SER A 742 23.59 4.32 -39.74
C SER A 742 22.46 4.42 -40.75
N ASP A 743 22.71 5.04 -41.90
CA ASP A 743 21.68 5.13 -42.93
C ASP A 743 21.28 3.74 -43.43
N ILE A 744 22.26 2.87 -43.65
CA ILE A 744 21.95 1.52 -44.13
C ILE A 744 21.15 0.75 -43.09
N ASN A 745 21.58 0.81 -41.82
CA ASN A 745 20.85 0.09 -40.79
C ASN A 745 19.43 0.61 -40.62
N GLN A 746 19.27 1.94 -40.62
CA GLN A 746 17.94 2.52 -40.50
C GLN A 746 17.07 2.16 -41.69
N THR A 747 17.64 2.17 -42.90
CA THR A 747 16.87 1.79 -44.09
C THR A 747 16.37 0.36 -43.98
N ILE A 748 17.26 -0.57 -43.61
CA ILE A 748 16.84 -1.97 -43.52
C ILE A 748 15.80 -2.14 -42.41
N SER A 749 16.02 -1.52 -41.26
CA SER A 749 15.09 -1.68 -40.15
C SER A 749 13.72 -1.09 -40.48
N THR A 750 13.68 0.07 -41.13
CA THR A 750 12.41 0.65 -41.51
C THR A 750 11.71 -0.20 -42.57
N ALA A 751 12.46 -0.69 -43.55
CA ALA A 751 11.86 -1.46 -44.63
C ALA A 751 11.27 -2.77 -44.12
N PHE A 752 11.97 -3.46 -43.22
CA PHE A 752 11.57 -4.79 -42.80
C PHE A 752 11.06 -4.88 -41.37
N GLY A 753 10.81 -3.75 -40.71
CA GLY A 753 10.49 -3.80 -39.30
C GLY A 753 9.37 -2.90 -38.84
N SER A 754 8.82 -2.10 -39.75
CA SER A 754 7.65 -1.25 -39.47
C SER A 754 7.93 -0.29 -38.30
N SER A 755 8.88 0.60 -38.55
CA SER A 755 9.24 1.60 -37.55
C SER A 755 8.06 2.53 -37.25
N TYR A 756 7.82 2.79 -35.98
CA TYR A 756 6.71 3.62 -35.54
C TYR A 756 7.13 5.08 -35.49
N VAL A 757 6.25 5.96 -35.97
CA VAL A 757 6.63 7.36 -36.15
C VAL A 757 6.01 8.26 -35.10
N ASN A 758 4.68 8.39 -35.12
CA ASN A 758 3.98 9.24 -34.17
C ASN A 758 2.50 8.86 -34.22
N ASP A 759 1.66 9.69 -33.61
CA ASP A 759 0.24 9.44 -33.50
C ASP A 759 -0.54 10.38 -34.41
N PHE A 760 -1.78 10.00 -34.70
CA PHE A 760 -2.67 10.81 -35.51
C PHE A 760 -4.10 10.59 -35.03
N LEU A 761 -4.99 11.50 -35.43
CA LEU A 761 -6.36 11.49 -34.96
C LEU A 761 -7.26 10.79 -35.98
N ASN A 762 -8.08 9.87 -35.48
CA ASN A 762 -9.05 9.18 -36.34
C ASN A 762 -10.34 9.05 -35.57
N GLN A 763 -11.38 9.75 -36.02
CA GLN A 763 -12.69 9.71 -35.39
C GLN A 763 -12.61 10.04 -33.90
N GLY A 764 -11.83 11.06 -33.58
CA GLY A 764 -11.70 11.49 -32.21
C GLY A 764 -10.82 10.63 -31.33
N ARG A 765 -10.08 9.70 -31.92
CA ARG A 765 -9.19 8.82 -31.16
C ARG A 765 -7.77 8.96 -31.68
N VAL A 766 -6.81 8.94 -30.75
CA VAL A 766 -5.40 8.95 -31.12
C VAL A 766 -4.99 7.53 -31.51
N LYS A 767 -4.33 7.42 -32.66
CA LYS A 767 -3.87 6.12 -33.14
C LYS A 767 -2.50 6.29 -33.78
N LYS A 768 -1.75 5.20 -33.82
CA LYS A 768 -0.36 5.22 -34.23
C LYS A 768 -0.21 5.29 -35.74
N VAL A 769 0.98 5.69 -36.18
CA VAL A 769 1.33 5.72 -37.59
C VAL A 769 2.58 4.86 -37.77
N TYR A 770 2.52 3.93 -38.73
CA TYR A 770 3.60 2.99 -38.97
C TYR A 770 4.11 3.15 -40.39
N VAL A 771 5.41 2.95 -40.58
CA VAL A 771 6.03 3.00 -41.90
C VAL A 771 6.74 1.69 -42.13
N GLN A 772 6.38 1.01 -43.22
CA GLN A 772 6.99 -0.25 -43.59
C GLN A 772 7.00 -0.37 -45.11
N ALA A 773 7.81 -1.30 -45.60
CA ALA A 773 7.82 -1.58 -47.03
C ALA A 773 6.53 -2.29 -47.42
N GLY A 774 6.22 -2.21 -48.71
CA GLY A 774 5.04 -2.88 -49.22
C GLY A 774 5.16 -4.38 -49.10
N THR A 775 4.01 -5.04 -49.15
CA THR A 775 3.98 -6.49 -49.04
C THR A 775 4.82 -7.21 -50.09
N PRO A 776 4.75 -6.86 -51.39
CA PRO A 776 5.51 -7.64 -52.37
C PRO A 776 6.97 -7.27 -52.44
N PHE A 777 7.48 -6.53 -51.45
CA PHE A 777 8.88 -6.11 -51.43
C PHE A 777 9.66 -6.67 -50.25
N ARG A 778 9.04 -7.48 -49.41
CA ARG A 778 9.72 -8.03 -48.24
C ARG A 778 9.32 -9.49 -48.03
N MET A 779 9.29 -10.27 -49.12
CA MET A 779 8.88 -11.67 -49.02
C MET A 779 9.97 -12.67 -49.37
N LEU A 780 11.01 -12.26 -50.08
CA LEU A 780 12.06 -13.17 -50.51
C LEU A 780 13.42 -12.59 -50.18
N PRO A 781 14.44 -13.43 -50.05
CA PRO A 781 15.81 -12.92 -49.85
C PRO A 781 16.26 -12.01 -50.98
N ASP A 782 15.80 -12.23 -52.20
CA ASP A 782 16.16 -11.38 -53.33
C ASP A 782 15.64 -9.95 -53.19
N ASN A 783 14.69 -9.71 -52.29
CA ASN A 783 14.10 -8.39 -52.15
C ASN A 783 15.09 -7.34 -51.65
N ILE A 784 16.18 -7.75 -51.01
CA ILE A 784 17.15 -6.77 -50.51
C ILE A 784 17.83 -6.05 -51.66
N ASN A 785 18.10 -6.74 -52.76
CA ASN A 785 18.80 -6.13 -53.87
C ASN A 785 18.00 -5.03 -54.55
N GLN A 786 16.70 -4.92 -54.26
CA GLN A 786 15.88 -3.86 -54.84
C GLN A 786 16.04 -2.53 -54.12
N TRP A 787 16.64 -2.52 -52.94
CA TRP A 787 16.69 -1.32 -52.12
C TRP A 787 17.91 -0.47 -52.47
N TYR A 788 17.76 0.84 -52.28
CA TYR A 788 18.82 1.80 -52.52
C TYR A 788 18.92 2.75 -51.35
N VAL A 789 20.11 3.33 -51.17
CA VAL A 789 20.34 4.31 -50.13
C VAL A 789 21.18 5.45 -50.70
N ARG A 790 20.99 6.63 -50.12
CA ARG A 790 21.65 7.84 -50.60
C ARG A 790 23.01 8.00 -49.94
N ASN A 791 23.99 8.41 -50.76
CA ASN A 791 25.34 8.66 -50.24
C ASN A 791 25.42 10.12 -49.80
N ALA A 792 26.62 10.55 -49.40
CA ALA A 792 26.81 11.95 -49.05
C ALA A 792 26.67 12.87 -50.25
N SER A 793 27.13 12.42 -51.43
CA SER A 793 27.02 13.23 -52.64
C SER A 793 25.59 13.40 -53.09
N GLY A 794 24.65 12.59 -52.60
CA GLY A 794 23.26 12.70 -52.98
C GLY A 794 22.80 11.69 -54.01
N THR A 795 23.68 10.86 -54.54
CA THR A 795 23.29 9.82 -55.47
C THR A 795 22.83 8.58 -54.70
N MET A 796 22.54 7.50 -55.42
CA MET A 796 22.06 6.26 -54.82
C MET A 796 22.96 5.10 -55.18
N ALA A 797 23.20 4.22 -54.21
CA ALA A 797 23.94 3.00 -54.43
C ALA A 797 23.13 1.84 -53.86
N PRO A 798 22.97 0.75 -54.59
CA PRO A 798 22.18 -0.37 -54.08
C PRO A 798 22.86 -1.08 -52.92
N LEU A 799 22.04 -1.72 -52.09
CA LEU A 799 22.56 -2.48 -50.97
C LEU A 799 23.41 -3.67 -51.39
N SER A 800 23.23 -4.17 -52.62
CA SER A 800 24.02 -5.30 -53.07
C SER A 800 25.48 -4.93 -53.33
N ALA A 801 25.81 -3.65 -53.36
CA ALA A 801 27.16 -3.23 -53.64
C ALA A 801 28.13 -3.55 -52.51
N TYR A 802 27.66 -3.54 -51.26
CA TYR A 802 28.54 -3.73 -50.12
C TYR A 802 27.92 -4.57 -49.01
N SER A 803 26.92 -5.39 -49.31
CA SER A 803 26.29 -6.23 -48.30
C SER A 803 26.23 -7.66 -48.79
N SER A 804 26.47 -8.59 -47.87
CA SER A 804 26.46 -10.01 -48.17
C SER A 804 25.48 -10.71 -47.24
N THR A 805 24.73 -11.65 -47.78
CA THR A 805 23.70 -12.36 -47.03
C THR A 805 24.03 -13.84 -46.95
N GLU A 806 23.70 -14.45 -45.81
CA GLU A 806 23.94 -15.86 -45.61
C GLU A 806 22.86 -16.42 -44.69
N TRP A 807 22.67 -17.73 -44.77
CA TRP A 807 21.69 -18.43 -43.97
C TRP A 807 22.36 -19.03 -42.74
N THR A 808 21.77 -18.78 -41.57
CA THR A 808 22.27 -19.31 -40.32
C THR A 808 21.10 -19.85 -39.50
N TYR A 809 21.40 -20.35 -38.32
CA TYR A 809 20.40 -20.90 -37.43
C TYR A 809 20.31 -20.07 -36.16
N GLY A 810 19.12 -20.00 -35.59
CA GLY A 810 18.90 -19.22 -34.39
C GLY A 810 17.71 -19.75 -33.62
N SER A 811 17.66 -19.37 -32.37
CA SER A 811 16.57 -19.80 -31.51
C SER A 811 15.40 -18.83 -31.61
N PRO A 812 14.20 -19.29 -31.97
CA PRO A 812 13.05 -18.38 -32.06
C PRO A 812 12.48 -18.00 -30.71
N ARG A 813 12.85 -18.68 -29.63
CA ARG A 813 12.33 -18.36 -28.30
C ARG A 813 13.41 -18.65 -27.28
N LEU A 814 13.75 -17.66 -26.46
CA LEU A 814 14.77 -17.79 -25.45
C LEU A 814 14.13 -17.73 -24.07
N GLU A 815 14.52 -18.66 -23.21
CA GLU A 815 13.95 -18.78 -21.88
C GLU A 815 15.02 -18.48 -20.83
N ARG A 816 14.64 -17.75 -19.79
CA ARG A 816 15.54 -17.44 -18.69
C ARG A 816 14.84 -17.72 -17.37
N TYR A 817 15.64 -18.07 -16.36
CA TYR A 817 15.15 -18.39 -15.03
C TYR A 817 16.06 -17.73 -14.02
N ASN A 818 15.50 -16.80 -13.23
CA ASN A 818 16.27 -16.05 -12.25
C ASN A 818 17.47 -15.35 -12.89
N GLY A 819 17.28 -14.85 -14.11
CA GLY A 819 18.35 -14.18 -14.81
C GLY A 819 19.39 -15.09 -15.41
N ILE A 820 19.17 -16.40 -15.43
CA ILE A 820 20.11 -17.36 -15.96
C ILE A 820 19.45 -18.07 -17.14
N PRO A 821 20.13 -18.22 -18.28
CA PRO A 821 19.53 -18.92 -19.41
C PRO A 821 19.17 -20.35 -19.04
N SER A 822 18.03 -20.81 -19.56
CA SER A 822 17.53 -22.13 -19.22
C SER A 822 16.56 -22.60 -20.29
N MET A 823 16.29 -23.90 -20.29
CA MET A 823 15.25 -24.49 -21.12
C MET A 823 14.40 -25.42 -20.27
N GLU A 824 13.08 -25.28 -20.39
CA GLU A 824 12.14 -26.05 -19.58
C GLU A 824 12.13 -27.51 -20.03
N ILE A 825 11.95 -28.42 -19.07
CA ILE A 825 11.82 -29.84 -19.35
C ILE A 825 10.58 -30.34 -18.61
N LEU A 826 9.68 -31.00 -19.33
CA LEU A 826 8.46 -31.54 -18.78
C LEU A 826 8.49 -33.06 -18.76
N GLY A 827 7.51 -33.63 -18.08
CA GLY A 827 7.39 -35.08 -18.03
C GLY A 827 6.52 -35.51 -16.86
N GLU A 828 6.31 -36.81 -16.78
CA GLU A 828 5.51 -37.40 -15.72
C GLU A 828 6.21 -38.63 -15.18
N ALA A 829 5.94 -38.95 -13.92
CA ALA A 829 6.51 -40.12 -13.29
C ALA A 829 5.94 -41.39 -13.90
N ALA A 830 6.72 -42.46 -13.81
CA ALA A 830 6.28 -43.75 -14.33
C ALA A 830 5.16 -44.31 -13.47
N ALA A 831 4.38 -45.21 -14.07
CA ALA A 831 3.26 -45.81 -13.36
C ALA A 831 3.76 -46.65 -12.19
N GLY A 832 3.05 -46.57 -11.07
CA GLY A 832 3.45 -47.24 -9.86
C GLY A 832 4.51 -46.54 -9.06
N LYS A 833 4.97 -45.37 -9.50
CA LYS A 833 6.00 -44.61 -8.81
C LYS A 833 5.43 -43.26 -8.38
N SER A 834 5.97 -42.74 -7.30
CA SER A 834 5.56 -41.45 -6.78
C SER A 834 6.23 -40.34 -7.59
N THR A 835 6.16 -39.11 -7.10
CA THR A 835 6.88 -38.01 -7.73
C THR A 835 8.28 -37.85 -7.15
N GLY A 836 8.46 -38.12 -5.86
CA GLY A 836 9.75 -37.88 -5.23
C GLY A 836 10.85 -38.77 -5.76
N ASP A 837 10.55 -40.05 -5.97
CA ASP A 837 11.56 -40.99 -6.44
C ASP A 837 12.06 -40.61 -7.84
N ALA A 838 11.14 -40.39 -8.77
CA ALA A 838 11.54 -39.97 -10.11
C ALA A 838 12.21 -38.61 -10.09
N MET A 839 11.77 -37.72 -9.20
CA MET A 839 12.37 -36.40 -9.09
C MET A 839 13.83 -36.51 -8.66
N LYS A 840 14.10 -37.34 -7.66
CA LYS A 840 15.48 -37.59 -7.23
C LYS A 840 16.28 -38.26 -8.33
N PHE A 841 15.66 -39.20 -9.07
CA PHE A 841 16.38 -39.87 -10.15
C PHE A 841 16.79 -38.88 -11.23
N MET A 842 15.90 -37.95 -11.57
CA MET A 842 16.27 -36.89 -12.51
C MET A 842 17.34 -35.98 -11.94
N ALA A 843 17.30 -35.74 -10.62
CA ALA A 843 18.37 -34.96 -10.01
C ALA A 843 19.72 -35.64 -10.18
N ASP A 844 19.78 -36.96 -9.97
CA ASP A 844 21.04 -37.67 -10.21
C ASP A 844 21.43 -37.62 -11.68
N LEU A 845 20.45 -37.76 -12.58
CA LEU A 845 20.73 -37.63 -14.01
C LEU A 845 21.41 -36.31 -14.31
N VAL A 846 20.88 -35.22 -13.76
CA VAL A 846 21.51 -33.92 -13.95
C VAL A 846 22.90 -33.89 -13.33
N ALA A 847 23.06 -34.53 -12.17
CA ALA A 847 24.39 -34.65 -11.59
C ALA A 847 25.36 -35.34 -12.55
N LYS A 848 24.87 -36.19 -13.43
CA LYS A 848 25.70 -36.83 -14.45
C LYS A 848 26.05 -35.90 -15.61
N LEU A 849 25.35 -34.78 -15.76
CA LEU A 849 25.61 -33.86 -16.86
C LEU A 849 26.94 -33.15 -16.66
N PRO A 850 27.51 -32.60 -17.73
CA PRO A 850 28.77 -31.85 -17.60
C PRO A 850 28.63 -30.68 -16.64
N ALA A 851 29.74 -30.34 -16.00
CA ALA A 851 29.76 -29.27 -15.01
C ALA A 851 29.39 -27.93 -15.63
N GLY A 852 28.82 -27.05 -14.82
CA GLY A 852 28.31 -25.79 -15.28
C GLY A 852 26.81 -25.78 -15.53
N VAL A 853 26.16 -26.93 -15.46
CA VAL A 853 24.73 -27.06 -15.70
C VAL A 853 24.06 -27.37 -14.38
N GLY A 854 23.10 -26.54 -13.97
CA GLY A 854 22.32 -26.75 -12.77
C GLY A 854 20.92 -27.23 -13.08
N TYR A 855 20.06 -27.12 -12.07
CA TYR A 855 18.67 -27.47 -12.24
C TYR A 855 17.85 -26.80 -11.15
N SER A 856 16.55 -26.70 -11.38
CA SER A 856 15.63 -26.12 -10.40
C SER A 856 14.22 -26.56 -10.75
N TRP A 857 13.36 -26.53 -9.74
CA TRP A 857 11.96 -26.91 -9.90
C TRP A 857 11.08 -25.68 -9.81
N THR A 858 10.04 -25.65 -10.64
CA THR A 858 9.14 -24.51 -10.67
C THR A 858 7.70 -25.01 -10.72
N GLY A 859 6.78 -24.09 -10.49
CA GLY A 859 5.37 -24.45 -10.53
C GLY A 859 5.03 -25.42 -9.42
N LEU A 860 4.32 -26.49 -9.78
CA LEU A 860 3.88 -27.47 -8.80
C LEU A 860 5.05 -28.18 -8.13
N SER A 861 6.10 -28.49 -8.87
CA SER A 861 7.23 -29.21 -8.30
C SER A 861 7.91 -28.38 -7.20
N TYR A 862 8.04 -27.07 -7.42
CA TYR A 862 8.59 -26.22 -6.38
C TYR A 862 7.72 -26.23 -5.13
N GLN A 863 6.40 -26.16 -5.30
CA GLN A 863 5.51 -26.21 -4.15
C GLN A 863 5.66 -27.52 -3.39
N GLU A 864 5.71 -28.64 -4.09
CA GLU A 864 5.84 -29.92 -3.38
C GLU A 864 7.20 -30.04 -2.73
N ALA A 865 8.25 -29.50 -3.34
CA ALA A 865 9.58 -29.54 -2.73
C ALA A 865 9.63 -28.68 -1.48
N LEU A 866 9.01 -27.50 -1.54
CA LEU A 866 8.93 -26.63 -0.37
C LEU A 866 8.08 -27.24 0.74
N SER A 867 7.09 -28.05 0.38
CA SER A 867 6.32 -28.75 1.39
C SER A 867 7.13 -29.89 2.02
N SER A 868 7.82 -30.66 1.19
CA SER A 868 8.47 -31.88 1.66
C SER A 868 9.65 -31.61 2.58
N ASN A 869 10.50 -30.65 2.25
CA ASN A 869 11.69 -30.40 3.07
C ASN A 869 11.36 -29.84 4.45
N GLN A 870 10.13 -29.39 4.66
CA GLN A 870 9.69 -28.93 5.97
C GLN A 870 8.55 -29.78 6.52
N ALA A 871 8.03 -30.73 5.75
CA ALA A 871 6.95 -31.59 6.24
C ALA A 871 7.31 -32.38 7.50
N PRO A 872 8.49 -32.99 7.64
CA PRO A 872 8.75 -33.76 8.87
C PRO A 872 8.65 -32.95 10.14
N ALA A 873 9.12 -31.70 10.15
CA ALA A 873 9.07 -30.91 11.38
C ALA A 873 7.64 -30.57 11.77
N LEU A 874 6.82 -30.12 10.81
CA LEU A 874 5.43 -29.82 11.11
C LEU A 874 4.65 -31.08 11.48
N TYR A 875 4.96 -32.21 10.84
CA TYR A 875 4.30 -33.45 11.21
C TYR A 875 4.69 -33.89 12.63
N ALA A 876 5.95 -33.70 13.01
CA ALA A 876 6.38 -34.04 14.37
C ALA A 876 5.68 -33.15 15.39
N ILE A 877 5.61 -31.85 15.13
CA ILE A 877 4.93 -30.98 16.09
C ILE A 877 3.43 -31.24 16.13
N SER A 878 2.81 -31.58 15.00
CA SER A 878 1.40 -31.95 15.01
C SER A 878 1.18 -33.25 15.78
N LEU A 879 2.12 -34.20 15.65
CA LEU A 879 2.04 -35.43 16.43
C LEU A 879 2.18 -35.15 17.92
N VAL A 880 3.07 -34.22 18.29
CA VAL A 880 3.19 -33.83 19.70
C VAL A 880 1.89 -33.20 20.19
N VAL A 881 1.29 -32.34 19.37
CA VAL A 881 0.04 -31.68 19.76
C VAL A 881 -1.07 -32.72 19.94
N VAL A 882 -1.19 -33.65 19.00
CA VAL A 882 -2.25 -34.65 19.11
C VAL A 882 -1.96 -35.61 20.27
N PHE A 883 -0.68 -35.84 20.58
CA PHE A 883 -0.34 -36.62 21.77
C PHE A 883 -0.79 -35.91 23.04
N LEU A 884 -0.57 -34.60 23.12
CA LEU A 884 -1.08 -33.85 24.26
C LEU A 884 -2.60 -33.92 24.31
N ALA A 885 -3.26 -33.88 23.15
CA ALA A 885 -4.70 -34.00 23.10
C ALA A 885 -5.15 -35.35 23.66
N LEU A 886 -4.49 -36.44 23.25
CA LEU A 886 -4.77 -37.76 23.77
C LEU A 886 -3.99 -38.07 25.04
N ALA A 887 -3.53 -37.04 25.74
CA ALA A 887 -2.91 -37.21 27.04
C ALA A 887 -3.49 -36.30 28.11
N ALA A 888 -4.46 -35.44 27.76
CA ALA A 888 -4.99 -34.45 28.68
C ALA A 888 -6.43 -34.70 29.09
N LEU A 889 -7.19 -35.39 28.21
CA LEU A 889 -8.64 -35.65 28.43
C LEU A 889 -8.91 -36.71 29.51
N TYR A 890 -8.38 -37.92 29.36
CA TYR A 890 -8.53 -38.97 30.40
C TYR A 890 -7.41 -38.81 31.41
N GLU A 891 -7.25 -37.62 31.99
CA GLU A 891 -6.23 -37.33 33.03
C GLU A 891 -4.99 -38.24 32.95
N SER A 892 -4.01 -37.89 32.13
CA SER A 892 -2.70 -38.60 32.08
C SER A 892 -2.83 -40.08 31.65
N TRP A 893 -1.83 -40.90 31.99
CA TRP A 893 -1.82 -42.29 31.54
C TRP A 893 -3.01 -43.09 32.07
N SER A 894 -4.03 -42.43 32.62
CA SER A 894 -5.22 -43.12 33.10
C SER A 894 -5.85 -43.93 31.98
N ILE A 895 -6.32 -45.12 32.35
CA ILE A 895 -6.85 -46.19 31.49
C ILE A 895 -6.40 -46.05 30.03
N PRO A 896 -7.16 -45.51 29.08
CA PRO A 896 -6.79 -45.71 27.67
C PRO A 896 -5.58 -44.92 27.22
N PHE A 897 -5.29 -43.78 27.85
CA PHE A 897 -4.23 -42.91 27.35
C PHE A 897 -2.85 -43.53 27.55
N SER A 898 -2.74 -44.60 28.33
CA SER A 898 -1.52 -45.39 28.39
C SER A 898 -1.41 -46.40 27.25
N VAL A 899 -2.53 -46.80 26.65
CA VAL A 899 -2.47 -47.64 25.47
C VAL A 899 -2.26 -46.77 24.22
N MET A 900 -2.83 -45.57 24.20
CA MET A 900 -2.41 -44.57 23.22
C MET A 900 -0.94 -44.18 23.37
N LEU A 901 -0.32 -44.50 24.51
CA LEU A 901 1.12 -44.34 24.62
C LEU A 901 1.85 -45.36 23.76
N VAL A 902 1.18 -46.46 23.40
CA VAL A 902 1.76 -47.46 22.52
C VAL A 902 1.55 -47.11 21.04
N VAL A 903 0.67 -46.16 20.76
CA VAL A 903 0.38 -45.71 19.39
C VAL A 903 1.65 -45.27 18.66
N PRO A 904 2.57 -44.52 19.27
CA PRO A 904 3.80 -44.16 18.54
C PRO A 904 4.60 -45.34 18.02
N LEU A 905 4.60 -46.48 18.73
CA LEU A 905 5.25 -47.67 18.19
C LEU A 905 4.57 -48.12 16.91
N GLY A 906 3.24 -48.13 16.87
CA GLY A 906 2.54 -48.44 15.64
C GLY A 906 2.81 -47.42 14.55
N VAL A 907 2.96 -46.15 14.91
CA VAL A 907 3.25 -45.12 13.93
C VAL A 907 4.63 -45.34 13.31
N VAL A 908 5.63 -45.64 14.14
CA VAL A 908 6.97 -45.88 13.59
C VAL A 908 7.00 -47.17 12.78
N GLY A 909 6.22 -48.18 13.17
CA GLY A 909 6.12 -49.38 12.35
C GLY A 909 5.47 -49.11 11.01
N ALA A 910 4.42 -48.29 10.99
CA ALA A 910 3.78 -47.90 9.75
C ALA A 910 4.72 -47.09 8.87
N GLY A 918 7.92 -48.36 -0.38
CA GLY A 918 7.93 -47.15 -1.15
C GLY A 918 6.57 -46.54 -1.42
N LEU A 919 5.49 -47.21 -1.01
CA LEU A 919 4.16 -46.67 -1.20
C LEU A 919 3.94 -45.47 -0.28
N SER A 920 3.16 -44.52 -0.76
CA SER A 920 3.01 -43.24 -0.07
C SER A 920 1.55 -42.87 0.09
N ASN A 921 1.28 -41.61 0.45
CA ASN A 921 -0.07 -41.10 0.60
C ASN A 921 -0.02 -39.60 0.34
N ASP A 922 -1.16 -39.05 -0.07
CA ASP A 922 -1.23 -37.65 -0.47
C ASP A 922 -1.37 -36.76 0.76
N VAL A 923 -1.43 -35.44 0.54
CA VAL A 923 -1.50 -34.48 1.63
C VAL A 923 -2.82 -34.63 2.39
N TYR A 924 -3.93 -34.82 1.67
CA TYR A 924 -5.22 -34.92 2.34
C TYR A 924 -5.29 -36.12 3.27
N PHE A 925 -4.74 -37.27 2.84
CA PHE A 925 -4.81 -38.46 3.67
C PHE A 925 -3.93 -38.35 4.91
N GLN A 926 -2.88 -37.53 4.87
CA GLN A 926 -2.05 -37.33 6.05
C GLN A 926 -2.80 -36.66 7.19
N VAL A 927 -3.83 -35.86 6.89
CA VAL A 927 -4.65 -35.23 7.91
C VAL A 927 -5.87 -36.11 8.15
N GLY A 928 -6.27 -36.85 7.11
CA GLY A 928 -7.38 -37.78 7.27
C GLY A 928 -7.08 -38.90 8.25
N LEU A 929 -5.84 -39.37 8.28
CA LEU A 929 -5.45 -40.39 9.26
C LEU A 929 -5.54 -39.83 10.69
N LEU A 930 -5.08 -38.59 10.89
CA LEU A 930 -5.19 -37.96 12.19
C LEU A 930 -6.66 -37.78 12.58
N THR A 931 -7.51 -37.39 11.64
CA THR A 931 -8.92 -37.24 11.94
C THR A 931 -9.57 -38.58 12.24
N THR A 932 -9.14 -39.65 11.56
CA THR A 932 -9.64 -40.98 11.86
C THR A 932 -9.24 -41.40 13.28
N ILE A 933 -7.99 -41.12 13.66
CA ILE A 933 -7.56 -41.40 15.03
C ILE A 933 -8.41 -40.61 16.02
N GLY A 934 -8.66 -39.34 15.73
CA GLY A 934 -9.50 -38.53 16.60
C GLY A 934 -10.92 -39.03 16.72
N LEU A 935 -11.50 -39.49 15.62
CA LEU A 935 -12.88 -39.97 15.67
C LEU A 935 -12.97 -41.32 16.37
N SER A 936 -11.94 -42.16 16.24
CA SER A 936 -11.89 -43.37 17.06
C SER A 936 -11.75 -43.03 18.53
N ALA A 937 -10.93 -42.03 18.85
CA ALA A 937 -10.82 -41.57 20.23
C ALA A 937 -12.17 -41.10 20.75
N LYS A 938 -12.91 -40.32 19.96
CA LYS A 938 -14.23 -39.87 20.40
C LYS A 938 -15.21 -41.02 20.52
N ASN A 939 -15.15 -41.98 19.59
CA ASN A 939 -15.97 -43.17 19.72
C ASN A 939 -15.72 -43.88 21.04
N ALA A 940 -14.49 -43.84 21.52
CA ALA A 940 -14.21 -44.31 22.87
C ALA A 940 -14.74 -43.35 23.94
N ILE A 941 -14.63 -42.05 23.70
CA ILE A 941 -14.73 -41.01 24.73
C ILE A 941 -16.05 -41.02 25.49
N LEU A 942 -17.18 -41.04 24.80
CA LEU A 942 -18.42 -40.88 25.54
C LEU A 942 -18.81 -42.14 26.31
N ILE A 943 -18.00 -43.19 26.27
CA ILE A 943 -18.16 -44.33 27.15
C ILE A 943 -17.04 -44.38 28.20
N VAL A 944 -15.82 -44.05 27.75
CA VAL A 944 -14.68 -44.04 28.65
C VAL A 944 -14.82 -42.97 29.72
N GLU A 945 -15.36 -41.79 29.38
CA GLU A 945 -15.61 -40.77 30.40
C GLU A 945 -16.72 -41.20 31.35
N PHE A 946 -17.73 -41.89 30.83
CA PHE A 946 -18.73 -42.49 31.72
C PHE A 946 -18.07 -43.41 32.73
N ALA A 947 -17.16 -44.28 32.27
CA ALA A 947 -16.40 -45.13 33.19
C ALA A 947 -15.50 -44.30 34.10
N VAL A 948 -15.00 -43.18 33.58
CA VAL A 948 -14.13 -42.29 34.34
C VAL A 948 -14.85 -41.74 35.55
N ILE A 962 -18.99 -49.33 31.69
CA ILE A 962 -18.97 -49.30 30.22
C ILE A 962 -20.09 -50.15 29.66
N ILE A 963 -20.59 -51.11 30.45
CA ILE A 963 -21.67 -51.98 29.97
C ILE A 963 -22.86 -51.14 29.49
N GLU A 964 -23.47 -50.39 30.41
CA GLU A 964 -24.62 -49.57 30.05
C GLU A 964 -24.22 -48.41 29.15
N ALA A 965 -23.06 -47.80 29.41
CA ALA A 965 -22.64 -46.64 28.63
C ALA A 965 -22.48 -47.00 27.16
N ALA A 966 -21.82 -48.11 26.85
CA ALA A 966 -21.68 -48.58 25.48
C ALA A 966 -22.96 -49.21 24.94
N ARG A 967 -23.83 -49.77 25.79
CA ARG A 967 -25.12 -50.19 25.28
C ARG A 967 -25.93 -49.02 24.76
N MET A 968 -25.87 -47.87 25.42
CA MET A 968 -26.55 -46.67 24.95
C MET A 968 -25.67 -45.79 24.07
N ARG A 969 -24.42 -46.16 23.82
CA ARG A 969 -23.57 -45.37 22.94
C ARG A 969 -22.98 -46.15 21.78
N LEU A 970 -23.43 -47.39 21.55
CA LEU A 970 -23.02 -48.09 20.34
C LEU A 970 -23.66 -47.47 19.11
N ARG A 971 -24.89 -46.97 19.25
CA ARG A 971 -25.55 -46.29 18.14
C ARG A 971 -24.76 -45.05 17.70
N PRO A 972 -24.38 -44.13 18.59
CA PRO A 972 -23.61 -42.96 18.13
C PRO A 972 -22.36 -43.32 17.37
N ILE A 973 -21.74 -44.49 17.63
CA ILE A 973 -20.56 -44.86 16.87
C ILE A 973 -20.88 -44.91 15.37
N LEU A 974 -21.95 -45.63 15.01
CA LEU A 974 -22.30 -45.75 13.60
C LEU A 974 -22.98 -44.50 13.05
N MET A 975 -23.75 -43.75 13.85
CA MET A 975 -24.14 -42.42 13.38
C MET A 975 -22.94 -41.53 13.03
N THR A 976 -21.92 -41.40 13.89
CA THR A 976 -20.78 -40.58 13.49
C THR A 976 -20.05 -41.14 12.28
N SER A 977 -19.84 -42.46 12.25
CA SER A 977 -19.14 -43.05 11.11
C SER A 977 -19.90 -42.78 9.81
N LEU A 978 -21.21 -43.05 9.81
CA LEU A 978 -22.00 -42.83 8.61
C LEU A 978 -22.14 -41.35 8.28
N ALA A 979 -22.14 -40.48 9.30
CA ALA A 979 -22.19 -39.05 9.04
C ALA A 979 -20.94 -38.58 8.32
N PHE A 980 -19.77 -39.04 8.78
CA PHE A 980 -18.54 -38.71 8.06
C PHE A 980 -18.54 -39.28 6.66
N ILE A 981 -18.98 -40.53 6.50
CA ILE A 981 -19.00 -41.16 5.19
C ILE A 981 -19.93 -40.43 4.23
N LEU A 982 -21.14 -40.11 4.68
CA LEU A 982 -22.14 -39.45 3.85
C LEU A 982 -21.95 -37.95 3.79
N GLY A 983 -20.98 -37.40 4.51
CA GLY A 983 -20.59 -36.02 4.35
C GLY A 983 -19.48 -35.86 3.35
N VAL A 984 -18.54 -36.82 3.33
CA VAL A 984 -17.56 -36.87 2.25
C VAL A 984 -18.15 -37.43 0.96
N LEU A 985 -19.31 -38.08 1.05
CA LEU A 985 -19.99 -38.58 -0.14
C LEU A 985 -20.34 -37.49 -1.14
N PRO A 986 -20.92 -36.34 -0.76
CA PRO A 986 -21.22 -35.29 -1.75
C PRO A 986 -20.00 -34.78 -2.49
N LEU A 987 -18.80 -34.89 -1.89
CA LEU A 987 -17.59 -34.43 -2.56
C LEU A 987 -17.34 -35.19 -3.85
N VAL A 988 -17.84 -36.42 -3.97
CA VAL A 988 -17.50 -37.30 -5.07
C VAL A 988 -18.71 -37.66 -5.91
N ILE A 989 -19.91 -37.67 -5.32
CA ILE A 989 -21.03 -38.34 -5.96
C ILE A 989 -21.95 -37.34 -6.67
N SER A 990 -22.33 -37.71 -7.88
CA SER A 990 -23.67 -37.47 -8.39
C SER A 990 -24.38 -38.82 -8.34
N HIS A 991 -25.60 -38.88 -7.82
CA HIS A 991 -26.22 -40.15 -7.43
C HIS A 991 -26.30 -41.11 -8.61
N GLY A 992 -26.01 -42.38 -8.31
CA GLY A 992 -25.84 -43.40 -9.32
C GLY A 992 -24.39 -43.61 -9.71
N ALA A 993 -23.71 -42.54 -10.11
CA ALA A 993 -22.32 -42.63 -10.54
C ALA A 993 -21.37 -42.44 -9.38
N GLY A 994 -20.24 -43.15 -9.42
CA GLY A 994 -19.20 -42.98 -8.43
C GLY A 994 -19.50 -43.56 -7.06
N SER A 995 -20.40 -44.55 -6.99
CA SER A 995 -20.76 -45.17 -5.72
C SER A 995 -20.23 -46.58 -5.54
N GLY A 996 -19.88 -47.26 -6.63
CA GLY A 996 -19.41 -48.63 -6.52
C GLY A 996 -18.03 -48.76 -5.90
N ALA A 997 -17.17 -47.76 -6.11
CA ALA A 997 -15.81 -47.83 -5.61
C ALA A 997 -15.67 -47.32 -4.18
N GLN A 998 -16.74 -46.76 -3.61
CA GLN A 998 -16.69 -46.23 -2.25
C GLN A 998 -17.13 -47.26 -1.20
N ASN A 999 -17.58 -48.44 -1.62
CA ASN A 999 -18.02 -49.47 -0.70
C ASN A 999 -16.89 -50.42 -0.29
N ALA A 1000 -15.70 -50.27 -0.86
CA ALA A 1000 -14.58 -51.12 -0.48
C ALA A 1000 -13.97 -50.67 0.83
N VAL A 1001 -13.49 -49.42 0.89
CA VAL A 1001 -12.92 -48.89 2.11
C VAL A 1001 -14.00 -48.65 3.16
N GLY A 1002 -15.16 -48.15 2.73
CA GLY A 1002 -16.17 -47.71 3.69
C GLY A 1002 -16.73 -48.85 4.53
N THR A 1003 -17.15 -49.93 3.87
CA THR A 1003 -17.73 -51.06 4.61
C THR A 1003 -16.71 -51.71 5.53
N GLY A 1004 -15.49 -51.89 5.04
CA GLY A 1004 -14.45 -52.46 5.88
C GLY A 1004 -14.12 -51.61 7.08
N VAL A 1005 -14.03 -50.29 6.88
CA VAL A 1005 -13.76 -49.38 7.99
C VAL A 1005 -14.91 -49.38 8.99
N MET A 1006 -16.15 -49.41 8.51
CA MET A 1006 -17.30 -49.46 9.41
C MET A 1006 -17.30 -50.74 10.24
N GLY A 1007 -17.03 -51.88 9.60
CA GLY A 1007 -16.95 -53.12 10.35
C GLY A 1007 -15.82 -53.14 11.35
N GLY A 1008 -14.64 -52.62 10.96
CA GLY A 1008 -13.53 -52.54 11.89
C GLY A 1008 -13.83 -51.62 13.06
N MET A 1009 -14.51 -50.51 12.81
CA MET A 1009 -14.87 -49.60 13.89
C MET A 1009 -15.89 -50.22 14.83
N PHE A 1010 -16.87 -50.96 14.29
CA PHE A 1010 -17.82 -51.66 15.14
C PHE A 1010 -17.12 -52.70 16.01
N ALA A 1011 -16.22 -53.48 15.41
CA ALA A 1011 -15.45 -54.44 16.19
C ALA A 1011 -14.60 -53.75 17.25
N ALA A 1012 -13.98 -52.62 16.90
CA ALA A 1012 -13.17 -51.89 17.87
C ALA A 1012 -14.02 -51.39 19.01
N THR A 1013 -15.21 -50.87 18.73
CA THR A 1013 -16.10 -50.41 19.79
C THR A 1013 -16.51 -51.58 20.69
N VAL A 1014 -16.73 -52.76 20.10
CA VAL A 1014 -17.17 -53.89 20.91
C VAL A 1014 -16.03 -54.40 21.80
N LEU A 1015 -14.80 -54.46 21.27
CA LEU A 1015 -13.68 -55.14 21.93
C LEU A 1015 -12.67 -54.21 22.61
N ALA A 1016 -12.18 -53.19 21.91
CA ALA A 1016 -11.00 -52.45 22.37
C ALA A 1016 -11.27 -51.63 23.62
N ILE A 1017 -12.42 -50.96 23.72
CA ILE A 1017 -12.68 -50.14 24.90
C ILE A 1017 -12.88 -51.03 26.13
N TYR A 1018 -12.80 -52.35 25.95
CA TYR A 1018 -12.90 -53.29 27.04
C TYR A 1018 -11.56 -53.98 27.31
N PHE A 1019 -10.80 -54.24 26.25
CA PHE A 1019 -9.48 -54.84 26.41
C PHE A 1019 -8.43 -53.84 26.89
N VAL A 1020 -8.50 -52.61 26.38
CA VAL A 1020 -7.59 -51.53 26.76
C VAL A 1020 -7.64 -51.26 28.27
N PRO A 1021 -8.81 -51.22 28.91
CA PRO A 1021 -8.83 -51.07 30.38
C PRO A 1021 -8.05 -52.14 31.12
N VAL A 1022 -8.09 -53.39 30.68
CA VAL A 1022 -7.27 -54.42 31.32
C VAL A 1022 -5.85 -54.36 30.79
N PHE A 1023 -5.69 -53.97 29.52
CA PHE A 1023 -4.35 -53.77 28.97
C PHE A 1023 -3.57 -52.72 29.75
N MET B 1 -23.74 -10.43 40.07
CA MET B 1 -22.67 -9.51 39.70
C MET B 1 -22.88 -8.15 40.32
N ALA B 2 -24.15 -7.83 40.62
CA ALA B 2 -24.46 -6.54 41.24
C ALA B 2 -23.84 -6.42 42.62
N ASN B 3 -23.87 -7.49 43.41
CA ASN B 3 -23.27 -7.46 44.74
C ASN B 3 -21.78 -7.18 44.69
N TYR B 4 -21.11 -7.55 43.60
CA TYR B 4 -19.70 -7.19 43.42
C TYR B 4 -19.51 -5.68 43.42
N PHE B 5 -20.50 -4.94 42.91
CA PHE B 5 -20.40 -3.49 42.81
C PHE B 5 -21.15 -2.76 43.91
N ILE B 6 -22.21 -3.35 44.46
CA ILE B 6 -22.95 -2.70 45.53
C ILE B 6 -22.08 -2.51 46.76
N ASP B 7 -21.30 -3.53 47.11
CA ASP B 7 -20.42 -3.42 48.27
C ASP B 7 -19.17 -2.60 47.95
N ARG B 8 -18.95 -2.25 46.69
CA ARG B 8 -17.80 -1.46 46.24
C ARG B 8 -18.34 -0.29 45.44
N PRO B 9 -18.96 0.69 46.10
CA PRO B 9 -19.75 1.70 45.39
C PRO B 9 -18.95 2.67 44.53
N VAL B 10 -17.92 3.30 45.09
CA VAL B 10 -17.31 4.46 44.48
C VAL B 10 -16.43 4.07 43.30
N PHE B 11 -16.13 2.78 43.17
CA PHE B 11 -15.33 2.33 42.03
C PHE B 11 -16.12 2.41 40.73
N ALA B 12 -17.42 2.11 40.78
CA ALA B 12 -18.27 2.34 39.61
C ALA B 12 -18.31 3.82 39.26
N TRP B 13 -18.32 4.68 40.28
CA TRP B 13 -18.24 6.12 40.03
C TRP B 13 -16.92 6.49 39.35
N VAL B 14 -15.81 5.90 39.79
CA VAL B 14 -14.52 6.16 39.16
C VAL B 14 -14.55 5.74 37.70
N LEU B 15 -15.14 4.58 37.42
CA LEU B 15 -15.31 4.16 36.02
C LEU B 15 -16.17 5.16 35.25
N ALA B 16 -17.20 5.71 35.88
CA ALA B 16 -18.00 6.73 35.22
C ALA B 16 -17.14 7.95 34.87
N ILE B 17 -16.34 8.42 35.81
CA ILE B 17 -15.49 9.59 35.53
C ILE B 17 -14.48 9.30 34.42
N ILE B 18 -13.88 8.12 34.39
CA ILE B 18 -12.95 7.85 33.28
C ILE B 18 -13.70 7.74 31.96
N MET B 19 -14.96 7.29 31.98
CA MET B 19 -15.80 7.37 30.78
C MET B 19 -16.03 8.80 30.33
N MET B 20 -16.31 9.71 31.26
CA MET B 20 -16.39 11.13 30.91
C MET B 20 -15.08 11.64 30.32
N LEU B 21 -13.96 11.26 30.91
CA LEU B 21 -12.68 11.73 30.39
C LEU B 21 -12.46 11.25 28.96
N ALA B 22 -12.72 9.96 28.72
CA ALA B 22 -12.54 9.41 27.37
C ALA B 22 -13.50 10.06 26.38
N GLY B 23 -14.76 10.26 26.78
CA GLY B 23 -15.72 10.88 25.88
C GLY B 23 -15.38 12.32 25.56
N GLY B 24 -14.94 13.08 26.56
CA GLY B 24 -14.54 14.45 26.30
C GLY B 24 -13.33 14.55 25.39
N LEU B 25 -12.32 13.70 25.64
CA LEU B 25 -11.17 13.68 24.75
C LEU B 25 -11.55 13.30 23.34
N ALA B 26 -12.45 12.32 23.18
CA ALA B 26 -12.89 11.92 21.85
C ALA B 26 -13.63 13.06 21.14
N ILE B 27 -14.64 13.63 21.81
CA ILE B 27 -15.43 14.69 21.19
C ILE B 27 -14.59 15.93 20.89
N MET B 28 -13.53 16.17 21.65
CA MET B 28 -12.67 17.32 21.37
C MET B 28 -11.70 17.04 20.23
N ASN B 29 -10.98 15.93 20.29
CA ASN B 29 -9.89 15.67 19.36
C ASN B 29 -10.32 15.00 18.07
N LEU B 30 -11.57 14.56 17.97
CA LEU B 30 -12.02 13.92 16.74
C LEU B 30 -12.17 14.95 15.62
N PRO B 31 -11.98 14.54 14.37
CA PRO B 31 -12.26 15.46 13.25
C PRO B 31 -13.75 15.70 13.11
N VAL B 32 -14.30 16.51 14.01
CA VAL B 32 -15.74 16.77 14.02
C VAL B 32 -16.14 17.45 12.72
N ALA B 33 -17.15 16.91 12.06
CA ALA B 33 -17.66 17.47 10.82
C ALA B 33 -19.18 17.57 10.91
N GLN B 34 -19.73 18.54 10.18
CA GLN B 34 -21.17 18.75 10.18
C GLN B 34 -21.92 17.59 9.55
N TYR B 35 -21.34 16.95 8.54
CA TYR B 35 -22.00 15.91 7.77
C TYR B 35 -21.01 14.78 7.51
N PRO B 36 -21.52 13.56 7.29
CA PRO B 36 -20.61 12.44 7.00
C PRO B 36 -19.83 12.66 5.72
N GLN B 37 -18.61 12.12 5.70
CA GLN B 37 -17.74 12.21 4.53
C GLN B 37 -18.20 11.21 3.47
N ILE B 38 -19.40 11.47 2.94
CA ILE B 38 -19.92 10.67 1.84
C ILE B 38 -19.18 10.96 0.54
N ALA B 39 -18.45 12.05 0.47
CA ALA B 39 -17.72 12.40 -0.74
C ALA B 39 -16.68 11.33 -1.03
N PRO B 40 -16.71 10.70 -2.19
CA PRO B 40 -15.76 9.63 -2.50
C PRO B 40 -14.35 10.20 -2.65
N PRO B 41 -13.33 9.39 -2.40
CA PRO B 41 -11.96 9.85 -2.65
C PRO B 41 -11.76 10.20 -4.11
N THR B 42 -11.04 11.28 -4.36
CA THR B 42 -10.81 11.76 -5.71
C THR B 42 -9.31 11.92 -5.96
N ILE B 43 -8.87 11.55 -7.15
CA ILE B 43 -7.49 11.70 -7.58
C ILE B 43 -7.49 12.65 -8.77
N THR B 44 -6.69 13.70 -8.68
CA THR B 44 -6.64 14.73 -9.71
C THR B 44 -5.29 14.68 -10.41
N VAL B 45 -5.32 14.65 -11.74
CA VAL B 45 -4.12 14.65 -12.56
C VAL B 45 -4.08 15.98 -13.29
N SER B 46 -2.99 16.72 -13.12
CA SER B 46 -2.84 18.03 -13.72
C SER B 46 -1.60 18.05 -14.60
N ALA B 47 -1.75 18.58 -15.81
CA ALA B 47 -0.63 18.75 -16.74
C ALA B 47 -0.79 20.09 -17.44
N THR B 48 0.35 20.70 -17.79
CA THR B 48 0.37 22.00 -18.42
C THR B 48 1.10 21.90 -19.74
N TYR B 49 0.51 22.49 -20.78
CA TYR B 49 1.12 22.54 -22.11
C TYR B 49 1.11 23.99 -22.56
N PRO B 50 2.19 24.73 -22.32
CA PRO B 50 2.17 26.18 -22.56
C PRO B 50 1.91 26.51 -24.02
N GLY B 51 1.15 27.58 -24.24
CA GLY B 51 0.84 28.00 -25.59
C GLY B 51 0.07 27.02 -26.42
N ALA B 52 -0.90 26.33 -25.83
CA ALA B 52 -1.72 25.35 -26.54
C ALA B 52 -3.19 25.71 -26.43
N ASP B 53 -3.93 25.46 -27.50
CA ASP B 53 -5.36 25.66 -27.51
C ASP B 53 -6.06 24.48 -26.86
N ALA B 54 -7.39 24.57 -26.75
CA ALA B 54 -8.15 23.51 -26.10
C ALA B 54 -8.10 22.22 -26.91
N GLN B 55 -8.32 22.31 -28.22
CA GLN B 55 -8.28 21.11 -29.05
C GLN B 55 -6.90 20.46 -29.03
N THR B 56 -5.85 21.28 -29.15
CA THR B 56 -4.50 20.74 -29.17
C THR B 56 -4.17 20.05 -27.86
N VAL B 57 -4.41 20.71 -26.73
CA VAL B 57 -4.10 20.09 -25.45
C VAL B 57 -4.94 18.85 -25.25
N GLU B 58 -6.22 18.87 -25.66
CA GLU B 58 -7.05 17.69 -25.51
C GLU B 58 -6.46 16.51 -26.27
N ASP B 59 -6.37 16.62 -27.60
CA ASP B 59 -5.95 15.48 -28.39
C ASP B 59 -4.46 15.16 -28.25
N SER B 60 -3.69 16.00 -27.56
CA SER B 60 -2.28 15.66 -27.37
C SER B 60 -1.97 15.12 -25.98
N VAL B 61 -2.79 15.43 -24.98
CA VAL B 61 -2.53 15.04 -23.60
C VAL B 61 -3.69 14.24 -23.01
N THR B 62 -4.90 14.80 -23.09
CA THR B 62 -6.01 14.24 -22.33
C THR B 62 -6.38 12.86 -22.81
N GLN B 63 -6.56 12.70 -24.13
CA GLN B 63 -6.90 11.39 -24.66
C GLN B 63 -5.78 10.38 -24.45
N VAL B 64 -4.53 10.82 -24.60
CA VAL B 64 -3.40 9.91 -24.39
C VAL B 64 -3.39 9.39 -22.95
N ILE B 65 -3.60 10.27 -21.99
CA ILE B 65 -3.63 9.83 -20.59
C ILE B 65 -4.84 8.95 -20.34
N GLU B 66 -6.01 9.32 -20.88
CA GLU B 66 -7.23 8.58 -20.63
C GLU B 66 -7.17 7.17 -21.18
N GLN B 67 -6.59 6.97 -22.37
CA GLN B 67 -6.57 5.64 -22.97
C GLN B 67 -5.79 4.65 -22.13
N ASN B 68 -4.88 5.13 -21.28
CA ASN B 68 -4.10 4.26 -20.41
C ASN B 68 -4.58 4.29 -18.97
N MET B 69 -5.78 4.83 -18.72
CA MET B 69 -6.32 4.95 -17.37
C MET B 69 -7.32 3.85 -17.05
N ASN B 70 -7.08 2.65 -17.54
CA ASN B 70 -7.95 1.52 -17.28
C ASN B 70 -7.34 0.61 -16.22
N GLY B 71 -8.08 -0.42 -15.85
CA GLY B 71 -7.58 -1.39 -14.89
C GLY B 71 -7.34 -0.86 -13.50
N LEU B 72 -8.16 0.09 -13.04
CA LEU B 72 -8.03 0.65 -11.71
C LEU B 72 -9.08 0.04 -10.78
N ASP B 73 -8.67 -0.23 -9.55
CA ASP B 73 -9.55 -0.90 -8.60
C ASP B 73 -10.48 0.10 -7.94
N GLY B 74 -11.77 -0.21 -7.94
CA GLY B 74 -12.74 0.65 -7.30
C GLY B 74 -13.04 1.93 -8.03
N LEU B 75 -12.68 2.04 -9.31
CA LEU B 75 -12.91 3.25 -10.06
C LEU B 75 -14.40 3.47 -10.25
N MET B 76 -14.87 4.67 -9.91
CA MET B 76 -16.29 4.99 -10.02
C MET B 76 -16.61 5.58 -11.39
N TYR B 77 -15.96 6.68 -11.73
CA TYR B 77 -16.05 7.27 -13.05
C TYR B 77 -14.85 8.20 -13.23
N MET B 78 -14.73 8.78 -14.42
CA MET B 78 -13.59 9.65 -14.69
C MET B 78 -14.03 10.76 -15.62
N SER B 79 -13.73 12.00 -15.25
CA SER B 79 -14.04 13.17 -16.04
C SER B 79 -12.78 13.99 -16.26
N SER B 80 -12.75 14.72 -17.38
CA SER B 80 -11.58 15.48 -17.74
C SER B 80 -11.98 16.76 -18.44
N THR B 81 -11.10 17.76 -18.38
CA THR B 81 -11.33 19.03 -19.03
C THR B 81 -10.05 19.49 -19.71
N SER B 82 -10.20 20.33 -20.73
CA SER B 82 -9.06 20.83 -21.48
C SER B 82 -9.36 22.26 -21.90
N ASP B 83 -8.77 23.23 -21.19
CA ASP B 83 -9.05 24.63 -21.43
C ASP B 83 -8.03 25.22 -22.39
N ALA B 84 -8.35 26.41 -22.90
CA ALA B 84 -7.49 27.08 -23.87
C ALA B 84 -6.22 27.65 -23.24
N ALA B 85 -6.12 27.66 -21.92
CA ALA B 85 -4.92 28.16 -21.26
C ALA B 85 -3.78 27.15 -21.30
N GLY B 86 -4.01 25.95 -21.80
CA GLY B 86 -2.99 24.92 -21.83
C GLY B 86 -3.00 23.96 -20.67
N ASN B 87 -4.06 23.94 -19.87
CA ASN B 87 -4.16 23.07 -18.71
C ASN B 87 -5.07 21.89 -19.02
N ALA B 88 -4.57 20.68 -18.79
CA ALA B 88 -5.34 19.46 -18.96
C ALA B 88 -5.54 18.85 -17.57
N SER B 89 -6.77 18.87 -17.09
CA SER B 89 -7.10 18.39 -15.75
C SER B 89 -8.01 17.17 -15.87
N ILE B 90 -7.61 16.08 -15.26
CA ILE B 90 -8.38 14.84 -15.23
C ILE B 90 -8.68 14.51 -13.78
N THR B 91 -9.96 14.31 -13.48
CA THR B 91 -10.40 13.99 -12.13
C THR B 91 -10.94 12.56 -12.12
N LEU B 92 -10.42 11.75 -11.21
CA LEU B 92 -10.84 10.36 -11.07
C LEU B 92 -11.53 10.19 -9.72
N THR B 93 -12.74 9.66 -9.75
CA THR B 93 -13.51 9.37 -8.55
C THR B 93 -13.47 7.88 -8.27
N PHE B 94 -13.11 7.52 -7.05
CA PHE B 94 -13.02 6.13 -6.65
C PHE B 94 -14.18 5.80 -5.72
N GLU B 95 -14.43 4.50 -5.56
CA GLU B 95 -15.50 4.03 -4.70
C GLU B 95 -15.20 4.38 -3.25
N THR B 96 -16.26 4.65 -2.50
CA THR B 96 -16.12 5.00 -1.09
C THR B 96 -15.47 3.84 -0.33
N GLY B 97 -14.48 4.17 0.50
CA GLY B 97 -13.75 3.18 1.25
C GLY B 97 -12.44 2.76 0.63
N THR B 98 -12.19 3.12 -0.62
CA THR B 98 -10.92 2.81 -1.26
C THR B 98 -9.79 3.60 -0.61
N SER B 99 -8.64 2.96 -0.47
CA SER B 99 -7.51 3.63 0.15
C SER B 99 -7.00 4.74 -0.77
N PRO B 100 -6.99 5.99 -0.32
CA PRO B 100 -6.49 7.07 -1.20
C PRO B 100 -5.05 6.87 -1.62
N ASP B 101 -4.19 6.35 -0.75
CA ASP B 101 -2.81 6.12 -1.13
C ASP B 101 -2.69 5.06 -2.21
N ILE B 102 -3.45 3.97 -2.07
CA ILE B 102 -3.41 2.91 -3.07
C ILE B 102 -3.92 3.42 -4.41
N ALA B 103 -5.02 4.18 -4.39
CA ALA B 103 -5.55 4.72 -5.63
C ALA B 103 -4.56 5.68 -6.29
N GLN B 104 -3.93 6.55 -5.50
CA GLN B 104 -2.95 7.46 -6.06
C GLN B 104 -1.76 6.71 -6.64
N VAL B 105 -1.29 5.67 -5.96
CA VAL B 105 -0.18 4.90 -6.47
C VAL B 105 -0.55 4.22 -7.78
N GLN B 106 -1.74 3.63 -7.85
CA GLN B 106 -2.18 2.98 -9.08
C GLN B 106 -2.28 3.98 -10.22
N VAL B 107 -2.86 5.15 -9.95
CA VAL B 107 -3.01 6.16 -11.00
C VAL B 107 -1.65 6.63 -11.48
N GLN B 108 -0.73 6.91 -10.55
CA GLN B 108 0.59 7.38 -10.93
C GLN B 108 1.35 6.31 -11.71
N ASN B 109 1.17 5.04 -11.36
CA ASN B 109 1.83 3.97 -12.10
C ASN B 109 1.27 3.86 -13.52
N LYS B 110 -0.06 3.84 -13.66
CA LYS B 110 -0.67 3.75 -14.97
C LYS B 110 -0.35 4.98 -15.83
N LEU B 111 -0.14 6.13 -15.21
CA LEU B 111 0.25 7.30 -15.96
C LEU B 111 1.64 7.15 -16.57
N GLN B 112 2.52 6.40 -15.91
CA GLN B 112 3.87 6.19 -16.43
C GLN B 112 3.86 5.47 -17.76
N LEU B 113 2.81 4.71 -18.06
CA LEU B 113 2.71 4.08 -19.36
C LEU B 113 2.61 5.11 -20.48
N ALA B 114 1.81 6.15 -20.28
CA ALA B 114 1.58 7.17 -21.29
C ALA B 114 2.65 8.26 -21.25
N MET B 115 3.58 8.21 -20.30
CA MET B 115 4.59 9.28 -20.20
C MET B 115 5.42 9.41 -21.47
N PRO B 116 5.95 8.34 -22.07
CA PRO B 116 6.75 8.52 -23.30
C PRO B 116 5.94 9.01 -24.49
N SER B 117 4.62 8.85 -24.48
CA SER B 117 3.80 9.25 -25.61
C SER B 117 3.41 10.72 -25.58
N LEU B 118 3.64 11.40 -24.47
CA LEU B 118 3.24 12.79 -24.35
C LEU B 118 4.26 13.71 -25.03
N PRO B 119 3.85 14.91 -25.42
CA PRO B 119 4.80 15.85 -26.04
C PRO B 119 5.88 16.25 -25.05
N GLU B 120 7.02 16.68 -25.61
CA GLU B 120 8.19 16.99 -24.80
C GLU B 120 7.93 18.14 -23.83
N ALA B 121 7.22 19.18 -24.28
CA ALA B 121 6.95 20.31 -23.40
C ALA B 121 6.12 19.90 -22.19
N VAL B 122 5.13 19.04 -22.39
CA VAL B 122 4.33 18.56 -21.26
C VAL B 122 5.20 17.79 -20.30
N GLN B 123 6.09 16.94 -20.81
CA GLN B 123 6.99 16.20 -19.93
C GLN B 123 7.89 17.14 -19.13
N GLN B 124 8.46 18.14 -19.77
CA GLN B 124 9.32 19.09 -19.08
C GLN B 124 8.56 19.87 -18.02
N GLN B 125 7.30 20.23 -18.30
CA GLN B 125 6.51 20.95 -17.31
C GLN B 125 6.25 20.12 -16.07
N GLY B 126 6.20 18.79 -16.21
CA GLY B 126 5.92 17.94 -15.07
C GLY B 126 4.44 17.71 -14.86
N ILE B 127 4.07 16.49 -14.48
CA ILE B 127 2.68 16.13 -14.26
C ILE B 127 2.52 15.74 -12.81
N SER B 128 1.55 16.36 -12.14
CA SER B 128 1.34 16.17 -10.71
C SER B 128 0.09 15.35 -10.47
N VAL B 129 0.20 14.33 -9.61
CA VAL B 129 -0.92 13.51 -9.17
C VAL B 129 -1.04 13.68 -7.67
N ASP B 130 -2.21 14.12 -7.21
CA ASP B 130 -2.39 14.45 -5.80
C ASP B 130 -3.77 14.02 -5.32
N LYS B 131 -3.84 13.62 -4.06
CA LYS B 131 -5.08 13.23 -3.41
C LYS B 131 -5.80 14.45 -2.85
N SER B 132 -6.12 15.37 -3.75
CA SER B 132 -6.64 16.68 -3.36
C SER B 132 -8.15 16.65 -3.28
N SER B 133 -8.68 17.12 -2.16
CA SER B 133 -10.11 17.35 -2.00
C SER B 133 -10.46 18.77 -2.43
N SER B 134 -11.71 18.97 -2.82
CA SER B 134 -12.14 20.26 -3.32
C SER B 134 -12.23 21.33 -2.24
N ASN B 135 -12.41 20.94 -0.98
CA ASN B 135 -12.55 21.90 0.09
C ASN B 135 -11.23 22.63 0.35
N ILE B 136 -11.34 23.87 0.81
CA ILE B 136 -10.19 24.70 1.15
C ILE B 136 -10.19 24.92 2.65
N LEU B 137 -9.09 24.54 3.30
CA LEU B 137 -9.00 24.70 4.75
C LEU B 137 -8.87 26.17 5.13
N MET B 138 -7.84 26.84 4.63
CA MET B 138 -7.59 28.23 4.97
C MET B 138 -6.75 28.86 3.87
N VAL B 139 -6.82 30.19 3.79
CA VAL B 139 -6.09 30.96 2.79
C VAL B 139 -5.23 31.98 3.51
N ALA B 140 -3.94 32.02 3.18
CA ALA B 140 -3.00 32.95 3.79
C ALA B 140 -2.55 33.94 2.72
N ALA B 141 -2.66 35.23 3.04
CA ALA B 141 -2.26 36.29 2.12
C ALA B 141 -1.03 37.01 2.65
N PHE B 142 -0.25 37.57 1.72
CA PHE B 142 0.96 38.30 2.05
C PHE B 142 0.93 39.63 1.33
N ILE B 143 1.15 40.72 2.06
CA ILE B 143 1.06 42.05 1.49
C ILE B 143 2.35 42.81 1.77
N SER B 144 2.42 44.05 1.29
CA SER B 144 3.54 44.93 1.54
C SER B 144 3.02 46.21 2.19
N ASP B 145 3.70 46.65 3.25
CA ASP B 145 3.24 47.82 4.00
C ASP B 145 3.44 49.11 3.20
N ASN B 146 4.68 49.40 2.86
CA ASN B 146 5.01 50.62 2.13
C ASN B 146 4.85 50.46 0.62
N GLY B 147 4.46 49.28 0.15
CA GLY B 147 4.41 49.04 -1.28
C GLY B 147 5.76 48.90 -1.93
N SER B 148 6.79 48.60 -1.16
CA SER B 148 8.14 48.48 -1.72
C SER B 148 8.25 47.29 -2.66
N LEU B 149 7.41 46.28 -2.49
CA LEU B 149 7.44 45.09 -3.32
C LEU B 149 6.14 44.96 -4.10
N ASN B 150 6.25 44.74 -5.41
CA ASN B 150 5.09 44.49 -6.23
C ASN B 150 4.64 43.05 -6.04
N GLN B 151 3.62 42.62 -6.77
CA GLN B 151 3.12 41.27 -6.59
C GLN B 151 4.13 40.21 -7.04
N TYR B 152 4.96 40.54 -8.02
CA TYR B 152 5.92 39.55 -8.51
C TYR B 152 6.96 39.23 -7.45
N ASP B 153 7.51 40.26 -6.79
CA ASP B 153 8.51 40.01 -5.75
C ASP B 153 7.91 39.22 -4.59
N ILE B 154 6.70 39.60 -4.16
CA ILE B 154 6.07 38.92 -3.05
C ILE B 154 5.79 37.47 -3.39
N ALA B 155 5.23 37.23 -4.58
CA ALA B 155 4.94 35.86 -5.00
C ALA B 155 6.22 35.04 -5.13
N ASP B 156 7.28 35.62 -5.68
CA ASP B 156 8.53 34.87 -5.83
C ASP B 156 9.12 34.53 -4.47
N TYR B 157 9.14 35.49 -3.54
CA TYR B 157 9.65 35.19 -2.21
C TYR B 157 8.81 34.12 -1.53
N VAL B 158 7.49 34.21 -1.67
CA VAL B 158 6.62 33.21 -1.04
C VAL B 158 6.90 31.83 -1.61
N ALA B 159 6.90 31.70 -2.94
CA ALA B 159 7.14 30.40 -3.55
C ALA B 159 8.54 29.87 -3.28
N SER B 160 9.50 30.76 -3.01
CA SER B 160 10.87 30.31 -2.78
C SER B 160 11.13 29.94 -1.33
N ASN B 161 10.42 30.55 -0.39
CA ASN B 161 10.73 30.35 1.02
C ASN B 161 9.60 29.73 1.84
N ILE B 162 8.36 30.17 1.66
CA ILE B 162 7.28 29.76 2.55
C ILE B 162 6.47 28.60 1.99
N LYS B 163 6.56 28.33 0.69
CA LYS B 163 5.70 27.31 0.09
C LYS B 163 6.10 25.91 0.55
N ASP B 164 7.33 25.49 0.26
CA ASP B 164 7.70 24.11 0.53
C ASP B 164 7.83 23.72 2.01
N PRO B 165 8.12 24.60 2.97
CA PRO B 165 8.03 24.14 4.37
C PRO B 165 6.59 24.00 4.82
N LEU B 166 5.72 24.91 4.40
CA LEU B 166 4.30 24.78 4.68
C LEU B 166 3.70 23.57 3.98
N SER B 167 4.14 23.30 2.75
CA SER B 167 3.62 22.15 2.01
C SER B 167 4.01 20.82 2.64
N ARG B 168 5.15 20.74 3.29
CA ARG B 168 5.59 19.52 3.95
C ARG B 168 5.19 19.47 5.41
N THR B 169 4.47 20.49 5.91
CA THR B 169 3.98 20.48 7.27
C THR B 169 2.88 19.43 7.44
N ALA B 170 2.85 18.79 8.61
CA ALA B 170 1.91 17.71 8.86
C ALA B 170 0.48 18.19 8.75
N GLY B 171 -0.37 17.34 8.17
CA GLY B 171 -1.77 17.64 8.01
C GLY B 171 -2.12 18.41 6.75
N VAL B 172 -1.13 18.82 5.97
CA VAL B 172 -1.35 19.60 4.76
C VAL B 172 -1.35 18.66 3.57
N GLY B 173 -2.48 18.60 2.86
CA GLY B 173 -2.57 17.77 1.69
C GLY B 173 -1.85 18.38 0.50
N SER B 174 -2.29 19.57 0.09
CA SER B 174 -1.69 20.26 -1.03
C SER B 174 -1.88 21.76 -0.85
N VAL B 175 -1.01 22.52 -1.51
CA VAL B 175 -1.09 23.98 -1.49
C VAL B 175 -1.12 24.48 -2.92
N GLN B 176 -1.79 25.62 -3.11
CA GLN B 176 -1.85 26.28 -4.40
C GLN B 176 -1.41 27.72 -4.22
N LEU B 177 -0.50 28.16 -5.08
CA LEU B 177 0.04 29.51 -5.02
C LEU B 177 -0.71 30.41 -6.00
N PHE B 178 -1.17 31.55 -5.49
CA PHE B 178 -1.81 32.56 -6.35
C PHE B 178 -0.76 33.55 -6.82
N GLY B 179 0.16 33.04 -7.63
CA GLY B 179 1.27 33.84 -8.11
C GLY B 179 2.22 32.97 -8.89
N SER B 180 3.47 33.41 -8.98
CA SER B 180 4.48 32.65 -9.70
C SER B 180 5.85 32.99 -9.15
N GLU B 181 6.78 32.07 -9.34
CA GLU B 181 8.16 32.31 -8.97
C GLU B 181 8.79 33.27 -9.98
N TYR B 182 10.07 33.55 -9.80
CA TYR B 182 10.78 34.28 -10.82
C TYR B 182 11.13 33.35 -11.98
N ALA B 183 11.30 33.95 -13.15
CA ALA B 183 11.72 33.22 -14.33
C ALA B 183 12.43 34.19 -15.25
N MET B 184 13.56 33.75 -15.79
CA MET B 184 14.45 34.64 -16.54
C MET B 184 13.83 34.88 -17.91
N ARG B 185 12.83 35.75 -17.93
CA ARG B 185 12.08 36.02 -19.14
C ARG B 185 12.97 36.74 -20.15
N ILE B 186 12.93 36.29 -21.40
CA ILE B 186 13.70 36.89 -22.49
C ILE B 186 12.70 37.34 -23.55
N TRP B 187 12.49 38.64 -23.66
CA TRP B 187 11.51 39.20 -24.58
C TRP B 187 12.21 39.52 -25.90
N LEU B 188 11.88 38.76 -26.94
CA LEU B 188 12.51 38.92 -28.24
C LEU B 188 11.99 40.17 -28.95
N ASP B 189 12.79 40.67 -29.88
CA ASP B 189 12.41 41.80 -30.72
C ASP B 189 12.50 41.39 -32.18
N PRO B 190 11.37 41.20 -32.88
CA PRO B 190 11.44 40.70 -34.26
C PRO B 190 12.23 41.59 -35.20
N GLN B 191 12.14 42.92 -35.04
CA GLN B 191 12.87 43.80 -35.94
C GLN B 191 14.38 43.67 -35.73
N LYS B 192 14.83 43.64 -34.48
CA LYS B 192 16.25 43.47 -34.20
C LYS B 192 16.73 42.09 -34.64
N LEU B 193 15.92 41.05 -34.42
CA LEU B 193 16.30 39.73 -34.91
C LEU B 193 16.47 39.71 -36.42
N ASN B 194 15.55 40.34 -37.15
CA ASN B 194 15.69 40.43 -38.59
C ASN B 194 16.90 41.26 -38.98
N LYS B 195 17.28 42.22 -38.14
CA LYS B 195 18.41 43.09 -38.46
C LYS B 195 19.71 42.29 -38.54
N TYR B 196 19.90 41.33 -37.65
CA TYR B 196 21.14 40.57 -37.57
C TYR B 196 21.04 39.18 -38.19
N ASN B 197 19.95 38.90 -38.91
CA ASN B 197 19.72 37.58 -39.51
C ASN B 197 19.74 36.48 -38.46
N LEU B 198 18.80 36.56 -37.53
CA LEU B 198 18.69 35.60 -36.45
C LEU B 198 17.26 35.09 -36.33
N VAL B 199 17.12 33.91 -35.76
CA VAL B 199 15.84 33.22 -35.62
C VAL B 199 15.73 32.78 -34.16
N PRO B 200 14.53 32.74 -33.57
CA PRO B 200 14.42 32.32 -32.17
C PRO B 200 15.02 30.94 -31.90
N SER B 201 15.06 30.06 -32.90
CA SER B 201 15.63 28.74 -32.68
C SER B 201 17.11 28.84 -32.32
N ASP B 202 17.87 29.68 -33.01
CA ASP B 202 19.29 29.80 -32.70
C ASP B 202 19.50 30.47 -31.34
N VAL B 203 18.62 31.40 -30.97
CA VAL B 203 18.70 32.00 -29.64
C VAL B 203 18.48 30.93 -28.57
N ILE B 204 17.49 30.07 -28.77
CA ILE B 204 17.25 29.00 -27.79
C ILE B 204 18.43 28.05 -27.74
N SER B 205 18.99 27.71 -28.89
CA SER B 205 20.14 26.80 -28.91
C SER B 205 21.34 27.41 -28.20
N GLN B 206 21.61 28.70 -28.44
CA GLN B 206 22.74 29.35 -27.79
C GLN B 206 22.52 29.46 -26.29
N ILE B 207 21.29 29.73 -25.85
CA ILE B 207 21.02 29.73 -24.42
C ILE B 207 21.26 28.36 -23.83
N LYS B 208 20.82 27.31 -24.53
CA LYS B 208 21.05 25.95 -24.04
C LYS B 208 22.53 25.64 -23.94
N VAL B 209 23.33 26.14 -24.88
CA VAL B 209 24.76 25.85 -24.85
C VAL B 209 25.46 26.63 -23.75
N GLN B 210 25.27 27.95 -23.72
CA GLN B 210 26.07 28.79 -22.83
C GLN B 210 25.56 28.75 -21.39
N ASN B 211 24.26 28.55 -21.19
CA ASN B 211 23.70 28.40 -19.84
C ASN B 211 23.61 26.91 -19.53
N ASN B 212 24.77 26.28 -19.39
CA ASN B 212 24.83 24.84 -19.17
C ASN B 212 25.92 24.53 -18.16
N GLN B 213 25.68 23.47 -17.39
CA GLN B 213 26.68 22.95 -16.46
C GLN B 213 27.39 21.76 -17.08
N ILE B 214 28.71 21.78 -17.02
CA ILE B 214 29.54 20.76 -17.64
C ILE B 214 30.33 20.04 -16.57
N SER B 215 30.22 18.72 -16.54
CA SER B 215 30.99 17.91 -15.60
C SER B 215 32.45 17.93 -16.01
N GLY B 216 33.27 18.64 -15.24
CA GLY B 216 34.67 18.81 -15.59
C GLY B 216 35.61 17.72 -15.14
N GLY B 217 35.12 16.70 -14.46
CA GLY B 217 36.01 15.65 -13.98
C GLY B 217 36.91 16.17 -12.87
N GLN B 218 38.09 15.55 -12.77
CA GLN B 218 39.07 15.95 -11.77
C GLN B 218 40.46 15.50 -12.21
N LEU B 219 41.46 16.27 -11.82
CA LEU B 219 42.84 15.89 -12.09
C LEU B 219 43.25 14.70 -11.23
N GLY B 220 43.97 13.76 -11.83
CA GLY B 220 44.46 12.61 -11.09
C GLY B 220 43.37 11.71 -10.53
N GLY B 221 42.26 11.56 -11.25
CA GLY B 221 41.20 10.68 -10.80
C GLY B 221 41.55 9.22 -10.99
N MET B 222 40.69 8.36 -10.47
CA MET B 222 40.91 6.93 -10.58
C MET B 222 40.62 6.46 -12.00
N PRO B 223 41.52 5.65 -12.59
CA PRO B 223 42.81 5.20 -12.06
C PRO B 223 43.87 6.26 -12.26
N GLN B 224 44.84 6.33 -11.37
CA GLN B 224 45.88 7.35 -11.44
C GLN B 224 47.23 6.68 -11.54
N ALA B 225 48.26 7.49 -11.76
CA ALA B 225 49.62 6.98 -11.76
C ALA B 225 49.98 6.52 -10.35
N ALA B 226 51.19 5.97 -10.21
CA ALA B 226 51.62 5.43 -8.92
C ALA B 226 52.45 6.43 -8.12
N ASP B 227 52.67 7.63 -8.65
CA ASP B 227 53.58 8.56 -7.98
C ASP B 227 53.09 10.00 -8.02
N GLN B 228 51.78 10.21 -8.03
CA GLN B 228 51.26 11.57 -8.03
C GLN B 228 50.51 11.84 -6.74
N GLN B 229 50.60 13.08 -6.26
CA GLN B 229 50.04 13.48 -4.98
C GLN B 229 48.91 14.48 -5.11
N LEU B 230 48.57 14.92 -6.31
CA LEU B 230 47.59 15.98 -6.50
C LEU B 230 46.27 15.41 -7.00
N ASN B 231 45.18 15.82 -6.36
CA ASN B 231 43.84 15.42 -6.76
C ASN B 231 42.90 16.57 -6.50
N ALA B 232 42.41 17.20 -7.56
CA ALA B 232 41.55 18.36 -7.44
C ALA B 232 40.51 18.34 -8.54
N SER B 233 39.31 18.80 -8.21
CA SER B 233 38.24 18.85 -9.19
C SER B 233 38.51 19.95 -10.21
N ILE B 234 37.88 19.81 -11.38
CA ILE B 234 38.02 20.77 -12.47
C ILE B 234 36.66 21.42 -12.68
N ILE B 235 36.63 22.75 -12.68
CA ILE B 235 35.41 23.50 -12.89
C ILE B 235 35.48 24.14 -14.27
N VAL B 236 34.49 23.85 -15.11
CA VAL B 236 34.46 24.34 -16.48
C VAL B 236 33.42 25.43 -16.67
N GLN B 237 32.17 25.14 -16.36
CA GLN B 237 31.09 26.09 -16.59
C GLN B 237 30.00 25.89 -15.54
N THR B 238 29.39 26.99 -15.12
CA THR B 238 28.30 26.97 -14.16
C THR B 238 27.10 27.70 -14.73
N ARG B 239 25.92 27.37 -14.20
CA ARG B 239 24.70 27.98 -14.68
C ARG B 239 24.67 29.46 -14.37
N LEU B 240 24.21 30.25 -15.35
CA LEU B 240 24.17 31.69 -15.20
C LEU B 240 23.17 32.09 -14.13
N GLN B 241 23.44 33.22 -13.48
CA GLN B 241 22.63 33.67 -12.36
C GLN B 241 21.98 35.04 -12.60
N THR B 242 22.77 36.04 -12.96
CA THR B 242 22.24 37.39 -13.02
C THR B 242 21.67 37.71 -14.40
N PRO B 243 20.73 38.64 -14.49
CA PRO B 243 20.23 39.07 -15.80
C PRO B 243 21.29 39.63 -16.73
N GLU B 244 22.26 40.39 -16.21
CA GLU B 244 23.31 40.88 -17.07
C GLU B 244 24.21 39.75 -17.55
N GLU B 245 24.30 38.65 -16.78
CA GLU B 245 24.98 37.48 -17.30
C GLU B 245 24.29 36.94 -18.53
N PHE B 246 22.96 36.86 -18.51
CA PHE B 246 22.23 36.43 -19.71
C PHE B 246 22.40 37.43 -20.84
N GLY B 247 22.38 38.72 -20.53
CA GLY B 247 22.52 39.73 -21.56
C GLY B 247 23.85 39.73 -22.26
N LYS B 248 24.84 39.03 -21.71
CA LYS B 248 26.17 38.95 -22.31
C LYS B 248 26.39 37.64 -23.06
N ILE B 249 25.32 36.88 -23.30
CA ILE B 249 25.44 35.62 -24.01
C ILE B 249 25.76 35.91 -25.48
N LEU B 250 26.80 35.27 -25.99
CA LEU B 250 27.16 35.47 -27.39
C LEU B 250 26.24 34.70 -28.31
N LEU B 251 25.78 35.35 -29.37
CA LEU B 251 24.93 34.72 -30.36
C LEU B 251 25.60 34.59 -31.72
N LYS B 252 26.24 35.65 -32.20
CA LYS B 252 26.81 35.66 -33.54
C LYS B 252 27.92 36.70 -33.59
N VAL B 253 28.96 36.40 -34.37
CA VAL B 253 30.04 37.34 -34.61
C VAL B 253 29.98 37.76 -36.08
N GLN B 254 29.87 39.05 -36.31
CA GLN B 254 29.74 39.56 -37.66
C GLN B 254 31.07 39.47 -38.40
N GLN B 255 31.03 39.74 -39.70
CA GLN B 255 32.22 39.63 -40.54
C GLN B 255 33.30 40.65 -40.16
N ASP B 256 32.92 41.76 -39.56
CA ASP B 256 33.88 42.78 -39.14
C ASP B 256 34.40 42.54 -37.73
N GLY B 257 34.02 41.42 -37.11
CA GLY B 257 34.47 41.10 -35.77
C GLY B 257 33.58 41.61 -34.66
N SER B 258 32.55 42.38 -34.97
CA SER B 258 31.63 42.85 -33.94
C SER B 258 30.82 41.68 -33.39
N GLN B 259 30.48 41.77 -32.11
CA GLN B 259 29.74 40.73 -31.42
C GLN B 259 28.26 41.10 -31.35
N VAL B 260 27.40 40.09 -31.43
CA VAL B 260 25.97 40.28 -31.30
C VAL B 260 25.51 39.54 -30.05
N LEU B 261 25.29 40.29 -28.98
CA LEU B 261 24.93 39.71 -27.70
C LEU B 261 23.42 39.52 -27.62
N LEU B 262 22.98 38.81 -26.58
CA LEU B 262 21.55 38.62 -26.38
C LEU B 262 20.84 39.94 -26.12
N ARG B 263 21.46 40.83 -25.35
CA ARG B 263 20.84 42.11 -25.03
C ARG B 263 20.64 42.99 -26.25
N ASP B 264 21.36 42.73 -27.35
CA ASP B 264 21.19 43.52 -28.55
C ASP B 264 19.94 43.16 -29.33
N VAL B 265 19.39 41.98 -29.10
CA VAL B 265 18.19 41.53 -29.82
C VAL B 265 17.02 41.26 -28.89
N ALA B 266 17.21 41.27 -27.58
CA ALA B 266 16.12 40.97 -26.67
C ALA B 266 16.33 41.74 -25.37
N ARG B 267 15.24 41.98 -24.67
CA ARG B 267 15.28 42.61 -23.36
C ARG B 267 15.16 41.52 -22.30
N VAL B 268 16.25 41.26 -21.58
CA VAL B 268 16.28 40.23 -20.56
C VAL B 268 15.95 40.86 -19.22
N GLU B 269 14.97 40.30 -18.53
CA GLU B 269 14.57 40.81 -17.23
C GLU B 269 14.04 39.66 -16.39
N LEU B 270 14.13 39.82 -15.08
CA LEU B 270 13.63 38.82 -14.14
C LEU B 270 12.13 39.03 -13.97
N GLY B 271 11.34 38.10 -14.50
CA GLY B 271 9.90 38.24 -14.50
C GLY B 271 9.22 37.00 -13.95
N ALA B 272 7.90 37.09 -13.86
CA ALA B 272 7.10 36.00 -13.31
C ALA B 272 7.11 34.79 -14.23
N GLU B 273 7.04 33.61 -13.63
CA GLU B 273 7.01 32.38 -14.43
C GLU B 273 5.68 32.24 -15.16
N ASP B 274 4.58 32.57 -14.50
CA ASP B 274 3.25 32.51 -15.10
C ASP B 274 2.54 33.82 -14.78
N TYR B 275 2.14 34.54 -15.82
CA TYR B 275 1.49 35.83 -15.67
C TYR B 275 -0.03 35.73 -15.65
N SER B 276 -0.58 34.52 -15.68
CA SER B 276 -2.01 34.36 -15.86
C SER B 276 -2.82 34.71 -14.62
N THR B 277 -2.19 34.84 -13.46
CA THR B 277 -2.91 35.07 -12.20
C THR B 277 -2.50 36.42 -11.62
N VAL B 278 -3.49 37.22 -11.24
CA VAL B 278 -3.27 38.50 -10.59
C VAL B 278 -4.08 38.53 -9.31
N ALA B 279 -3.44 38.84 -8.19
CA ALA B 279 -4.07 38.84 -6.89
C ALA B 279 -3.91 40.20 -6.23
N ARG B 280 -4.92 40.61 -5.47
CA ARG B 280 -4.89 41.86 -4.73
C ARG B 280 -5.55 41.67 -3.37
N TYR B 281 -5.22 42.57 -2.45
CA TYR B 281 -5.77 42.56 -1.10
C TYR B 281 -6.15 44.00 -0.76
N ASN B 282 -7.44 44.25 -0.61
CA ASN B 282 -7.95 45.60 -0.32
C ASN B 282 -7.43 46.61 -1.34
N GLY B 283 -7.21 46.16 -2.57
CA GLY B 283 -6.67 46.98 -3.61
C GLY B 283 -5.16 47.04 -3.66
N LYS B 284 -4.48 46.46 -2.68
CA LYS B 284 -3.02 46.49 -2.71
C LYS B 284 -2.48 45.19 -3.30
N PRO B 285 -1.32 45.26 -3.96
CA PRO B 285 -0.73 44.03 -4.51
C PRO B 285 -0.44 43.03 -3.41
N ALA B 286 -0.64 41.76 -3.72
CA ALA B 286 -0.48 40.71 -2.73
C ALA B 286 -0.38 39.37 -3.43
N ALA B 287 0.05 38.36 -2.69
CA ALA B 287 0.07 36.98 -3.14
C ALA B 287 -0.51 36.10 -2.05
N GLY B 288 -1.13 34.99 -2.44
CA GLY B 288 -1.83 34.16 -1.50
C GLY B 288 -1.52 32.69 -1.70
N ILE B 289 -1.76 31.92 -0.64
CA ILE B 289 -1.58 30.48 -0.65
C ILE B 289 -2.90 29.85 -0.19
N ALA B 290 -3.38 28.88 -0.97
CA ALA B 290 -4.57 28.13 -0.60
C ALA B 290 -4.13 26.80 0.00
N ILE B 291 -4.44 26.58 1.27
CA ILE B 291 -4.05 25.38 1.98
C ILE B 291 -5.20 24.40 1.97
N LYS B 292 -4.96 23.22 1.42
CA LYS B 292 -5.97 22.17 1.35
C LYS B 292 -5.70 21.12 2.42
N LEU B 293 -6.72 20.84 3.22
CA LEU B 293 -6.58 19.90 4.32
C LEU B 293 -6.30 18.50 3.79
N ALA B 294 -5.32 17.83 4.38
CA ALA B 294 -5.03 16.45 4.03
C ALA B 294 -6.16 15.53 4.50
N ALA B 295 -6.32 14.42 3.78
CA ALA B 295 -7.35 13.47 4.13
C ALA B 295 -7.04 12.81 5.47
N GLY B 296 -8.04 12.79 6.35
CA GLY B 296 -7.90 12.15 7.65
C GLY B 296 -7.26 13.01 8.73
N ALA B 297 -6.84 14.23 8.40
CA ALA B 297 -6.20 15.10 9.38
C ALA B 297 -7.21 16.12 9.91
N ASN B 298 -7.24 16.28 11.22
CA ASN B 298 -8.15 17.22 11.84
C ASN B 298 -7.77 18.64 11.47
N ALA B 299 -8.79 19.49 11.29
CA ALA B 299 -8.55 20.84 10.81
C ALA B 299 -7.91 21.73 11.87
N LEU B 300 -8.32 21.61 13.13
CA LEU B 300 -7.90 22.56 14.15
C LEU B 300 -6.41 22.44 14.42
N ASP B 301 -5.91 21.22 14.63
CA ASP B 301 -4.48 21.05 14.90
C ASP B 301 -3.64 21.42 13.68
N THR B 302 -4.10 21.05 12.48
CA THR B 302 -3.37 21.43 11.27
C THR B 302 -3.27 22.94 11.14
N SER B 303 -4.38 23.65 11.41
CA SER B 303 -4.35 25.10 11.33
C SER B 303 -3.42 25.70 12.38
N ARG B 304 -3.43 25.15 13.59
CA ARG B 304 -2.49 25.63 14.60
C ARG B 304 -1.05 25.42 14.15
N ALA B 305 -0.76 24.26 13.57
CA ALA B 305 0.59 24.01 13.08
C ALA B 305 0.98 24.97 11.97
N VAL B 306 0.05 25.26 11.05
CA VAL B 306 0.34 26.17 9.96
C VAL B 306 0.59 27.58 10.48
N LYS B 307 -0.25 28.03 11.41
CA LYS B 307 -0.07 29.37 11.98
C LYS B 307 1.25 29.46 12.73
N GLU B 308 1.61 28.42 13.47
CA GLU B 308 2.89 28.43 14.17
C GLU B 308 4.05 28.44 13.20
N GLU B 309 3.96 27.68 12.10
CA GLU B 309 5.00 27.69 11.09
C GLU B 309 5.15 29.08 10.48
N LEU B 310 4.03 29.74 10.17
CA LEU B 310 4.09 31.08 9.62
C LEU B 310 4.71 32.05 10.61
N ASN B 311 4.34 31.94 11.89
CA ASN B 311 4.94 32.80 12.90
C ASN B 311 6.44 32.57 13.02
N ARG B 312 6.88 31.31 12.97
CA ARG B 312 8.30 31.01 13.03
C ARG B 312 9.05 31.57 11.83
N LEU B 313 8.48 31.41 10.63
CA LEU B 313 9.11 31.92 9.43
C LEU B 313 9.06 33.43 9.33
N SER B 314 8.17 34.09 10.08
CA SER B 314 8.05 35.54 10.03
C SER B 314 9.33 36.25 10.46
N ALA B 315 10.22 35.59 11.18
CA ALA B 315 11.46 36.24 11.60
C ALA B 315 12.40 36.54 10.46
N TYR B 316 12.29 35.81 9.35
CA TYR B 316 13.21 35.95 8.23
C TYR B 316 12.59 36.72 7.06
N PHE B 317 11.43 37.32 7.27
CA PHE B 317 10.75 38.04 6.21
C PHE B 317 11.51 39.30 5.83
N PRO B 318 11.34 39.78 4.60
CA PRO B 318 11.85 41.11 4.25
C PRO B 318 11.19 42.18 5.10
N ALA B 319 11.82 43.35 5.11
CA ALA B 319 11.44 44.40 6.05
C ALA B 319 10.01 44.87 5.89
N SER B 320 9.39 44.66 4.75
CA SER B 320 8.07 45.22 4.47
C SER B 320 6.98 44.16 4.26
N LEU B 321 7.25 42.90 4.58
CA LEU B 321 6.31 41.83 4.33
C LEU B 321 5.55 41.48 5.60
N LYS B 322 4.23 41.35 5.50
CA LYS B 322 3.39 40.91 6.59
C LYS B 322 2.45 39.82 6.11
N THR B 323 1.84 39.13 7.06
CA THR B 323 0.94 38.01 6.77
C THR B 323 -0.45 38.33 7.32
N VAL B 324 -1.46 38.11 6.49
CA VAL B 324 -2.85 38.30 6.88
C VAL B 324 -3.64 37.08 6.43
N TYR B 325 -4.78 36.87 7.08
CA TYR B 325 -5.65 35.72 6.81
C TYR B 325 -6.99 36.22 6.29
N PRO B 326 -7.19 36.23 4.98
CA PRO B 326 -8.46 36.71 4.41
C PRO B 326 -9.56 35.68 4.43
N TYR B 327 -9.25 34.40 4.63
CA TYR B 327 -10.26 33.36 4.59
C TYR B 327 -9.87 32.29 5.60
N ASP B 328 -10.40 32.41 6.82
CA ASP B 328 -10.11 31.46 7.89
C ASP B 328 -11.42 30.82 8.33
N THR B 329 -11.43 29.50 8.41
CA THR B 329 -12.62 28.75 8.77
C THR B 329 -12.55 28.14 10.17
N THR B 330 -11.38 28.04 10.75
CA THR B 330 -11.17 27.38 12.03
C THR B 330 -11.88 28.04 13.22
N PRO B 331 -12.02 29.38 13.28
CA PRO B 331 -12.83 29.93 14.37
C PRO B 331 -14.27 29.43 14.32
N PHE B 332 -14.80 29.18 13.14
CA PHE B 332 -16.13 28.57 13.04
C PHE B 332 -16.14 27.17 13.67
N ILE B 333 -15.10 26.37 13.41
CA ILE B 333 -15.04 25.04 13.99
C ILE B 333 -14.96 25.12 15.50
N GLU B 334 -14.11 26.01 16.02
CA GLU B 334 -13.95 26.14 17.46
C GLU B 334 -15.25 26.59 18.11
N ILE B 335 -15.94 27.56 17.51
CA ILE B 335 -17.20 28.01 18.09
C ILE B 335 -18.26 26.93 17.96
N SER B 336 -18.20 26.10 16.91
CA SER B 336 -19.16 25.00 16.79
C SER B 336 -18.98 23.99 17.92
N ILE B 337 -17.73 23.61 18.22
CA ILE B 337 -17.53 22.67 19.32
C ILE B 337 -17.87 23.32 20.66
N GLN B 338 -17.56 24.61 20.82
CA GLN B 338 -17.91 25.30 22.05
C GLN B 338 -19.43 25.37 22.22
N GLU B 339 -20.16 25.44 21.11
CA GLU B 339 -21.62 25.42 21.17
C GLU B 339 -22.16 24.01 21.42
N VAL B 340 -21.50 22.99 20.88
CA VAL B 340 -22.01 21.63 21.10
C VAL B 340 -21.82 21.20 22.55
N PHE B 341 -20.73 21.65 23.20
CA PHE B 341 -20.61 21.39 24.63
C PHE B 341 -21.75 22.04 25.41
N LYS B 342 -22.06 23.28 25.07
CA LYS B 342 -23.17 23.97 25.73
C LYS B 342 -24.49 23.27 25.48
N THR B 343 -24.71 22.80 24.26
CA THR B 343 -25.98 22.14 23.96
C THR B 343 -26.09 20.79 24.68
N LEU B 344 -24.99 20.05 24.82
CA LEU B 344 -25.04 18.82 25.59
C LEU B 344 -25.32 19.11 27.06
N VAL B 345 -24.68 20.14 27.62
CA VAL B 345 -24.89 20.41 29.04
C VAL B 345 -26.31 20.91 29.29
N GLU B 346 -26.87 21.71 28.38
CA GLU B 346 -28.25 22.14 28.59
C GLU B 346 -29.23 21.00 28.35
N ALA B 347 -28.89 20.05 27.48
CA ALA B 347 -29.72 18.86 27.34
C ALA B 347 -29.77 18.05 28.63
N ILE B 348 -28.61 17.81 29.24
CA ILE B 348 -28.63 17.07 30.50
C ILE B 348 -29.32 17.88 31.59
N ILE B 349 -29.17 19.21 31.57
CA ILE B 349 -29.84 20.05 32.55
C ILE B 349 -31.35 19.94 32.41
N LEU B 350 -31.86 19.96 31.18
CA LEU B 350 -33.30 19.88 30.99
C LEU B 350 -33.84 18.50 31.33
N VAL B 351 -33.04 17.45 31.07
CA VAL B 351 -33.47 16.12 31.51
C VAL B 351 -33.56 16.08 33.03
N PHE B 352 -32.56 16.64 33.73
CA PHE B 352 -32.62 16.70 35.18
C PHE B 352 -33.84 17.50 35.64
N LEU B 353 -34.14 18.60 34.96
CA LEU B 353 -35.29 19.41 35.34
C LEU B 353 -36.60 18.66 35.17
N VAL B 354 -36.75 17.92 34.07
CA VAL B 354 -37.97 17.13 33.88
C VAL B 354 -38.09 16.06 34.95
N MET B 355 -36.99 15.36 35.23
CA MET B 355 -37.04 14.29 36.21
C MET B 355 -37.35 14.84 37.60
N TYR B 356 -36.77 16.00 37.94
CA TYR B 356 -37.09 16.67 39.19
C TYR B 356 -38.54 17.13 39.26
N LEU B 357 -39.07 17.66 38.16
CA LEU B 357 -40.50 17.98 38.10
C LEU B 357 -41.35 16.72 38.34
N PHE B 358 -40.82 15.56 37.99
CA PHE B 358 -41.52 14.31 38.29
C PHE B 358 -41.45 13.95 39.77
N LEU B 359 -40.24 13.78 40.30
CA LEU B 359 -40.11 13.13 41.62
C LEU B 359 -40.16 14.12 42.78
N GLN B 360 -39.74 15.36 42.58
CA GLN B 360 -39.67 16.37 43.64
C GLN B 360 -38.74 15.92 44.77
N ASN B 361 -37.63 15.28 44.42
CA ASN B 361 -36.68 14.81 45.42
C ASN B 361 -35.30 14.77 44.77
N PHE B 362 -34.49 15.81 45.02
CA PHE B 362 -33.24 15.96 44.29
C PHE B 362 -32.32 14.76 44.46
N ARG B 363 -32.24 14.20 45.67
CA ARG B 363 -31.49 12.97 45.87
C ARG B 363 -32.07 11.82 45.07
N ALA B 364 -33.41 11.74 45.00
CA ALA B 364 -34.03 10.70 44.18
C ALA B 364 -33.91 11.01 42.69
N THR B 365 -33.91 12.29 42.33
CA THR B 365 -33.91 12.67 40.92
C THR B 365 -32.54 12.60 40.27
N ILE B 366 -31.45 12.73 41.04
CA ILE B 366 -30.13 12.88 40.40
C ILE B 366 -29.65 11.61 39.71
N ILE B 367 -30.11 10.43 40.12
CA ILE B 367 -29.50 9.19 39.66
C ILE B 367 -29.50 9.07 38.15
N PRO B 368 -30.64 9.25 37.45
CA PRO B 368 -30.56 9.27 35.99
C PRO B 368 -29.73 10.42 35.43
N THR B 369 -29.67 11.55 36.14
CA THR B 369 -28.94 12.71 35.63
C THR B 369 -27.46 12.40 35.44
N ILE B 370 -26.84 11.69 36.38
CA ILE B 370 -25.47 11.25 36.14
C ILE B 370 -25.44 9.94 35.37
N ALA B 371 -26.56 9.20 35.34
CA ALA B 371 -26.56 7.94 34.62
C ALA B 371 -26.40 8.15 33.11
N VAL B 372 -27.22 9.02 32.52
CA VAL B 372 -27.26 9.15 31.06
C VAL B 372 -25.96 9.66 30.43
N PRO B 373 -25.31 10.73 30.94
CA PRO B 373 -24.15 11.26 30.21
C PRO B 373 -22.98 10.31 30.16
N VAL B 374 -22.83 9.45 31.17
CA VAL B 374 -21.80 8.42 31.11
C VAL B 374 -22.04 7.50 29.92
N VAL B 375 -23.28 7.08 29.73
CA VAL B 375 -23.61 6.25 28.57
C VAL B 375 -23.31 6.99 27.28
N ILE B 376 -23.71 8.27 27.19
CA ILE B 376 -23.54 8.98 25.94
C ILE B 376 -22.06 9.21 25.61
N LEU B 377 -21.25 9.55 26.62
CA LEU B 377 -19.82 9.75 26.37
C LEU B 377 -19.10 8.43 26.15
N GLY B 378 -19.54 7.34 26.77
CA GLY B 378 -18.99 6.05 26.43
C GLY B 378 -19.27 5.66 25.00
N THR B 379 -20.49 5.92 24.53
CA THR B 379 -20.81 5.68 23.12
C THR B 379 -19.92 6.52 22.21
N PHE B 380 -19.69 7.78 22.59
CA PHE B 380 -18.75 8.61 21.85
C PHE B 380 -17.37 7.99 21.82
N ALA B 381 -16.92 7.45 22.96
CA ALA B 381 -15.61 6.81 23.01
C ALA B 381 -15.52 5.60 22.09
N ILE B 382 -16.56 4.76 22.07
CA ILE B 382 -16.51 3.59 21.18
C ILE B 382 -16.52 4.02 19.72
N LEU B 383 -17.38 4.99 19.36
CA LEU B 383 -17.41 5.40 17.96
C LEU B 383 -16.10 6.07 17.55
N SER B 384 -15.41 6.70 18.50
CA SER B 384 -14.09 7.24 18.21
C SER B 384 -13.07 6.12 18.02
N ALA B 385 -13.09 5.13 18.90
CA ALA B 385 -12.09 4.05 18.84
C ALA B 385 -12.24 3.23 17.57
N VAL B 386 -13.47 2.91 17.18
CA VAL B 386 -13.68 2.15 15.95
C VAL B 386 -13.26 2.96 14.74
N GLY B 387 -13.49 4.27 14.77
CA GLY B 387 -13.15 5.13 13.67
C GLY B 387 -14.38 5.75 13.03
N PHE B 388 -15.49 5.71 13.77
CA PHE B 388 -16.74 6.27 13.29
C PHE B 388 -16.75 7.77 13.54
N THR B 389 -16.96 8.55 12.49
CA THR B 389 -16.91 10.00 12.58
C THR B 389 -18.14 10.53 13.31
N ILE B 390 -18.00 11.76 13.82
CA ILE B 390 -19.13 12.45 14.43
C ILE B 390 -19.94 13.07 13.30
N ASN B 391 -20.86 12.31 12.74
CA ASN B 391 -21.61 12.70 11.57
C ASN B 391 -23.09 12.77 11.92
N THR B 392 -23.86 13.46 11.07
CA THR B 392 -25.27 13.68 11.34
C THR B 392 -26.01 12.38 11.60
N LEU B 393 -25.65 11.31 10.87
CA LEU B 393 -26.23 10.00 11.15
C LEU B 393 -25.97 9.56 12.58
N THR B 394 -24.75 9.73 13.08
CA THR B 394 -24.49 9.45 14.48
C THR B 394 -25.34 10.34 15.38
N MET B 395 -25.39 11.65 15.10
CA MET B 395 -26.14 12.56 15.95
C MET B 395 -27.64 12.29 15.90
N PHE B 396 -28.11 11.46 14.98
CA PHE B 396 -29.37 10.75 15.21
C PHE B 396 -29.19 9.49 16.05
N GLY B 397 -28.08 8.76 15.84
CA GLY B 397 -27.94 7.45 16.45
C GLY B 397 -27.92 7.47 17.97
N MET B 398 -26.94 8.17 18.56
CA MET B 398 -26.92 8.15 20.03
C MET B 398 -28.08 8.95 20.60
N VAL B 399 -28.63 9.91 19.84
CA VAL B 399 -29.82 10.61 20.32
C VAL B 399 -30.99 9.66 20.48
N LEU B 400 -31.24 8.81 19.48
CA LEU B 400 -32.26 7.79 19.66
C LEU B 400 -31.87 6.78 20.74
N ALA B 401 -30.57 6.58 20.93
CA ALA B 401 -30.10 5.72 22.01
C ALA B 401 -30.30 6.34 23.39
N ILE B 402 -30.52 7.65 23.48
CA ILE B 402 -30.63 8.30 24.79
C ILE B 402 -31.85 7.81 25.54
N GLY B 403 -33.01 7.76 24.87
CA GLY B 403 -34.26 7.53 25.56
C GLY B 403 -34.42 6.15 26.17
N LEU B 404 -33.64 5.17 25.73
CA LEU B 404 -33.81 3.81 26.20
C LEU B 404 -33.00 3.50 27.46
N LEU B 405 -32.43 4.52 28.10
CA LEU B 405 -31.62 4.33 29.30
C LEU B 405 -32.37 4.66 30.58
N VAL B 406 -33.17 5.72 30.58
CA VAL B 406 -33.78 6.23 31.80
C VAL B 406 -34.79 5.25 32.40
N ASP B 407 -35.46 4.47 31.58
CA ASP B 407 -36.52 3.58 32.06
C ASP B 407 -35.99 2.61 33.13
N ASP B 408 -34.89 1.94 32.83
CA ASP B 408 -34.34 0.99 33.79
C ASP B 408 -33.90 1.68 35.07
N ALA B 409 -33.26 2.85 34.95
CA ALA B 409 -32.80 3.56 36.13
C ALA B 409 -33.96 3.98 37.02
N ILE B 410 -35.03 4.50 36.42
CA ILE B 410 -36.16 4.93 37.22
C ILE B 410 -36.89 3.74 37.84
N VAL B 411 -37.00 2.62 37.13
CA VAL B 411 -37.58 1.43 37.73
C VAL B 411 -36.75 0.98 38.92
N VAL B 412 -35.42 0.99 38.77
CA VAL B 412 -34.55 0.57 39.87
C VAL B 412 -34.73 1.50 41.07
N VAL B 413 -34.75 2.81 40.84
CA VAL B 413 -34.80 3.73 41.98
C VAL B 413 -36.17 3.66 42.66
N GLU B 414 -37.24 3.48 41.89
CA GLU B 414 -38.55 3.36 42.54
C GLU B 414 -38.64 2.08 43.35
N ASN B 415 -38.07 0.99 42.84
CA ASN B 415 -38.03 -0.23 43.64
C ASN B 415 -37.21 -0.03 44.91
N VAL B 416 -36.06 0.62 44.80
CA VAL B 416 -35.21 0.84 45.97
C VAL B 416 -35.94 1.71 47.00
N GLU B 417 -36.59 2.78 46.53
CA GLU B 417 -37.29 3.67 47.46
C GLU B 417 -38.48 3.00 48.12
N ARG B 418 -39.26 2.19 47.38
CA ARG B 418 -40.33 1.47 48.04
C ARG B 418 -39.78 0.48 49.05
N VAL B 419 -38.67 -0.18 48.73
CA VAL B 419 -38.08 -1.13 49.67
C VAL B 419 -37.66 -0.44 50.96
N ILE B 420 -36.96 0.70 50.85
CA ILE B 420 -36.50 1.36 52.05
C ILE B 420 -37.67 1.95 52.83
N ALA B 421 -38.66 2.50 52.12
CA ALA B 421 -39.81 3.09 52.79
C ALA B 421 -40.64 2.03 53.52
N GLU B 422 -40.67 0.80 53.00
CA GLU B 422 -41.45 -0.24 53.64
C GLU B 422 -40.67 -0.90 54.78
N ASP B 423 -39.38 -1.19 54.56
CA ASP B 423 -38.61 -1.97 55.51
C ASP B 423 -37.84 -1.11 56.51
N LYS B 424 -37.80 0.22 56.31
CA LYS B 424 -36.99 1.11 57.14
C LYS B 424 -35.54 0.63 57.19
N LEU B 425 -35.03 0.18 56.06
CA LEU B 425 -33.76 -0.52 55.97
C LEU B 425 -32.69 0.37 55.35
N PRO B 426 -31.44 0.24 55.80
CA PRO B 426 -30.35 1.00 55.19
C PRO B 426 -30.20 0.66 53.72
N PRO B 427 -29.76 1.62 52.91
CA PRO B 427 -29.79 1.42 51.45
C PRO B 427 -28.96 0.25 50.95
N LYS B 428 -27.88 -0.11 51.63
CA LYS B 428 -27.00 -1.15 51.12
C LYS B 428 -27.71 -2.50 51.08
N GLU B 429 -28.15 -2.98 52.23
CA GLU B 429 -28.83 -4.28 52.28
C GLU B 429 -30.20 -4.22 51.60
N ALA B 430 -30.86 -3.06 51.60
CA ALA B 430 -32.09 -2.93 50.84
C ALA B 430 -31.84 -3.15 49.36
N THR B 431 -30.79 -2.54 48.82
CA THR B 431 -30.43 -2.79 47.43
C THR B 431 -30.06 -4.25 47.21
N HIS B 432 -29.29 -4.82 48.14
CA HIS B 432 -28.92 -6.23 48.04
C HIS B 432 -30.14 -7.13 48.00
N LYS B 433 -31.22 -6.73 48.65
CA LYS B 433 -32.48 -7.45 48.54
C LYS B 433 -33.19 -7.12 47.23
N SER B 434 -32.87 -5.97 46.63
CA SER B 434 -33.69 -5.37 45.60
C SER B 434 -33.54 -5.97 44.20
N MET B 435 -32.47 -6.74 43.92
CA MET B 435 -32.33 -7.23 42.56
C MET B 435 -33.23 -8.41 42.27
N GLY B 436 -33.73 -9.09 43.30
CA GLY B 436 -34.48 -10.31 43.10
C GLY B 436 -35.91 -10.11 42.68
N GLN B 437 -36.23 -8.99 42.06
CA GLN B 437 -37.57 -8.73 41.57
C GLN B 437 -37.62 -8.35 40.10
N ILE B 438 -36.62 -7.63 39.61
CA ILE B 438 -36.69 -7.04 38.27
C ILE B 438 -35.58 -7.59 37.39
N GLN B 439 -35.20 -8.85 37.59
CA GLN B 439 -34.20 -9.48 36.73
C GLN B 439 -34.72 -9.72 35.31
N ARG B 440 -35.89 -9.19 34.97
CA ARG B 440 -36.55 -9.46 33.70
C ARG B 440 -36.00 -8.62 32.54
N ALA B 441 -36.80 -8.54 31.48
CA ALA B 441 -36.41 -8.17 30.12
C ALA B 441 -35.44 -7.00 29.99
N LEU B 442 -35.41 -6.08 30.95
CA LEU B 442 -34.53 -4.92 30.85
C LEU B 442 -33.12 -5.29 30.42
N VAL B 443 -32.65 -6.48 30.81
CA VAL B 443 -31.44 -7.05 30.22
C VAL B 443 -31.76 -7.81 28.95
N GLY B 444 -32.86 -8.56 28.95
CA GLY B 444 -33.24 -9.34 27.77
C GLY B 444 -33.55 -8.48 26.57
N ILE B 445 -34.12 -7.30 26.78
CA ILE B 445 -34.38 -6.40 25.64
C ILE B 445 -33.07 -5.99 24.98
N ALA B 446 -32.07 -5.63 25.78
CA ALA B 446 -30.77 -5.29 25.23
C ALA B 446 -30.15 -6.49 24.52
N VAL B 447 -30.28 -7.68 25.10
CA VAL B 447 -29.73 -8.87 24.48
C VAL B 447 -30.39 -9.11 23.11
N VAL B 448 -31.71 -8.99 23.06
CA VAL B 448 -32.44 -9.24 21.82
C VAL B 448 -32.08 -8.20 20.76
N LEU B 449 -31.98 -6.93 21.16
CA LEU B 449 -31.61 -5.90 20.21
C LEU B 449 -30.19 -6.11 19.68
N SER B 450 -29.25 -6.48 20.55
CA SER B 450 -27.91 -6.80 20.10
C SER B 450 -27.91 -7.98 19.14
N ALA B 451 -28.71 -9.01 19.43
CA ALA B 451 -28.77 -10.16 18.54
C ALA B 451 -29.35 -9.79 17.17
N VAL B 452 -30.42 -8.99 17.14
CA VAL B 452 -31.06 -8.68 15.87
C VAL B 452 -30.17 -7.73 15.05
N PHE B 453 -29.41 -6.87 15.72
CA PHE B 453 -28.48 -6.01 15.00
C PHE B 453 -27.12 -6.66 14.77
N MET B 454 -26.93 -7.89 15.25
CA MET B 454 -25.62 -8.54 15.12
C MET B 454 -25.23 -8.78 13.66
N PRO B 455 -26.08 -9.36 12.79
CA PRO B 455 -25.61 -9.72 11.46
C PRO B 455 -25.73 -8.64 10.41
N MET B 456 -25.99 -7.39 10.80
CA MET B 456 -26.05 -6.30 9.84
C MET B 456 -24.66 -5.81 9.43
N ALA B 457 -23.65 -6.01 10.26
CA ALA B 457 -22.32 -5.44 10.02
C ALA B 457 -21.43 -6.33 9.16
N PHE B 458 -21.95 -7.43 8.63
CA PHE B 458 -21.14 -8.34 7.82
C PHE B 458 -21.44 -8.24 6.33
N MET B 459 -22.19 -7.23 5.91
CA MET B 459 -22.38 -6.97 4.49
C MET B 459 -21.87 -5.58 4.13
N SER B 460 -21.39 -5.46 2.90
CA SER B 460 -20.67 -4.27 2.46
C SER B 460 -21.57 -3.36 1.63
N GLY B 461 -20.98 -2.31 1.10
CA GLY B 461 -21.68 -1.32 0.31
C GLY B 461 -21.68 0.04 0.98
N ALA B 462 -21.73 1.09 0.17
CA ALA B 462 -21.78 2.45 0.71
C ALA B 462 -23.03 2.66 1.56
N THR B 463 -24.18 2.18 1.10
CA THR B 463 -25.37 2.20 1.93
C THR B 463 -25.20 1.35 3.18
N GLY B 464 -24.52 0.21 3.05
CA GLY B 464 -24.19 -0.58 4.23
C GLY B 464 -23.31 0.18 5.21
N GLU B 465 -22.30 0.88 4.69
CA GLU B 465 -21.46 1.69 5.57
C GLU B 465 -22.26 2.80 6.24
N ILE B 466 -23.23 3.38 5.54
CA ILE B 466 -24.10 4.37 6.15
C ILE B 466 -24.91 3.75 7.27
N TYR B 467 -25.47 2.56 7.02
CA TYR B 467 -26.24 1.86 8.05
C TYR B 467 -25.40 1.41 9.23
N ARG B 468 -24.08 1.25 9.03
CA ARG B 468 -23.21 0.97 10.17
C ARG B 468 -23.23 2.10 11.18
N GLN B 469 -23.30 3.35 10.70
CA GLN B 469 -23.34 4.49 11.61
C GLN B 469 -24.56 4.46 12.51
N PHE B 470 -25.57 3.66 12.16
CA PHE B 470 -26.67 3.42 13.08
C PHE B 470 -26.46 2.14 13.88
N SER B 471 -26.10 1.05 13.19
CA SER B 471 -26.09 -0.26 13.81
C SER B 471 -25.03 -0.38 14.89
N ILE B 472 -23.80 0.06 14.60
CA ILE B 472 -22.72 -0.08 15.57
C ILE B 472 -23.00 0.77 16.79
N THR B 473 -23.44 2.02 16.58
CA THR B 473 -23.80 2.87 17.71
C THR B 473 -24.93 2.26 18.52
N LEU B 474 -25.89 1.60 17.87
CA LEU B 474 -26.96 0.98 18.63
C LEU B 474 -26.46 -0.18 19.47
N ILE B 475 -25.68 -1.10 18.90
CA ILE B 475 -25.23 -2.24 19.70
C ILE B 475 -24.40 -1.76 20.87
N SER B 476 -23.50 -0.80 20.62
CA SER B 476 -22.79 -0.17 21.72
C SER B 476 -23.75 0.48 22.72
N SER B 477 -24.86 1.04 22.23
CA SER B 477 -25.81 1.71 23.11
C SER B 477 -26.44 0.75 24.11
N MET B 478 -27.01 -0.36 23.63
CA MET B 478 -27.58 -1.27 24.62
C MET B 478 -26.51 -2.01 25.41
N LEU B 479 -25.30 -2.18 24.86
CA LEU B 479 -24.28 -2.81 25.69
C LEU B 479 -23.89 -1.91 26.85
N LEU B 480 -23.67 -0.63 26.58
CA LEU B 480 -23.47 0.34 27.65
C LEU B 480 -24.65 0.42 28.59
N SER B 481 -25.88 0.36 28.08
CA SER B 481 -27.05 0.45 28.93
C SER B 481 -27.14 -0.73 29.89
N VAL B 482 -26.93 -1.95 29.39
CA VAL B 482 -26.99 -3.10 30.26
C VAL B 482 -25.82 -3.10 31.24
N PHE B 483 -24.68 -2.53 30.85
CA PHE B 483 -23.60 -2.37 31.83
C PHE B 483 -24.01 -1.40 32.93
N VAL B 484 -24.45 -0.21 32.55
CA VAL B 484 -24.69 0.84 33.53
C VAL B 484 -25.86 0.52 34.45
N ALA B 485 -26.96 -0.04 33.93
CA ALA B 485 -28.12 -0.29 34.78
C ALA B 485 -27.81 -1.26 35.90
N MET B 486 -26.99 -2.28 35.65
CA MET B 486 -26.61 -3.22 36.69
C MET B 486 -25.34 -2.82 37.46
N SER B 487 -24.60 -1.82 37.00
CA SER B 487 -23.36 -1.45 37.67
C SER B 487 -23.45 -0.14 38.43
N LEU B 488 -23.84 0.94 37.76
CA LEU B 488 -23.65 2.30 38.28
C LEU B 488 -24.80 2.72 39.18
N THR B 489 -26.04 2.63 38.69
CA THR B 489 -27.22 3.07 39.42
C THR B 489 -27.38 2.39 40.79
N PRO B 490 -27.13 1.08 40.93
CA PRO B 490 -27.23 0.51 42.28
C PRO B 490 -26.28 1.15 43.26
N ALA B 491 -25.05 1.45 42.83
CA ALA B 491 -24.09 2.09 43.72
C ALA B 491 -24.58 3.46 44.16
N LEU B 492 -25.11 4.26 43.24
CA LEU B 492 -25.68 5.55 43.62
C LEU B 492 -26.82 5.37 44.61
N CYS B 493 -27.86 4.63 44.22
CA CYS B 493 -29.02 4.52 45.10
C CYS B 493 -28.65 3.92 46.45
N ALA B 494 -27.53 3.19 46.55
CA ALA B 494 -27.05 2.76 47.84
C ALA B 494 -26.35 3.88 48.59
N THR B 495 -25.59 4.73 47.89
CA THR B 495 -24.68 5.64 48.56
C THR B 495 -25.25 7.05 48.79
N ILE B 496 -26.29 7.45 48.07
CA ILE B 496 -26.83 8.80 48.17
C ILE B 496 -28.21 8.80 48.81
N LEU B 497 -29.01 7.78 48.57
CA LEU B 497 -30.39 7.76 49.03
C LEU B 497 -30.46 7.84 50.54
N LYS B 498 -30.96 8.96 51.05
CA LYS B 498 -31.16 9.14 52.48
C LYS B 498 -32.39 8.37 52.93
N ALA B 499 -32.48 8.13 54.24
CA ALA B 499 -33.59 7.37 54.80
C ALA B 499 -34.85 8.22 54.87
N TYR B 539 -61.61 -0.24 17.25
CA TYR B 539 -60.30 0.40 17.37
C TYR B 539 -59.28 -0.13 16.36
N MET B 540 -59.59 -1.22 15.64
CA MET B 540 -58.83 -1.49 14.43
C MET B 540 -59.05 -0.39 13.40
N VAL B 541 -60.29 0.06 13.24
CA VAL B 541 -60.58 1.17 12.35
C VAL B 541 -59.97 2.47 12.90
N VAL B 542 -59.96 2.62 14.23
CA VAL B 542 -59.31 3.79 14.81
C VAL B 542 -57.81 3.78 14.52
N TYR B 543 -57.17 2.61 14.64
CA TYR B 543 -55.75 2.49 14.28
C TYR B 543 -55.54 2.74 12.79
N LEU B 544 -56.51 2.38 11.95
CA LEU B 544 -56.41 2.73 10.53
C LEU B 544 -56.49 4.23 10.32
N LEU B 545 -57.33 4.92 11.09
CA LEU B 545 -57.37 6.38 11.04
C LEU B 545 -56.03 6.98 11.48
N ILE B 546 -55.44 6.44 12.53
CA ILE B 546 -54.12 6.90 12.96
C ILE B 546 -53.08 6.59 11.87
N CYS B 547 -53.24 5.46 11.19
CA CYS B 547 -52.37 5.13 10.06
C CYS B 547 -52.48 6.18 8.96
N ALA B 548 -53.71 6.60 8.63
CA ALA B 548 -53.88 7.68 7.67
C ALA B 548 -53.23 8.97 8.17
N GLY B 549 -53.35 9.25 9.46
CA GLY B 549 -52.76 10.47 10.01
C GLY B 549 -51.25 10.51 9.87
N MET B 550 -50.56 9.48 10.35
CA MET B 550 -49.10 9.58 10.24
C MET B 550 -48.62 9.20 8.85
N ALA B 551 -49.49 8.68 7.97
CA ALA B 551 -49.14 8.60 6.56
C ALA B 551 -49.21 9.97 5.91
N VAL B 552 -50.17 10.80 6.30
CA VAL B 552 -50.18 12.20 5.88
C VAL B 552 -48.91 12.89 6.37
N LEU B 553 -48.51 12.62 7.62
CA LEU B 553 -47.21 13.11 8.10
C LEU B 553 -46.06 12.54 7.28
N PHE B 554 -46.16 11.27 6.87
CA PHE B 554 -45.14 10.61 6.06
C PHE B 554 -44.95 11.31 4.72
N LEU B 555 -46.05 11.73 4.11
CA LEU B 555 -46.01 12.39 2.80
C LEU B 555 -45.64 13.86 2.88
N ARG B 556 -45.46 14.41 4.10
CA ARG B 556 -45.20 15.83 4.28
C ARG B 556 -43.74 16.21 4.13
N THR B 557 -42.83 15.26 3.94
CA THR B 557 -41.40 15.56 3.90
C THR B 557 -40.86 15.35 2.49
N PRO B 558 -40.68 16.39 1.70
CA PRO B 558 -40.17 16.22 0.33
C PRO B 558 -38.69 15.82 0.36
N THR B 559 -38.22 15.32 -0.77
CA THR B 559 -36.85 14.84 -0.91
C THR B 559 -35.94 16.01 -1.26
N SER B 560 -35.60 16.80 -0.23
CA SER B 560 -34.58 17.82 -0.33
C SER B 560 -33.22 17.18 -0.04
N PHE B 561 -32.17 18.00 0.00
CA PHE B 561 -30.84 17.49 0.29
C PHE B 561 -30.31 18.01 1.61
N LEU B 562 -30.19 19.33 1.79
CA LEU B 562 -29.60 19.89 2.99
C LEU B 562 -29.98 21.36 3.07
N PRO B 563 -30.18 21.90 4.28
CA PRO B 563 -30.41 23.34 4.42
C PRO B 563 -29.10 24.12 4.48
N GLU B 564 -29.19 25.43 4.69
CA GLU B 564 -28.02 26.30 4.78
C GLU B 564 -27.85 26.81 6.20
N GLU B 565 -26.70 27.44 6.46
CA GLU B 565 -26.35 27.92 7.78
C GLU B 565 -25.49 29.17 7.64
N ASP B 566 -25.00 29.66 8.77
CA ASP B 566 -24.05 30.77 8.81
C ASP B 566 -22.64 30.24 9.01
N GLN B 567 -21.68 30.84 8.31
CA GLN B 567 -20.31 30.38 8.41
C GLN B 567 -19.41 31.49 8.94
N GLY B 568 -19.50 32.68 8.37
CA GLY B 568 -18.65 33.78 8.78
C GLY B 568 -17.99 34.50 7.63
N VAL B 569 -17.61 33.75 6.58
CA VAL B 569 -17.01 34.35 5.40
C VAL B 569 -17.68 33.73 4.17
N PHE B 570 -17.80 34.54 3.11
CA PHE B 570 -18.44 34.11 1.89
C PHE B 570 -17.58 34.50 0.70
N MET B 571 -18.04 34.14 -0.49
CA MET B 571 -17.26 34.31 -1.70
C MET B 571 -18.11 34.97 -2.78
N THR B 572 -17.48 35.85 -3.56
CA THR B 572 -18.13 36.52 -4.68
C THR B 572 -17.35 36.21 -5.94
N THR B 573 -18.07 35.77 -6.98
CA THR B 573 -17.45 35.45 -8.25
C THR B 573 -17.91 36.44 -9.32
N ALA B 574 -17.00 36.72 -10.25
CA ALA B 574 -17.26 37.65 -11.34
C ALA B 574 -16.93 36.95 -12.65
N GLN B 575 -17.88 36.91 -13.57
CA GLN B 575 -17.70 36.28 -14.87
C GLN B 575 -17.91 37.32 -15.96
N LEU B 576 -16.98 37.38 -16.88
CA LEU B 576 -16.99 38.35 -17.96
C LEU B 576 -17.26 37.65 -19.29
N PRO B 577 -17.71 38.39 -20.31
CA PRO B 577 -18.01 37.76 -21.60
C PRO B 577 -16.80 37.03 -22.16
N SER B 578 -17.08 36.09 -23.05
CA SER B 578 -16.02 35.32 -23.67
C SER B 578 -15.10 36.21 -24.48
N GLY B 579 -13.80 35.95 -24.38
CA GLY B 579 -12.81 36.78 -25.05
C GLY B 579 -12.58 38.12 -24.40
N ALA B 580 -12.88 38.26 -23.11
CA ALA B 580 -12.65 39.51 -22.42
C ALA B 580 -11.21 39.62 -21.95
N THR B 581 -10.62 40.79 -22.17
CA THR B 581 -9.24 41.06 -21.80
C THR B 581 -9.14 41.15 -20.28
N MET B 582 -8.01 40.71 -19.73
CA MET B 582 -7.79 40.72 -18.30
C MET B 582 -7.89 42.11 -17.70
N VAL B 583 -7.69 43.16 -18.49
CA VAL B 583 -7.85 44.52 -17.97
C VAL B 583 -9.29 44.74 -17.50
N ASN B 584 -10.26 44.27 -18.28
CA ASN B 584 -11.66 44.43 -17.89
C ASN B 584 -11.96 43.63 -16.61
N THR B 585 -11.41 42.43 -16.49
CA THR B 585 -11.60 41.65 -15.28
C THR B 585 -11.02 42.38 -14.07
N THR B 586 -9.84 42.98 -14.24
CA THR B 586 -9.24 43.74 -13.15
C THR B 586 -10.11 44.92 -12.76
N LYS B 587 -10.66 45.64 -13.75
CA LYS B 587 -11.55 46.75 -13.44
C LYS B 587 -12.79 46.29 -12.68
N VAL B 588 -13.38 45.18 -13.11
CA VAL B 588 -14.57 44.68 -12.43
C VAL B 588 -14.26 44.27 -11.00
N LEU B 589 -13.14 43.56 -10.79
CA LEU B 589 -12.79 43.15 -9.45
C LEU B 589 -12.47 44.34 -8.56
N GLN B 590 -11.82 45.38 -9.12
CA GLN B 590 -11.60 46.59 -8.33
C GLN B 590 -12.91 47.26 -7.97
N GLN B 591 -13.88 47.27 -8.88
CA GLN B 591 -15.19 47.82 -8.55
C GLN B 591 -15.85 47.04 -7.41
N VAL B 592 -15.73 45.71 -7.45
CA VAL B 592 -16.28 44.89 -6.38
C VAL B 592 -15.60 45.22 -5.06
N THR B 593 -14.28 45.34 -5.06
CA THR B 593 -13.55 45.67 -3.84
C THR B 593 -13.99 47.01 -3.29
N ASP B 594 -14.11 48.02 -4.16
CA ASP B 594 -14.52 49.34 -3.72
C ASP B 594 -15.93 49.31 -3.14
N TYR B 595 -16.85 48.59 -3.80
CA TYR B 595 -18.19 48.50 -3.27
C TYR B 595 -18.20 47.87 -1.88
N TYR B 596 -17.48 46.76 -1.71
CA TYR B 596 -17.49 46.10 -0.42
C TYR B 596 -16.86 46.96 0.67
N LEU B 597 -15.76 47.64 0.37
CA LEU B 597 -15.02 48.38 1.38
C LEU B 597 -15.47 49.82 1.54
N THR B 598 -16.44 50.30 0.75
CA THR B 598 -16.90 51.68 0.87
C THR B 598 -18.35 51.76 1.32
N LYS B 599 -19.23 50.89 0.80
CA LYS B 599 -20.63 51.00 1.16
C LYS B 599 -20.98 50.21 2.41
N GLU B 600 -20.25 49.14 2.71
CA GLU B 600 -20.55 48.29 3.87
C GLU B 600 -19.28 48.04 4.69
N LYS B 601 -18.54 49.11 5.00
CA LYS B 601 -17.30 48.92 5.75
C LYS B 601 -17.55 48.38 7.15
N ASP B 602 -18.78 48.49 7.67
CA ASP B 602 -19.03 48.17 9.06
C ASP B 602 -19.15 46.68 9.33
N ASN B 603 -19.12 45.84 8.29
CA ASN B 603 -19.23 44.40 8.49
C ASN B 603 -18.17 43.59 7.77
N VAL B 604 -17.52 44.15 6.76
CA VAL B 604 -16.48 43.41 6.03
C VAL B 604 -15.12 43.71 6.64
N GLN B 605 -14.23 42.73 6.61
CA GLN B 605 -12.90 42.88 7.15
C GLN B 605 -11.84 42.97 6.07
N SER B 606 -11.82 42.01 5.14
CA SER B 606 -10.80 41.98 4.11
C SER B 606 -11.42 41.48 2.81
N VAL B 607 -10.96 42.02 1.70
CA VAL B 607 -11.40 41.62 0.37
C VAL B 607 -10.19 41.13 -0.41
N PHE B 608 -10.15 39.85 -0.69
CA PHE B 608 -9.02 39.22 -1.38
C PHE B 608 -9.52 38.78 -2.77
N THR B 609 -9.22 39.56 -3.78
CA THR B 609 -9.68 39.31 -5.14
C THR B 609 -8.55 38.76 -5.98
N VAL B 610 -8.78 37.62 -6.61
CA VAL B 610 -7.82 37.02 -7.53
C VAL B 610 -8.43 37.01 -8.92
N GLY B 611 -7.70 37.58 -9.88
CA GLY B 611 -8.13 37.64 -11.26
C GLY B 611 -7.43 36.55 -12.06
N GLY B 612 -8.08 36.11 -13.12
CA GLY B 612 -7.53 35.04 -13.93
C GLY B 612 -7.77 33.65 -13.39
N PHE B 613 -8.60 33.50 -12.37
CA PHE B 613 -8.91 32.20 -11.78
C PHE B 613 -10.40 32.09 -11.56
N GLY B 614 -10.90 30.86 -11.61
CA GLY B 614 -12.30 30.61 -11.36
C GLY B 614 -12.55 29.11 -11.27
N PHE B 615 -13.71 28.76 -10.72
CA PHE B 615 -14.08 27.35 -10.63
C PHE B 615 -14.33 26.71 -11.98
N SER B 616 -14.67 27.50 -13.00
CA SER B 616 -14.78 26.98 -14.35
C SER B 616 -13.43 26.73 -15.00
N GLY B 617 -12.35 27.14 -14.34
CA GLY B 617 -11.01 26.97 -14.86
C GLY B 617 -10.23 28.25 -14.78
N GLN B 618 -9.09 28.26 -15.46
CA GLN B 618 -8.21 29.41 -15.50
C GLN B 618 -8.36 30.13 -16.83
N GLY B 619 -8.65 31.42 -16.78
CA GLY B 619 -8.85 32.19 -18.00
C GLY B 619 -8.85 33.67 -17.70
N GLN B 620 -8.62 34.46 -18.75
CA GLN B 620 -8.50 35.90 -18.58
C GLN B 620 -9.81 36.55 -18.19
N ASN B 621 -10.94 35.93 -18.48
CA ASN B 621 -12.25 36.54 -18.23
C ASN B 621 -12.91 36.01 -16.97
N ASN B 622 -12.18 35.29 -16.13
CA ASN B 622 -12.71 34.76 -14.89
C ASN B 622 -12.24 35.60 -13.70
N GLY B 623 -13.12 35.78 -12.74
CA GLY B 623 -12.80 36.54 -11.54
C GLY B 623 -13.34 35.84 -10.31
N LEU B 624 -12.63 36.04 -9.20
CA LEU B 624 -13.00 35.41 -7.94
C LEU B 624 -12.58 36.33 -6.80
N ALA B 625 -13.40 36.36 -5.75
CA ALA B 625 -13.12 37.22 -4.61
C ALA B 625 -13.53 36.54 -3.32
N PHE B 626 -12.61 36.51 -2.35
CA PHE B 626 -12.90 36.07 -1.00
C PHE B 626 -13.22 37.29 -0.15
N ILE B 627 -14.26 37.18 0.68
CA ILE B 627 -14.65 38.27 1.57
C ILE B 627 -14.55 37.77 3.00
N SER B 628 -13.97 38.58 3.87
CA SER B 628 -13.85 38.27 5.29
C SER B 628 -14.71 39.24 6.09
N LEU B 629 -15.42 38.71 7.07
CA LEU B 629 -16.34 39.50 7.88
C LEU B 629 -15.81 39.66 9.30
N LYS B 630 -16.26 40.73 9.94
CA LYS B 630 -15.89 40.99 11.32
C LYS B 630 -16.53 39.97 12.24
N PRO B 631 -15.95 39.75 13.42
CA PRO B 631 -16.50 38.73 14.33
C PRO B 631 -17.92 39.05 14.77
N TRP B 632 -18.60 38.02 15.25
CA TRP B 632 -20.00 38.12 15.65
C TRP B 632 -20.22 39.18 16.72
N SER B 633 -19.20 39.49 17.53
CA SER B 633 -19.35 40.53 18.54
C SER B 633 -19.67 41.88 17.90
N GLU B 634 -19.06 42.17 16.76
CA GLU B 634 -19.33 43.42 16.06
C GLU B 634 -20.47 43.30 15.04
N ARG B 635 -20.83 42.08 14.66
CA ARG B 635 -21.94 41.85 13.74
C ARG B 635 -23.16 41.49 14.57
N VAL B 636 -23.96 42.51 14.90
CA VAL B 636 -25.14 42.34 15.73
C VAL B 636 -26.38 42.41 14.86
N GLY B 637 -27.43 41.71 15.28
CA GLY B 637 -28.68 41.69 14.54
C GLY B 637 -28.62 40.83 13.30
N GLU B 638 -29.80 40.59 12.71
CA GLU B 638 -29.89 39.82 11.49
C GLU B 638 -29.58 40.65 10.25
N GLU B 639 -29.72 41.98 10.32
CA GLU B 639 -29.44 42.84 9.18
C GLU B 639 -27.97 42.85 8.81
N ASN B 640 -27.08 42.50 9.74
CA ASN B 640 -25.65 42.43 9.48
C ASN B 640 -25.17 40.99 9.34
N SER B 641 -26.09 40.04 9.23
CA SER B 641 -25.73 38.64 9.09
C SER B 641 -25.26 38.38 7.66
N VAL B 642 -24.85 37.13 7.41
CA VAL B 642 -24.35 36.76 6.09
C VAL B 642 -25.46 36.87 5.05
N THR B 643 -26.67 36.43 5.39
CA THR B 643 -27.75 36.41 4.41
C THR B 643 -28.14 37.82 3.98
N ALA B 644 -28.30 38.73 4.93
CA ALA B 644 -28.71 40.10 4.59
C ALA B 644 -27.64 40.80 3.77
N ILE B 645 -26.37 40.66 4.15
CA ILE B 645 -25.31 41.31 3.39
C ILE B 645 -25.18 40.69 2.01
N ILE B 646 -25.40 39.38 1.88
CA ILE B 646 -25.37 38.75 0.57
C ILE B 646 -26.49 39.27 -0.31
N GLN B 647 -27.69 39.43 0.26
CA GLN B 647 -28.81 39.96 -0.51
C GLN B 647 -28.53 41.39 -0.97
N ARG B 648 -27.99 42.22 -0.08
CA ARG B 648 -27.63 43.58 -0.47
C ARG B 648 -26.56 43.58 -1.54
N ALA B 649 -25.60 42.66 -1.44
CA ALA B 649 -24.57 42.55 -2.47
C ALA B 649 -25.17 42.17 -3.82
N MET B 650 -26.10 41.21 -3.82
CA MET B 650 -26.81 40.87 -5.05
C MET B 650 -27.47 42.08 -5.65
N ILE B 651 -28.24 42.82 -4.84
CA ILE B 651 -28.99 43.95 -5.35
C ILE B 651 -28.05 45.02 -5.90
N ALA B 652 -26.97 45.30 -5.19
CA ALA B 652 -26.07 46.36 -5.62
C ALA B 652 -25.21 45.97 -6.81
N LEU B 653 -24.78 44.71 -6.89
CA LEU B 653 -23.86 44.26 -7.92
C LEU B 653 -24.58 43.72 -9.15
N SER B 654 -25.91 43.66 -9.14
CA SER B 654 -26.61 43.38 -10.38
C SER B 654 -26.48 44.52 -11.39
N SER B 655 -25.98 45.67 -10.97
CA SER B 655 -25.82 46.84 -11.83
C SER B 655 -24.52 46.81 -12.62
N ILE B 656 -23.67 45.81 -12.43
CA ILE B 656 -22.45 45.70 -13.22
C ILE B 656 -22.82 45.36 -14.65
N ASN B 657 -22.61 46.31 -15.56
CA ASN B 657 -23.11 46.18 -16.92
C ASN B 657 -22.35 45.13 -17.74
N LYS B 658 -21.02 45.12 -17.65
CA LYS B 658 -20.20 44.31 -18.54
C LYS B 658 -19.70 43.03 -17.88
N ALA B 659 -20.38 42.56 -16.85
CA ALA B 659 -19.98 41.32 -16.19
C ALA B 659 -21.16 40.76 -15.41
N VAL B 660 -21.02 39.51 -15.00
CA VAL B 660 -22.02 38.81 -14.21
C VAL B 660 -21.41 38.51 -12.85
N VAL B 661 -21.78 39.30 -11.84
CA VAL B 661 -21.25 39.16 -10.49
C VAL B 661 -22.29 38.46 -9.65
N PHE B 662 -21.90 37.34 -9.04
CA PHE B 662 -22.83 36.46 -8.32
C PHE B 662 -22.32 36.17 -6.92
N PRO B 663 -22.53 37.10 -5.98
CA PRO B 663 -22.20 36.80 -4.58
C PRO B 663 -23.01 35.63 -4.07
N PHE B 664 -22.36 34.77 -3.29
CA PHE B 664 -23.02 33.59 -2.76
C PHE B 664 -22.29 33.11 -1.51
N ASN B 665 -23.00 32.34 -0.69
CA ASN B 665 -22.45 31.78 0.52
C ASN B 665 -21.86 30.39 0.22
N LEU B 666 -20.90 30.00 1.04
CA LEU B 666 -20.36 28.65 0.96
C LEU B 666 -21.47 27.66 1.28
N PRO B 667 -21.65 26.61 0.48
CA PRO B 667 -22.72 25.64 0.76
C PRO B 667 -22.42 24.83 2.01
N ALA B 668 -23.42 24.05 2.46
CA ALA B 668 -23.23 23.22 3.64
C ALA B 668 -22.15 22.17 3.42
N VAL B 669 -22.13 21.55 2.24
CA VAL B 669 -21.10 20.59 1.87
C VAL B 669 -20.37 21.14 0.66
N ALA B 670 -19.19 21.74 0.90
CA ALA B 670 -18.37 22.25 -0.19
C ALA B 670 -17.67 21.14 -0.97
N GLU B 671 -17.70 19.91 -0.47
CA GLU B 671 -17.06 18.78 -1.14
C GLU B 671 -17.91 18.23 -2.28
N LEU B 672 -19.18 18.60 -2.37
CA LEU B 672 -20.09 18.06 -3.37
C LEU B 672 -20.53 19.09 -4.40
N GLY B 673 -20.04 20.31 -4.33
CA GLY B 673 -20.39 21.35 -5.27
C GLY B 673 -20.71 22.64 -4.55
N THR B 674 -21.30 23.58 -5.29
CA THR B 674 -21.69 24.87 -4.74
C THR B 674 -23.19 25.09 -4.71
N ALA B 675 -23.97 24.13 -5.21
CA ALA B 675 -25.43 24.27 -5.24
C ALA B 675 -26.06 22.88 -5.21
N SER B 676 -27.37 22.83 -5.33
CA SER B 676 -28.12 21.58 -5.34
C SER B 676 -28.77 21.40 -6.71
N GLY B 677 -29.54 20.31 -6.84
CA GLY B 677 -30.16 19.97 -8.09
C GLY B 677 -29.65 18.66 -8.64
N PHE B 678 -29.58 18.54 -9.95
CA PHE B 678 -29.08 17.33 -10.60
C PHE B 678 -27.86 17.68 -11.45
N ASP B 679 -26.92 16.76 -11.53
CA ASP B 679 -25.74 16.90 -12.36
C ASP B 679 -25.82 15.91 -13.50
N MET B 680 -25.73 16.41 -14.73
CA MET B 680 -26.01 15.61 -15.90
C MET B 680 -24.91 15.78 -16.93
N GLU B 681 -24.53 14.67 -17.55
CA GLU B 681 -23.55 14.67 -18.63
C GLU B 681 -24.22 14.19 -19.90
N LEU B 682 -24.04 14.93 -20.99
CA LEU B 682 -24.61 14.58 -22.28
C LEU B 682 -23.51 13.89 -23.10
N LEU B 683 -23.55 12.56 -23.12
CA LEU B 683 -22.48 11.79 -23.75
C LEU B 683 -22.73 11.64 -25.24
N ASP B 684 -21.68 11.89 -26.03
CA ASP B 684 -21.72 11.63 -27.48
C ASP B 684 -20.99 10.33 -27.76
N ASN B 685 -21.67 9.22 -27.45
CA ASN B 685 -21.11 7.89 -27.66
C ASN B 685 -21.26 7.41 -29.09
N GLY B 686 -21.95 8.16 -29.93
CA GLY B 686 -22.10 7.81 -31.32
C GLY B 686 -21.05 8.36 -32.26
N ASN B 687 -20.05 9.07 -31.73
CA ASN B 687 -18.98 9.67 -32.53
C ASN B 687 -19.57 10.62 -33.58
N LEU B 688 -20.29 11.62 -33.09
CA LEU B 688 -21.01 12.55 -33.94
C LEU B 688 -20.22 13.81 -34.27
N GLY B 689 -19.40 14.29 -33.35
CA GLY B 689 -18.65 15.51 -33.54
C GLY B 689 -19.15 16.63 -32.63
N HIS B 690 -18.30 17.64 -32.49
CA HIS B 690 -18.59 18.73 -31.58
C HIS B 690 -19.83 19.52 -32.01
N GLU B 691 -19.98 19.78 -33.31
CA GLU B 691 -21.10 20.60 -33.75
C GLU B 691 -22.43 19.87 -33.58
N LYS B 692 -22.48 18.58 -33.92
CA LYS B 692 -23.71 17.83 -33.73
C LYS B 692 -24.08 17.75 -32.26
N LEU B 693 -23.09 17.53 -31.39
CA LEU B 693 -23.36 17.47 -29.96
C LEU B 693 -23.84 18.82 -29.43
N THR B 694 -23.26 19.91 -29.92
CA THR B 694 -23.72 21.24 -29.50
C THR B 694 -25.15 21.48 -29.93
N GLN B 695 -25.49 21.10 -31.16
CA GLN B 695 -26.87 21.23 -31.62
C GLN B 695 -27.81 20.39 -30.78
N ALA B 696 -27.40 19.18 -30.42
CA ALA B 696 -28.22 18.33 -29.57
C ALA B 696 -28.40 18.96 -28.19
N ARG B 697 -27.35 19.55 -27.64
CA ARG B 697 -27.46 20.21 -26.35
C ARG B 697 -28.43 21.39 -26.42
N ASN B 698 -28.35 22.18 -27.48
CA ASN B 698 -29.28 23.30 -27.63
C ASN B 698 -30.71 22.81 -27.78
N GLU B 699 -30.91 21.73 -28.53
CA GLU B 699 -32.24 21.14 -28.64
C GLU B 699 -32.76 20.65 -27.30
N LEU B 700 -31.90 20.02 -26.50
CA LEU B 700 -32.32 19.57 -25.18
C LEU B 700 -32.68 20.74 -24.28
N LEU B 701 -31.90 21.82 -24.34
CA LEU B 701 -32.22 23.00 -23.55
C LEU B 701 -33.56 23.59 -23.97
N SER B 702 -33.81 23.67 -25.28
CA SER B 702 -35.09 24.18 -25.75
C SER B 702 -36.24 23.30 -25.30
N LEU B 703 -36.07 21.98 -25.39
CA LEU B 703 -37.13 21.06 -24.96
C LEU B 703 -37.40 21.19 -23.47
N ALA B 704 -36.34 21.27 -22.65
CA ALA B 704 -36.52 21.42 -21.22
C ALA B 704 -37.20 22.74 -20.87
N ALA B 705 -36.83 23.82 -21.54
CA ALA B 705 -37.49 25.10 -21.30
C ALA B 705 -38.97 25.08 -21.69
N GLN B 706 -39.37 24.14 -22.54
CA GLN B 706 -40.77 24.06 -22.96
C GLN B 706 -41.69 23.52 -21.88
N SER B 707 -41.14 22.87 -20.85
CA SER B 707 -41.94 22.29 -19.77
C SER B 707 -41.37 22.77 -18.43
N PRO B 708 -41.59 24.04 -18.09
CA PRO B 708 -41.08 24.56 -16.81
C PRO B 708 -41.72 23.93 -15.59
N ASN B 709 -42.87 23.27 -15.75
CA ASN B 709 -43.55 22.62 -14.64
C ASN B 709 -42.79 21.42 -14.10
N GLN B 710 -41.76 20.95 -14.81
CA GLN B 710 -41.00 19.78 -14.40
C GLN B 710 -39.57 20.11 -13.98
N VAL B 711 -38.85 20.88 -14.78
CA VAL B 711 -37.48 21.25 -14.48
C VAL B 711 -37.34 22.76 -14.57
N THR B 712 -36.63 23.33 -13.61
CA THR B 712 -36.45 24.78 -13.51
C THR B 712 -34.98 25.11 -13.50
N GLY B 713 -34.63 26.19 -14.20
CA GLY B 713 -33.26 26.68 -14.21
C GLY B 713 -32.26 25.76 -14.87
N VAL B 714 -32.67 25.04 -15.91
CA VAL B 714 -31.75 24.21 -16.67
C VAL B 714 -30.81 25.12 -17.46
N ARG B 715 -29.52 24.79 -17.45
CA ARG B 715 -28.52 25.64 -18.08
C ARG B 715 -27.27 24.82 -18.35
N PRO B 716 -26.53 25.14 -19.39
CA PRO B 716 -25.25 24.46 -19.62
C PRO B 716 -24.19 24.96 -18.66
N ASN B 717 -23.16 24.14 -18.49
CA ASN B 717 -22.05 24.48 -17.61
C ASN B 717 -20.81 24.94 -18.35
N GLY B 718 -20.60 24.47 -19.57
CA GLY B 718 -19.42 24.84 -20.32
C GLY B 718 -19.50 26.24 -20.89
N LEU B 719 -18.40 26.66 -21.50
CA LEU B 719 -18.31 27.97 -22.12
C LEU B 719 -18.66 27.89 -23.61
N GLU B 720 -19.17 28.99 -24.13
CA GLU B 720 -19.56 29.04 -25.53
C GLU B 720 -18.33 29.22 -26.43
N ASP B 721 -18.54 28.97 -27.71
CA ASP B 721 -17.45 29.09 -28.68
C ASP B 721 -17.00 30.54 -28.80
N THR B 722 -15.72 30.73 -29.06
CA THR B 722 -15.10 32.04 -29.18
C THR B 722 -14.35 32.15 -30.49
N PRO B 723 -14.18 33.36 -31.03
CA PRO B 723 -13.37 33.53 -32.24
C PRO B 723 -11.92 33.17 -31.94
N MET B 724 -11.30 32.44 -32.86
CA MET B 724 -9.91 32.05 -32.74
C MET B 724 -9.17 32.34 -34.04
N PHE B 725 -7.88 32.61 -33.91
CA PHE B 725 -7.04 32.98 -35.04
C PHE B 725 -6.37 31.74 -35.62
N LYS B 726 -6.49 31.58 -36.94
CA LYS B 726 -5.91 30.46 -37.64
C LYS B 726 -4.90 30.96 -38.66
N VAL B 727 -3.69 30.40 -38.62
CA VAL B 727 -2.62 30.75 -39.55
C VAL B 727 -2.43 29.57 -40.48
N ASN B 728 -2.64 29.80 -41.78
CA ASN B 728 -2.45 28.78 -42.79
C ASN B 728 -1.11 29.01 -43.49
N VAL B 729 -0.25 28.00 -43.45
CA VAL B 729 1.10 28.11 -43.98
C VAL B 729 1.16 27.33 -45.29
N ASN B 730 1.49 28.01 -46.38
CA ASN B 730 1.63 27.38 -47.68
C ASN B 730 2.93 26.58 -47.68
N ALA B 731 2.85 25.29 -47.39
CA ALA B 731 4.04 24.46 -47.32
C ALA B 731 4.77 24.41 -48.65
N ALA B 732 4.04 24.27 -49.75
CA ALA B 732 4.67 24.22 -51.06
C ALA B 732 5.40 25.51 -51.38
N LYS B 733 4.76 26.66 -51.09
CA LYS B 733 5.40 27.94 -51.37
C LYS B 733 6.67 28.11 -50.53
N ALA B 734 6.62 27.75 -49.25
CA ALA B 734 7.81 27.86 -48.40
C ALA B 734 8.91 26.94 -48.90
N GLU B 735 8.57 25.71 -49.27
CA GLU B 735 9.55 24.77 -49.76
C GLU B 735 10.15 25.21 -51.10
N ALA B 736 9.39 25.94 -51.91
CA ALA B 736 9.91 26.38 -53.20
C ALA B 736 11.06 27.37 -53.03
N MET B 737 11.01 28.22 -52.01
CA MET B 737 12.06 29.19 -51.75
C MET B 737 13.00 28.77 -50.63
N GLY B 738 13.11 27.46 -50.37
CA GLY B 738 14.09 26.96 -49.44
C GLY B 738 13.90 27.36 -48.00
N VAL B 739 12.67 27.33 -47.50
CA VAL B 739 12.37 27.61 -46.10
C VAL B 739 11.68 26.39 -45.51
N ALA B 740 12.26 25.85 -44.43
CA ALA B 740 11.70 24.66 -43.82
C ALA B 740 10.43 24.97 -43.06
N LEU B 741 9.43 24.09 -43.19
CA LEU B 741 8.19 24.27 -42.45
C LEU B 741 8.42 24.18 -40.95
N SER B 742 9.32 23.30 -40.52
CA SER B 742 9.62 23.19 -39.10
C SER B 742 10.13 24.51 -38.54
N ASP B 743 10.96 25.22 -39.31
CA ASP B 743 11.44 26.52 -38.85
C ASP B 743 10.30 27.50 -38.66
N ILE B 744 9.35 27.54 -39.59
CA ILE B 744 8.23 28.46 -39.48
C ILE B 744 7.39 28.12 -38.26
N ASN B 745 7.06 26.83 -38.08
CA ASN B 745 6.25 26.45 -36.94
C ASN B 745 6.95 26.75 -35.62
N GLN B 746 8.25 26.44 -35.54
CA GLN B 746 8.98 26.73 -34.31
C GLN B 746 9.07 28.22 -34.06
N THR B 747 9.26 29.03 -35.10
CA THR B 747 9.30 30.47 -34.93
C THR B 747 7.99 30.99 -34.38
N ILE B 748 6.87 30.57 -34.96
CA ILE B 748 5.58 31.05 -34.49
C ILE B 748 5.33 30.60 -33.06
N SER B 749 5.61 29.33 -32.77
CA SER B 749 5.35 28.80 -31.43
C SER B 749 6.21 29.50 -30.39
N THR B 750 7.48 29.75 -30.70
CA THR B 750 8.34 30.45 -29.74
C THR B 750 7.89 31.89 -29.56
N ALA B 751 7.53 32.57 -30.65
CA ALA B 751 7.15 33.97 -30.55
C ALA B 751 5.86 34.14 -29.75
N PHE B 752 4.88 33.26 -29.94
CA PHE B 752 3.57 33.45 -29.34
C PHE B 752 3.24 32.45 -28.24
N GLY B 753 4.20 31.67 -27.77
CA GLY B 753 3.87 30.60 -26.85
C GLY B 753 4.81 30.42 -25.68
N SER B 754 5.89 31.20 -25.63
CA SER B 754 6.82 31.21 -24.50
C SER B 754 7.41 29.82 -24.27
N SER B 755 8.18 29.38 -25.26
CA SER B 755 8.84 28.08 -25.17
C SER B 755 9.85 28.06 -24.05
N TYR B 756 9.84 26.99 -23.26
CA TYR B 756 10.72 26.84 -22.11
C TYR B 756 12.03 26.20 -22.53
N VAL B 757 13.14 26.74 -21.99
CA VAL B 757 14.46 26.33 -22.48
C VAL B 757 15.17 25.44 -21.48
N ASN B 758 15.52 25.97 -20.32
CA ASN B 758 16.23 25.21 -19.29
C ASN B 758 16.12 25.97 -17.98
N ASP B 759 16.91 25.56 -16.99
CA ASP B 759 16.88 26.14 -15.66
C ASP B 759 18.11 26.98 -15.42
N PHE B 760 18.02 27.86 -14.43
CA PHE B 760 19.13 28.71 -14.02
C PHE B 760 19.05 28.94 -12.53
N LEU B 761 20.16 29.40 -11.95
CA LEU B 761 20.27 29.58 -10.52
C LEU B 761 19.98 31.02 -10.13
N ASN B 762 19.12 31.21 -9.14
CA ASN B 762 18.81 32.54 -8.64
C ASN B 762 18.71 32.45 -7.12
N GLN B 763 19.67 33.08 -6.44
CA GLN B 763 19.69 33.11 -4.97
C GLN B 763 19.65 31.69 -4.40
N GLY B 764 20.42 30.79 -5.00
CA GLY B 764 20.48 29.43 -4.51
C GLY B 764 19.31 28.56 -4.87
N ARG B 765 18.44 29.01 -5.76
CA ARG B 765 17.28 28.24 -6.17
C ARG B 765 17.30 28.05 -7.68
N VAL B 766 16.90 26.86 -8.12
CA VAL B 766 16.77 26.58 -9.54
C VAL B 766 15.43 27.14 -10.03
N LYS B 767 15.48 27.89 -11.12
CA LYS B 767 14.28 28.48 -11.70
C LYS B 767 14.37 28.41 -13.21
N LYS B 768 13.20 28.44 -13.85
CA LYS B 768 13.08 28.20 -15.27
C LYS B 768 13.50 29.43 -16.08
N VAL B 769 13.78 29.20 -17.36
CA VAL B 769 14.09 30.25 -18.32
C VAL B 769 13.11 30.14 -19.47
N TYR B 770 12.45 31.25 -19.80
CA TYR B 770 11.43 31.27 -20.84
C TYR B 770 11.83 32.25 -21.93
N VAL B 771 11.47 31.92 -23.17
CA VAL B 771 11.74 32.78 -24.32
C VAL B 771 10.41 33.06 -25.01
N GLN B 772 10.07 34.34 -25.14
CA GLN B 772 8.85 34.77 -25.80
C GLN B 772 9.10 36.10 -26.48
N ALA B 773 8.19 36.45 -27.39
CA ALA B 773 8.25 37.75 -28.02
C ALA B 773 7.88 38.84 -27.01
N GLY B 774 8.31 40.06 -27.30
CA GLY B 774 7.98 41.18 -26.46
C GLY B 774 6.49 41.45 -26.45
N THR B 775 6.06 42.17 -25.41
CA THR B 775 4.63 42.49 -25.27
C THR B 775 4.08 43.24 -26.47
N PRO B 776 4.72 44.29 -27.00
CA PRO B 776 4.08 45.05 -28.09
C PRO B 776 4.22 44.40 -29.45
N PHE B 777 4.60 43.12 -29.49
CA PHE B 777 4.78 42.40 -30.74
C PHE B 777 3.84 41.21 -30.88
N ARG B 778 2.97 40.97 -29.91
CA ARG B 778 2.05 39.84 -29.97
C ARG B 778 0.67 40.24 -29.47
N MET B 779 0.18 41.41 -29.89
CA MET B 779 -1.11 41.89 -29.42
C MET B 779 -2.17 42.02 -30.51
N LEU B 780 -1.78 42.07 -31.78
CA LEU B 780 -2.72 42.27 -32.86
C LEU B 780 -2.47 41.25 -33.96
N PRO B 781 -3.48 40.96 -34.77
CA PRO B 781 -3.25 40.07 -35.93
C PRO B 781 -2.19 40.59 -36.88
N ASP B 782 -2.05 41.90 -37.01
CA ASP B 782 -1.02 42.47 -37.87
C ASP B 782 0.39 42.17 -37.40
N ASN B 783 0.57 41.73 -36.16
CA ASN B 783 1.90 41.47 -35.63
C ASN B 783 2.63 40.35 -36.33
N ILE B 784 1.91 39.44 -37.00
CA ILE B 784 2.57 38.33 -37.68
C ILE B 784 3.42 38.83 -38.84
N ASN B 785 2.96 39.87 -39.54
CA ASN B 785 3.70 40.36 -40.69
C ASN B 785 5.04 40.97 -40.33
N GLN B 786 5.30 41.23 -39.05
CA GLN B 786 6.58 41.77 -38.62
C GLN B 786 7.67 40.71 -38.49
N TRP B 787 7.31 39.44 -38.50
CA TRP B 787 8.25 38.37 -38.24
C TRP B 787 8.95 37.91 -39.51
N TYR B 788 10.18 37.44 -39.35
CA TYR B 788 10.98 36.94 -40.46
C TYR B 788 11.61 35.61 -40.06
N VAL B 789 11.91 34.80 -41.06
CA VAL B 789 12.57 33.52 -40.84
C VAL B 789 13.67 33.34 -41.89
N ARG B 790 14.69 32.59 -41.53
CA ARG B 790 15.85 32.39 -42.38
C ARG B 790 15.64 31.20 -43.31
N ASN B 791 16.05 31.37 -44.56
CA ASN B 791 15.96 30.30 -45.54
C ASN B 791 17.23 29.47 -45.48
N ALA B 792 17.36 28.50 -46.39
CA ALA B 792 18.58 27.72 -46.47
C ALA B 792 19.76 28.56 -46.92
N SER B 793 19.54 29.50 -47.83
CA SER B 793 20.61 30.37 -48.31
C SER B 793 21.13 31.31 -47.25
N GLY B 794 20.39 31.51 -46.16
CA GLY B 794 20.81 32.39 -45.10
C GLY B 794 20.16 33.76 -45.08
N THR B 795 19.33 34.08 -46.08
CA THR B 795 18.62 35.34 -46.11
C THR B 795 17.33 35.21 -45.30
N MET B 796 16.51 36.27 -45.30
CA MET B 796 15.27 36.30 -44.56
C MET B 796 14.08 36.56 -45.48
N ALA B 797 12.98 35.88 -45.22
CA ALA B 797 11.74 36.10 -45.93
C ALA B 797 10.63 36.27 -44.90
N PRO B 798 9.77 37.27 -45.04
CA PRO B 798 8.71 37.50 -44.05
C PRO B 798 7.66 36.41 -44.11
N LEU B 799 6.98 36.22 -42.99
CA LEU B 799 5.91 35.25 -42.91
C LEU B 799 4.72 35.60 -43.80
N SER B 800 4.56 36.87 -44.16
CA SER B 800 3.46 37.25 -45.03
C SER B 800 3.63 36.76 -46.46
N ALA B 801 4.82 36.28 -46.82
CA ALA B 801 5.05 35.84 -48.19
C ALA B 801 4.33 34.55 -48.53
N TYR B 802 4.12 33.67 -47.54
CA TYR B 802 3.53 32.36 -47.82
C TYR B 802 2.56 31.91 -46.73
N SER B 803 2.01 32.81 -45.93
CA SER B 803 1.08 32.44 -44.89
C SER B 803 -0.17 33.30 -45.00
N SER B 804 -1.32 32.67 -44.76
CA SER B 804 -2.61 33.33 -44.81
C SER B 804 -3.33 33.13 -43.50
N THR B 805 -3.98 34.19 -43.02
CA THR B 805 -4.67 34.17 -41.75
C THR B 805 -6.17 34.37 -41.94
N GLU B 806 -6.96 33.71 -41.10
CA GLU B 806 -8.40 33.84 -41.16
C GLU B 806 -8.97 33.66 -39.78
N TRP B 807 -10.18 34.18 -39.58
CA TRP B 807 -10.88 34.09 -38.31
C TRP B 807 -11.85 32.92 -38.34
N THR B 808 -11.79 32.09 -37.30
CA THR B 808 -12.67 30.95 -37.15
C THR B 808 -13.19 30.89 -35.73
N TYR B 809 -14.00 29.88 -35.45
CA TYR B 809 -14.58 29.68 -34.14
C TYR B 809 -14.06 28.39 -33.52
N GLY B 810 -13.95 28.38 -32.20
CA GLY B 810 -13.44 27.22 -31.51
C GLY B 810 -13.92 27.20 -30.08
N SER B 811 -13.84 26.03 -29.48
CA SER B 811 -14.29 25.87 -28.10
C SER B 811 -13.14 26.16 -27.15
N PRO B 812 -13.31 27.11 -26.22
CA PRO B 812 -12.23 27.41 -25.28
C PRO B 812 -12.07 26.38 -24.17
N ARG B 813 -13.04 25.48 -23.99
CA ARG B 813 -12.96 24.47 -22.95
C ARG B 813 -13.66 23.22 -23.44
N LEU B 814 -12.96 22.09 -23.42
CA LEU B 814 -13.49 20.82 -23.87
C LEU B 814 -13.65 19.88 -22.70
N GLU B 815 -14.81 19.24 -22.61
CA GLU B 815 -15.14 18.35 -21.51
C GLU B 815 -15.28 16.92 -22.00
N ARG B 816 -14.77 15.98 -21.23
CA ARG B 816 -14.87 14.57 -21.55
C ARG B 816 -15.34 13.80 -20.33
N TYR B 817 -16.04 12.69 -20.58
CA TYR B 817 -16.58 11.84 -19.53
C TYR B 817 -16.33 10.40 -19.92
N ASN B 818 -15.53 9.69 -19.11
CA ASN B 818 -15.16 8.30 -19.39
C ASN B 818 -14.55 8.17 -20.78
N GLY B 819 -13.75 9.15 -21.17
CA GLY B 819 -13.12 9.13 -22.47
C GLY B 819 -14.02 9.46 -23.64
N ILE B 820 -15.23 9.95 -23.38
CA ILE B 820 -16.19 10.27 -24.42
C ILE B 820 -16.47 11.77 -24.33
N PRO B 821 -16.46 12.50 -25.44
CA PRO B 821 -16.77 13.94 -25.37
C PRO B 821 -18.17 14.18 -24.83
N SER B 822 -18.30 15.23 -24.02
CA SER B 822 -19.56 15.52 -23.37
C SER B 822 -19.60 16.99 -22.96
N MET B 823 -20.80 17.46 -22.66
CA MET B 823 -21.00 18.78 -22.08
C MET B 823 -21.95 18.66 -20.90
N GLU B 824 -21.58 19.28 -19.78
CA GLU B 824 -22.35 19.19 -18.56
C GLU B 824 -23.64 19.99 -18.68
N ILE B 825 -24.70 19.50 -18.06
CA ILE B 825 -25.99 20.20 -17.99
C ILE B 825 -26.43 20.23 -16.53
N LEU B 826 -26.76 21.41 -16.03
CA LEU B 826 -27.20 21.59 -14.67
C LEU B 826 -28.66 21.99 -14.62
N GLY B 827 -29.22 21.99 -13.42
CA GLY B 827 -30.59 22.40 -13.23
C GLY B 827 -31.12 21.87 -11.91
N GLU B 828 -32.37 22.27 -11.62
CA GLU B 828 -33.05 21.86 -10.41
C GLU B 828 -34.47 21.45 -10.74
N ALA B 829 -35.02 20.56 -9.91
CA ALA B 829 -36.38 20.11 -10.10
C ALA B 829 -37.36 21.24 -9.81
N ALA B 830 -38.55 21.13 -10.42
CA ALA B 830 -39.58 22.13 -10.20
C ALA B 830 -40.14 22.02 -8.79
N ALA B 831 -40.73 23.11 -8.32
CA ALA B 831 -41.30 23.14 -6.98
C ALA B 831 -42.45 22.16 -6.88
N GLY B 832 -42.52 21.46 -5.74
CA GLY B 832 -43.52 20.45 -5.53
C GLY B 832 -43.21 19.11 -6.16
N LYS B 833 -42.06 18.97 -6.81
CA LYS B 833 -41.66 17.73 -7.45
C LYS B 833 -40.37 17.22 -6.81
N SER B 834 -40.22 15.91 -6.82
CA SER B 834 -39.03 15.27 -6.28
C SER B 834 -37.90 15.36 -7.30
N THR B 835 -36.81 14.63 -7.06
CA THR B 835 -35.74 14.56 -8.04
C THR B 835 -35.95 13.43 -9.04
N GLY B 836 -36.54 12.31 -8.61
CA GLY B 836 -36.66 11.16 -9.49
C GLY B 836 -37.58 11.41 -10.67
N ASP B 837 -38.71 12.08 -10.44
CA ASP B 837 -39.66 12.33 -11.52
C ASP B 837 -39.06 13.21 -12.60
N ALA B 838 -38.46 14.34 -12.20
CA ALA B 838 -37.82 15.22 -13.17
C ALA B 838 -36.63 14.54 -13.83
N MET B 839 -35.92 13.70 -13.07
CA MET B 839 -34.77 12.98 -13.63
C MET B 839 -35.21 12.03 -14.73
N LYS B 840 -36.29 11.28 -14.49
CA LYS B 840 -36.85 10.41 -15.51
C LYS B 840 -37.38 11.22 -16.70
N PHE B 841 -37.99 12.37 -16.43
CA PHE B 841 -38.50 13.19 -17.52
C PHE B 841 -37.37 13.68 -18.41
N MET B 842 -36.25 14.08 -17.81
CA MET B 842 -35.08 14.44 -18.61
C MET B 842 -34.52 13.23 -19.35
N ALA B 843 -34.58 12.05 -18.74
CA ALA B 843 -34.16 10.85 -19.45
C ALA B 843 -34.99 10.62 -20.71
N ASP B 844 -36.31 10.78 -20.61
CA ASP B 844 -37.14 10.68 -21.81
C ASP B 844 -36.81 11.77 -22.82
N LEU B 845 -36.57 12.99 -22.33
CA LEU B 845 -36.17 14.07 -23.24
C LEU B 845 -34.93 13.67 -24.03
N VAL B 846 -33.93 13.12 -23.37
CA VAL B 846 -32.74 12.65 -24.06
C VAL B 846 -33.09 11.52 -25.02
N ALA B 847 -34.00 10.63 -24.63
CA ALA B 847 -34.48 9.62 -25.55
C ALA B 847 -35.07 10.22 -26.81
N LYS B 848 -35.61 11.44 -26.73
CA LYS B 848 -36.10 12.14 -27.91
C LYS B 848 -35.00 12.74 -28.78
N LEU B 849 -33.78 12.84 -28.26
CA LEU B 849 -32.68 13.43 -29.03
C LEU B 849 -32.27 12.50 -30.16
N PRO B 850 -31.57 13.02 -31.17
CA PRO B 850 -31.10 12.17 -32.27
C PRO B 850 -30.17 11.06 -31.76
N ALA B 851 -30.18 9.95 -32.49
CA ALA B 851 -29.40 8.79 -32.10
C ALA B 851 -27.91 9.11 -32.11
N GLY B 852 -27.17 8.39 -31.28
CA GLY B 852 -25.75 8.65 -31.07
C GLY B 852 -25.45 9.48 -29.85
N VAL B 853 -26.46 10.03 -29.20
CA VAL B 853 -26.28 10.86 -28.01
C VAL B 853 -26.80 10.09 -26.81
N GLY B 854 -25.93 9.90 -25.81
CA GLY B 854 -26.30 9.26 -24.58
C GLY B 854 -26.45 10.25 -23.44
N TYR B 855 -26.44 9.71 -22.22
CA TYR B 855 -26.52 10.53 -21.03
C TYR B 855 -25.99 9.74 -19.85
N SER B 856 -25.61 10.46 -18.79
CA SER B 856 -25.15 9.83 -17.56
C SER B 856 -25.26 10.85 -16.43
N TRP B 857 -25.33 10.33 -15.21
CA TRP B 857 -25.43 11.16 -14.02
C TRP B 857 -24.11 11.09 -13.25
N THR B 858 -23.72 12.23 -12.69
CA THR B 858 -22.48 12.33 -11.94
C THR B 858 -22.72 13.11 -10.67
N GLY B 859 -21.73 13.05 -9.78
CA GLY B 859 -21.84 13.76 -8.52
C GLY B 859 -22.98 13.22 -7.68
N LEU B 860 -23.79 14.14 -7.15
CA LEU B 860 -24.90 13.75 -6.28
C LEU B 860 -25.92 12.89 -7.00
N SER B 861 -26.22 13.18 -8.26
CA SER B 861 -27.22 12.40 -8.97
C SER B 861 -26.79 10.96 -9.13
N TYR B 862 -25.52 10.70 -9.40
CA TYR B 862 -25.04 9.33 -9.47
C TYR B 862 -25.19 8.63 -8.14
N GLN B 863 -24.87 9.31 -7.03
CA GLN B 863 -25.04 8.70 -5.72
C GLN B 863 -26.50 8.35 -5.45
N GLU B 864 -27.43 9.26 -5.77
CA GLU B 864 -28.83 8.95 -5.50
C GLU B 864 -29.33 7.84 -6.43
N ALA B 865 -28.84 7.80 -7.67
CA ALA B 865 -29.24 6.71 -8.57
C ALA B 865 -28.72 5.37 -8.10
N LEU B 866 -27.47 5.34 -7.63
CA LEU B 866 -26.89 4.12 -7.06
C LEU B 866 -27.60 3.70 -5.79
N SER B 867 -28.14 4.66 -5.02
CA SER B 867 -28.92 4.30 -3.85
C SER B 867 -30.28 3.75 -4.25
N SER B 868 -30.95 4.39 -5.20
CA SER B 868 -32.34 4.05 -5.51
C SER B 868 -32.49 2.69 -6.17
N ASN B 869 -31.63 2.33 -7.12
CA ASN B 869 -31.77 1.07 -7.83
C ASN B 869 -31.51 -0.14 -6.94
N GLN B 870 -30.92 0.07 -5.77
CA GLN B 870 -30.73 -1.01 -4.80
C GLN B 870 -31.47 -0.77 -3.50
N ALA B 871 -32.12 0.38 -3.34
CA ALA B 871 -32.88 0.66 -2.13
C ALA B 871 -33.99 -0.36 -1.85
N PRO B 872 -34.80 -0.80 -2.82
CA PRO B 872 -35.87 -1.75 -2.47
C PRO B 872 -35.37 -3.04 -1.84
N ALA B 873 -34.25 -3.59 -2.30
CA ALA B 873 -33.78 -4.86 -1.74
C ALA B 873 -33.33 -4.69 -0.30
N LEU B 874 -32.52 -3.65 -0.03
CA LEU B 874 -32.08 -3.41 1.34
C LEU B 874 -33.24 -3.05 2.25
N TYR B 875 -34.23 -2.32 1.74
CA TYR B 875 -35.40 -2.00 2.55
C TYR B 875 -36.21 -3.26 2.85
N ALA B 876 -36.33 -4.17 1.88
CA ALA B 876 -37.04 -5.43 2.12
C ALA B 876 -36.32 -6.27 3.17
N ILE B 877 -34.99 -6.38 3.07
CA ILE B 877 -34.28 -7.18 4.06
C ILE B 877 -34.30 -6.51 5.44
N SER B 878 -34.24 -5.17 5.50
CA SER B 878 -34.38 -4.49 6.77
C SER B 878 -35.78 -4.70 7.36
N LEU B 879 -36.80 -4.71 6.51
CA LEU B 879 -38.15 -5.00 6.98
C LEU B 879 -38.25 -6.42 7.51
N VAL B 880 -37.61 -7.39 6.85
CA VAL B 880 -37.58 -8.75 7.35
C VAL B 880 -36.88 -8.81 8.70
N VAL B 881 -35.76 -8.09 8.84
CA VAL B 881 -35.01 -8.10 10.10
C VAL B 881 -35.86 -7.50 11.21
N VAL B 882 -36.52 -6.37 10.94
CA VAL B 882 -37.33 -5.74 11.99
C VAL B 882 -38.56 -6.58 12.28
N PHE B 883 -39.07 -7.33 11.29
CA PHE B 883 -40.15 -8.27 11.55
C PHE B 883 -39.70 -9.38 12.48
N LEU B 884 -38.50 -9.91 12.27
CA LEU B 884 -37.96 -10.89 13.21
C LEU B 884 -37.79 -10.28 14.59
N ALA B 885 -37.38 -9.02 14.65
CA ALA B 885 -37.25 -8.33 15.94
C ALA B 885 -38.60 -8.24 16.65
N LEU B 886 -39.64 -7.86 15.91
CA LEU B 886 -41.00 -7.82 16.45
C LEU B 886 -41.72 -9.15 16.33
N ALA B 887 -40.97 -10.24 16.20
CA ALA B 887 -41.54 -11.59 16.23
C ALA B 887 -40.82 -12.51 17.19
N ALA B 888 -39.76 -12.05 17.86
CA ALA B 888 -38.94 -12.90 18.70
C ALA B 888 -39.05 -12.58 20.19
N LEU B 889 -39.38 -11.31 20.50
CA LEU B 889 -39.43 -10.82 21.90
C LEU B 889 -40.67 -11.34 22.67
N TYR B 890 -41.87 -11.08 22.17
CA TYR B 890 -43.09 -11.62 22.84
C TYR B 890 -43.36 -13.01 22.27
N GLU B 891 -42.38 -13.91 22.33
CA GLU B 891 -42.53 -15.32 21.88
C GLU B 891 -43.58 -15.52 20.78
N SER B 892 -43.19 -15.32 19.50
CA SER B 892 -44.09 -15.62 18.35
C SER B 892 -45.38 -14.78 18.35
N TRP B 893 -46.41 -15.25 17.64
CA TRP B 893 -47.63 -14.48 17.49
C TRP B 893 -48.34 -14.22 18.82
N SER B 894 -47.67 -14.45 19.94
CA SER B 894 -48.24 -14.17 21.25
C SER B 894 -48.65 -12.71 21.35
N ILE B 895 -49.81 -12.49 21.99
CA ILE B 895 -50.54 -11.22 22.12
C ILE B 895 -50.14 -10.20 21.05
N PRO B 896 -49.26 -9.20 21.29
CA PRO B 896 -49.20 -8.09 20.33
C PRO B 896 -48.52 -8.43 19.02
N PHE B 897 -47.63 -9.42 19.00
CA PHE B 897 -46.86 -9.68 17.79
C PHE B 897 -47.72 -10.25 16.67
N SER B 898 -48.95 -10.66 16.97
CA SER B 898 -49.92 -11.01 15.94
C SER B 898 -50.63 -9.78 15.37
N VAL B 899 -50.70 -8.68 16.13
CA VAL B 899 -51.24 -7.45 15.57
C VAL B 899 -50.15 -6.70 14.80
N MET B 900 -48.89 -6.80 15.24
CA MET B 900 -47.78 -6.40 14.40
C MET B 900 -47.68 -7.25 13.14
N LEU B 901 -48.34 -8.41 13.10
CA LEU B 901 -48.47 -9.16 11.85
C LEU B 901 -49.35 -8.42 10.85
N VAL B 902 -50.21 -7.53 11.34
CA VAL B 902 -51.07 -6.72 10.47
C VAL B 902 -50.35 -5.46 9.99
N VAL B 903 -49.22 -5.12 10.59
CA VAL B 903 -48.42 -3.95 10.23
C VAL B 903 -48.04 -3.97 8.75
N PRO B 904 -47.61 -5.10 8.17
CA PRO B 904 -47.29 -5.09 6.72
C PRO B 904 -48.44 -4.63 5.83
N LEU B 905 -49.69 -4.92 6.20
CA LEU B 905 -50.81 -4.39 5.43
C LEU B 905 -50.84 -2.86 5.47
N GLY B 906 -50.62 -2.29 6.65
CA GLY B 906 -50.51 -0.85 6.75
C GLY B 906 -49.33 -0.29 5.98
N VAL B 907 -48.22 -1.04 5.95
CA VAL B 907 -47.04 -0.60 5.19
C VAL B 907 -47.33 -0.58 3.70
N VAL B 908 -47.99 -1.62 3.19
CA VAL B 908 -48.30 -1.65 1.76
C VAL B 908 -49.34 -0.59 1.43
N GLY B 909 -50.29 -0.33 2.34
CA GLY B 909 -51.22 0.76 2.11
C GLY B 909 -50.55 2.12 2.08
N ALA B 910 -49.58 2.34 2.98
CA ALA B 910 -48.81 3.58 2.98
C ALA B 910 -47.98 3.71 1.71
N GLY B 918 -47.55 10.72 -5.23
CA GLY B 918 -46.20 11.03 -5.65
C GLY B 918 -45.34 11.66 -4.57
N LEU B 919 -45.90 11.94 -3.40
CA LEU B 919 -45.12 12.52 -2.31
C LEU B 919 -44.16 11.48 -1.76
N SER B 920 -43.00 11.95 -1.32
CA SER B 920 -41.91 11.05 -0.93
C SER B 920 -41.36 11.42 0.44
N ASN B 921 -40.20 10.86 0.79
CA ASN B 921 -39.52 11.15 2.03
C ASN B 921 -38.02 10.93 1.81
N ASP B 922 -37.21 11.61 2.62
CA ASP B 922 -35.77 11.58 2.44
C ASP B 922 -35.17 10.33 3.08
N VAL B 923 -33.85 10.17 2.97
CA VAL B 923 -33.19 8.98 3.49
C VAL B 923 -33.29 8.92 5.01
N TYR B 924 -33.12 10.06 5.68
CA TYR B 924 -33.16 10.07 7.15
C TYR B 924 -34.52 9.62 7.67
N PHE B 925 -35.60 10.09 7.05
CA PHE B 925 -36.93 9.73 7.53
C PHE B 925 -37.26 8.27 7.29
N GLN B 926 -36.64 7.64 6.30
CA GLN B 926 -36.86 6.21 6.06
C GLN B 926 -36.35 5.35 7.23
N VAL B 927 -35.36 5.82 7.97
CA VAL B 927 -34.86 5.10 9.13
C VAL B 927 -35.56 5.65 10.37
N GLY B 928 -35.96 6.93 10.30
CA GLY B 928 -36.71 7.51 11.40
C GLY B 928 -38.06 6.86 11.63
N LEU B 929 -38.73 6.46 10.55
CA LEU B 929 -39.99 5.72 10.69
C LEU B 929 -39.78 4.38 11.38
N LEU B 930 -38.71 3.67 11.00
CA LEU B 930 -38.39 2.41 11.66
C LEU B 930 -38.08 2.62 13.14
N THR B 931 -37.34 3.69 13.45
CA THR B 931 -37.03 3.98 14.85
C THR B 931 -38.28 4.37 15.62
N THR B 932 -39.22 5.08 14.97
CA THR B 932 -40.48 5.40 15.61
C THR B 932 -41.29 4.13 15.91
N ILE B 933 -41.31 3.20 14.96
CA ILE B 933 -41.96 1.92 15.19
C ILE B 933 -41.31 1.19 16.36
N GLY B 934 -39.97 1.19 16.40
CA GLY B 934 -39.28 0.56 17.50
C GLY B 934 -39.55 1.21 18.85
N LEU B 935 -39.63 2.53 18.89
CA LEU B 935 -39.88 3.19 20.17
C LEU B 935 -41.32 3.00 20.61
N SER B 936 -42.26 2.93 19.68
CA SER B 936 -43.62 2.54 20.05
C SER B 936 -43.66 1.12 20.57
N ALA B 937 -42.91 0.21 19.94
CA ALA B 937 -42.82 -1.15 20.43
C ALA B 937 -42.27 -1.17 21.85
N LYS B 938 -41.22 -0.40 22.13
CA LYS B 938 -40.67 -0.36 23.48
C LYS B 938 -41.64 0.28 24.46
N ASN B 939 -42.36 1.32 24.04
CA ASN B 939 -43.39 1.90 24.88
C ASN B 939 -44.42 0.85 25.28
N ALA B 940 -44.70 -0.10 24.38
CA ALA B 940 -45.52 -1.24 24.77
C ALA B 940 -44.76 -2.22 25.66
N ILE B 941 -43.47 -2.42 25.41
CA ILE B 941 -42.70 -3.56 25.92
C ILE B 941 -42.68 -3.66 27.44
N LEU B 942 -42.34 -2.58 28.13
CA LEU B 942 -42.16 -2.76 29.57
C LEU B 942 -43.49 -2.89 30.32
N ILE B 943 -44.61 -2.91 29.61
CA ILE B 943 -45.89 -3.28 30.21
C ILE B 943 -46.37 -4.62 29.68
N VAL B 944 -46.15 -4.85 28.38
CA VAL B 944 -46.53 -6.10 27.75
C VAL B 944 -45.73 -7.27 28.31
N GLU B 945 -44.44 -7.09 28.58
CA GLU B 945 -43.65 -8.15 29.23
C GLU B 945 -44.12 -8.39 30.66
N PHE B 946 -44.49 -7.32 31.37
CA PHE B 946 -45.10 -7.51 32.68
C PHE B 946 -46.34 -8.39 32.58
N ALA B 947 -47.20 -8.13 31.59
CA ALA B 947 -48.36 -8.99 31.37
C ALA B 947 -47.93 -10.39 30.94
N VAL B 948 -46.82 -10.48 30.20
CA VAL B 948 -46.29 -11.74 29.73
C VAL B 948 -45.93 -12.64 30.90
N ILE B 962 -51.61 -5.42 33.20
CA ILE B 962 -51.24 -4.19 32.52
C ILE B 962 -51.75 -2.98 33.31
N ILE B 963 -52.77 -3.18 34.15
CA ILE B 963 -53.30 -2.06 34.93
C ILE B 963 -52.19 -1.41 35.74
N GLU B 964 -51.59 -2.15 36.67
CA GLU B 964 -50.54 -1.59 37.50
C GLU B 964 -49.27 -1.31 36.70
N ALA B 965 -48.94 -2.19 35.75
CA ALA B 965 -47.72 -2.02 34.97
C ALA B 965 -47.74 -0.71 34.18
N ALA B 966 -48.84 -0.41 33.51
CA ALA B 966 -48.99 0.84 32.79
C ALA B 966 -49.26 2.03 33.71
N ARG B 967 -49.85 1.81 34.89
CA ARG B 967 -49.93 2.91 35.85
C ARG B 967 -48.54 3.37 36.28
N MET B 968 -47.62 2.44 36.47
CA MET B 968 -46.24 2.79 36.82
C MET B 968 -45.33 2.94 35.61
N ARG B 969 -45.83 2.74 34.39
CA ARG B 969 -45.01 2.91 33.19
C ARG B 969 -45.58 3.90 32.19
N LEU B 970 -46.64 4.64 32.54
CA LEU B 970 -47.11 5.71 31.67
C LEU B 970 -46.11 6.85 31.65
N ARG B 971 -45.46 7.11 32.80
CA ARG B 971 -44.44 8.15 32.86
C ARG B 971 -43.28 7.85 31.92
N PRO B 972 -42.67 6.66 31.92
CA PRO B 972 -41.56 6.41 30.99
C PRO B 972 -41.94 6.64 29.54
N ILE B 973 -43.21 6.48 29.16
CA ILE B 973 -43.59 6.75 27.77
C ILE B 973 -43.23 8.19 27.40
N LEU B 974 -43.65 9.16 28.21
CA LEU B 974 -43.38 10.55 27.90
C LEU B 974 -41.95 10.96 28.21
N MET B 975 -41.29 10.38 29.23
CA MET B 975 -39.84 10.56 29.31
C MET B 975 -39.10 10.12 28.04
N THR B 976 -39.36 8.91 27.52
CA THR B 976 -38.65 8.54 26.28
C THR B 976 -39.04 9.45 25.11
N SER B 977 -40.33 9.76 24.96
CA SER B 977 -40.73 10.62 23.86
C SER B 977 -40.05 11.98 23.93
N LEU B 978 -40.08 12.61 25.12
CA LEU B 978 -39.47 13.91 25.29
C LEU B 978 -37.95 13.83 25.20
N ALA B 979 -37.36 12.70 25.62
CA ALA B 979 -35.91 12.55 25.48
C ALA B 979 -35.51 12.51 24.01
N PHE B 980 -36.24 11.76 23.20
CA PHE B 980 -35.95 11.76 21.77
C PHE B 980 -36.17 13.15 21.17
N ILE B 981 -37.26 13.81 21.54
CA ILE B 981 -37.56 15.13 21.00
C ILE B 981 -36.47 16.13 21.37
N LEU B 982 -36.07 16.17 22.64
CA LEU B 982 -35.09 17.12 23.12
C LEU B 982 -33.66 16.66 22.88
N GLY B 983 -33.47 15.48 22.31
CA GLY B 983 -32.17 15.07 21.83
C GLY B 983 -31.97 15.42 20.37
N VAL B 984 -33.03 15.32 19.57
CA VAL B 984 -32.98 15.85 18.21
C VAL B 984 -33.12 17.36 18.19
N LEU B 985 -33.58 17.97 19.29
CA LEU B 985 -33.67 19.41 19.38
C LEU B 985 -32.32 20.12 19.20
N PRO B 986 -31.22 19.70 19.85
CA PRO B 986 -29.94 20.39 19.63
C PRO B 986 -29.47 20.36 18.18
N LEU B 987 -29.91 19.38 17.39
CA LEU B 987 -29.51 19.33 15.98
C LEU B 987 -29.99 20.55 15.21
N VAL B 988 -31.05 21.21 15.67
CA VAL B 988 -31.69 22.26 14.91
C VAL B 988 -31.63 23.61 15.62
N ILE B 989 -31.59 23.60 16.95
CA ILE B 989 -31.90 24.81 17.70
C ILE B 989 -30.62 25.52 18.16
N SER B 990 -30.63 26.82 17.97
CA SER B 990 -30.06 27.75 18.93
C SER B 990 -31.25 28.40 19.65
N HIS B 991 -31.23 28.47 20.98
CA HIS B 991 -32.43 28.75 21.75
C HIS B 991 -33.07 30.08 21.34
N GLY B 992 -34.40 30.05 21.28
CA GLY B 992 -35.17 31.15 20.72
C GLY B 992 -35.51 30.93 19.26
N ALA B 993 -34.50 30.70 18.43
CA ALA B 993 -34.72 30.51 17.00
C ALA B 993 -34.97 29.05 16.66
N GLY B 994 -35.81 28.82 15.66
CA GLY B 994 -36.06 27.48 15.17
C GLY B 994 -36.90 26.60 16.06
N SER B 995 -37.71 27.18 16.94
CA SER B 995 -38.53 26.42 17.86
C SER B 995 -40.01 26.45 17.53
N GLY B 996 -40.48 27.43 16.76
CA GLY B 996 -41.89 27.52 16.45
C GLY B 996 -42.38 26.45 15.51
N ALA B 997 -41.52 26.00 14.59
CA ALA B 997 -41.93 25.00 13.60
C ALA B 997 -41.80 23.57 14.10
N GLN B 998 -41.21 23.35 15.28
CA GLN B 998 -41.04 22.01 15.82
C GLN B 998 -42.20 21.59 16.73
N ASN B 999 -43.16 22.48 17.00
CA ASN B 999 -44.29 22.16 17.84
C ASN B 999 -45.48 21.60 17.07
N ALA B 1000 -45.40 21.56 15.74
CA ALA B 1000 -46.48 21.00 14.94
C ALA B 1000 -46.46 19.47 14.96
N VAL B 1001 -45.35 18.88 14.50
CA VAL B 1001 -45.23 17.44 14.52
C VAL B 1001 -45.07 16.91 15.94
N GLY B 1002 -44.29 17.62 16.77
CA GLY B 1002 -43.94 17.10 18.08
C GLY B 1002 -45.13 16.93 19.00
N THR B 1003 -45.95 17.98 19.13
CA THR B 1003 -47.10 17.91 20.03
C THR B 1003 -48.11 16.86 19.56
N GLY B 1004 -48.37 16.82 18.25
CA GLY B 1004 -49.29 15.84 17.73
C GLY B 1004 -48.80 14.41 17.93
N VAL B 1005 -47.51 14.18 17.72
CA VAL B 1005 -46.95 12.85 17.92
C VAL B 1005 -47.00 12.47 19.39
N MET B 1006 -46.71 13.42 20.30
CA MET B 1006 -46.78 13.12 21.72
C MET B 1006 -48.20 12.77 22.15
N GLY B 1007 -49.18 13.54 21.67
CA GLY B 1007 -50.57 13.21 21.98
C GLY B 1007 -51.00 11.87 21.42
N GLY B 1008 -50.60 11.58 20.18
CA GLY B 1008 -50.92 10.28 19.60
C GLY B 1008 -50.28 9.13 20.34
N MET B 1009 -49.04 9.32 20.80
CA MET B 1009 -48.36 8.28 21.56
C MET B 1009 -49.00 8.08 22.92
N PHE B 1010 -49.43 9.16 23.58
CA PHE B 1010 -50.15 9.03 24.84
C PHE B 1010 -51.46 8.28 24.65
N ALA B 1011 -52.21 8.63 23.61
CA ALA B 1011 -53.44 7.92 23.32
C ALA B 1011 -53.17 6.45 23.01
N ALA B 1012 -52.12 6.18 22.25
CA ALA B 1012 -51.76 4.80 21.92
C ALA B 1012 -51.42 4.01 23.17
N THR B 1013 -50.65 4.61 24.08
CA THR B 1013 -50.33 3.94 25.34
C THR B 1013 -51.58 3.66 26.15
N VAL B 1014 -52.53 4.59 26.14
CA VAL B 1014 -53.74 4.41 26.94
C VAL B 1014 -54.63 3.30 26.34
N LEU B 1015 -54.76 3.27 25.02
CA LEU B 1015 -55.74 2.41 24.34
C LEU B 1015 -55.19 1.15 23.70
N ALA B 1016 -54.12 1.25 22.89
CA ALA B 1016 -53.72 0.15 22.02
C ALA B 1016 -53.18 -1.04 22.78
N ILE B 1017 -52.37 -0.83 23.84
CA ILE B 1017 -51.83 -1.98 24.56
C ILE B 1017 -52.93 -2.70 25.32
N TYR B 1018 -54.17 -2.21 25.22
CA TYR B 1018 -55.31 -2.86 25.84
C TYR B 1018 -56.25 -3.44 24.79
N PHE B 1019 -56.38 -2.78 23.65
CA PHE B 1019 -57.22 -3.30 22.57
C PHE B 1019 -56.54 -4.42 21.81
N VAL B 1020 -55.23 -4.31 21.59
CA VAL B 1020 -54.42 -5.33 20.90
C VAL B 1020 -54.51 -6.67 21.60
N PRO B 1021 -54.44 -6.75 22.94
CA PRO B 1021 -54.63 -8.05 23.61
C PRO B 1021 -55.96 -8.72 23.28
N VAL B 1022 -57.05 -7.97 23.18
CA VAL B 1022 -58.32 -8.57 22.78
C VAL B 1022 -58.37 -8.73 21.27
N PHE B 1023 -57.73 -7.82 20.54
CA PHE B 1023 -57.62 -7.96 19.09
C PHE B 1023 -56.93 -9.24 18.69
N MET C 1 -15.41 -21.76 39.65
CA MET C 1 -14.62 -22.14 38.48
C MET C 1 -13.41 -22.97 38.90
N ALA C 2 -12.96 -22.78 40.14
CA ALA C 2 -11.83 -23.56 40.65
C ALA C 2 -12.14 -25.04 40.70
N ASN C 3 -13.34 -25.41 41.14
CA ASN C 3 -13.72 -26.82 41.20
C ASN C 3 -13.67 -27.48 39.83
N TYR C 4 -13.90 -26.72 38.75
CA TYR C 4 -13.74 -27.25 37.41
C TYR C 4 -12.33 -27.75 37.16
N PHE C 5 -11.33 -27.12 37.79
CA PHE C 5 -9.94 -27.48 37.59
C PHE C 5 -9.37 -28.33 38.73
N ILE C 6 -9.89 -28.18 39.95
CA ILE C 6 -9.39 -28.98 41.05
C ILE C 6 -9.64 -30.46 40.81
N ASP C 7 -10.83 -30.81 40.33
CA ASP C 7 -11.13 -32.20 40.05
C ASP C 7 -10.48 -32.69 38.75
N ARG C 8 -9.89 -31.78 37.98
CA ARG C 8 -9.22 -32.10 36.72
C ARG C 8 -7.82 -31.51 36.79
N PRO C 9 -6.93 -32.11 37.59
CA PRO C 9 -5.67 -31.43 37.94
C PRO C 9 -4.67 -31.30 36.80
N VAL C 10 -4.37 -32.39 36.10
CA VAL C 10 -3.21 -32.45 35.23
C VAL C 10 -3.46 -31.69 33.92
N PHE C 11 -4.71 -31.34 33.66
CA PHE C 11 -5.01 -30.57 32.46
C PHE C 11 -4.50 -29.14 32.58
N ALA C 12 -4.58 -28.55 33.77
CA ALA C 12 -3.96 -27.25 33.99
C ALA C 12 -2.45 -27.35 33.80
N TRP C 13 -1.85 -28.47 34.23
CA TRP C 13 -0.44 -28.69 33.98
C TRP C 13 -0.14 -28.75 32.49
N VAL C 14 -0.99 -29.43 31.73
CA VAL C 14 -0.80 -29.51 30.28
C VAL C 14 -0.87 -28.12 29.67
N LEU C 15 -1.81 -27.30 30.12
CA LEU C 15 -1.86 -25.91 29.67
C LEU C 15 -0.58 -25.17 30.04
N ALA C 16 -0.03 -25.44 31.22
CA ALA C 16 1.23 -24.81 31.59
C ALA C 16 2.34 -25.21 30.62
N ILE C 17 2.44 -26.50 30.30
CA ILE C 17 3.49 -26.94 29.37
C ILE C 17 3.31 -26.32 27.98
N ILE C 18 2.09 -26.21 27.47
CA ILE C 18 1.92 -25.57 26.17
C ILE C 18 2.25 -24.08 26.25
N MET C 19 2.03 -23.44 27.40
CA MET C 19 2.51 -22.08 27.60
C MET C 19 4.03 -22.00 27.55
N MET C 20 4.73 -22.94 28.17
CA MET C 20 6.19 -23.00 28.03
C MET C 20 6.60 -23.19 26.58
N LEU C 21 5.91 -24.06 25.85
CA LEU C 21 6.27 -24.28 24.46
C LEU C 21 6.11 -23.00 23.65
N ALA C 22 4.97 -22.32 23.82
CA ALA C 22 4.74 -21.08 23.08
C ALA C 22 5.75 -20.01 23.47
N GLY C 23 6.05 -19.88 24.76
CA GLY C 23 7.00 -18.88 25.19
C GLY C 23 8.41 -19.15 24.67
N GLY C 24 8.83 -20.41 24.69
CA GLY C 24 10.15 -20.74 24.16
C GLY C 24 10.24 -20.49 22.67
N LEU C 25 9.21 -20.88 21.92
CA LEU C 25 9.21 -20.60 20.49
C LEU C 25 9.24 -19.11 20.22
N ALA C 26 8.49 -18.33 20.99
CA ALA C 26 8.49 -16.88 20.81
C ALA C 26 9.87 -16.29 21.10
N ILE C 27 10.43 -16.59 22.28
CA ILE C 27 11.71 -16.03 22.66
C ILE C 27 12.83 -16.47 21.72
N MET C 28 12.71 -17.64 21.10
CA MET C 28 13.74 -18.07 20.16
C MET C 28 13.57 -17.43 18.79
N ASN C 29 12.38 -17.46 18.22
CA ASN C 29 12.16 -17.04 16.84
C ASN C 29 11.88 -15.56 16.69
N LEU C 30 11.70 -14.83 17.77
CA LEU C 30 11.45 -13.40 17.65
C LEU C 30 12.72 -12.66 17.24
N PRO C 31 12.59 -11.55 16.53
CA PRO C 31 13.76 -10.71 16.24
C PRO C 31 14.28 -10.04 17.49
N VAL C 32 14.94 -10.81 18.35
CA VAL C 32 15.42 -10.29 19.62
C VAL C 32 16.45 -9.20 19.37
N ALA C 33 16.25 -8.05 20.01
CA ALA C 33 17.16 -6.92 19.89
C ALA C 33 17.48 -6.40 21.28
N GLN C 34 18.67 -5.80 21.40
CA GLN C 34 19.10 -5.26 22.68
C GLN C 34 18.26 -4.07 23.11
N TYR C 35 17.79 -3.26 22.16
CA TYR C 35 17.09 -2.04 22.46
C TYR C 35 15.90 -1.91 21.51
N PRO C 36 14.87 -1.16 21.92
CA PRO C 36 13.71 -0.98 21.03
C PRO C 36 14.09 -0.25 19.74
N GLN C 37 13.37 -0.60 18.68
CA GLN C 37 13.60 0.02 17.36
C GLN C 37 12.96 1.41 17.35
N ILE C 38 13.52 2.30 18.16
CA ILE C 38 13.09 3.69 18.18
C ILE C 38 13.56 4.42 16.93
N ALA C 39 14.51 3.86 16.19
CA ALA C 39 15.00 4.51 14.98
C ALA C 39 13.86 4.62 13.96
N PRO C 40 13.54 5.82 13.49
CA PRO C 40 12.43 5.98 12.55
C PRO C 40 12.78 5.38 11.21
N PRO C 41 11.78 4.95 10.44
CA PRO C 41 12.05 4.46 9.09
C PRO C 41 12.69 5.55 8.24
N THR C 42 13.67 5.15 7.43
CA THR C 42 14.42 6.08 6.60
C THR C 42 14.37 5.62 5.16
N ILE C 43 14.22 6.57 4.24
CA ILE C 43 14.24 6.32 2.81
C ILE C 43 15.42 7.08 2.23
N THR C 44 16.29 6.37 1.52
CA THR C 44 17.50 6.94 0.96
C THR C 44 17.39 7.00 -0.55
N VAL C 45 17.67 8.17 -1.12
CA VAL C 45 17.67 8.37 -2.56
C VAL C 45 19.10 8.61 -2.99
N SER C 46 19.60 7.80 -3.92
CA SER C 46 20.98 7.88 -4.38
C SER C 46 21.00 8.12 -5.88
N ALA C 47 21.81 9.08 -6.31
CA ALA C 47 22.00 9.36 -7.72
C ALA C 47 23.47 9.66 -7.97
N THR C 48 23.95 9.31 -9.16
CA THR C 48 25.35 9.48 -9.53
C THR C 48 25.44 10.34 -10.76
N TYR C 49 26.34 11.32 -10.74
CA TYR C 49 26.60 12.20 -11.87
C TYR C 49 28.10 12.18 -12.13
N PRO C 50 28.58 11.31 -13.02
CA PRO C 50 30.01 11.12 -13.17
C PRO C 50 30.72 12.40 -13.61
N GLY C 51 31.91 12.61 -13.08
CA GLY C 51 32.69 13.78 -13.43
C GLY C 51 32.06 15.09 -13.06
N ALA C 52 31.43 15.19 -11.90
CA ALA C 52 30.79 16.41 -11.45
C ALA C 52 31.35 16.84 -10.10
N ASP C 53 31.48 18.14 -9.91
CA ASP C 53 31.92 18.68 -8.64
C ASP C 53 30.75 18.76 -7.67
N ALA C 54 31.03 19.19 -6.44
CA ALA C 54 29.98 19.25 -5.42
C ALA C 54 28.93 20.30 -5.77
N GLN C 55 29.36 21.49 -6.17
CA GLN C 55 28.39 22.53 -6.52
C GLN C 55 27.54 22.12 -7.72
N THR C 56 28.18 21.55 -8.75
CA THR C 56 27.44 21.15 -9.93
C THR C 56 26.42 20.07 -9.62
N VAL C 57 26.84 19.02 -8.92
CA VAL C 57 25.90 17.96 -8.59
C VAL C 57 24.78 18.49 -7.70
N GLU C 58 25.11 19.37 -6.75
CA GLU C 58 24.10 19.94 -5.88
C GLU C 58 23.04 20.67 -6.70
N ASP C 59 23.44 21.74 -7.38
CA ASP C 59 22.45 22.58 -8.06
C ASP C 59 21.86 21.91 -9.31
N SER C 60 22.38 20.76 -9.73
CA SER C 60 21.79 20.10 -10.89
C SER C 60 20.90 18.93 -10.52
N VAL C 61 21.10 18.32 -9.35
CA VAL C 61 20.35 17.13 -8.95
C VAL C 61 19.65 17.32 -7.61
N THR C 62 20.40 17.75 -6.59
CA THR C 62 19.87 17.71 -5.24
C THR C 62 18.72 18.68 -5.06
N GLN C 63 18.90 19.92 -5.49
CA GLN C 63 17.82 20.91 -5.36
C GLN C 63 16.63 20.53 -6.22
N VAL C 64 16.87 20.01 -7.42
CA VAL C 64 15.77 19.62 -8.30
C VAL C 64 14.94 18.53 -7.64
N ILE C 65 15.59 17.52 -7.06
CA ILE C 65 14.84 16.46 -6.39
C ILE C 65 14.14 17.00 -5.15
N GLU C 66 14.82 17.84 -4.37
CA GLU C 66 14.25 18.36 -3.14
C GLU C 66 13.01 19.20 -3.37
N GLN C 67 13.01 20.03 -4.41
CA GLN C 67 11.87 20.93 -4.64
C GLN C 67 10.59 20.16 -4.92
N ASN C 68 10.70 18.91 -5.37
CA ASN C 68 9.54 18.07 -5.64
C ASN C 68 9.32 17.01 -4.57
N MET C 69 9.96 17.16 -3.42
CA MET C 69 9.87 16.18 -2.33
C MET C 69 8.90 16.63 -1.24
N ASN C 70 7.82 17.30 -1.62
CA ASN C 70 6.82 17.76 -0.67
C ASN C 70 5.61 16.83 -0.71
N GLY C 71 4.64 17.12 0.16
CA GLY C 71 3.41 16.35 0.19
C GLY C 71 3.56 14.90 0.58
N LEU C 72 4.50 14.59 1.47
CA LEU C 72 4.70 13.22 1.93
C LEU C 72 4.07 13.04 3.30
N ASP C 73 3.45 11.88 3.51
CA ASP C 73 2.73 11.61 4.75
C ASP C 73 3.70 11.14 5.83
N GLY C 74 3.61 11.78 6.99
CA GLY C 74 4.45 11.39 8.11
C GLY C 74 5.89 11.79 8.00
N LEU C 75 6.23 12.70 7.09
CA LEU C 75 7.62 13.11 6.91
C LEU C 75 8.11 13.84 8.16
N MET C 76 9.26 13.41 8.67
CA MET C 76 9.83 14.01 9.87
C MET C 76 10.77 15.16 9.52
N TYR C 77 11.79 14.87 8.73
CA TYR C 77 12.69 15.88 8.19
C TYR C 77 13.40 15.27 7.00
N MET C 78 14.22 16.08 6.33
CA MET C 78 14.94 15.59 5.16
C MET C 78 16.29 16.27 5.08
N SER C 79 17.34 15.46 4.93
CA SER C 79 18.70 15.96 4.81
C SER C 79 19.32 15.39 3.54
N SER C 80 20.27 16.13 2.98
CA SER C 80 20.91 15.73 1.73
C SER C 80 22.37 16.15 1.73
N THR C 81 23.15 15.45 0.92
CA THR C 81 24.57 15.74 0.78
C THR C 81 24.95 15.66 -0.68
N SER C 82 26.02 16.36 -1.04
CA SER C 82 26.49 16.40 -2.43
C SER C 82 28.01 16.49 -2.41
N ASP C 83 28.67 15.36 -2.65
CA ASP C 83 30.12 15.29 -2.58
C ASP C 83 30.75 15.52 -3.95
N ALA C 84 32.05 15.77 -3.95
CA ALA C 84 32.79 16.05 -5.17
C ALA C 84 32.97 14.82 -6.05
N ALA C 85 32.65 13.62 -5.55
CA ALA C 85 32.78 12.41 -6.35
C ALA C 85 31.64 12.25 -7.34
N GLY C 86 30.63 13.12 -7.30
CA GLY C 86 29.49 13.01 -8.18
C GLY C 86 28.30 12.28 -7.61
N ASN C 87 28.28 12.05 -6.30
CA ASN C 87 27.18 11.33 -5.65
C ASN C 87 26.27 12.31 -4.93
N ALA C 88 24.98 12.24 -5.22
CA ALA C 88 23.97 13.05 -4.55
C ALA C 88 23.10 12.11 -3.73
N SER C 89 23.21 12.20 -2.41
CA SER C 89 22.49 11.32 -1.50
C SER C 89 21.50 12.15 -0.69
N ILE C 90 20.24 11.76 -0.72
CA ILE C 90 19.18 12.42 0.04
C ILE C 90 18.57 11.39 0.97
N THR C 91 18.53 11.70 2.25
CA THR C 91 17.96 10.82 3.27
C THR C 91 16.69 11.43 3.81
N LEU C 92 15.61 10.66 3.79
CA LEU C 92 14.32 11.11 4.30
C LEU C 92 13.95 10.30 5.52
N THR C 93 13.65 10.98 6.61
CA THR C 93 13.23 10.34 7.86
C THR C 93 11.73 10.50 8.01
N PHE C 94 11.03 9.40 8.25
CA PHE C 94 9.59 9.41 8.42
C PHE C 94 9.24 9.19 9.88
N GLU C 95 8.01 9.52 10.23
CA GLU C 95 7.54 9.35 11.59
C GLU C 95 7.48 7.88 11.96
N THR C 96 7.74 7.59 13.23
CA THR C 96 7.72 6.23 13.71
C THR C 96 6.33 5.62 13.52
N GLY C 97 6.28 4.40 13.01
CA GLY C 97 5.05 3.71 12.73
C GLY C 97 4.57 3.82 11.30
N THR C 98 5.16 4.70 10.51
CA THR C 98 4.81 4.81 9.10
C THR C 98 5.23 3.56 8.35
N SER C 99 4.40 3.13 7.42
CA SER C 99 4.71 1.93 6.65
C SER C 99 5.90 2.21 5.73
N PRO C 100 7.00 1.45 5.87
CA PRO C 100 8.15 1.70 4.98
C PRO C 100 7.81 1.52 3.52
N ASP C 101 6.98 0.55 3.17
CA ASP C 101 6.62 0.36 1.76
C ASP C 101 5.83 1.54 1.23
N ILE C 102 4.89 2.05 2.01
CA ILE C 102 4.10 3.20 1.57
C ILE C 102 4.98 4.42 1.41
N ALA C 103 5.88 4.66 2.36
CA ALA C 103 6.79 5.80 2.26
C ALA C 103 7.68 5.68 1.04
N GLN C 104 8.23 4.49 0.79
CA GLN C 104 9.08 4.30 -0.38
C GLN C 104 8.30 4.52 -1.67
N VAL C 105 7.06 4.02 -1.73
CA VAL C 105 6.25 4.22 -2.93
C VAL C 105 5.97 5.70 -3.15
N GLN C 106 5.61 6.41 -2.09
CA GLN C 106 5.35 7.84 -2.22
C GLN C 106 6.60 8.59 -2.68
N VAL C 107 7.75 8.27 -2.09
CA VAL C 107 8.98 8.95 -2.48
C VAL C 107 9.32 8.67 -3.93
N GLN C 108 9.23 7.41 -4.34
CA GLN C 108 9.55 7.05 -5.72
C GLN C 108 8.58 7.70 -6.69
N ASN C 109 7.31 7.83 -6.32
CA ASN C 109 6.36 8.50 -7.19
C ASN C 109 6.67 9.99 -7.32
N LYS C 110 6.89 10.66 -6.20
CA LYS C 110 7.22 12.09 -6.25
C LYS C 110 8.54 12.35 -6.96
N LEU C 111 9.47 11.40 -6.93
CA LEU C 111 10.71 11.55 -7.67
C LEU C 111 10.47 11.54 -9.17
N GLN C 112 9.45 10.80 -9.63
CA GLN C 112 9.16 10.74 -11.05
C GLN C 112 8.78 12.10 -11.61
N LEU C 113 8.29 13.02 -10.78
CA LEU C 113 8.00 14.37 -11.24
C LEU C 113 9.27 15.08 -11.70
N ALA C 114 10.35 14.95 -10.94
CA ALA C 114 11.60 15.62 -11.24
C ALA C 114 12.47 14.85 -12.22
N MET C 115 12.04 13.64 -12.63
CA MET C 115 12.87 12.84 -13.52
C MET C 115 13.16 13.54 -14.84
N PRO C 116 12.19 14.13 -15.54
CA PRO C 116 12.51 14.81 -16.81
C PRO C 116 13.39 16.04 -16.65
N SER C 117 13.45 16.64 -15.46
CA SER C 117 14.23 17.84 -15.24
C SER C 117 15.70 17.56 -14.94
N LEU C 118 16.07 16.32 -14.68
CA LEU C 118 17.44 15.99 -14.34
C LEU C 118 18.29 15.88 -15.59
N PRO C 119 19.61 16.05 -15.46
CA PRO C 119 20.49 15.92 -16.62
C PRO C 119 20.47 14.50 -17.17
N GLU C 120 20.82 14.40 -18.46
CA GLU C 120 20.74 13.11 -19.14
C GLU C 120 21.66 12.07 -18.52
N ALA C 121 22.88 12.46 -18.14
CA ALA C 121 23.80 11.49 -17.56
C ALA C 121 23.26 10.91 -16.26
N VAL C 122 22.65 11.74 -15.42
CA VAL C 122 22.06 11.24 -14.18
C VAL C 122 20.94 10.26 -14.49
N GLN C 123 20.10 10.57 -15.47
CA GLN C 123 19.05 9.64 -15.85
C GLN C 123 19.61 8.31 -16.33
N GLN C 124 20.64 8.35 -17.18
CA GLN C 124 21.23 7.11 -17.68
C GLN C 124 21.86 6.30 -16.56
N GLN C 125 22.48 6.96 -15.58
CA GLN C 125 23.07 6.25 -14.47
C GLN C 125 22.02 5.51 -13.63
N GLY C 126 20.80 6.03 -13.59
CA GLY C 126 19.75 5.40 -12.81
C GLY C 126 19.74 5.91 -11.38
N ILE C 127 18.54 6.08 -10.82
CA ILE C 127 18.37 6.59 -9.46
C ILE C 127 17.69 5.49 -8.64
N SER C 128 18.28 5.15 -7.51
CA SER C 128 17.80 4.06 -6.68
C SER C 128 17.16 4.61 -5.41
N VAL C 129 15.97 4.11 -5.09
CA VAL C 129 15.27 4.43 -3.86
C VAL C 129 15.09 3.14 -3.08
N ASP C 130 15.61 3.10 -1.85
CA ASP C 130 15.61 1.87 -1.07
C ASP C 130 15.32 2.16 0.39
N LYS C 131 14.66 1.21 1.04
CA LYS C 131 14.34 1.29 2.46
C LYS C 131 15.50 0.76 3.29
N SER C 132 16.65 1.41 3.14
CA SER C 132 17.89 0.92 3.71
C SER C 132 18.10 1.48 5.11
N SER C 133 18.36 0.61 6.07
CA SER C 133 18.78 1.02 7.39
C SER C 133 20.30 1.12 7.45
N SER C 134 20.79 1.93 8.40
CA SER C 134 22.22 2.18 8.49
C SER C 134 23.01 0.98 9.01
N ASN C 135 22.36 0.09 9.75
CA ASN C 135 23.06 -1.06 10.31
C ASN C 135 23.49 -2.03 9.21
N ILE C 136 24.58 -2.73 9.47
CA ILE C 136 25.11 -3.74 8.55
C ILE C 136 24.98 -5.11 9.21
N LEU C 137 24.27 -6.02 8.55
CA LEU C 137 24.07 -7.35 9.10
C LEU C 137 25.37 -8.14 9.10
N MET C 138 25.95 -8.33 7.92
CA MET C 138 27.17 -9.12 7.79
C MET C 138 27.90 -8.71 6.52
N VAL C 139 29.19 -8.98 6.48
CA VAL C 139 30.05 -8.65 5.35
C VAL C 139 30.73 -9.91 4.86
N ALA C 140 30.64 -10.17 3.57
CA ALA C 140 31.22 -11.36 2.95
C ALA C 140 32.34 -10.91 2.03
N ALA C 141 33.52 -11.49 2.21
CA ALA C 141 34.68 -11.17 1.40
C ALA C 141 35.06 -12.35 0.50
N PHE C 142 35.67 -12.04 -0.63
CA PHE C 142 36.09 -13.03 -1.60
C PHE C 142 37.55 -12.76 -1.96
N ILE C 143 38.39 -13.79 -1.86
CA ILE C 143 39.82 -13.65 -2.10
C ILE C 143 40.27 -14.63 -3.16
N SER C 144 41.55 -14.60 -3.50
CA SER C 144 42.16 -15.54 -4.42
C SER C 144 43.31 -16.25 -3.72
N ASP C 145 43.37 -17.57 -3.87
CA ASP C 145 44.39 -18.35 -3.17
C ASP C 145 45.77 -18.10 -3.77
N ASN C 146 45.94 -18.41 -5.05
CA ASN C 146 47.23 -18.26 -5.72
C ASN C 146 47.45 -16.85 -6.25
N GLY C 147 46.50 -15.94 -6.07
CA GLY C 147 46.61 -14.63 -6.65
C GLY C 147 46.40 -14.59 -8.14
N SER C 148 45.76 -15.62 -8.71
CA SER C 148 45.55 -15.66 -10.15
C SER C 148 44.61 -14.55 -10.62
N LEU C 149 43.76 -14.06 -9.74
CA LEU C 149 42.80 -13.03 -10.09
C LEU C 149 43.07 -11.77 -9.27
N ASN C 150 43.14 -10.62 -9.95
CA ASN C 150 43.29 -9.35 -9.27
C ASN C 150 41.93 -8.93 -8.72
N GLN C 151 41.86 -7.74 -8.12
CA GLN C 151 40.60 -7.32 -7.52
C GLN C 151 39.54 -7.05 -8.58
N TYR C 152 39.93 -6.64 -9.78
CA TYR C 152 38.94 -6.35 -10.82
C TYR C 152 38.22 -7.61 -11.26
N ASP C 153 38.96 -8.69 -11.50
CA ASP C 153 38.32 -9.94 -11.91
C ASP C 153 37.39 -10.46 -10.82
N ILE C 154 37.85 -10.44 -9.56
CA ILE C 154 37.05 -10.95 -8.47
C ILE C 154 35.78 -10.11 -8.31
N ALA C 155 35.91 -8.79 -8.34
CA ALA C 155 34.75 -7.93 -8.21
C ALA C 155 33.78 -8.11 -9.36
N ASP C 156 34.29 -8.24 -10.59
CA ASP C 156 33.41 -8.44 -11.73
C ASP C 156 32.66 -9.75 -11.63
N TYR C 157 33.35 -10.84 -11.28
CA TYR C 157 32.68 -12.12 -11.13
C TYR C 157 31.64 -12.05 -10.03
N VAL C 158 31.96 -11.40 -8.92
CA VAL C 158 31.01 -11.30 -7.82
C VAL C 158 29.78 -10.54 -8.26
N ALA C 159 29.95 -9.36 -8.85
CA ALA C 159 28.82 -8.56 -9.28
C ALA C 159 28.02 -9.24 -10.38
N SER C 160 28.65 -10.11 -11.16
CA SER C 160 27.94 -10.76 -12.25
C SER C 160 27.20 -12.01 -11.82
N ASN C 161 27.68 -12.70 -10.79
CA ASN C 161 27.11 -14.00 -10.43
C ASN C 161 26.52 -14.06 -9.04
N ILE C 162 27.18 -13.50 -8.03
CA ILE C 162 26.75 -13.70 -6.64
C ILE C 162 25.91 -12.54 -6.11
N LYS C 163 25.94 -11.39 -6.76
CA LYS C 163 25.24 -10.22 -6.22
C LYS C 163 23.72 -10.39 -6.32
N ASP C 164 23.20 -10.54 -7.52
CA ASP C 164 21.74 -10.55 -7.67
C ASP C 164 21.00 -11.76 -7.10
N PRO C 165 21.58 -12.96 -6.97
CA PRO C 165 20.83 -14.00 -6.24
C PRO C 165 20.83 -13.75 -4.75
N LEU C 166 21.94 -13.27 -4.21
CA LEU C 166 21.98 -12.89 -2.80
C LEU C 166 21.09 -11.70 -2.53
N SER C 167 21.03 -10.73 -3.46
CA SER C 167 20.20 -9.56 -3.28
C SER C 167 18.71 -9.89 -3.28
N ARG C 168 18.30 -10.91 -4.01
CA ARG C 168 16.90 -11.32 -4.05
C ARG C 168 16.58 -12.40 -3.02
N THR C 169 17.56 -12.80 -2.22
CA THR C 169 17.30 -13.78 -1.17
C THR C 169 16.44 -13.17 -0.07
N ALA C 170 15.57 -13.98 0.52
CA ALA C 170 14.62 -13.50 1.51
C ALA C 170 15.35 -12.94 2.72
N GLY C 171 14.81 -11.84 3.26
CA GLY C 171 15.36 -11.21 4.43
C GLY C 171 16.45 -10.19 4.14
N VAL C 172 16.86 -10.04 2.89
CA VAL C 172 17.93 -9.13 2.51
C VAL C 172 17.30 -7.83 2.02
N GLY C 173 17.59 -6.74 2.71
CA GLY C 173 17.09 -5.45 2.30
C GLY C 173 17.83 -4.90 1.11
N SER C 174 19.14 -4.70 1.25
CA SER C 174 19.96 -4.17 0.19
C SER C 174 21.38 -4.67 0.37
N VAL C 175 22.13 -4.68 -0.74
CA VAL C 175 23.53 -5.07 -0.72
C VAL C 175 24.36 -3.97 -1.36
N GLN C 176 25.60 -3.85 -0.90
CA GLN C 176 26.55 -2.90 -1.44
C GLN C 176 27.80 -3.64 -1.83
N LEU C 177 28.28 -3.40 -3.05
CA LEU C 177 29.48 -4.07 -3.55
C LEU C 177 30.69 -3.16 -3.36
N PHE C 178 31.74 -3.71 -2.78
CA PHE C 178 33.00 -3.00 -2.63
C PHE C 178 33.91 -3.32 -3.82
N GLY C 179 33.45 -2.85 -4.99
CA GLY C 179 34.14 -3.13 -6.22
C GLY C 179 33.33 -2.61 -7.39
N SER C 180 33.57 -3.19 -8.56
CA SER C 180 32.85 -2.77 -9.75
C SER C 180 32.82 -3.91 -10.75
N GLU C 181 31.82 -3.88 -11.62
CA GLU C 181 31.75 -4.84 -12.70
C GLU C 181 32.80 -4.51 -13.76
N TYR C 182 32.81 -5.29 -14.83
CA TYR C 182 33.63 -4.90 -15.96
C TYR C 182 32.96 -3.78 -16.73
N ALA C 183 33.77 -3.01 -17.45
CA ALA C 183 33.28 -1.98 -18.33
C ALA C 183 34.31 -1.75 -19.42
N MET C 184 33.83 -1.63 -20.65
CA MET C 184 34.70 -1.62 -21.81
C MET C 184 35.36 -0.24 -21.89
N ARG C 185 36.35 -0.05 -21.04
CA ARG C 185 37.03 1.24 -20.92
C ARG C 185 37.80 1.53 -22.20
N ILE C 186 37.67 2.76 -22.71
CA ILE C 186 38.37 3.20 -23.90
C ILE C 186 39.21 4.41 -23.51
N TRP C 187 40.52 4.22 -23.43
CA TRP C 187 41.43 5.28 -23.00
C TRP C 187 41.93 6.04 -24.22
N LEU C 188 41.50 7.29 -24.37
CA LEU C 188 41.86 8.09 -25.51
C LEU C 188 43.30 8.58 -25.42
N ASP C 189 43.87 8.90 -26.58
CA ASP C 189 45.20 9.48 -26.66
C ASP C 189 45.14 10.81 -27.37
N PRO C 190 45.31 11.93 -26.68
CA PRO C 190 45.14 13.24 -27.33
C PRO C 190 46.08 13.47 -28.50
N GLN C 191 47.32 13.00 -28.41
CA GLN C 191 48.26 13.21 -29.51
C GLN C 191 47.84 12.45 -30.75
N LYS C 192 47.45 11.18 -30.59
CA LYS C 192 46.99 10.39 -31.72
C LYS C 192 45.69 10.96 -32.29
N LEU C 193 44.78 11.41 -31.43
CA LEU C 193 43.56 12.04 -31.92
C LEU C 193 43.87 13.27 -32.74
N ASN C 194 44.79 14.11 -32.28
CA ASN C 194 45.19 15.28 -33.06
C ASN C 194 45.88 14.86 -34.35
N LYS C 195 46.53 13.71 -34.36
CA LYS C 195 47.26 13.27 -35.54
C LYS C 195 46.30 13.02 -36.71
N TYR C 196 45.14 12.44 -36.43
CA TYR C 196 44.20 12.07 -37.47
C TYR C 196 43.02 13.04 -37.59
N ASN C 197 43.09 14.19 -36.93
CA ASN C 197 42.02 15.17 -36.94
C ASN C 197 40.70 14.57 -36.45
N LEU C 198 40.72 14.15 -35.18
CA LEU C 198 39.56 13.52 -34.56
C LEU C 198 39.29 14.17 -33.20
N VAL C 199 38.03 14.07 -32.77
CA VAL C 199 37.56 14.67 -31.54
C VAL C 199 36.82 13.59 -30.77
N PRO C 200 36.84 13.59 -29.43
CA PRO C 200 36.12 12.55 -28.69
C PRO C 200 34.65 12.46 -29.04
N SER C 201 34.02 13.55 -29.48
CA SER C 201 32.62 13.48 -29.84
C SER C 201 32.38 12.53 -31.00
N ASP C 202 33.23 12.58 -32.04
CA ASP C 202 33.04 11.67 -33.16
C ASP C 202 33.33 10.23 -32.77
N VAL C 203 34.28 10.01 -31.86
CA VAL C 203 34.52 8.66 -31.36
C VAL C 203 33.30 8.12 -30.65
N ILE C 204 32.67 8.96 -29.80
CA ILE C 204 31.47 8.52 -29.11
C ILE C 204 30.35 8.24 -30.09
N SER C 205 30.19 9.10 -31.10
CA SER C 205 29.14 8.89 -32.09
C SER C 205 29.36 7.60 -32.87
N GLN C 206 30.61 7.34 -33.27
CA GLN C 206 30.89 6.12 -34.02
C GLN C 206 30.69 4.88 -33.15
N ILE C 207 31.04 4.95 -31.88
CA ILE C 207 30.77 3.82 -30.99
C ILE C 207 29.26 3.60 -30.88
N LYS C 208 28.49 4.68 -30.75
CA LYS C 208 27.04 4.56 -30.68
C LYS C 208 26.48 3.93 -31.95
N VAL C 209 27.04 4.26 -33.10
CA VAL C 209 26.52 3.72 -34.36
C VAL C 209 26.90 2.25 -34.52
N GLN C 210 28.19 1.94 -34.39
CA GLN C 210 28.65 0.60 -34.74
C GLN C 210 28.36 -0.42 -33.64
N ASN C 211 28.34 0.01 -32.38
CA ASN C 211 27.97 -0.88 -31.28
C ASN C 211 26.49 -0.69 -30.98
N ASN C 212 25.66 -1.11 -31.94
CA ASN C 212 24.22 -0.93 -31.83
C ASN C 212 23.50 -2.16 -32.33
N GLN C 213 22.35 -2.44 -31.72
CA GLN C 213 21.47 -3.51 -32.18
C GLN C 213 20.36 -2.94 -33.04
N ILE C 214 20.14 -3.56 -34.19
CA ILE C 214 19.18 -3.07 -35.17
C ILE C 214 18.11 -4.13 -35.36
N SER C 215 16.85 -3.73 -35.18
CA SER C 215 15.73 -4.63 -35.41
C SER C 215 15.59 -4.90 -36.90
N GLY C 216 15.97 -6.11 -37.33
CA GLY C 216 15.99 -6.45 -38.73
C GLY C 216 14.68 -6.92 -39.33
N GLY C 217 13.61 -7.01 -38.55
CA GLY C 217 12.37 -7.51 -39.07
C GLY C 217 12.45 -8.98 -39.41
N GLN C 218 11.64 -9.39 -40.39
CA GLN C 218 11.63 -10.78 -40.83
C GLN C 218 11.08 -10.85 -42.24
N LEU C 219 11.56 -11.84 -43.00
CA LEU C 219 11.03 -12.07 -44.33
C LEU C 219 9.62 -12.65 -44.26
N GLY C 220 8.74 -12.17 -45.13
CA GLY C 220 7.38 -12.68 -45.18
C GLY C 220 6.58 -12.46 -43.93
N GLY C 221 6.77 -11.33 -43.25
CA GLY C 221 6.00 -11.03 -42.06
C GLY C 221 4.60 -10.58 -42.40
N MET C 222 3.79 -10.44 -41.35
CA MET C 222 2.41 -10.04 -41.54
C MET C 222 2.33 -8.55 -41.90
N PRO C 223 1.55 -8.20 -42.92
CA PRO C 223 0.78 -9.06 -43.82
C PRO C 223 1.66 -9.63 -44.90
N GLN C 224 1.37 -10.84 -45.38
CA GLN C 224 2.20 -11.49 -46.38
C GLN C 224 1.35 -11.78 -47.60
N ALA C 225 2.01 -12.25 -48.66
CA ALA C 225 1.30 -12.68 -49.84
C ALA C 225 0.47 -13.92 -49.51
N ALA C 226 -0.30 -14.39 -50.50
CA ALA C 226 -1.18 -15.54 -50.30
C ALA C 226 -0.55 -16.86 -50.72
N ASP C 227 0.69 -16.83 -51.21
CA ASP C 227 1.27 -18.05 -51.76
C ASP C 227 2.75 -18.21 -51.40
N GLN C 228 3.18 -17.72 -50.25
CA GLN C 228 4.56 -17.88 -49.84
C GLN C 228 4.64 -18.76 -48.61
N GLN C 229 5.71 -19.56 -48.52
CA GLN C 229 5.88 -20.54 -47.47
C GLN C 229 7.05 -20.24 -46.55
N LEU C 230 7.81 -19.19 -46.81
CA LEU C 230 9.04 -18.90 -46.08
C LEU C 230 8.82 -17.77 -45.10
N ASN C 231 9.23 -17.98 -43.85
CA ASN C 231 9.17 -16.95 -42.82
C ASN C 231 10.37 -17.11 -41.91
N ALA C 232 11.30 -16.16 -41.98
CA ALA C 232 12.52 -16.24 -41.20
C ALA C 232 12.93 -14.85 -40.77
N SER C 233 13.49 -14.75 -39.56
CA SER C 233 13.95 -13.48 -39.05
C SER C 233 15.20 -13.02 -39.81
N ILE C 234 15.44 -11.71 -39.77
CA ILE C 234 16.59 -11.10 -40.41
C ILE C 234 17.48 -10.52 -39.32
N ILE C 235 18.76 -10.89 -39.35
CA ILE C 235 19.74 -10.40 -38.40
C ILE C 235 20.65 -9.42 -39.11
N VAL C 236 20.74 -8.20 -38.59
CA VAL C 236 21.53 -7.14 -39.20
C VAL C 236 22.79 -6.85 -38.40
N GLN C 237 22.64 -6.52 -37.12
CA GLN C 237 23.78 -6.14 -36.30
C GLN C 237 23.53 -6.54 -34.86
N THR C 238 24.59 -6.94 -34.18
CA THR C 238 24.53 -7.32 -32.77
C THR C 238 25.55 -6.52 -31.99
N ARG C 239 25.30 -6.39 -30.69
CA ARG C 239 26.20 -5.63 -29.83
C ARG C 239 27.56 -6.31 -29.75
N LEU C 240 28.61 -5.49 -29.79
CA LEU C 240 29.97 -6.01 -29.77
C LEU C 240 30.27 -6.62 -28.40
N GLN C 241 31.15 -7.62 -28.41
CA GLN C 241 31.46 -8.36 -27.20
C GLN C 241 32.93 -8.28 -26.79
N THR C 242 33.85 -8.58 -27.69
CA THR C 242 35.25 -8.69 -27.30
C THR C 242 35.96 -7.34 -27.44
N PRO C 243 37.04 -7.14 -26.67
CA PRO C 243 37.82 -5.91 -26.84
C PRO C 243 38.40 -5.72 -28.23
N GLU C 244 38.86 -6.79 -28.89
CA GLU C 244 39.36 -6.63 -30.25
C GLU C 244 38.24 -6.27 -31.20
N GLU C 245 36.99 -6.66 -30.89
CA GLU C 245 35.87 -6.17 -31.68
C GLU C 245 35.75 -4.66 -31.59
N PHE C 246 35.89 -4.09 -30.39
CA PHE C 246 35.88 -2.64 -30.26
C PHE C 246 37.07 -2.02 -30.96
N GLY C 247 38.24 -2.64 -30.86
CA GLY C 247 39.43 -2.10 -31.49
C GLY C 247 39.37 -2.04 -33.00
N LYS C 248 38.42 -2.74 -33.61
CA LYS C 248 38.26 -2.75 -35.05
C LYS C 248 37.14 -1.83 -35.53
N ILE C 249 36.64 -0.97 -34.65
CA ILE C 249 35.58 -0.04 -35.02
C ILE C 249 36.15 1.00 -35.97
N LEU C 250 35.49 1.20 -37.10
CA LEU C 250 35.94 2.19 -38.06
C LEU C 250 35.56 3.59 -37.61
N LEU C 251 36.51 4.52 -37.71
CA LEU C 251 36.29 5.91 -37.36
C LEU C 251 36.36 6.82 -38.57
N LYS C 252 37.38 6.67 -39.40
CA LYS C 252 37.61 7.60 -40.51
C LYS C 252 38.44 6.89 -41.56
N VAL C 253 38.16 7.20 -42.82
CA VAL C 253 38.94 6.70 -43.95
C VAL C 253 39.69 7.86 -44.57
N GLN C 254 41.00 7.75 -44.64
CA GLN C 254 41.84 8.83 -45.14
C GLN C 254 41.70 8.93 -46.67
N GLN C 255 42.26 10.00 -47.23
CA GLN C 255 42.16 10.24 -48.66
C GLN C 255 42.86 9.18 -49.49
N ASP C 256 43.86 8.50 -48.94
CA ASP C 256 44.58 7.45 -49.65
C ASP C 256 43.92 6.09 -49.47
N GLY C 257 42.78 6.03 -48.81
CA GLY C 257 42.08 4.77 -48.59
C GLY C 257 42.45 4.05 -47.32
N SER C 258 43.44 4.53 -46.58
CA SER C 258 43.80 3.88 -45.32
C SER C 258 42.69 4.09 -44.29
N GLN C 259 42.53 3.10 -43.42
CA GLN C 259 41.49 3.12 -42.40
C GLN C 259 42.08 3.55 -41.07
N VAL C 260 41.28 4.27 -40.28
CA VAL C 260 41.66 4.72 -38.96
C VAL C 260 40.74 4.03 -37.97
N LEU C 261 41.23 2.99 -37.32
CA LEU C 261 40.43 2.20 -36.40
C LEU C 261 40.48 2.81 -35.01
N LEU C 262 39.64 2.31 -34.12
CA LEU C 262 39.65 2.78 -32.74
C LEU C 262 40.96 2.49 -32.04
N ARG C 263 41.54 1.32 -32.29
CA ARG C 263 42.79 0.94 -31.65
C ARG C 263 43.95 1.83 -32.05
N ASP C 264 43.84 2.54 -33.17
CA ASP C 264 44.91 3.43 -33.61
C ASP C 264 44.94 4.73 -32.83
N VAL C 265 43.85 5.09 -32.17
CA VAL C 265 43.79 6.34 -31.41
C VAL C 265 43.51 6.11 -29.94
N ALA C 266 43.17 4.90 -29.52
CA ALA C 266 42.86 4.65 -28.12
C ALA C 266 43.25 3.23 -27.77
N ARG C 267 43.50 3.01 -26.49
CA ARG C 267 43.80 1.67 -25.96
C ARG C 267 42.52 1.13 -25.33
N VAL C 268 41.93 0.12 -25.97
CA VAL C 268 40.69 -0.49 -25.50
C VAL C 268 41.05 -1.68 -24.63
N GLU C 269 40.51 -1.71 -23.42
CA GLU C 269 40.76 -2.80 -22.51
C GLU C 269 39.55 -2.97 -21.60
N LEU C 270 39.39 -4.19 -21.10
CA LEU C 270 38.30 -4.51 -20.19
C LEU C 270 38.70 -4.09 -18.79
N GLY C 271 38.06 -3.05 -18.27
CA GLY C 271 38.43 -2.48 -16.99
C GLY C 271 37.23 -2.32 -16.09
N ALA C 272 37.50 -1.86 -14.87
CA ALA C 272 36.47 -1.70 -13.86
C ALA C 272 35.52 -0.57 -14.24
N GLU C 273 34.26 -0.72 -13.85
CA GLU C 273 33.28 0.32 -14.12
C GLU C 273 33.52 1.55 -13.26
N ASP C 274 33.87 1.35 -11.99
CA ASP C 274 34.17 2.43 -11.08
C ASP C 274 35.47 2.11 -10.35
N TYR C 275 36.47 2.96 -10.50
CA TYR C 275 37.77 2.74 -9.91
C TYR C 275 37.92 3.39 -8.54
N SER C 276 36.86 3.99 -8.01
CA SER C 276 36.98 4.78 -6.80
C SER C 276 37.17 3.95 -5.53
N THR C 277 36.92 2.65 -5.57
CA THR C 277 36.97 1.80 -4.39
C THR C 277 38.05 0.76 -4.55
N VAL C 278 38.89 0.61 -3.53
CA VAL C 278 39.94 -0.40 -3.49
C VAL C 278 39.80 -1.17 -2.18
N ALA C 279 39.72 -2.50 -2.29
CA ALA C 279 39.52 -3.35 -1.13
C ALA C 279 40.65 -4.38 -1.05
N ARG C 280 41.03 -4.72 0.18
CA ARG C 280 42.05 -5.72 0.43
C ARG C 280 41.67 -6.56 1.63
N TYR C 281 42.26 -7.75 1.71
CA TYR C 281 42.02 -8.69 2.81
C TYR C 281 43.39 -9.23 3.23
N ASN C 282 43.81 -8.88 4.45
CA ASN C 282 45.11 -9.30 4.97
C ASN C 282 46.23 -8.93 4.01
N GLY C 283 46.04 -7.83 3.29
CA GLY C 283 47.00 -7.38 2.29
C GLY C 283 46.82 -8.00 0.92
N LYS C 284 45.92 -8.96 0.77
CA LYS C 284 45.71 -9.55 -0.53
C LYS C 284 44.51 -8.91 -1.23
N PRO C 285 44.54 -8.85 -2.56
CA PRO C 285 43.41 -8.28 -3.29
C PRO C 285 42.14 -9.06 -3.00
N ALA C 286 41.03 -8.35 -2.90
CA ALA C 286 39.76 -8.97 -2.57
C ALA C 286 38.62 -8.03 -2.90
N ALA C 287 37.41 -8.58 -2.92
CA ALA C 287 36.19 -7.80 -3.07
C ALA C 287 35.19 -8.26 -2.02
N GLY C 288 34.33 -7.35 -1.60
CA GLY C 288 33.42 -7.63 -0.50
C GLY C 288 32.01 -7.17 -0.82
N ILE C 289 31.07 -7.76 -0.09
CA ILE C 289 29.65 -7.43 -0.19
C ILE C 289 29.16 -7.10 1.21
N ALA C 290 28.49 -5.96 1.34
CA ALA C 290 27.88 -5.56 2.60
C ALA C 290 26.40 -5.88 2.55
N ILE C 291 25.95 -6.78 3.40
CA ILE C 291 24.56 -7.23 3.41
C ILE C 291 23.81 -6.46 4.48
N LYS C 292 22.76 -5.75 4.08
CA LYS C 292 21.94 -4.97 4.99
C LYS C 292 20.64 -5.71 5.27
N LEU C 293 20.36 -5.90 6.56
CA LEU C 293 19.17 -6.64 6.96
C LEU C 293 17.91 -5.90 6.55
N ALA C 294 16.98 -6.64 5.96
CA ALA C 294 15.69 -6.07 5.60
C ALA C 294 14.89 -5.74 6.86
N ALA C 295 14.01 -4.74 6.73
CA ALA C 295 13.19 -4.34 7.86
C ALA C 295 12.19 -5.45 8.21
N GLY C 296 12.13 -5.79 9.49
CA GLY C 296 11.20 -6.78 9.98
C GLY C 296 11.65 -8.21 9.84
N ALA C 297 12.83 -8.46 9.27
CA ALA C 297 13.34 -9.81 9.11
C ALA C 297 14.35 -10.13 10.20
N ASN C 298 14.20 -11.31 10.81
CA ASN C 298 15.11 -11.71 11.86
C ASN C 298 16.50 -11.96 11.29
N ALA C 299 17.52 -11.61 12.08
CA ALA C 299 18.89 -11.68 11.59
C ALA C 299 19.38 -13.11 11.45
N LEU C 300 19.04 -13.99 12.40
CA LEU C 300 19.64 -15.32 12.43
C LEU C 300 19.23 -16.14 11.21
N ASP C 301 17.93 -16.19 10.93
CA ASP C 301 17.46 -16.97 9.79
C ASP C 301 17.96 -16.38 8.47
N THR C 302 17.98 -15.06 8.36
CA THR C 302 18.50 -14.42 7.15
C THR C 302 19.96 -14.77 6.94
N SER C 303 20.76 -14.74 8.01
CA SER C 303 22.16 -15.09 7.88
C SER C 303 22.34 -16.55 7.50
N ARG C 304 21.52 -17.44 8.08
CA ARG C 304 21.60 -18.84 7.68
C ARG C 304 21.27 -18.99 6.19
N ALA C 305 20.25 -18.29 5.71
CA ALA C 305 19.89 -18.36 4.30
C ALA C 305 21.02 -17.84 3.43
N VAL C 306 21.65 -16.73 3.82
CA VAL C 306 22.74 -16.17 3.04
C VAL C 306 23.91 -17.13 2.99
N LYS C 307 24.28 -17.71 4.14
CA LYS C 307 25.39 -18.65 4.16
C LYS C 307 25.09 -19.88 3.32
N GLU C 308 23.86 -20.38 3.38
CA GLU C 308 23.50 -21.52 2.55
C GLU C 308 23.54 -21.17 1.07
N GLU C 309 23.09 -19.97 0.70
CA GLU C 309 23.17 -19.54 -0.69
C GLU C 309 24.61 -19.46 -1.16
N LEU C 310 25.50 -18.91 -0.32
CA LEU C 310 26.90 -18.84 -0.68
C LEU C 310 27.50 -20.23 -0.83
N ASN C 311 27.15 -21.15 0.07
CA ASN C 311 27.64 -22.51 -0.05
C ASN C 311 27.15 -23.17 -1.32
N ARG C 312 25.88 -22.95 -1.68
CA ARG C 312 25.34 -23.53 -2.91
C ARG C 312 26.04 -22.96 -4.14
N LEU C 313 26.26 -21.64 -4.15
CA LEU C 313 26.93 -21.01 -5.29
C LEU C 313 28.41 -21.34 -5.35
N SER C 314 29.01 -21.79 -4.25
CA SER C 314 30.43 -22.11 -4.23
C SER C 314 30.81 -23.22 -5.21
N ALA C 315 29.85 -24.02 -5.66
CA ALA C 315 30.17 -25.10 -6.60
C ALA C 315 30.57 -24.58 -7.96
N TYR C 316 30.15 -23.37 -8.33
CA TYR C 316 30.40 -22.83 -9.66
C TYR C 316 31.51 -21.78 -9.67
N PHE C 317 32.23 -21.65 -8.56
CA PHE C 317 33.27 -20.65 -8.46
C PHE C 317 34.44 -20.99 -9.37
N PRO C 318 35.22 -20.00 -9.79
CA PRO C 318 36.49 -20.28 -10.46
C PRO C 318 37.42 -21.04 -9.53
N ALA C 319 38.45 -21.64 -10.15
CA ALA C 319 39.29 -22.60 -9.43
C ALA C 319 40.02 -21.99 -8.24
N SER C 320 40.18 -20.67 -8.20
CA SER C 320 40.99 -20.05 -7.17
C SER C 320 40.21 -19.12 -6.25
N LEU C 321 38.89 -19.15 -6.29
CA LEU C 321 38.07 -18.23 -5.51
C LEU C 321 37.56 -18.91 -4.25
N LYS C 322 37.68 -18.24 -3.12
CA LYS C 322 37.15 -18.70 -1.85
C LYS C 322 36.37 -17.58 -1.17
N THR C 323 35.58 -17.95 -0.17
CA THR C 323 34.73 -17.01 0.54
C THR C 323 35.14 -16.99 2.01
N VAL C 324 35.28 -15.79 2.56
CA VAL C 324 35.59 -15.60 3.97
C VAL C 324 34.67 -14.53 4.53
N TYR C 325 34.50 -14.56 5.85
CA TYR C 325 33.60 -13.64 6.55
C TYR C 325 34.43 -12.77 7.49
N PRO C 326 34.78 -11.55 7.08
CA PRO C 326 35.58 -10.67 7.95
C PRO C 326 34.76 -9.92 8.99
N TYR C 327 33.44 -9.88 8.85
CA TYR C 327 32.62 -9.11 9.78
C TYR C 327 31.30 -9.86 9.93
N ASP C 328 31.21 -10.73 10.94
CA ASP C 328 30.01 -11.50 11.21
C ASP C 328 29.51 -11.15 12.60
N THR C 329 28.22 -10.84 12.71
CA THR C 329 27.62 -10.44 13.97
C THR C 329 26.70 -11.50 14.55
N THR C 330 26.28 -12.48 13.77
CA THR C 330 25.30 -13.48 14.19
C THR C 330 25.78 -14.38 15.33
N PRO C 331 27.06 -14.77 15.42
CA PRO C 331 27.48 -15.52 16.61
C PRO C 331 27.24 -14.74 17.89
N PHE C 332 27.36 -13.41 17.85
CA PHE C 332 27.02 -12.61 19.01
C PHE C 332 25.54 -12.75 19.37
N ILE C 333 24.66 -12.73 18.36
CA ILE C 333 23.24 -12.89 18.63
C ILE C 333 22.95 -14.26 19.23
N GLU C 334 23.55 -15.30 18.66
CA GLU C 334 23.31 -16.65 19.15
C GLU C 334 23.80 -16.80 20.59
N ILE C 335 24.99 -16.26 20.89
CA ILE C 335 25.48 -16.35 22.26
C ILE C 335 24.66 -15.49 23.20
N SER C 336 24.09 -14.38 22.71
CA SER C 336 23.22 -13.58 23.56
C SER C 336 21.97 -14.33 23.95
N ILE C 337 21.33 -15.02 22.99
CA ILE C 337 20.14 -15.77 23.35
C ILE C 337 20.51 -16.98 24.22
N GLN C 338 21.65 -17.61 23.96
CA GLN C 338 22.10 -18.71 24.80
C GLN C 338 22.36 -18.24 26.22
N GLU C 339 22.81 -17.00 26.38
CA GLU C 339 23.01 -16.43 27.70
C GLU C 339 21.70 -16.03 28.35
N VAL C 340 20.73 -15.55 27.58
CA VAL C 340 19.47 -15.15 28.19
C VAL C 340 18.69 -16.36 28.68
N PHE C 341 18.78 -17.49 27.99
CA PHE C 341 18.17 -18.71 28.53
C PHE C 341 18.81 -19.08 29.86
N LYS C 342 20.13 -19.02 29.94
CA LYS C 342 20.82 -19.32 31.19
C LYS C 342 20.42 -18.34 32.29
N THR C 343 20.29 -17.06 31.96
CA THR C 343 19.93 -16.08 32.98
C THR C 343 18.50 -16.28 33.47
N LEU C 344 17.58 -16.65 32.58
CA LEU C 344 16.22 -16.96 33.03
C LEU C 344 16.21 -18.19 33.93
N VAL C 345 16.95 -19.23 33.57
CA VAL C 345 16.92 -20.44 34.37
C VAL C 345 17.58 -20.20 35.73
N GLU C 346 18.65 -19.41 35.78
CA GLU C 346 19.24 -19.13 37.09
C GLU C 346 18.35 -18.21 37.91
N ALA C 347 17.59 -17.32 37.26
CA ALA C 347 16.62 -16.51 37.99
C ALA C 347 15.56 -17.38 38.65
N ILE C 348 14.99 -18.32 37.90
CA ILE C 348 13.99 -19.19 38.51
C ILE C 348 14.62 -20.07 39.58
N ILE C 349 15.88 -20.49 39.37
CA ILE C 349 16.56 -21.30 40.38
C ILE C 349 16.74 -20.51 41.67
N LEU C 350 17.13 -19.24 41.57
CA LEU C 350 17.34 -18.44 42.78
C LEU C 350 16.02 -18.13 43.47
N VAL C 351 14.95 -17.95 42.69
CA VAL C 351 13.64 -17.78 43.32
C VAL C 351 13.26 -19.03 44.08
N PHE C 352 13.47 -20.20 43.48
CA PHE C 352 13.21 -21.45 44.18
C PHE C 352 14.06 -21.57 45.45
N LEU C 353 15.33 -21.17 45.36
CA LEU C 353 16.21 -21.24 46.52
C LEU C 353 15.73 -20.34 47.65
N VAL C 354 15.31 -19.11 47.33
CA VAL C 354 14.80 -18.21 48.36
C VAL C 354 13.54 -18.79 48.99
N MET C 355 12.62 -19.30 48.17
CA MET C 355 11.38 -19.81 48.71
C MET C 355 11.63 -21.04 49.57
N TYR C 356 12.56 -21.91 49.16
CA TYR C 356 12.98 -23.04 49.98
C TYR C 356 13.62 -22.62 51.28
N LEU C 357 14.49 -21.59 51.25
CA LEU C 357 15.03 -21.03 52.48
C LEU C 357 13.93 -20.54 53.39
N PHE C 358 12.80 -20.12 52.81
CA PHE C 358 11.66 -19.74 53.63
C PHE C 358 10.95 -20.95 54.25
N LEU C 359 10.46 -21.87 53.42
CA LEU C 359 9.52 -22.87 53.92
C LEU C 359 10.19 -24.13 54.44
N GLN C 360 11.37 -24.48 53.92
CA GLN C 360 12.06 -25.71 54.29
C GLN C 360 11.23 -26.95 53.98
N ASN C 361 10.51 -26.92 52.87
CA ASN C 361 9.67 -28.06 52.48
C ASN C 361 9.56 -28.08 50.97
N PHE C 362 10.37 -28.91 50.31
CA PHE C 362 10.47 -28.85 48.85
C PHE C 362 9.13 -29.05 48.17
N ARG C 363 8.30 -29.97 48.67
CA ARG C 363 6.95 -30.11 48.13
C ARG C 363 6.14 -28.84 48.35
N ALA C 364 6.29 -28.19 49.50
CA ALA C 364 5.58 -26.94 49.74
C ALA C 364 6.21 -25.80 48.96
N THR C 365 7.52 -25.85 48.73
CA THR C 365 8.21 -24.73 48.09
C THR C 365 8.08 -24.73 46.58
N ILE C 366 7.84 -25.88 45.94
CA ILE C 366 7.92 -25.92 44.48
C ILE C 366 6.78 -25.18 43.79
N ILE C 367 5.64 -25.01 44.44
CA ILE C 367 4.43 -24.52 43.74
C ILE C 367 4.69 -23.17 43.07
N PRO C 368 5.20 -22.15 43.76
CA PRO C 368 5.56 -20.91 43.04
C PRO C 368 6.64 -21.11 42.00
N THR C 369 7.56 -22.07 42.21
CA THR C 369 8.67 -22.27 41.28
C THR C 369 8.17 -22.63 39.89
N ILE C 370 7.17 -23.50 39.79
CA ILE C 370 6.57 -23.75 38.48
C ILE C 370 5.49 -22.72 38.16
N ALA C 371 4.97 -22.03 39.18
CA ALA C 371 3.94 -21.04 38.92
C ALA C 371 4.46 -19.87 38.08
N VAL C 372 5.57 -19.26 38.51
CA VAL C 372 6.04 -18.02 37.89
C VAL C 372 6.47 -18.17 36.42
N PRO C 373 7.26 -19.17 36.02
CA PRO C 373 7.76 -19.18 34.64
C PRO C 373 6.66 -19.36 33.62
N VAL C 374 5.57 -20.06 33.97
CA VAL C 374 4.43 -20.15 33.07
C VAL C 374 3.87 -18.77 32.78
N VAL C 375 3.72 -17.94 33.83
CA VAL C 375 3.24 -16.58 33.64
C VAL C 375 4.21 -15.80 32.76
N ILE C 376 5.50 -15.92 33.03
CA ILE C 376 6.46 -15.11 32.28
C ILE C 376 6.51 -15.51 30.80
N LEU C 377 6.47 -16.82 30.51
CA LEU C 377 6.48 -17.26 29.12
C LEU C 377 5.16 -17.00 28.43
N GLY C 378 4.04 -17.05 29.15
CA GLY C 378 2.78 -16.62 28.57
C GLY C 378 2.80 -15.16 28.18
N THR C 379 3.36 -14.31 29.06
CA THR C 379 3.50 -12.90 28.73
C THR C 379 4.37 -12.73 27.49
N PHE C 380 5.45 -13.50 27.40
CA PHE C 380 6.27 -13.48 26.20
C PHE C 380 5.46 -13.86 24.97
N ALA C 381 4.60 -14.87 25.10
CA ALA C 381 3.76 -15.30 23.98
C ALA C 381 2.81 -14.20 23.55
N ILE C 382 2.17 -13.51 24.49
CA ILE C 382 1.25 -12.43 24.11
C ILE C 382 2.01 -11.29 23.45
N LEU C 383 3.15 -10.89 24.01
CA LEU C 383 3.88 -9.79 23.39
C LEU C 383 4.40 -10.17 22.02
N SER C 384 4.67 -11.46 21.80
CA SER C 384 5.04 -11.92 20.45
C SER C 384 3.84 -11.85 19.51
N ALA C 385 2.68 -12.34 19.96
CA ALA C 385 1.51 -12.40 19.11
C ALA C 385 1.04 -11.01 18.69
N VAL C 386 1.03 -10.06 19.64
CA VAL C 386 0.62 -8.70 19.31
C VAL C 386 1.62 -8.06 18.35
N GLY C 387 2.89 -8.37 18.51
CA GLY C 387 3.92 -7.79 17.68
C GLY C 387 4.86 -6.91 18.47
N PHE C 388 4.84 -7.06 19.79
CA PHE C 388 5.70 -6.29 20.66
C PHE C 388 7.08 -6.93 20.71
N THR C 389 8.10 -6.14 20.40
CA THR C 389 9.46 -6.66 20.33
C THR C 389 10.01 -6.92 21.72
N ILE C 390 11.04 -7.75 21.79
CA ILE C 390 11.74 -8.00 23.03
C ILE C 390 12.74 -6.87 23.22
N ASN C 391 12.29 -5.79 23.83
CA ASN C 391 13.07 -4.57 23.95
C ASN C 391 13.29 -4.27 25.43
N THR C 392 14.27 -3.41 25.70
CA THR C 392 14.65 -3.11 27.07
C THR C 392 13.46 -2.65 27.91
N LEU C 393 12.55 -1.89 27.31
CA LEU C 393 11.32 -1.51 28.01
C LEU C 393 10.53 -2.73 28.44
N THR C 394 10.37 -3.72 27.56
CA THR C 394 9.73 -4.96 27.98
C THR C 394 10.52 -5.63 29.10
N MET C 395 11.85 -5.73 28.95
CA MET C 395 12.65 -6.41 29.97
C MET C 395 12.64 -5.67 31.30
N PHE C 396 12.15 -4.43 31.34
CA PHE C 396 11.62 -3.91 32.60
C PHE C 396 10.19 -4.35 32.86
N GLY C 397 9.36 -4.44 31.83
CA GLY C 397 7.93 -4.65 32.03
C GLY C 397 7.60 -5.97 32.68
N MET C 398 7.97 -7.09 32.05
CA MET C 398 7.60 -8.35 32.69
C MET C 398 8.43 -8.60 33.94
N VAL C 399 9.61 -7.98 34.05
CA VAL C 399 10.37 -8.09 35.29
C VAL C 399 9.61 -7.47 36.45
N LEU C 400 9.07 -6.27 36.27
CA LEU C 400 8.21 -5.69 37.31
C LEU C 400 6.94 -6.51 37.49
N ALA C 401 6.49 -7.18 36.42
CA ALA C 401 5.34 -8.05 36.53
C ALA C 401 5.64 -9.34 37.29
N ILE C 402 6.91 -9.69 37.47
CA ILE C 402 7.25 -10.95 38.12
C ILE C 402 6.80 -10.96 39.57
N GLY C 403 7.09 -9.87 40.30
CA GLY C 403 6.93 -9.87 41.75
C GLY C 403 5.49 -9.96 42.22
N LEU C 404 4.53 -9.63 41.37
CA LEU C 404 3.14 -9.58 41.79
C LEU C 404 2.41 -10.92 41.66
N LEU C 405 3.15 -12.00 41.38
CA LEU C 405 2.55 -13.31 41.21
C LEU C 405 2.69 -14.20 42.44
N VAL C 406 3.84 -14.16 43.10
CA VAL C 406 4.15 -15.10 44.18
C VAL C 406 3.24 -14.93 45.38
N ASP C 407 2.78 -13.71 45.66
CA ASP C 407 1.99 -13.44 46.85
C ASP C 407 0.74 -14.30 46.91
N ASP C 408 -0.03 -14.32 45.81
CA ASP C 408 -1.25 -15.11 45.79
C ASP C 408 -0.95 -16.60 45.95
N ALA C 409 0.08 -17.09 45.27
CA ALA C 409 0.42 -18.50 45.35
C ALA C 409 0.79 -18.90 46.77
N ILE C 410 1.61 -18.09 47.44
CA ILE C 410 2.03 -18.42 48.79
C ILE C 410 0.87 -18.32 49.76
N VAL C 411 -0.03 -17.34 49.58
CA VAL C 411 -1.21 -17.27 50.43
C VAL C 411 -2.06 -18.53 50.25
N VAL C 412 -2.24 -18.96 48.99
CA VAL C 412 -3.03 -20.16 48.73
C VAL C 412 -2.40 -21.38 49.38
N VAL C 413 -1.08 -21.54 49.24
CA VAL C 413 -0.47 -22.76 49.76
C VAL C 413 -0.46 -22.76 51.28
N GLU C 414 -0.27 -21.58 51.91
CA GLU C 414 -0.32 -21.56 53.37
C GLU C 414 -1.73 -21.86 53.87
N ASN C 415 -2.75 -21.35 53.18
CA ASN C 415 -4.11 -21.72 53.56
C ASN C 415 -4.35 -23.22 53.39
N VAL C 416 -3.88 -23.79 52.29
CA VAL C 416 -4.09 -25.21 52.05
C VAL C 416 -3.38 -26.03 53.11
N GLU C 417 -2.14 -25.67 53.44
CA GLU C 417 -1.38 -26.42 54.43
C GLU C 417 -1.98 -26.31 55.82
N ARG C 418 -2.46 -25.12 56.22
CA ARG C 418 -3.12 -25.03 57.52
C ARG C 418 -4.41 -25.86 57.52
N VAL C 419 -5.15 -25.86 56.40
CA VAL C 419 -6.37 -26.64 56.34
C VAL C 419 -6.08 -28.13 56.51
N ILE C 420 -5.08 -28.64 55.79
CA ILE C 420 -4.80 -30.08 55.89
C ILE C 420 -4.22 -30.41 57.26
N ALA C 421 -3.36 -29.54 57.80
CA ALA C 421 -2.76 -29.81 59.10
C ALA C 421 -3.81 -29.79 60.21
N GLU C 422 -4.87 -28.98 60.06
CA GLU C 422 -5.89 -28.92 61.10
C GLU C 422 -6.91 -30.04 60.94
N ASP C 423 -7.35 -30.30 59.70
CA ASP C 423 -8.44 -31.24 59.49
C ASP C 423 -7.97 -32.66 59.21
N LYS C 424 -6.67 -32.87 59.01
CA LYS C 424 -6.14 -34.18 58.61
C LYS C 424 -6.85 -34.70 57.37
N LEU C 425 -7.10 -33.80 56.43
CA LEU C 425 -7.96 -34.06 55.28
C LEU C 425 -7.13 -34.24 54.02
N PRO C 426 -7.57 -35.11 53.11
CA PRO C 426 -6.89 -35.26 51.82
C PRO C 426 -6.89 -33.96 51.05
N PRO C 427 -5.86 -33.71 50.25
CA PRO C 427 -5.70 -32.38 49.63
C PRO C 427 -6.84 -31.96 48.73
N LYS C 428 -7.52 -32.91 48.07
CA LYS C 428 -8.55 -32.53 47.10
C LYS C 428 -9.72 -31.82 47.78
N GLU C 429 -10.37 -32.50 48.72
CA GLU C 429 -11.51 -31.89 49.40
C GLU C 429 -11.08 -30.75 50.30
N ALA C 430 -9.86 -30.81 50.84
CA ALA C 430 -9.35 -29.67 51.60
C ALA C 430 -9.26 -28.42 50.72
N THR C 431 -8.72 -28.57 49.52
CA THR C 431 -8.69 -27.45 48.59
C THR C 431 -10.10 -27.02 48.22
N HIS C 432 -10.99 -27.98 47.98
CA HIS C 432 -12.38 -27.65 47.66
C HIS C 432 -13.04 -26.84 48.76
N LYS C 433 -12.62 -27.07 50.02
CA LYS C 433 -13.08 -26.24 51.13
C LYS C 433 -12.35 -24.90 51.16
N SER C 434 -11.16 -24.85 50.55
CA SER C 434 -10.20 -23.78 50.79
C SER C 434 -10.48 -22.48 50.06
N MET C 435 -11.32 -22.46 49.02
CA MET C 435 -11.50 -21.21 48.28
C MET C 435 -12.42 -20.24 49.02
N GLY C 436 -13.22 -20.74 49.95
CA GLY C 436 -14.22 -19.90 50.59
C GLY C 436 -13.70 -19.00 51.68
N GLN C 437 -12.44 -18.64 51.63
CA GLN C 437 -11.84 -17.73 52.60
C GLN C 437 -11.14 -16.55 51.97
N ILE C 438 -10.49 -16.74 50.82
CA ILE C 438 -9.60 -15.72 50.26
C ILE C 438 -10.11 -15.28 48.89
N GLN C 439 -11.42 -15.26 48.70
CA GLN C 439 -11.99 -14.76 47.45
C GLN C 439 -11.81 -13.25 47.28
N ARG C 440 -11.04 -12.61 48.17
CA ARG C 440 -10.88 -11.16 48.19
C ARG C 440 -9.90 -10.64 47.15
N ALA C 441 -9.43 -9.40 47.38
CA ALA C 441 -8.84 -8.49 46.41
C ALA C 441 -7.84 -9.11 45.43
N LEU C 442 -7.19 -10.22 45.79
CA LEU C 442 -6.19 -10.83 44.91
C LEU C 442 -6.69 -10.94 43.47
N VAL C 443 -8.00 -11.14 43.29
CA VAL C 443 -8.59 -10.99 41.96
C VAL C 443 -8.98 -9.53 41.72
N GLY C 444 -9.52 -8.86 42.73
CA GLY C 444 -9.93 -7.48 42.57
C GLY C 444 -8.78 -6.54 42.27
N ILE C 445 -7.59 -6.81 42.82
CA ILE C 445 -6.43 -5.98 42.51
C ILE C 445 -6.10 -6.08 41.03
N ALA C 446 -6.11 -7.29 40.48
CA ALA C 446 -5.86 -7.45 39.05
C ALA C 446 -6.94 -6.76 38.23
N VAL C 447 -8.20 -6.87 38.67
CA VAL C 447 -9.29 -6.23 37.94
C VAL C 447 -9.10 -4.72 37.93
N VAL C 448 -8.75 -4.14 39.08
CA VAL C 448 -8.58 -2.69 39.19
C VAL C 448 -7.39 -2.23 38.35
N LEU C 449 -6.28 -2.98 38.38
CA LEU C 449 -5.13 -2.60 37.57
C LEU C 449 -5.45 -2.67 36.08
N SER C 450 -6.17 -3.71 35.65
CA SER C 450 -6.58 -3.79 34.26
C SER C 450 -7.49 -2.63 33.89
N ALA C 451 -8.41 -2.26 34.77
CA ALA C 451 -9.29 -1.13 34.49
C ALA C 451 -8.52 0.18 34.38
N VAL C 452 -7.59 0.42 35.27
CA VAL C 452 -6.88 1.71 35.25
C VAL C 452 -5.93 1.78 34.06
N PHE C 453 -5.38 0.64 33.65
CA PHE C 453 -4.55 0.62 32.45
C PHE C 453 -5.35 0.43 31.17
N MET C 454 -6.67 0.28 31.26
CA MET C 454 -7.47 0.03 30.06
C MET C 454 -7.42 1.20 29.08
N PRO C 455 -7.64 2.46 29.48
CA PRO C 455 -7.76 3.52 28.47
C PRO C 455 -6.44 4.17 28.06
N MET C 456 -5.30 3.59 28.42
CA MET C 456 -4.02 4.14 27.98
C MET C 456 -3.68 3.78 26.55
N ALA C 457 -4.23 2.69 26.01
CA ALA C 457 -3.85 2.18 24.70
C ALA C 457 -4.66 2.79 23.56
N PHE C 458 -5.49 3.78 23.82
CA PHE C 458 -6.31 4.40 22.78
C PHE C 458 -5.83 5.78 22.38
N MET C 459 -4.63 6.18 22.81
CA MET C 459 -4.02 7.42 22.34
C MET C 459 -2.70 7.11 21.66
N SER C 460 -2.36 7.94 20.67
CA SER C 460 -1.24 7.68 19.79
C SER C 460 -0.03 8.52 20.17
N GLY C 461 1.01 8.43 19.36
CA GLY C 461 2.26 9.13 19.59
C GLY C 461 3.40 8.16 19.84
N ALA C 462 4.61 8.60 19.47
CA ALA C 462 5.79 7.77 19.70
C ALA C 462 5.99 7.49 21.19
N THR C 463 5.83 8.51 22.03
CA THR C 463 5.86 8.28 23.47
C THR C 463 4.72 7.37 23.90
N GLY C 464 3.55 7.52 23.29
CA GLY C 464 2.46 6.59 23.56
C GLY C 464 2.82 5.17 23.17
N GLU C 465 3.46 4.99 22.01
CA GLU C 465 3.88 3.65 21.62
C GLU C 465 4.92 3.09 22.58
N ILE C 466 5.80 3.94 23.10
CA ILE C 466 6.75 3.50 24.12
C ILE C 466 6.02 3.04 25.38
N TYR C 467 5.03 3.83 25.82
CA TYR C 467 4.25 3.46 26.99
C TYR C 467 3.40 2.22 26.78
N ARG C 468 3.07 1.88 25.53
CA ARG C 468 2.40 0.62 25.27
C ARG C 468 3.25 -0.56 25.70
N GLN C 469 4.58 -0.48 25.49
CA GLN C 469 5.47 -1.56 25.88
C GLN C 469 5.43 -1.83 27.38
N PHE C 470 4.91 -0.88 28.15
CA PHE C 470 4.65 -1.14 29.56
C PHE C 470 3.20 -1.56 29.79
N SER C 471 2.26 -0.81 29.20
CA SER C 471 0.84 -0.96 29.53
C SER C 471 0.31 -2.31 29.07
N ILE C 472 0.59 -2.70 27.82
CA ILE C 472 0.06 -3.95 27.31
C ILE C 472 0.64 -5.14 28.07
N THR C 473 1.95 -5.12 28.30
CA THR C 473 2.56 -6.18 29.10
C THR C 473 1.98 -6.24 30.50
N LEU C 474 1.66 -5.08 31.09
CA LEU C 474 1.06 -5.11 32.42
C LEU C 474 -0.33 -5.73 32.39
N ILE C 475 -1.21 -5.30 31.48
CA ILE C 475 -2.56 -5.85 31.49
C ILE C 475 -2.51 -7.35 31.25
N SER C 476 -1.67 -7.78 30.31
CA SER C 476 -1.44 -9.21 30.13
C SER C 476 -0.90 -9.85 31.40
N SER C 477 -0.08 -9.12 32.16
CA SER C 477 0.53 -9.68 33.36
C SER C 477 -0.53 -10.00 34.41
N MET C 478 -1.37 -9.04 34.76
CA MET C 478 -2.39 -9.38 35.76
C MET C 478 -3.46 -10.32 35.18
N LEU C 479 -3.70 -10.30 33.87
CA LEU C 479 -4.66 -11.26 33.34
C LEU C 479 -4.14 -12.69 33.49
N LEU C 480 -2.87 -12.91 33.11
CA LEU C 480 -2.23 -14.19 33.37
C LEU C 480 -2.17 -14.53 34.84
N SER C 481 -1.91 -13.55 35.71
CA SER C 481 -1.83 -13.81 37.14
C SER C 481 -3.17 -14.28 37.69
N VAL C 482 -4.25 -13.59 37.33
CA VAL C 482 -5.56 -13.99 37.83
C VAL C 482 -5.98 -15.32 37.23
N PHE C 483 -5.53 -15.64 36.01
CA PHE C 483 -5.78 -16.97 35.47
C PHE C 483 -5.05 -18.03 36.29
N VAL C 484 -3.74 -17.85 36.47
CA VAL C 484 -2.92 -18.89 37.07
C VAL C 484 -3.25 -19.10 38.54
N ALA C 485 -3.48 -18.03 39.31
CA ALA C 485 -3.73 -18.21 40.74
C ALA C 485 -4.98 -19.04 41.01
N MET C 486 -6.03 -18.88 40.22
CA MET C 486 -7.24 -19.67 40.38
C MET C 486 -7.23 -20.97 39.58
N SER C 487 -6.29 -21.18 38.67
CA SER C 487 -6.30 -22.37 37.84
C SER C 487 -5.19 -23.37 38.20
N LEU C 488 -3.94 -22.92 38.19
CA LEU C 488 -2.80 -23.83 38.21
C LEU C 488 -2.42 -24.25 39.62
N THR C 489 -2.19 -23.28 40.50
CA THR C 489 -1.74 -23.54 41.87
C THR C 489 -2.69 -24.46 42.65
N PRO C 490 -4.01 -24.31 42.56
CA PRO C 490 -4.87 -25.28 43.27
C PRO C 490 -4.63 -26.71 42.83
N ALA C 491 -4.44 -26.93 41.53
CA ALA C 491 -4.19 -28.28 41.04
C ALA C 491 -2.91 -28.85 41.62
N LEU C 492 -1.84 -28.06 41.64
CA LEU C 492 -0.60 -28.50 42.27
C LEU C 492 -0.81 -28.83 43.73
N CYS C 493 -1.25 -27.85 44.53
CA CYS C 493 -1.37 -28.10 45.96
C CYS C 493 -2.33 -29.25 46.27
N ALA C 494 -3.23 -29.58 45.34
CA ALA C 494 -4.03 -30.79 45.51
C ALA C 494 -3.24 -32.05 45.17
N THR C 495 -2.39 -32.00 44.14
CA THR C 495 -1.82 -33.22 43.59
C THR C 495 -0.44 -33.57 44.13
N ILE C 496 0.29 -32.63 44.73
CA ILE C 496 1.64 -32.87 45.19
C ILE C 496 1.74 -32.85 46.71
N LEU C 497 0.93 -32.02 47.36
CA LEU C 497 1.05 -31.83 48.80
C LEU C 497 0.77 -33.13 49.53
N LYS C 498 1.81 -33.67 50.16
CA LYS C 498 1.68 -34.88 50.97
C LYS C 498 1.04 -34.52 52.31
N ALA C 499 0.52 -35.55 52.99
CA ALA C 499 -0.16 -35.35 54.26
C ALA C 499 0.86 -35.12 55.37
N TYR C 539 5.92 10.94 62.78
CA TYR C 539 6.27 10.11 61.63
C TYR C 539 5.84 10.71 60.31
N MET C 540 5.02 11.75 60.30
CA MET C 540 4.91 12.57 59.10
C MET C 540 6.24 13.23 58.78
N VAL C 541 6.91 13.77 59.80
CA VAL C 541 8.25 14.34 59.60
C VAL C 541 9.24 13.25 59.25
N VAL C 542 9.09 12.05 59.83
CA VAL C 542 9.96 10.95 59.45
C VAL C 542 9.77 10.57 58.00
N TYR C 543 8.52 10.54 57.52
CA TYR C 543 8.26 10.28 56.11
C TYR C 543 8.80 11.40 55.24
N LEU C 544 8.81 12.64 55.74
CA LEU C 544 9.46 13.72 55.00
C LEU C 544 10.97 13.52 54.91
N LEU C 545 11.59 13.01 55.98
CA LEU C 545 13.00 12.66 55.92
C LEU C 545 13.26 11.56 54.90
N ILE C 546 12.40 10.54 54.87
CA ILE C 546 12.51 9.49 53.86
C ILE C 546 12.31 10.08 52.46
N CYS C 547 11.41 11.06 52.34
CA CYS C 547 11.21 11.77 51.08
C CYS C 547 12.49 12.47 50.64
N ALA C 548 13.17 13.14 51.55
CA ALA C 548 14.46 13.74 51.25
C ALA C 548 15.47 12.68 50.83
N GLY C 549 15.46 11.54 51.50
CA GLY C 549 16.41 10.47 51.17
C GLY C 549 16.23 9.94 49.75
N MET C 550 15.01 9.53 49.39
CA MET C 550 14.90 8.99 48.05
C MET C 550 14.78 10.09 47.00
N ALA C 551 14.63 11.35 47.42
CA ALA C 551 14.83 12.45 46.47
C ALA C 551 16.31 12.67 46.17
N VAL C 552 17.16 12.49 47.18
CA VAL C 552 18.60 12.45 46.93
C VAL C 552 18.94 11.31 45.98
N LEU C 553 18.32 10.14 46.20
CA LEU C 553 18.46 9.05 45.24
C LEU C 553 17.92 9.43 43.86
N PHE C 554 16.83 10.18 43.83
CA PHE C 554 16.21 10.64 42.59
C PHE C 554 17.16 11.52 41.79
N LEU C 555 17.89 12.40 42.47
CA LEU C 555 18.82 13.31 41.82
C LEU C 555 20.15 12.67 41.47
N ARG C 556 20.35 11.40 41.82
CA ARG C 556 21.64 10.73 41.62
C ARG C 556 21.79 10.14 40.21
N THR C 557 20.78 10.19 39.37
CA THR C 557 20.85 9.55 38.06
C THR C 557 20.87 10.59 36.96
N PRO C 558 22.02 10.91 36.40
CA PRO C 558 22.10 11.91 35.33
C PRO C 558 21.48 11.38 34.04
N THR C 559 21.18 12.31 33.13
CA THR C 559 20.52 11.99 31.87
C THR C 559 21.58 11.57 30.85
N SER C 560 22.03 10.33 30.98
CA SER C 560 22.87 9.70 29.98
C SER C 560 21.97 9.06 28.92
N PHE C 561 22.57 8.36 27.96
CA PHE C 561 21.80 7.69 26.92
C PHE C 561 21.89 6.17 27.02
N LEU C 562 23.10 5.61 26.94
CA LEU C 562 23.26 4.16 26.92
C LEU C 562 24.71 3.83 27.23
N PRO C 563 24.98 2.73 27.93
CA PRO C 563 26.37 2.29 28.13
C PRO C 563 26.89 1.48 26.95
N GLU C 564 28.11 0.96 27.07
CA GLU C 564 28.73 0.15 26.03
C GLU C 564 28.86 -1.30 26.49
N GLU C 565 29.21 -2.17 25.55
CA GLU C 565 29.31 -3.60 25.81
C GLU C 565 30.39 -4.19 24.92
N ASP C 566 30.52 -5.51 24.97
CA ASP C 566 31.43 -6.27 24.10
C ASP C 566 30.63 -6.87 22.96
N GLN C 567 31.22 -6.84 21.76
CA GLN C 567 30.53 -7.36 20.59
C GLN C 567 31.31 -8.52 19.99
N GLY C 568 32.60 -8.32 19.75
CA GLY C 568 33.43 -9.34 19.13
C GLY C 568 34.27 -8.82 17.99
N VAL C 569 33.74 -7.88 17.22
CA VAL C 569 34.48 -7.26 16.13
C VAL C 569 34.30 -5.75 16.20
N PHE C 570 35.33 -5.02 15.80
CA PHE C 570 35.31 -3.57 15.84
C PHE C 570 35.81 -3.02 14.52
N MET C 571 35.83 -1.70 14.41
CA MET C 571 36.15 -1.02 13.17
C MET C 571 37.17 0.07 13.40
N THR C 572 38.09 0.23 12.47
CA THR C 572 39.11 1.28 12.51
C THR C 572 38.98 2.14 11.26
N THR C 573 38.91 3.45 11.45
CA THR C 573 38.80 4.38 10.35
C THR C 573 40.07 5.22 10.24
N ALA C 574 40.41 5.56 8.99
CA ALA C 574 41.59 6.36 8.71
C ALA C 574 41.18 7.54 7.84
N GLN C 575 41.50 8.75 8.29
CA GLN C 575 41.18 9.98 7.57
C GLN C 575 42.46 10.70 7.22
N LEU C 576 42.59 11.09 5.97
CA LEU C 576 43.76 11.76 5.46
C LEU C 576 43.45 13.22 5.14
N PRO C 577 44.47 14.07 5.05
CA PRO C 577 44.22 15.49 4.76
C PRO C 577 43.45 15.67 3.47
N SER C 578 42.80 16.83 3.36
CA SER C 578 42.02 17.13 2.16
C SER C 578 42.92 17.19 0.95
N GLY C 579 42.43 16.63 -0.16
CA GLY C 579 43.22 16.56 -1.37
C GLY C 579 44.31 15.52 -1.36
N ALA C 580 44.20 14.50 -0.52
CA ALA C 580 45.20 13.45 -0.47
C ALA C 580 44.96 12.42 -1.55
N THR C 581 46.04 12.03 -2.22
CA THR C 581 45.98 11.05 -3.30
C THR C 581 45.70 9.67 -2.71
N MET C 582 44.96 8.86 -3.46
CA MET C 582 44.60 7.52 -3.01
C MET C 582 45.81 6.66 -2.70
N VAL C 583 46.97 6.95 -3.30
CA VAL C 583 48.17 6.20 -2.98
C VAL C 583 48.51 6.33 -1.50
N ASN C 584 48.40 7.54 -0.95
CA ASN C 584 48.69 7.74 0.46
C ASN C 584 47.69 6.99 1.35
N THR C 585 46.41 6.99 0.96
CA THR C 585 45.42 6.24 1.70
C THR C 585 45.73 4.76 1.69
N THR C 586 46.16 4.24 0.54
CA THR C 586 46.54 2.83 0.46
C THR C 586 47.72 2.53 1.35
N LYS C 587 48.72 3.41 1.37
CA LYS C 587 49.87 3.20 2.25
C LYS C 587 49.45 3.19 3.72
N VAL C 588 48.58 4.12 4.11
CA VAL C 588 48.14 4.19 5.50
C VAL C 588 47.37 2.93 5.87
N LEU C 589 46.46 2.49 5.00
CA LEU C 589 45.69 1.30 5.30
C LEU C 589 46.58 0.06 5.37
N GLN C 590 47.58 -0.02 4.50
CA GLN C 590 48.53 -1.13 4.59
C GLN C 590 49.31 -1.09 5.90
N GLN C 591 49.68 0.10 6.35
CA GLN C 591 50.35 0.21 7.66
C GLN C 591 49.45 -0.28 8.77
N VAL C 592 48.16 0.09 8.73
CA VAL C 592 47.21 -0.39 9.73
C VAL C 592 47.11 -1.90 9.70
N THR C 593 47.01 -2.48 8.51
CA THR C 593 46.92 -3.93 8.39
C THR C 593 48.16 -4.61 8.97
N ASP C 594 49.35 -4.09 8.64
CA ASP C 594 50.57 -4.68 9.15
C ASP C 594 50.64 -4.57 10.67
N TYR C 595 50.26 -3.42 11.22
CA TYR C 595 50.27 -3.29 12.67
C TYR C 595 49.34 -4.29 13.33
N TYR C 596 48.13 -4.43 12.81
CA TYR C 596 47.18 -5.36 13.42
C TYR C 596 47.66 -6.80 13.31
N LEU C 597 48.20 -7.19 12.16
CA LEU C 597 48.54 -8.59 11.93
C LEU C 597 49.97 -8.95 12.33
N THR C 598 50.76 -8.00 12.82
CA THR C 598 52.13 -8.28 13.23
C THR C 598 52.35 -8.10 14.73
N LYS C 599 51.77 -7.04 15.31
CA LYS C 599 52.03 -6.78 16.71
C LYS C 599 51.04 -7.49 17.63
N GLU C 600 49.82 -7.76 17.17
CA GLU C 600 48.80 -8.40 17.98
C GLU C 600 48.15 -9.56 17.23
N LYS C 601 48.98 -10.45 16.65
CA LYS C 601 48.42 -11.56 15.90
C LYS C 601 47.61 -12.51 16.77
N ASP C 602 47.81 -12.47 18.09
CA ASP C 602 47.21 -13.48 18.96
C ASP C 602 45.75 -13.24 19.24
N ASN C 603 45.17 -12.13 18.80
CA ASN C 603 43.77 -11.84 19.04
C ASN C 603 42.98 -11.43 17.80
N VAL C 604 43.64 -10.99 16.74
CA VAL C 604 42.93 -10.59 15.54
C VAL C 604 42.87 -11.77 14.58
N GLN C 605 41.79 -11.84 13.82
CA GLN C 605 41.58 -12.91 12.86
C GLN C 605 41.73 -12.44 11.42
N SER C 606 41.03 -11.39 11.03
CA SER C 606 41.08 -10.90 9.66
C SER C 606 41.01 -9.39 9.67
N VAL C 607 41.70 -8.78 8.71
CA VAL C 607 41.70 -7.33 8.54
C VAL C 607 41.22 -7.03 7.13
N PHE C 608 40.05 -6.44 7.02
CA PHE C 608 39.42 -6.13 5.74
C PHE C 608 39.40 -4.61 5.58
N THR C 609 40.35 -4.08 4.82
CA THR C 609 40.49 -2.64 4.64
C THR C 609 39.98 -2.24 3.27
N VAL C 610 39.06 -1.27 3.25
CA VAL C 610 38.55 -0.72 2.01
C VAL C 610 38.96 0.74 1.92
N GLY C 611 39.62 1.10 0.82
CA GLY C 611 40.06 2.46 0.59
C GLY C 611 39.09 3.16 -0.35
N GLY C 612 39.02 4.47 -0.23
CA GLY C 612 38.09 5.24 -1.03
C GLY C 612 36.67 5.27 -0.51
N PHE C 613 36.43 4.78 0.69
CA PHE C 613 35.10 4.76 1.28
C PHE C 613 35.18 5.23 2.72
N GLY C 614 34.11 5.83 3.20
CA GLY C 614 34.03 6.27 4.58
C GLY C 614 32.62 6.73 4.90
N PHE C 615 32.35 6.83 6.20
CA PHE C 615 31.04 7.30 6.64
C PHE C 615 30.77 8.75 6.28
N SER C 616 31.82 9.55 6.09
CA SER C 616 31.65 10.92 5.62
C SER C 616 31.36 10.97 4.12
N GLY C 617 31.41 9.84 3.44
CA GLY C 617 31.15 9.78 2.02
C GLY C 617 32.24 9.02 1.29
N GLN C 618 32.21 9.12 -0.03
CA GLN C 618 33.18 8.46 -0.89
C GLN C 618 34.21 9.48 -1.38
N GLY C 619 35.48 9.19 -1.15
CA GLY C 619 36.53 10.11 -1.55
C GLY C 619 37.88 9.43 -1.49
N GLN C 620 38.83 10.02 -2.20
CA GLN C 620 40.16 9.42 -2.29
C GLN C 620 40.92 9.45 -0.98
N ASN C 621 40.57 10.36 -0.07
CA ASN C 621 41.30 10.51 1.18
C ASN C 621 40.62 9.84 2.36
N ASN C 622 39.61 9.01 2.11
CA ASN C 622 38.91 8.31 3.17
C ASN C 622 39.35 6.87 3.24
N GLY C 623 39.44 6.35 4.45
CA GLY C 623 39.84 4.97 4.66
C GLY C 623 38.99 4.33 5.74
N LEU C 624 38.79 3.01 5.60
CA LEU C 624 37.96 2.25 6.51
C LEU C 624 38.51 0.84 6.61
N ALA C 625 38.43 0.27 7.80
CA ALA C 625 38.94 -1.08 8.03
C ALA C 625 38.04 -1.82 9.01
N PHE C 626 37.65 -3.03 8.62
CA PHE C 626 36.96 -3.95 9.52
C PHE C 626 37.99 -4.89 10.12
N ILE C 627 37.86 -5.15 11.42
CA ILE C 627 38.74 -6.06 12.13
C ILE C 627 37.92 -7.20 12.71
N SER C 628 38.40 -8.42 12.54
CA SER C 628 37.76 -9.61 13.09
C SER C 628 38.64 -10.21 14.16
N LEU C 629 38.02 -10.62 15.27
CA LEU C 629 38.73 -11.14 16.41
C LEU C 629 38.48 -12.63 16.57
N LYS C 630 39.43 -13.30 17.21
CA LYS C 630 39.30 -14.72 17.48
C LYS C 630 38.20 -14.96 18.51
N PRO C 631 37.62 -16.15 18.54
CA PRO C 631 36.52 -16.43 19.47
C PRO C 631 36.97 -16.30 20.92
N TRP C 632 35.97 -16.14 21.80
CA TRP C 632 36.21 -15.93 23.22
C TRP C 632 37.01 -17.06 23.85
N SER C 633 36.96 -18.27 23.29
CA SER C 633 37.74 -19.37 23.82
C SER C 633 39.23 -19.07 23.76
N GLU C 634 39.68 -18.42 22.70
CA GLU C 634 41.09 -18.05 22.57
C GLU C 634 41.39 -16.67 23.13
N ARG C 635 40.37 -15.84 23.34
CA ARG C 635 40.55 -14.51 23.93
C ARG C 635 40.21 -14.62 25.42
N VAL C 636 41.24 -14.85 26.23
CA VAL C 636 41.09 -15.04 27.66
C VAL C 636 41.56 -13.78 28.38
N GLY C 637 40.96 -13.49 29.53
CA GLY C 637 41.32 -12.34 30.31
C GLY C 637 40.77 -11.04 29.74
N GLU C 638 40.88 -9.99 30.54
CA GLU C 638 40.43 -8.67 30.11
C GLU C 638 41.47 -7.96 29.24
N GLU C 639 42.75 -8.34 29.34
CA GLU C 639 43.79 -7.71 28.54
C GLU C 639 43.64 -8.02 27.06
N ASN C 640 42.95 -9.09 26.70
CA ASN C 640 42.70 -9.45 25.31
C ASN C 640 41.28 -9.12 24.87
N SER C 641 40.55 -8.38 25.70
CA SER C 641 39.18 -8.01 25.38
C SER C 641 39.17 -6.90 24.32
N VAL C 642 37.97 -6.50 23.90
CA VAL C 642 37.84 -5.46 22.89
C VAL C 642 38.38 -4.13 23.40
N THR C 643 38.07 -3.80 24.66
CA THR C 643 38.47 -2.49 25.18
C THR C 643 39.98 -2.35 25.27
N ALA C 644 40.66 -3.37 25.80
CA ALA C 644 42.11 -3.28 25.96
C ALA C 644 42.80 -3.22 24.60
N ILE C 645 42.37 -4.04 23.65
CA ILE C 645 42.99 -4.03 22.33
C ILE C 645 42.70 -2.71 21.62
N ILE C 646 41.51 -2.14 21.82
CA ILE C 646 41.21 -0.84 21.22
C ILE C 646 42.10 0.24 21.81
N GLN C 647 42.32 0.20 23.13
CA GLN C 647 43.19 1.19 23.76
C GLN C 647 44.62 1.07 23.25
N ARG C 648 45.12 -0.15 23.13
CA ARG C 648 46.44 -0.35 22.57
C ARG C 648 46.52 0.12 21.13
N ALA C 649 45.46 -0.10 20.35
CA ALA C 649 45.43 0.39 18.98
C ALA C 649 45.47 1.90 18.94
N MET C 650 44.70 2.56 19.81
CA MET C 650 44.77 4.02 19.90
C MET C 650 46.20 4.47 20.17
N ILE C 651 46.84 3.88 21.18
CA ILE C 651 48.17 4.33 21.58
C ILE C 651 49.17 4.11 20.44
N ALA C 652 49.09 2.96 19.78
CA ALA C 652 50.06 2.65 18.74
C ALA C 652 49.81 3.43 17.46
N LEU C 653 48.56 3.67 17.09
CA LEU C 653 48.22 4.32 15.84
C LEU C 653 48.11 5.82 15.95
N SER C 654 48.26 6.38 17.14
CA SER C 654 48.40 7.83 17.23
C SER C 654 49.70 8.32 16.61
N SER C 655 50.62 7.42 16.30
CA SER C 655 51.91 7.77 15.71
C SER C 655 51.87 7.92 14.20
N ILE C 656 50.72 7.68 13.57
CA ILE C 656 50.60 7.88 12.14
C ILE C 656 50.66 9.36 11.84
N ASN C 657 51.75 9.79 11.20
CA ASN C 657 52.02 11.22 11.04
C ASN C 657 51.10 11.89 10.05
N LYS C 658 50.85 11.27 8.89
CA LYS C 658 50.14 11.93 7.80
C LYS C 658 48.67 11.51 7.70
N ALA C 659 48.09 11.04 8.80
CA ALA C 659 46.69 10.64 8.79
C ALA C 659 46.16 10.62 10.22
N VAL C 660 44.84 10.56 10.33
CA VAL C 660 44.16 10.49 11.61
C VAL C 660 43.45 9.15 11.69
N VAL C 661 44.04 8.22 12.43
CA VAL C 661 43.50 6.86 12.57
C VAL C 661 42.79 6.77 13.92
N PHE C 662 41.52 6.40 13.89
CA PHE C 662 40.66 6.42 15.08
C PHE C 662 39.99 5.07 15.27
N PRO C 663 40.69 4.09 15.84
CA PRO C 663 40.03 2.83 16.18
C PRO C 663 38.90 3.05 17.19
N PHE C 664 37.79 2.35 16.99
CA PHE C 664 36.65 2.50 17.87
C PHE C 664 35.79 1.26 17.80
N ASN C 665 34.98 1.07 18.83
CA ASN C 665 34.05 -0.05 18.91
C ASN C 665 32.71 0.35 18.32
N LEU C 666 31.98 -0.65 17.83
CA LEU C 666 30.62 -0.43 17.37
C LEU C 666 29.77 0.04 18.55
N PRO C 667 28.98 1.10 18.41
CA PRO C 667 28.16 1.57 19.53
C PRO C 667 27.04 0.60 19.86
N ALA C 668 26.36 0.86 20.99
CA ALA C 668 25.25 0.00 21.39
C ALA C 668 24.13 0.02 20.36
N VAL C 669 23.80 1.20 19.85
CA VAL C 669 22.79 1.37 18.80
C VAL C 669 23.49 1.95 17.58
N ALA C 670 23.81 1.09 16.62
CA ALA C 670 24.42 1.54 15.37
C ALA C 670 23.43 2.22 14.45
N GLU C 671 22.13 2.15 14.74
CA GLU C 671 21.11 2.78 13.93
C GLU C 671 20.98 4.28 14.19
N LEU C 672 21.56 4.79 15.28
CA LEU C 672 21.43 6.17 15.66
C LEU C 672 22.72 6.97 15.55
N GLY C 673 23.80 6.34 15.10
CA GLY C 673 25.07 7.01 14.93
C GLY C 673 26.19 6.16 15.49
N THR C 674 27.37 6.78 15.64
CA THR C 674 28.54 6.11 16.17
C THR C 674 28.98 6.66 17.52
N ALA C 675 28.32 7.69 18.04
CA ALA C 675 28.70 8.27 19.31
C ALA C 675 27.46 8.91 19.94
N SER C 676 27.65 9.58 21.08
CA SER C 676 26.59 10.25 21.80
C SER C 676 26.84 11.76 21.78
N GLY C 677 25.94 12.49 22.44
CA GLY C 677 26.02 13.94 22.46
C GLY C 677 24.80 14.56 21.81
N PHE C 678 24.98 15.72 21.17
CA PHE C 678 23.90 16.39 20.47
C PHE C 678 24.23 16.52 19.00
N ASP C 679 23.20 16.45 18.17
CA ASP C 679 23.35 16.63 16.73
C ASP C 679 22.66 17.93 16.34
N MET C 680 23.41 18.81 15.68
CA MET C 680 22.97 20.17 15.45
C MET C 680 23.20 20.55 13.99
N GLU C 681 22.22 21.23 13.42
CA GLU C 681 22.30 21.75 12.06
C GLU C 681 22.24 23.27 12.12
N LEU C 682 23.18 23.92 11.44
CA LEU C 682 23.24 25.38 11.38
C LEU C 682 22.59 25.82 10.07
N LEU C 683 21.32 26.23 10.14
CA LEU C 683 20.56 26.54 8.95
C LEU C 683 20.80 27.98 8.50
N ASP C 684 21.06 28.15 7.20
CA ASP C 684 21.15 29.47 6.60
C ASP C 684 19.84 29.79 5.88
N ASN C 685 18.82 30.11 6.67
CA ASN C 685 17.51 30.42 6.13
C ASN C 685 17.40 31.86 5.65
N GLY C 686 18.43 32.67 5.86
CA GLY C 686 18.45 34.04 5.38
C GLY C 686 19.03 34.25 4.00
N ASN C 687 19.41 33.18 3.31
CA ASN C 687 20.00 33.24 1.98
C ASN C 687 21.24 34.13 1.99
N LEU C 688 22.21 33.73 2.81
CA LEU C 688 23.42 34.51 3.03
C LEU C 688 24.57 34.10 2.12
N GLY C 689 24.69 32.83 1.78
CA GLY C 689 25.78 32.34 0.98
C GLY C 689 26.72 31.45 1.77
N HIS C 690 27.52 30.68 1.02
CA HIS C 690 28.40 29.71 1.65
C HIS C 690 29.46 30.37 2.53
N GLU C 691 30.03 31.48 2.07
CA GLU C 691 31.11 32.12 2.84
C GLU C 691 30.59 32.71 4.14
N LYS C 692 29.44 33.38 4.08
CA LYS C 692 28.88 33.96 5.30
C LYS C 692 28.51 32.87 6.29
N LEU C 693 27.94 31.76 5.81
CA LEU C 693 27.59 30.67 6.70
C LEU C 693 28.83 30.02 7.30
N THR C 694 29.91 29.89 6.51
CA THR C 694 31.15 29.35 7.05
C THR C 694 31.73 30.27 8.12
N GLN C 695 31.70 31.58 7.89
CA GLN C 695 32.16 32.51 8.91
C GLN C 695 31.32 32.40 10.17
N ALA C 696 30.00 32.28 10.01
CA ALA C 696 29.13 32.12 11.17
C ALA C 696 29.45 30.84 11.92
N ARG C 697 29.71 29.75 11.20
CA ARG C 697 30.06 28.49 11.85
C ARG C 697 31.35 28.62 12.63
N ASN C 698 32.36 29.29 12.05
CA ASN C 698 33.61 29.49 12.76
C ASN C 698 33.41 30.35 14.00
N GLU C 699 32.59 31.39 13.89
CA GLU C 699 32.27 32.21 15.05
C GLU C 699 31.58 31.41 16.14
N LEU C 700 30.64 30.54 15.76
CA LEU C 700 29.96 29.70 16.74
C LEU C 700 30.94 28.75 17.41
N LEU C 701 31.85 28.16 16.64
CA LEU C 701 32.85 27.29 17.24
C LEU C 701 33.74 28.04 18.22
N SER C 702 34.16 29.25 17.84
CA SER C 702 34.97 30.06 18.75
C SER C 702 34.22 30.39 20.02
N LEU C 703 32.94 30.77 19.89
CA LEU C 703 32.14 31.10 21.06
C LEU C 703 31.95 29.89 21.97
N ALA C 704 31.67 28.73 21.39
CA ALA C 704 31.51 27.52 22.18
C ALA C 704 32.79 27.13 22.89
N ALA C 705 33.94 27.25 22.22
CA ALA C 705 35.21 26.96 22.85
C ALA C 705 35.53 27.92 23.99
N GLN C 706 34.89 29.09 24.02
CA GLN C 706 35.15 30.07 25.08
C GLN C 706 34.53 29.67 26.41
N SER C 707 33.58 28.73 26.41
CA SER C 707 32.90 28.29 27.63
C SER C 707 32.95 26.78 27.70
N PRO C 708 34.12 26.21 28.00
CA PRO C 708 34.24 24.75 28.09
C PRO C 708 33.47 24.14 29.24
N ASN C 709 33.05 24.95 30.22
CA ASN C 709 32.28 24.45 31.35
C ASN C 709 30.87 24.02 30.97
N GLN C 710 30.42 24.32 29.76
CA GLN C 710 29.08 23.98 29.31
C GLN C 710 29.06 22.93 28.22
N VAL C 711 29.87 23.10 27.17
CA VAL C 711 29.93 22.15 26.06
C VAL C 711 31.38 21.75 25.84
N THR C 712 31.58 20.46 25.60
CA THR C 712 32.92 19.90 25.43
C THR C 712 33.00 19.18 24.10
N GLY C 713 34.14 19.33 23.44
CA GLY C 713 34.39 18.63 22.18
C GLY C 713 33.48 19.04 21.04
N VAL C 714 33.11 20.30 20.96
CA VAL C 714 32.35 20.81 19.84
C VAL C 714 33.23 20.85 18.61
N ARG C 715 32.71 20.39 17.48
CA ARG C 715 33.51 20.27 16.27
C ARG C 715 32.58 20.21 15.07
N PRO C 716 33.00 20.72 13.92
CA PRO C 716 32.19 20.56 12.71
C PRO C 716 32.27 19.15 12.16
N ASN C 717 31.28 18.80 11.36
CA ASN C 717 31.22 17.48 10.75
C ASN C 717 31.63 17.47 9.28
N GLY C 718 31.43 18.57 8.57
CA GLY C 718 31.76 18.61 7.17
C GLY C 718 33.26 18.75 6.92
N LEU C 719 33.61 18.70 5.65
CA LEU C 719 35.00 18.82 5.23
C LEU C 719 35.32 20.28 4.88
N GLU C 720 36.59 20.64 5.04
CA GLU C 720 37.03 21.98 4.77
C GLU C 720 37.21 22.20 3.27
N ASP C 721 37.30 23.46 2.88
CA ASP C 721 37.46 23.80 1.48
C ASP C 721 38.80 23.32 0.96
N THR C 722 38.84 22.95 -0.32
CA THR C 722 40.01 22.42 -0.98
C THR C 722 40.31 23.20 -2.25
N PRO C 723 41.57 23.26 -2.67
CA PRO C 723 41.87 23.92 -3.96
C PRO C 723 41.22 23.15 -5.10
N MET C 724 40.65 23.90 -6.04
CA MET C 724 40.01 23.32 -7.21
C MET C 724 40.47 24.04 -8.46
N PHE C 725 40.47 23.31 -9.57
CA PHE C 725 40.96 23.83 -10.83
C PHE C 725 39.80 24.41 -11.64
N LYS C 726 39.98 25.64 -12.12
CA LYS C 726 38.96 26.31 -12.91
C LYS C 726 39.51 26.62 -14.29
N VAL C 727 38.78 26.25 -15.32
CA VAL C 727 39.15 26.51 -16.70
C VAL C 727 38.20 27.56 -17.25
N ASN C 728 38.75 28.70 -17.64
CA ASN C 728 37.98 29.79 -18.23
C ASN C 728 38.14 29.75 -19.74
N VAL C 729 37.03 29.65 -20.46
CA VAL C 729 37.03 29.51 -21.90
C VAL C 729 36.58 30.83 -22.50
N ASN C 730 37.44 31.44 -23.31
CA ASN C 730 37.10 32.68 -24.01
C ASN C 730 36.14 32.37 -25.13
N ALA C 731 34.84 32.51 -24.87
CA ALA C 731 33.84 32.18 -25.87
C ALA C 731 33.97 33.05 -27.11
N ALA C 732 34.22 34.34 -26.94
CA ALA C 732 34.36 35.22 -28.09
C ALA C 732 35.57 34.84 -28.94
N LYS C 733 36.70 34.53 -28.29
CA LYS C 733 37.88 34.12 -29.05
C LYS C 733 37.65 32.83 -29.80
N ALA C 734 37.01 31.84 -29.17
CA ALA C 734 36.73 30.59 -29.86
C ALA C 734 35.78 30.81 -31.03
N GLU C 735 34.74 31.62 -30.83
CA GLU C 735 33.79 31.90 -31.90
C GLU C 735 34.42 32.67 -33.04
N ALA C 736 35.44 33.50 -32.76
CA ALA C 736 36.09 34.26 -33.82
C ALA C 736 36.80 33.35 -34.82
N MET C 737 37.38 32.25 -34.35
CA MET C 737 38.09 31.32 -35.22
C MET C 737 37.26 30.08 -35.53
N GLY C 738 35.93 30.18 -35.46
CA GLY C 738 35.07 29.10 -35.90
C GLY C 738 35.15 27.83 -35.09
N VAL C 739 35.20 27.92 -33.77
CA VAL C 739 35.20 26.76 -32.89
C VAL C 739 34.00 26.88 -31.96
N ALA C 740 33.14 25.87 -31.97
CA ALA C 740 31.94 25.90 -31.15
C ALA C 740 32.28 25.69 -29.68
N LEU C 741 31.63 26.47 -28.81
CA LEU C 741 31.83 26.30 -27.38
C LEU C 741 31.36 24.94 -26.90
N SER C 742 30.27 24.44 -27.47
CA SER C 742 29.79 23.11 -27.10
C SER C 742 30.84 22.04 -27.37
N ASP C 743 31.56 22.16 -28.48
CA ASP C 743 32.62 21.19 -28.77
C ASP C 743 33.70 21.24 -27.71
N ILE C 744 34.11 22.43 -27.28
CA ILE C 744 35.15 22.54 -26.27
C ILE C 744 34.68 21.93 -24.95
N ASN C 745 33.46 22.27 -24.52
CA ASN C 745 32.96 21.74 -23.27
C ASN C 745 32.82 20.23 -23.32
N GLN C 746 32.29 19.69 -24.42
CA GLN C 746 32.16 18.25 -24.55
C GLN C 746 33.52 17.58 -24.57
N THR C 747 34.51 18.17 -25.25
CA THR C 747 35.84 17.60 -25.28
C THR C 747 36.43 17.52 -23.88
N ILE C 748 36.35 18.62 -23.12
CA ILE C 748 36.91 18.61 -21.77
C ILE C 748 36.18 17.61 -20.89
N SER C 749 34.85 17.60 -20.96
CA SER C 749 34.08 16.70 -20.10
C SER C 749 34.36 15.25 -20.44
N THR C 750 34.46 14.90 -21.72
CA THR C 750 34.77 13.54 -22.08
C THR C 750 36.18 13.16 -21.66
N ALA C 751 37.14 14.06 -21.86
CA ALA C 751 38.52 13.74 -21.53
C ALA C 751 38.72 13.53 -20.04
N PHE C 752 38.09 14.36 -19.22
CA PHE C 752 38.35 14.33 -17.78
C PHE C 752 37.19 13.81 -16.95
N GLY C 753 36.16 13.22 -17.56
CA GLY C 753 34.98 12.87 -16.81
C GLY C 753 34.38 11.51 -17.11
N SER C 754 34.95 10.79 -18.09
CA SER C 754 34.53 9.43 -18.41
C SER C 754 33.04 9.36 -18.78
N SER C 755 32.73 10.03 -19.89
CA SER C 755 31.35 10.05 -20.38
C SER C 755 30.90 8.64 -20.77
N TYR C 756 29.69 8.29 -20.37
CA TYR C 756 29.14 6.96 -20.63
C TYR C 756 28.41 6.95 -21.96
N VAL C 757 28.61 5.88 -22.73
CA VAL C 757 28.13 5.85 -24.11
C VAL C 757 26.92 4.95 -24.27
N ASN C 758 27.10 3.65 -24.07
CA ASN C 758 26.02 2.68 -24.22
C ASN C 758 26.45 1.38 -23.56
N ASP C 759 25.70 0.32 -23.81
CA ASP C 759 25.95 -0.98 -23.21
C ASP C 759 26.50 -1.95 -24.25
N PHE C 760 27.12 -3.02 -23.76
CA PHE C 760 27.66 -4.07 -24.61
C PHE C 760 27.55 -5.40 -23.86
N LEU C 761 27.67 -6.49 -24.62
CA LEU C 761 27.50 -7.82 -24.08
C LEU C 761 28.84 -8.43 -23.72
N ASN C 762 28.93 -8.98 -22.51
CA ASN C 762 30.14 -9.67 -22.07
C ASN C 762 29.72 -10.91 -21.30
N GLN C 763 30.00 -12.08 -21.87
CA GLN C 763 29.67 -13.36 -21.24
C GLN C 763 28.20 -13.44 -20.88
N GLY C 764 27.35 -13.00 -21.79
CA GLY C 764 25.92 -13.06 -21.59
C GLY C 764 25.35 -12.00 -20.66
N ARG C 765 26.15 -11.00 -20.30
CA ARG C 765 25.68 -9.94 -19.41
C ARG C 765 25.86 -8.60 -20.09
N VAL C 766 24.89 -7.71 -19.88
CA VAL C 766 24.98 -6.34 -20.38
C VAL C 766 25.84 -5.52 -19.44
N LYS C 767 26.81 -4.81 -20.01
CA LYS C 767 27.71 -3.99 -19.22
C LYS C 767 27.97 -2.69 -19.97
N LYS C 768 28.34 -1.66 -19.22
CA LYS C 768 28.47 -0.32 -19.74
C LYS C 768 29.77 -0.14 -20.53
N VAL C 769 29.79 0.91 -21.34
CA VAL C 769 30.98 1.31 -22.09
C VAL C 769 31.30 2.76 -21.72
N TYR C 770 32.54 3.00 -21.34
CA TYR C 770 32.97 4.32 -20.89
C TYR C 770 34.10 4.82 -21.78
N VAL C 771 34.13 6.13 -22.00
CA VAL C 771 35.18 6.77 -22.79
C VAL C 771 35.83 7.84 -21.93
N GLN C 772 37.14 7.73 -21.75
CA GLN C 772 37.91 8.70 -20.97
C GLN C 772 39.30 8.81 -21.55
N ALA C 773 40.00 9.86 -21.16
CA ALA C 773 41.39 10.01 -21.56
C ALA C 773 42.25 9.01 -20.82
N GLY C 774 43.42 8.73 -21.39
CA GLY C 774 44.35 7.82 -20.76
C GLY C 774 44.85 8.36 -19.44
N THR C 775 45.37 7.44 -18.63
CA THR C 775 45.88 7.83 -17.32
C THR C 775 46.97 8.89 -17.38
N PRO C 776 48.00 8.78 -18.23
CA PRO C 776 49.08 9.77 -18.19
C PRO C 776 48.74 11.07 -18.89
N PHE C 777 47.47 11.30 -19.20
CA PHE C 777 47.05 12.51 -19.88
C PHE C 777 46.09 13.36 -19.05
N ARG C 778 45.78 12.96 -17.83
CA ARG C 778 44.86 13.73 -16.99
C ARG C 778 45.35 13.75 -15.55
N MET C 779 46.65 13.99 -15.35
CA MET C 779 47.21 13.99 -14.00
C MET C 779 47.77 15.33 -13.56
N LEU C 780 48.05 16.25 -14.48
CA LEU C 780 48.65 17.53 -14.13
C LEU C 780 47.89 18.66 -14.81
N PRO C 781 47.96 19.87 -14.26
CA PRO C 781 47.34 21.01 -14.93
C PRO C 781 47.88 21.24 -16.33
N ASP C 782 49.15 20.92 -16.58
CA ASP C 782 49.73 21.07 -17.90
C ASP C 782 49.10 20.16 -18.95
N ASN C 783 48.35 19.15 -18.53
CA ASN C 783 47.77 18.19 -19.47
C ASN C 783 46.73 18.83 -20.38
N ILE C 784 46.14 19.96 -19.99
CA ILE C 784 45.13 20.57 -20.84
C ILE C 784 45.73 21.08 -22.14
N ASN C 785 46.97 21.58 -22.10
CA ASN C 785 47.58 22.13 -23.29
C ASN C 785 47.86 21.09 -24.36
N GLN C 786 47.77 19.80 -24.02
CA GLN C 786 47.98 18.74 -24.99
C GLN C 786 46.76 18.47 -25.86
N TRP C 787 45.60 18.99 -25.48
CA TRP C 787 44.35 18.66 -26.16
C TRP C 787 44.10 19.61 -27.34
N TYR C 788 43.41 19.09 -28.34
CA TYR C 788 43.05 19.83 -29.53
C TYR C 788 41.59 19.61 -29.86
N VAL C 789 41.00 20.58 -30.55
CA VAL C 789 39.61 20.47 -30.97
C VAL C 789 39.50 20.97 -32.41
N ARG C 790 38.52 20.43 -33.13
CA ARG C 790 38.34 20.74 -34.55
C ARG C 790 37.45 21.97 -34.72
N ASN C 791 37.84 22.82 -35.65
CA ASN C 791 37.06 24.02 -35.96
C ASN C 791 36.04 23.66 -37.04
N ALA C 792 35.30 24.67 -37.51
CA ALA C 792 34.36 24.44 -38.61
C ALA C 792 35.09 24.09 -39.90
N SER C 793 36.24 24.71 -40.15
CA SER C 793 37.01 24.43 -41.36
C SER C 793 37.57 23.03 -41.39
N GLY C 794 37.63 22.34 -40.25
CA GLY C 794 38.15 21.01 -40.18
C GLY C 794 39.57 20.88 -39.67
N THR C 795 40.24 22.00 -39.39
CA THR C 795 41.58 21.96 -38.82
C THR C 795 41.49 21.84 -37.30
N MET C 796 42.62 21.89 -36.62
CA MET C 796 42.69 21.76 -35.17
C MET C 796 43.35 22.98 -34.55
N ALA C 797 42.82 23.41 -33.40
CA ALA C 797 43.40 24.48 -32.63
C ALA C 797 43.50 24.01 -31.18
N PRO C 798 44.64 24.20 -30.53
CA PRO C 798 44.80 23.73 -29.15
C PRO C 798 43.94 24.54 -28.18
N LEU C 799 43.61 23.90 -27.07
CA LEU C 799 42.84 24.56 -26.02
C LEU C 799 43.58 25.73 -25.39
N SER C 800 44.90 25.76 -25.46
CA SER C 800 45.65 26.86 -24.88
C SER C 800 45.49 28.15 -25.65
N ALA C 801 44.92 28.10 -26.86
CA ALA C 801 44.77 29.31 -27.66
C ALA C 801 43.74 30.27 -27.11
N TYR C 802 42.70 29.76 -26.45
CA TYR C 802 41.61 30.61 -25.98
C TYR C 802 41.08 30.21 -24.61
N SER C 803 41.84 29.50 -23.80
CA SER C 803 41.40 29.08 -22.48
C SER C 803 42.46 29.47 -21.45
N SER C 804 41.99 29.91 -20.30
CA SER C 804 42.85 30.31 -19.19
C SER C 804 42.46 29.54 -17.95
N THR C 805 43.46 29.11 -17.20
CA THR C 805 43.27 28.30 -16.01
C THR C 805 43.76 29.03 -14.77
N GLU C 806 43.06 28.83 -13.66
CA GLU C 806 43.44 29.45 -12.41
C GLU C 806 43.03 28.54 -11.27
N TRP C 807 43.68 28.74 -10.13
CA TRP C 807 43.41 27.95 -8.93
C TRP C 807 42.46 28.71 -8.02
N THR C 808 41.41 28.03 -7.57
CA THR C 808 40.43 28.60 -6.67
C THR C 808 40.12 27.60 -5.57
N TYR C 809 39.23 27.99 -4.67
CA TYR C 809 38.82 27.14 -3.55
C TYR C 809 37.36 26.76 -3.69
N GLY C 810 37.03 25.58 -3.20
CA GLY C 810 35.66 25.09 -3.29
C GLY C 810 35.39 24.06 -2.22
N SER C 811 34.12 23.85 -1.97
CA SER C 811 33.71 22.90 -0.94
C SER C 811 33.59 21.50 -1.56
N PRO C 812 34.31 20.51 -1.03
CA PRO C 812 34.19 19.16 -1.59
C PRO C 812 32.93 18.43 -1.18
N ARG C 813 32.19 18.93 -0.21
CA ARG C 813 30.96 18.29 0.24
C ARG C 813 29.99 19.36 0.70
N LEU C 814 28.79 19.35 0.13
CA LEU C 814 27.76 20.33 0.46
C LEU C 814 26.61 19.64 1.17
N GLU C 815 26.16 20.23 2.27
CA GLU C 815 25.12 19.67 3.11
C GLU C 815 23.89 20.57 3.07
N ARG C 816 22.72 19.94 3.01
CA ARG C 816 21.45 20.67 3.01
C ARG C 816 20.51 20.02 4.00
N TYR C 817 19.63 20.85 4.57
CA TYR C 817 18.65 20.40 5.55
C TYR C 817 17.31 21.04 5.23
N ASN C 818 16.33 20.21 4.91
CA ASN C 818 15.00 20.69 4.52
C ASN C 818 15.09 21.67 3.36
N GLY C 819 16.00 21.40 2.42
CA GLY C 819 16.17 22.26 1.27
C GLY C 819 16.90 23.54 1.54
N ILE C 820 17.51 23.70 2.71
CA ILE C 820 18.22 24.91 3.09
C ILE C 820 19.69 24.52 3.32
N PRO C 821 20.65 25.27 2.78
CA PRO C 821 22.06 24.93 3.02
C PRO C 821 22.39 24.99 4.51
N SER C 822 23.23 24.05 4.93
CA SER C 822 23.57 23.93 6.34
C SER C 822 24.88 23.18 6.49
N MET C 823 25.47 23.30 7.68
CA MET C 823 26.63 22.50 8.06
C MET C 823 26.40 21.92 9.44
N GLU C 824 26.67 20.62 9.58
CA GLU C 824 26.43 19.91 10.83
C GLU C 824 27.44 20.33 11.89
N ILE C 825 26.99 20.39 13.14
CA ILE C 825 27.86 20.66 14.28
C ILE C 825 27.62 19.58 15.33
N LEU C 826 28.69 18.96 15.79
CA LEU C 826 28.62 17.91 16.79
C LEU C 826 29.23 18.37 18.10
N GLY C 827 29.03 17.57 19.14
CA GLY C 827 29.62 17.86 20.43
C GLY C 827 28.89 17.10 21.52
N GLU C 828 29.40 17.26 22.74
CA GLU C 828 28.84 16.61 23.91
C GLU C 828 28.76 17.62 25.05
N ALA C 829 27.81 17.38 25.95
CA ALA C 829 27.64 18.25 27.10
C ALA C 829 28.82 18.09 28.06
N ALA C 830 29.05 19.14 28.84
CA ALA C 830 30.12 19.11 29.82
C ALA C 830 29.78 18.14 30.96
N ALA C 831 30.82 17.68 31.64
CA ALA C 831 30.62 16.75 32.75
C ALA C 831 29.85 17.42 33.88
N GLY C 832 28.93 16.67 34.48
CA GLY C 832 28.07 17.19 35.52
C GLY C 832 26.88 17.97 35.02
N LYS C 833 26.72 18.10 33.70
CA LYS C 833 25.61 18.83 33.11
C LYS C 833 24.76 17.89 32.27
N SER C 834 23.47 18.21 32.18
CA SER C 834 22.54 17.43 31.39
C SER C 834 22.69 17.79 29.92
N THR C 835 21.75 17.34 29.10
CA THR C 835 21.73 17.76 27.71
C THR C 835 20.91 19.02 27.48
N GLY C 836 19.84 19.22 28.25
CA GLY C 836 18.96 20.35 28.02
C GLY C 836 19.63 21.68 28.30
N ASP C 837 20.41 21.77 29.38
CA ASP C 837 21.05 23.02 29.74
C ASP C 837 22.05 23.46 28.68
N ALA C 838 22.95 22.55 28.28
CA ALA C 838 23.90 22.87 27.22
C ALA C 838 23.20 23.13 25.90
N MET C 839 22.11 22.41 25.64
CA MET C 839 21.37 22.61 24.40
C MET C 839 20.79 24.02 24.35
N LYS C 840 20.18 24.47 25.45
CA LYS C 840 19.68 25.84 25.52
C LYS C 840 20.81 26.85 25.43
N PHE C 841 21.96 26.57 26.05
CA PHE C 841 23.09 27.48 25.98
C PHE C 841 23.58 27.64 24.54
N MET C 842 23.64 26.54 23.80
CA MET C 842 23.97 26.64 22.38
C MET C 842 22.90 27.37 21.59
N ALA C 843 21.64 27.21 21.98
CA ALA C 843 20.57 27.99 21.34
C ALA C 843 20.78 29.48 21.53
N ASP C 844 21.14 29.91 22.74
CA ASP C 844 21.45 31.32 22.96
C ASP C 844 22.69 31.74 22.16
N LEU C 845 23.71 30.88 22.10
CA LEU C 845 24.87 31.19 21.29
C LEU C 845 24.48 31.47 19.85
N VAL C 846 23.62 30.62 19.28
CA VAL C 846 23.14 30.87 17.93
C VAL C 846 22.35 32.15 17.86
N ALA C 847 21.56 32.45 18.89
CA ALA C 847 20.86 33.74 18.94
C ALA C 847 21.83 34.90 18.87
N LYS C 848 23.07 34.71 19.34
CA LYS C 848 24.10 35.74 19.23
C LYS C 848 24.69 35.85 17.83
N LEU C 849 24.47 34.87 16.96
CA LEU C 849 25.03 34.90 15.61
C LEU C 849 24.34 35.97 14.77
N PRO C 850 24.97 36.40 13.68
CA PRO C 850 24.32 37.39 12.81
C PRO C 850 23.00 36.88 12.26
N ALA C 851 22.10 37.83 11.98
CA ALA C 851 20.77 37.49 11.51
C ALA C 851 20.83 36.79 10.15
N GLY C 852 19.83 35.95 9.90
CA GLY C 852 19.79 35.12 8.73
C GLY C 852 20.25 33.70 8.95
N VAL C 853 20.79 33.39 10.13
CA VAL C 853 21.29 32.07 10.47
C VAL C 853 20.36 31.46 11.50
N GLY C 854 19.81 30.29 11.18
CA GLY C 854 18.95 29.56 12.08
C GLY C 854 19.66 28.37 12.69
N TYR C 855 18.86 27.46 13.25
CA TYR C 855 19.38 26.23 13.81
C TYR C 855 18.26 25.22 13.91
N SER C 856 18.64 23.94 14.03
CA SER C 856 17.68 22.87 14.18
C SER C 856 18.41 21.65 14.74
N TRP C 857 17.64 20.77 15.38
CA TRP C 857 18.17 19.55 15.96
C TRP C 857 17.72 18.36 15.14
N THR C 858 18.61 17.39 14.99
CA THR C 858 18.32 16.20 14.21
C THR C 858 18.81 14.97 14.96
N GLY C 859 18.39 13.81 14.48
CA GLY C 859 18.79 12.56 15.11
C GLY C 859 18.27 12.47 16.53
N LEU C 860 19.16 12.10 17.44
CA LEU C 860 18.76 11.92 18.84
C LEU C 860 18.27 13.21 19.47
N SER C 861 18.90 14.34 19.15
CA SER C 861 18.49 15.60 19.77
C SER C 861 17.05 15.97 19.39
N TYR C 862 16.67 15.73 18.13
CA TYR C 862 15.30 15.97 17.73
C TYR C 862 14.33 15.09 18.51
N GLN C 863 14.68 13.82 18.68
CA GLN C 863 13.82 12.92 19.45
C GLN C 863 13.66 13.40 20.89
N GLU C 864 14.75 13.80 21.53
CA GLU C 864 14.63 14.25 22.91
C GLU C 864 13.87 15.57 23.00
N ALA C 865 14.02 16.45 22.00
CA ALA C 865 13.27 17.70 22.00
C ALA C 865 11.78 17.45 21.81
N LEU C 866 11.44 16.52 20.91
CA LEU C 866 10.05 16.14 20.70
C LEU C 866 9.46 15.46 21.92
N SER C 867 10.28 14.76 22.70
CA SER C 867 9.80 14.17 23.94
C SER C 867 9.58 15.24 25.00
N SER C 868 10.53 16.16 25.14
CA SER C 868 10.52 17.11 26.26
C SER C 868 9.38 18.12 26.16
N ASN C 869 9.13 18.68 24.98
CA ASN C 869 8.11 19.71 24.85
C ASN C 869 6.70 19.18 25.06
N GLN C 870 6.52 17.86 25.06
CA GLN C 870 5.23 17.24 25.36
C GLN C 870 5.28 16.37 26.61
N ALA C 871 6.46 16.17 27.19
CA ALA C 871 6.56 15.37 28.41
C ALA C 871 5.71 15.88 29.57
N PRO C 872 5.64 17.18 29.88
CA PRO C 872 4.82 17.60 31.03
C PRO C 872 3.37 17.21 30.93
N ALA C 873 2.75 17.31 29.75
CA ALA C 873 1.33 16.97 29.63
C ALA C 873 1.08 15.48 29.86
N LEU C 874 1.88 14.62 29.22
CA LEU C 874 1.72 13.19 29.42
C LEU C 874 2.05 12.79 30.86
N TYR C 875 3.04 13.44 31.48
CA TYR C 875 3.34 13.14 32.88
C TYR C 875 2.20 13.58 33.79
N ALA C 876 1.57 14.71 33.50
CA ALA C 876 0.43 15.16 34.30
C ALA C 876 -0.75 14.20 34.17
N ILE C 877 -1.05 13.76 32.94
CA ILE C 877 -2.15 12.82 32.78
C ILE C 877 -1.84 11.46 33.38
N SER C 878 -0.58 11.00 33.31
CA SER C 878 -0.20 9.77 33.97
C SER C 878 -0.31 9.90 35.49
N LEU C 879 0.05 11.07 36.03
CA LEU C 879 -0.12 11.31 37.45
C LEU C 879 -1.59 11.30 37.84
N VAL C 880 -2.46 11.86 37.00
CA VAL C 880 -3.89 11.81 37.27
C VAL C 880 -4.38 10.37 37.26
N VAL C 881 -3.91 9.58 36.29
CA VAL C 881 -4.32 8.18 36.18
C VAL C 881 -3.87 7.40 37.41
N VAL C 882 -2.62 7.59 37.83
CA VAL C 882 -2.13 6.86 38.99
C VAL C 882 -2.80 7.35 40.26
N PHE C 883 -3.19 8.63 40.30
CA PHE C 883 -3.98 9.13 41.42
C PHE C 883 -5.34 8.46 41.49
N LEU C 884 -6.00 8.28 40.35
CA LEU C 884 -7.24 7.52 40.33
C LEU C 884 -7.01 6.09 40.77
N ALA C 885 -5.89 5.50 40.37
CA ALA C 885 -5.54 4.15 40.81
C ALA C 885 -5.41 4.08 42.32
N LEU C 886 -4.70 5.04 42.92
CA LEU C 886 -4.56 5.13 44.36
C LEU C 886 -5.69 5.91 45.01
N ALA C 887 -6.83 6.02 44.33
CA ALA C 887 -8.02 6.61 44.92
C ALA C 887 -9.26 5.74 44.74
N ALA C 888 -9.14 4.59 44.07
CA ALA C 888 -10.29 3.75 43.75
C ALA C 888 -10.32 2.42 44.50
N LEU C 889 -9.12 1.94 44.88
CA LEU C 889 -8.96 0.62 45.54
C LEU C 889 -9.43 0.61 47.00
N TYR C 890 -8.88 1.48 47.85
CA TYR C 890 -9.34 1.57 49.25
C TYR C 890 -10.50 2.56 49.31
N GLU C 891 -11.54 2.34 48.51
CA GLU C 891 -12.77 3.19 48.49
C GLU C 891 -12.52 4.65 48.93
N SER C 892 -12.10 5.53 48.02
CA SER C 892 -11.97 6.99 48.32
C SER C 892 -10.95 7.29 49.43
N TRP C 893 -11.08 8.47 50.05
CA TRP C 893 -10.09 8.89 51.05
C TRP C 893 -10.04 7.96 52.26
N SER C 894 -10.63 6.78 52.17
CA SER C 894 -10.57 5.82 53.26
C SER C 894 -9.12 5.49 53.60
N ILE C 895 -8.88 5.35 54.91
CA ILE C 895 -7.57 5.19 55.57
C ILE C 895 -6.41 5.66 54.69
N PRO C 896 -5.65 4.80 53.97
CA PRO C 896 -4.38 5.29 53.44
C PRO C 896 -4.51 6.24 52.26
N PHE C 897 -5.60 6.16 51.49
CA PHE C 897 -5.69 6.96 50.28
C PHE C 897 -5.84 8.44 50.57
N SER C 898 -6.11 8.81 51.82
CA SER C 898 -6.03 10.21 52.24
C SER C 898 -4.61 10.65 52.56
N VAL C 899 -3.72 9.71 52.91
CA VAL C 899 -2.31 10.07 53.09
C VAL C 899 -1.60 10.07 51.74
N MET C 900 -2.00 9.19 50.82
CA MET C 900 -1.61 9.35 49.42
C MET C 900 -2.15 10.63 48.81
N LEU C 901 -3.14 11.27 49.44
CA LEU C 901 -3.54 12.61 49.02
C LEU C 901 -2.45 13.63 49.34
N VAL C 902 -1.57 13.32 50.29
CA VAL C 902 -0.46 14.21 50.62
C VAL C 902 0.74 13.96 49.71
N VAL C 903 0.74 12.87 48.95
CA VAL C 903 1.82 12.52 48.03
C VAL C 903 2.09 13.63 47.03
N PRO C 904 1.07 14.28 46.43
CA PRO C 904 1.37 15.38 45.50
C PRO C 904 2.19 16.52 46.10
N LEU C 905 2.04 16.80 47.40
CA LEU C 905 2.91 17.79 48.03
C LEU C 905 4.36 17.33 48.01
N GLY C 906 4.61 16.06 48.31
CA GLY C 906 5.95 15.53 48.20
C GLY C 906 6.46 15.55 46.77
N VAL C 907 5.58 15.31 45.80
CA VAL C 907 5.98 15.34 44.39
C VAL C 907 6.40 16.75 43.98
N VAL C 908 5.62 17.76 44.38
CA VAL C 908 5.98 19.13 44.02
C VAL C 908 7.24 19.56 44.76
N GLY C 909 7.44 19.09 46.00
CA GLY C 909 8.69 19.37 46.68
C GLY C 909 9.89 18.73 46.00
N ALA C 910 9.73 17.49 45.54
CA ALA C 910 10.79 16.82 44.79
C ALA C 910 11.07 17.52 43.48
N GLY C 918 19.34 21.37 39.68
CA GLY C 918 19.51 21.07 38.27
C GLY C 918 19.72 19.60 37.95
N LEU C 919 19.82 18.75 38.97
CA LEU C 919 19.98 17.32 38.74
C LEU C 919 18.69 16.73 38.16
N SER C 920 18.85 15.73 37.31
CA SER C 920 17.74 15.19 36.54
C SER C 920 17.67 13.68 36.65
N ASN C 921 16.87 13.06 35.80
CA ASN C 921 16.74 11.60 35.74
C ASN C 921 16.34 11.23 34.31
N ASP C 922 16.66 10.00 33.92
CA ASP C 922 16.45 9.55 32.56
C ASP C 922 14.99 9.12 32.37
N VAL C 923 14.66 8.70 31.14
CA VAL C 923 13.29 8.30 30.84
C VAL C 923 12.89 7.06 31.61
N TYR C 924 13.79 6.07 31.71
CA TYR C 924 13.46 4.84 32.40
C TYR C 924 13.13 5.08 33.87
N PHE C 925 13.91 5.94 34.54
CA PHE C 925 13.68 6.18 35.95
C PHE C 925 12.38 6.94 36.22
N GLN C 926 11.90 7.71 35.23
CA GLN C 926 10.63 8.40 35.38
C GLN C 926 9.45 7.43 35.50
N VAL C 927 9.56 6.24 34.92
CA VAL C 927 8.52 5.22 35.03
C VAL C 927 8.88 4.29 36.18
N GLY C 928 10.18 4.17 36.45
CA GLY C 928 10.61 3.37 37.59
C GLY C 928 10.15 3.93 38.92
N LEU C 929 10.12 5.25 39.05
CA LEU C 929 9.60 5.86 40.28
C LEU C 929 8.12 5.56 40.45
N LEU C 930 7.34 5.64 39.37
CA LEU C 930 5.93 5.29 39.44
C LEU C 930 5.74 3.83 39.80
N THR C 931 6.57 2.95 39.24
CA THR C 931 6.47 1.52 39.58
C THR C 931 6.87 1.27 41.02
N THR C 932 7.85 2.02 41.54
CA THR C 932 8.22 1.90 42.94
C THR C 932 7.07 2.35 43.84
N ILE C 933 6.40 3.44 43.47
CA ILE C 933 5.23 3.88 44.23
C ILE C 933 4.15 2.80 44.20
N GLY C 934 3.92 2.20 43.03
CA GLY C 934 2.94 1.14 42.91
C GLY C 934 3.29 -0.09 43.74
N LEU C 935 4.57 -0.47 43.78
CA LEU C 935 4.95 -1.65 44.54
C LEU C 935 4.89 -1.38 46.03
N SER C 936 5.20 -0.16 46.46
CA SER C 936 4.97 0.21 47.86
C SER C 936 3.48 0.16 48.19
N ALA C 937 2.64 0.66 47.28
CA ALA C 937 1.20 0.57 47.47
C ALA C 937 0.77 -0.88 47.63
N LYS C 938 1.27 -1.77 46.78
CA LYS C 938 0.90 -3.18 46.88
C LYS C 938 1.44 -3.80 48.16
N ASN C 939 2.66 -3.43 48.57
CA ASN C 939 3.19 -3.88 49.85
C ASN C 939 2.26 -3.50 50.99
N ALA C 940 1.61 -2.35 50.87
CA ALA C 940 0.56 -2.01 51.82
C ALA C 940 -0.71 -2.83 51.60
N ILE C 941 -1.07 -3.10 50.34
CA ILE C 941 -2.40 -3.53 49.92
C ILE C 941 -2.86 -4.82 50.60
N LEU C 942 -2.05 -5.87 50.56
CA LEU C 942 -2.57 -7.13 51.06
C LEU C 942 -2.66 -7.19 52.57
N ILE C 943 -2.32 -6.10 53.27
CA ILE C 943 -2.61 -5.98 54.69
C ILE C 943 -3.69 -4.94 54.93
N VAL C 944 -3.64 -3.84 54.17
CA VAL C 944 -4.64 -2.79 54.29
C VAL C 944 -6.02 -3.28 53.88
N GLU C 945 -6.12 -4.10 52.84
CA GLU C 945 -7.41 -4.69 52.47
C GLU C 945 -7.90 -5.67 53.53
N PHE C 946 -6.98 -6.42 54.14
CA PHE C 946 -7.36 -7.24 55.28
C PHE C 946 -7.98 -6.40 56.37
N ALA C 947 -7.36 -5.25 56.70
CA ALA C 947 -7.94 -4.33 57.67
C ALA C 947 -9.26 -3.75 57.16
N VAL C 948 -9.36 -3.56 55.84
CA VAL C 948 -10.54 -3.01 55.20
C VAL C 948 -11.74 -3.92 55.45
N ILE C 962 -4.41 -5.55 61.23
CA ILE C 962 -3.14 -5.48 60.54
C ILE C 962 -2.08 -6.28 61.30
N ILE C 963 -2.30 -6.52 62.59
CA ILE C 963 -1.32 -7.28 63.37
C ILE C 963 -1.06 -8.63 62.72
N GLU C 964 -2.09 -9.48 62.63
CA GLU C 964 -1.92 -10.80 62.03
C GLU C 964 -1.68 -10.71 60.53
N ALA C 965 -2.35 -9.78 59.85
CA ALA C 965 -2.21 -9.67 58.40
C ALA C 965 -0.77 -9.36 58.01
N ALA C 966 -0.14 -8.40 58.68
CA ALA C 966 1.25 -8.07 58.44
C ALA C 966 2.21 -9.08 59.04
N ARG C 967 1.83 -9.79 60.10
CA ARG C 967 2.67 -10.89 60.56
C ARG C 967 2.79 -11.97 59.49
N MET C 968 1.70 -12.27 58.78
CA MET C 968 1.73 -13.24 57.70
C MET C 968 2.01 -12.62 56.33
N ARG C 969 2.17 -11.30 56.25
CA ARG C 969 2.49 -10.67 54.97
C ARG C 969 3.76 -9.83 54.99
N LEU C 970 4.56 -9.90 56.05
CA LEU C 970 5.86 -9.26 56.03
C LEU C 970 6.80 -9.99 55.09
N ARG C 971 6.67 -11.31 55.02
CA ARG C 971 7.48 -12.09 54.08
C ARG C 971 7.24 -11.67 52.63
N PRO C 972 5.99 -11.61 52.14
CA PRO C 972 5.78 -11.19 50.75
C PRO C 972 6.41 -9.84 50.43
N ILE C 973 6.55 -8.94 51.39
CA ILE C 973 7.20 -7.66 51.11
C ILE C 973 8.60 -7.89 50.55
N LEU C 974 9.41 -8.70 51.26
CA LEU C 974 10.77 -8.93 50.81
C LEU C 974 10.86 -9.92 49.65
N MET C 975 9.96 -10.90 49.54
CA MET C 975 9.87 -11.63 48.27
C MET C 975 9.62 -10.72 47.07
N THR C 976 8.64 -9.82 47.11
CA THR C 976 8.45 -8.95 45.95
C THR C 976 9.65 -8.04 45.73
N SER C 977 10.20 -7.45 46.79
CA SER C 977 11.34 -6.57 46.62
C SER C 977 12.52 -7.31 45.99
N LEU C 978 12.85 -8.49 46.52
CA LEU C 978 13.96 -9.27 45.99
C LEU C 978 13.65 -9.80 44.61
N ALA C 979 12.38 -10.09 44.31
CA ALA C 979 12.02 -10.54 42.97
C ALA C 979 12.26 -9.44 41.94
N PHE C 980 11.85 -8.20 42.27
CA PHE C 980 12.14 -7.10 41.36
C PHE C 980 13.65 -6.87 41.23
N ILE C 981 14.37 -6.93 42.34
CA ILE C 981 15.82 -6.71 42.31
C ILE C 981 16.51 -7.76 41.45
N LEU C 982 16.18 -9.03 41.67
CA LEU C 982 16.82 -10.13 40.97
C LEU C 982 16.20 -10.40 39.60
N GLY C 983 15.17 -9.65 39.23
CA GLY C 983 14.67 -9.67 37.87
C GLY C 983 15.31 -8.59 37.02
N VAL C 984 15.58 -7.42 37.62
CA VAL C 984 16.40 -6.42 36.94
C VAL C 984 17.88 -6.77 37.00
N LEU C 985 18.27 -7.70 37.88
CA LEU C 985 19.66 -8.15 37.92
C LEU C 985 20.15 -8.75 36.60
N PRO C 986 19.42 -9.66 35.94
CA PRO C 986 19.92 -10.20 34.66
C PRO C 986 20.16 -9.13 33.60
N LEU C 987 19.47 -8.00 33.68
CA LEU C 987 19.68 -6.93 32.70
C LEU C 987 21.11 -6.41 32.72
N VAL C 988 21.81 -6.55 33.83
CA VAL C 988 23.10 -5.91 34.02
C VAL C 988 24.21 -6.93 34.24
N ILE C 989 23.90 -8.11 34.80
CA ILE C 989 24.93 -8.96 35.35
C ILE C 989 25.29 -10.09 34.39
N SER C 990 26.59 -10.30 34.25
CA SER C 990 27.16 -11.62 34.14
C SER C 990 27.81 -11.92 35.49
N HIS C 991 27.56 -13.09 36.06
CA HIS C 991 27.86 -13.35 37.47
C HIS C 991 29.32 -13.09 37.80
N GLY C 992 29.54 -12.47 38.96
CA GLY C 992 30.84 -11.97 39.35
C GLY C 992 31.03 -10.50 39.01
N ALA C 993 30.83 -10.15 37.74
CA ALA C 993 31.03 -8.78 37.30
C ALA C 993 29.74 -7.96 37.44
N GLY C 994 29.90 -6.68 37.76
CA GLY C 994 28.76 -5.78 37.81
C GLY C 994 27.84 -5.96 39.00
N SER C 995 28.33 -6.54 40.10
CA SER C 995 27.53 -6.77 41.28
C SER C 995 27.87 -5.87 42.45
N GLY C 996 29.07 -5.29 42.47
CA GLY C 996 29.47 -4.45 43.60
C GLY C 996 28.73 -3.13 43.65
N ALA C 997 28.37 -2.57 42.50
CA ALA C 997 27.71 -1.27 42.46
C ALA C 997 26.20 -1.35 42.64
N GLN C 998 25.63 -2.55 42.66
CA GLN C 998 24.19 -2.72 42.80
C GLN C 998 23.77 -2.89 44.26
N ASN C 999 24.71 -2.98 45.19
CA ASN C 999 24.39 -3.14 46.60
C ASN C 999 24.23 -1.82 47.33
N ALA C 1000 24.48 -0.69 46.66
CA ALA C 1000 24.32 0.61 47.30
C ALA C 1000 22.85 1.02 47.36
N VAL C 1001 22.21 1.11 46.20
CA VAL C 1001 20.79 1.45 46.15
C VAL C 1001 19.94 0.30 46.68
N GLY C 1002 20.30 -0.93 46.32
CA GLY C 1002 19.43 -2.06 46.61
C GLY C 1002 19.25 -2.32 48.10
N THR C 1003 20.36 -2.37 48.84
CA THR C 1003 20.27 -2.65 50.28
C THR C 1003 19.55 -1.53 51.01
N GLY C 1004 19.85 -0.28 50.66
CA GLY C 1004 19.18 0.85 51.29
C GLY C 1004 17.69 0.85 51.01
N VAL C 1005 17.30 0.57 49.76
CA VAL C 1005 15.89 0.53 49.42
C VAL C 1005 15.19 -0.62 50.13
N MET C 1006 15.84 -1.78 50.23
CA MET C 1006 15.23 -2.90 50.95
C MET C 1006 15.03 -2.57 52.43
N GLY C 1007 16.04 -1.96 53.06
CA GLY C 1007 15.89 -1.56 54.45
C GLY C 1007 14.80 -0.52 54.65
N GLY C 1008 14.75 0.47 53.75
CA GLY C 1008 13.70 1.47 53.83
C GLY C 1008 12.31 0.89 53.63
N MET C 1009 12.18 -0.08 52.73
CA MET C 1009 10.90 -0.73 52.51
C MET C 1009 10.49 -1.58 53.71
N PHE C 1010 11.45 -2.28 54.33
CA PHE C 1010 11.14 -3.03 55.54
C PHE C 1010 10.68 -2.10 56.66
N ALA C 1011 11.39 -0.98 56.85
CA ALA C 1011 10.97 -0.02 57.86
C ALA C 1011 9.59 0.55 57.53
N ALA C 1012 9.34 0.84 56.26
CA ALA C 1012 8.03 1.37 55.87
C ALA C 1012 6.93 0.36 56.15
N THR C 1013 7.16 -0.91 55.85
CA THR C 1013 6.17 -1.94 56.15
C THR C 1013 5.93 -2.04 57.65
N VAL C 1014 6.99 -1.90 58.45
CA VAL C 1014 6.81 -2.03 59.90
C VAL C 1014 6.04 -0.83 60.47
N LEU C 1015 6.33 0.38 59.99
CA LEU C 1015 5.84 1.62 60.61
C LEU C 1015 4.68 2.29 59.88
N ALA C 1016 4.80 2.51 58.57
CA ALA C 1016 3.88 3.41 57.85
C ALA C 1016 2.46 2.86 57.77
N ILE C 1017 2.29 1.56 57.51
CA ILE C 1017 0.93 1.03 57.41
C ILE C 1017 0.24 1.03 58.76
N TYR C 1018 0.94 1.50 59.80
CA TYR C 1018 0.37 1.62 61.13
C TYR C 1018 0.20 3.09 61.53
N PHE C 1019 1.13 3.94 61.10
CA PHE C 1019 1.02 5.36 61.38
C PHE C 1019 0.01 6.06 60.48
N VAL C 1020 -0.05 5.67 59.21
CA VAL C 1020 -1.00 6.22 58.23
C VAL C 1020 -2.44 6.02 58.69
N PRO C 1021 -2.83 4.86 59.22
CA PRO C 1021 -4.20 4.74 59.75
C PRO C 1021 -4.56 5.76 60.82
N VAL C 1022 -3.63 6.09 61.72
CA VAL C 1022 -3.91 7.14 62.69
C VAL C 1022 -3.69 8.51 62.07
N PHE C 1023 -2.75 8.61 61.12
CA PHE C 1023 -2.57 9.86 60.40
C PHE C 1023 -3.83 10.27 59.65
#